data_7RW2
#
_entry.id   7RW2
#
loop_
_entity.id
_entity.type
_entity.pdbx_description
1 polymer 'Spike glycoprotein'
2 polymer '5-7 heavy chain'
3 polymer '5-7 light chain'
4 branched 2-acetamido-2-deoxy-beta-D-glucopyranose-(1-4)-2-acetamido-2-deoxy-beta-D-glucopyranose
5 non-polymer 2-acetamido-2-deoxy-beta-D-glucopyranose
#
loop_
_entity_poly.entity_id
_entity_poly.type
_entity_poly.pdbx_seq_one_letter_code
_entity_poly.pdbx_strand_id
1 'polypeptide(L)'
;MFVFLVLLPLVSSQCVNLTTRTQLPPAYTNSFTRGVYYPDKVFRSSVLHSTQDLFLPFFSNVTWFHAIHVSGTNGTKRFD
NPVLPFNDGVYFASTEKSNIIRGWIFGTTLDSKTQSLLIVNNATNVVIKVCEFQFCNDPFLGVYYHKNNKSWMESEFRVY
SSANNCTFEYVSQPFLMDLEGKQGNFKNLREFVFKNIDGYFKIYSKHTPINLVRDLPQGFSALEPLVDLPIGINITRFQT
LLALHRSYLTPGDSSSGWTAGAAAYYVGYLQPRTFLLKYNENGTITDAVDCALDPLSETKCTLKSFTVEKGIYQTSNFRV
QPTESIVRFPNITNLCPFGEVFNATRFASVYAWNRKRISNCVADYSVLYNSASFSTFKCYGVSPTKLNDLCFTNVYADSF
VIRGDEVRQIAPGQTGKIADYNYKLPDDFTGCVIAWNSNNLDSKVGGNYNYLYRLFRKSNLKPFERDISTEIYQAGSTPC
NGVEGFNCYFPLQSYGFQPTNGVGYQPYRVVVLSFELLHAPATVCGPKKSTNLVKNKCVNFNFNGLTGTGVLTESNKKFL
PFQQFGRDIADTTDAVRDPQTLEILDITPCSFGGVSVITPGTNTSNQVAVLYQDVNCTEVPVAIHADQLTPTWRVYSTGS
NVFQTRAGCLIGAEHVNNSYECDIPIGAGICASYQTQTNSPGSASSVASQSIIAYTMSLGAENSVAYSNNSIAIPTNFTI
SVTTEILPVSMTKTSVDCTMYICGDSTECSNLLLQYGSFCTQLNRALTGIAVEQDKNTQEVFAQVKQIYKTPPIKDFGGF
NFSQILPDPSKPSKRSFIEDLLFNKVTLADAGFIKQYGDCLGDIAARDLICAQKFNGLTVLPPLLTDEMIAQYTSALLAG
TITSGWTFGAGAALQIPFAMQMAYRFNGIGVTQNVLYENQKLIANQFNSAIGKIQDSLSSTASALGKLQDVVNQNAQALN
TLVKQLSSNFGAISSVLNDILSRLDPPEAEVQIDRLITGRLQSLQTYVTQQLIRAAEIRASANLAATKMSECVLGQSKRV
DFCGKGYHLMSFPQSAPHGVVFLHVTYVPAQEKNFTTAPAICHDGKAHFPREGVFVSNGTHWFVTQRNFYEPQIITTDNT
FVSGNCDVVIGIVNNTVYDPLQPELDSFKEELDKYFKNHTSPDVDLGDISGINASVVNIQKEIDRLNEVAKNLNESLIDL
QELGKYEQGSGYIPEAPRDGQAYVRKDGEWVLLSTFLGRSLEVLFQGPGHHHHHHHHSAWSHPQFEKGGGSGGGGSGGSA
WSHPQFEK
;
A,B,C
2 'polypeptide(L)'
;QVQLVQSGAEVKKPGASVKVSCKASGYTFTSYYMHWVRQAPGQGLEWMGVINPSGGSTSYAEKFRGRVTMTRDTSTSTVY
MELSSLRSEDTAVYYCARDREPHSDSSGYWDSLKYYYYYALDVWGQGTTVTVSSASTKGPSVFPLAPSSKSTSGGTAALG
CLVKDYFPEPVTVSWNSGALTSGVHTFPAVLQSSGLYSLSSVVTVPSSSLGTQTYICNVNHKPSNTKVDKKVEPKSCDKT
HHHHHHHH
;
H,G,I
3 'polypeptide(L)'
;AIQLTQSPSSLSASVGDRVTITCRASQGISSYLAWYQQKPGKAPELLIYAASTLQSGVPSRFSGSGSGTDFTLTISSLQP
EDFATYYCQQLNTYPFTFGPGTKVDIKRTVAAPSVFIFPPSDEQLKSGTASVVCLLNNFYPREAKVQWKVDNALQSGNSQ
ESVTEQDSKDSTYSLSSTLTLSKADYEKHKVYACEVTHQGLSSPVTKSFNRGEC
;
L,J,K
#
loop_
_chem_comp.id
_chem_comp.type
_chem_comp.name
_chem_comp.formula
NAG D-saccharide, beta linking 2-acetamido-2-deoxy-beta-D-glucopyranose 'C8 H15 N O6'
#
# COMPACT_ATOMS: atom_id res chain seq x y z
N GLN A 14 22.38 50.11 38.19
CA GLN A 14 23.74 50.64 38.14
C GLN A 14 24.76 49.52 37.99
N CYS A 15 25.73 49.73 37.11
CA CYS A 15 26.81 48.77 36.89
C CYS A 15 28.13 49.51 36.84
N VAL A 16 29.21 48.77 37.07
CA VAL A 16 30.56 49.33 37.08
C VAL A 16 31.52 48.30 36.48
N ASN A 17 32.58 48.78 35.84
CA ASN A 17 33.61 47.88 35.33
C ASN A 17 34.38 47.25 36.50
N LEU A 18 34.80 46.01 36.32
CA LEU A 18 35.59 45.30 37.31
C LEU A 18 37.07 45.42 36.98
N THR A 19 37.88 45.80 37.97
CA THR A 19 39.30 46.02 37.78
C THR A 19 40.05 44.70 37.94
N THR A 20 41.40 44.79 38.01
CA THR A 20 42.43 43.75 38.12
C THR A 20 42.14 42.49 37.28
N ARG A 21 41.59 42.68 36.08
CA ARG A 21 41.20 41.57 35.22
C ARG A 21 42.43 40.99 34.54
N THR A 22 42.58 39.68 34.62
CA THR A 22 43.70 38.96 34.01
C THR A 22 43.20 38.23 32.77
N GLN A 23 43.91 38.40 31.66
CA GLN A 23 43.55 37.78 30.38
C GLN A 23 44.36 36.52 30.17
N LEU A 24 43.67 35.40 29.95
CA LEU A 24 44.28 34.12 29.65
C LEU A 24 43.38 33.42 28.64
N PRO A 25 43.95 32.67 27.70
CA PRO A 25 43.13 31.97 26.70
C PRO A 25 42.36 30.82 27.34
N PRO A 26 41.12 30.59 26.92
CA PRO A 26 40.34 29.49 27.49
C PRO A 26 40.78 28.15 26.93
N ALA A 27 40.32 27.09 27.60
CA ALA A 27 40.64 25.73 27.20
C ALA A 27 39.41 25.08 26.58
N TYR A 28 39.67 24.03 25.80
CA TYR A 28 38.63 23.25 25.14
C TYR A 28 38.82 21.79 25.50
N THR A 29 37.75 21.16 25.98
CA THR A 29 37.77 19.76 26.38
C THR A 29 36.55 19.07 25.82
N ASN A 30 36.59 17.74 25.81
CA ASN A 30 35.50 16.93 25.30
C ASN A 30 34.59 16.43 26.41
N SER A 31 33.29 16.44 26.12
CA SER A 31 32.28 16.00 27.07
C SER A 31 32.02 14.51 26.89
N PHE A 32 32.31 13.72 27.93
CA PHE A 32 32.12 12.28 27.90
C PHE A 32 30.64 11.95 28.09
N THR A 33 29.91 11.95 26.97
CA THR A 33 28.50 11.54 26.87
C THR A 33 27.60 12.31 27.84
N ARG A 34 27.56 13.63 27.65
CA ARG A 34 26.75 14.52 28.46
C ARG A 34 25.86 15.37 27.56
N GLY A 35 24.72 15.79 28.09
CA GLY A 35 23.83 16.70 27.40
C GLY A 35 22.58 16.09 26.78
N VAL A 36 22.27 14.83 27.08
CA VAL A 36 21.09 14.16 26.52
C VAL A 36 19.97 14.26 27.55
N TYR A 37 18.73 14.34 27.07
CA TYR A 37 17.56 14.52 27.93
C TYR A 37 16.45 13.57 27.50
N TYR A 38 15.31 13.66 28.18
CA TYR A 38 14.14 12.88 27.80
C TYR A 38 13.36 13.62 26.72
N PRO A 39 13.16 13.00 25.55
CA PRO A 39 12.43 13.70 24.47
C PRO A 39 10.92 13.77 24.67
N ASP A 40 10.35 12.86 25.47
CA ASP A 40 8.90 12.81 25.63
C ASP A 40 8.54 12.42 27.05
N LYS A 41 7.31 12.71 27.45
CA LYS A 41 6.92 12.48 28.85
C LYS A 41 6.12 11.18 29.00
N VAL A 42 5.93 10.43 27.92
CA VAL A 42 5.24 9.15 28.04
C VAL A 42 6.20 8.09 28.58
N PHE A 43 5.68 7.22 29.44
CA PHE A 43 6.50 6.26 30.17
C PHE A 43 6.77 5.01 29.34
N ARG A 44 8.02 4.58 29.35
CA ARG A 44 8.26 3.31 28.69
C ARG A 44 9.21 2.58 29.57
N SER A 45 9.61 1.37 29.21
CA SER A 45 10.53 0.55 29.97
C SER A 45 11.03 -0.60 29.12
N SER A 46 12.33 -0.92 29.25
CA SER A 46 13.00 -2.05 28.61
C SER A 46 12.88 -2.04 27.09
N VAL A 47 12.89 -0.85 26.48
CA VAL A 47 12.80 -0.70 25.04
C VAL A 47 13.88 0.26 24.56
N LEU A 48 14.13 0.23 23.26
CA LEU A 48 15.09 1.12 22.62
C LEU A 48 14.33 2.07 21.71
N HIS A 49 14.54 3.37 21.90
CA HIS A 49 13.81 4.39 21.16
C HIS A 49 14.75 5.30 20.39
N SER A 50 14.48 5.47 19.10
CA SER A 50 15.27 6.33 18.24
C SER A 50 14.57 7.68 18.13
N THR A 51 15.36 8.76 18.23
CA THR A 51 14.79 10.10 18.20
C THR A 51 15.68 11.04 17.40
N GLN A 52 15.04 12.08 16.87
CA GLN A 52 15.67 13.16 16.10
C GLN A 52 15.34 14.47 16.78
N ASP A 53 16.33 15.08 17.42
CA ASP A 53 16.15 16.35 18.11
C ASP A 53 17.49 17.03 18.24
N LEU A 54 17.47 18.26 18.75
CA LEU A 54 18.70 19.02 18.94
C LEU A 54 19.49 18.46 20.12
N PHE A 55 20.64 17.88 19.84
CA PHE A 55 21.47 17.24 20.83
C PHE A 55 22.93 17.65 20.66
N LEU A 56 23.66 17.68 21.76
CA LEU A 56 25.09 17.92 21.69
C LEU A 56 25.80 16.61 21.31
N PRO A 57 26.57 16.60 20.23
CA PRO A 57 27.25 15.36 19.82
C PRO A 57 28.35 14.98 20.79
N PHE A 58 28.60 13.67 20.87
CA PHE A 58 29.55 13.13 21.83
C PHE A 58 30.98 13.53 21.44
N PHE A 59 31.80 13.75 22.48
CA PHE A 59 33.21 14.12 22.37
C PHE A 59 33.40 15.41 21.57
N SER A 60 32.62 16.43 21.92
CA SER A 60 32.67 17.72 21.24
C SER A 60 33.35 18.76 22.13
N ASN A 61 33.86 19.81 21.50
CA ASN A 61 34.59 20.86 22.21
C ASN A 61 33.62 21.72 23.02
N VAL A 62 33.78 21.74 24.34
CA VAL A 62 33.06 22.65 25.21
C VAL A 62 34.07 23.60 25.83
N THR A 63 33.59 24.77 26.25
CA THR A 63 34.48 25.83 26.71
C THR A 63 34.73 25.71 28.21
N TRP A 64 35.97 25.37 28.58
CA TRP A 64 36.40 25.32 29.97
C TRP A 64 36.57 26.74 30.49
N PHE A 65 35.53 27.24 31.17
CA PHE A 65 35.65 28.53 31.82
C PHE A 65 35.78 28.32 33.32
N HIS A 66 36.76 28.97 33.94
CA HIS A 66 36.99 28.73 35.36
C HIS A 66 37.64 29.95 36.00
N ALA A 67 37.53 30.01 37.32
CA ALA A 67 38.11 31.06 38.15
C ALA A 67 39.25 30.49 38.98
N ILE A 68 39.79 31.32 39.87
CA ILE A 68 40.88 30.90 40.74
C ILE A 68 40.35 29.99 41.85
N THR A 76 46.26 34.71 38.70
CA THR A 76 45.29 35.09 39.73
C THR A 76 44.25 36.06 39.18
N LYS A 77 43.18 36.26 39.96
CA LYS A 77 42.05 37.13 39.61
C LYS A 77 41.42 36.75 38.27
N ARG A 78 41.22 35.45 38.05
CA ARG A 78 40.63 34.95 36.81
C ARG A 78 39.12 35.10 36.90
N PHE A 79 38.56 36.02 36.12
CA PHE A 79 37.12 36.23 36.05
C PHE A 79 36.71 36.31 34.60
N ASP A 80 35.71 35.53 34.21
CA ASP A 80 35.24 35.57 32.83
C ASP A 80 33.74 35.24 32.75
N ASN A 81 33.07 35.97 31.86
CA ASN A 81 31.64 35.82 31.56
C ASN A 81 31.31 36.43 30.20
N PRO A 82 31.81 35.85 29.10
CA PRO A 82 31.64 36.49 27.80
C PRO A 82 30.24 36.29 27.23
N VAL A 83 29.95 37.05 26.18
CA VAL A 83 28.68 36.93 25.47
C VAL A 83 28.87 35.94 24.33
N LEU A 84 28.12 34.85 24.36
CA LEU A 84 28.23 33.78 23.38
C LEU A 84 27.02 33.76 22.46
N PRO A 85 27.18 33.32 21.21
CA PRO A 85 26.00 33.07 20.38
C PRO A 85 25.21 31.87 20.90
N PHE A 86 23.90 31.91 20.65
CA PHE A 86 23.03 30.84 21.16
C PHE A 86 23.14 29.58 20.31
N ASN A 87 22.93 29.72 19.00
CA ASN A 87 23.07 28.64 18.00
C ASN A 87 22.18 27.44 18.33
N ASP A 88 20.86 27.70 18.27
CA ASP A 88 19.71 26.80 18.43
C ASP A 88 19.88 25.67 19.44
N GLY A 89 20.37 25.99 20.63
CA GLY A 89 20.50 25.02 21.70
C GLY A 89 21.81 25.13 22.46
N VAL A 90 21.73 25.25 23.78
CA VAL A 90 22.90 25.41 24.64
C VAL A 90 22.87 24.38 25.76
N TYR A 91 23.93 23.59 25.87
CA TYR A 91 24.13 22.72 27.02
C TYR A 91 25.12 23.38 27.97
N PHE A 92 24.77 23.42 29.24
CA PHE A 92 25.56 24.06 30.28
C PHE A 92 25.87 23.05 31.36
N ALA A 93 27.09 23.13 31.91
CA ALA A 93 27.47 22.30 33.04
C ALA A 93 28.27 23.15 34.01
N SER A 94 28.20 22.80 35.29
CA SER A 94 28.92 23.58 36.28
C SER A 94 29.35 22.67 37.43
N THR A 95 30.62 22.79 37.82
CA THR A 95 31.12 22.14 39.02
C THR A 95 31.02 23.14 40.16
N GLU A 96 30.19 22.84 41.14
CA GLU A 96 29.78 23.80 42.16
C GLU A 96 30.29 23.38 43.53
N LYS A 97 30.81 24.35 44.27
CA LYS A 97 31.26 24.18 45.64
C LYS A 97 30.52 25.07 46.63
N SER A 98 30.38 26.36 46.32
CA SER A 98 29.86 27.33 47.28
C SER A 98 28.87 28.29 46.62
N ASN A 99 28.04 27.75 45.72
CA ASN A 99 26.89 28.42 45.11
C ASN A 99 27.31 29.67 44.33
N ILE A 100 28.11 29.44 43.29
CA ILE A 100 28.61 30.53 42.45
C ILE A 100 27.70 30.77 41.26
N ILE A 101 27.30 29.72 40.55
CA ILE A 101 26.43 29.84 39.40
C ILE A 101 25.02 30.13 39.88
N ARG A 102 24.50 31.31 39.51
CA ARG A 102 23.20 31.75 39.98
C ARG A 102 22.15 31.88 38.87
N GLY A 103 22.56 31.94 37.62
CA GLY A 103 21.59 32.04 36.55
C GLY A 103 22.25 32.42 35.24
N TRP A 104 21.39 32.71 34.26
CA TRP A 104 21.81 33.06 32.91
C TRP A 104 20.93 34.17 32.37
N ILE A 105 21.40 34.80 31.29
CA ILE A 105 20.60 35.75 30.52
C ILE A 105 20.65 35.37 29.04
N PHE A 106 19.50 35.49 28.39
CA PHE A 106 19.31 35.16 26.99
C PHE A 106 18.68 36.36 26.30
N GLY A 107 18.92 36.49 25.01
CA GLY A 107 18.32 37.58 24.26
C GLY A 107 18.80 37.63 22.83
N THR A 108 18.64 38.81 22.23
CA THR A 108 19.11 39.08 20.89
C THR A 108 20.13 40.20 20.86
N THR A 109 19.81 41.36 21.43
CA THR A 109 20.71 42.50 21.44
C THR A 109 21.19 42.90 22.82
N LEU A 110 20.46 42.50 23.88
CA LEU A 110 20.81 42.73 25.29
C LEU A 110 20.98 44.21 25.63
N ASP A 111 20.18 45.07 24.98
CA ASP A 111 20.28 46.51 25.19
C ASP A 111 18.91 47.17 25.23
N SER A 112 17.89 46.43 25.69
CA SER A 112 16.47 46.81 25.80
C SER A 112 15.81 47.11 24.46
N LYS A 113 16.45 46.81 23.34
CA LYS A 113 15.81 46.98 22.05
C LYS A 113 14.96 45.78 21.67
N THR A 114 15.39 44.59 22.07
CA THR A 114 14.67 43.35 21.82
C THR A 114 14.23 42.73 23.14
N GLN A 115 13.47 41.64 23.03
CA GLN A 115 12.97 40.97 24.21
C GLN A 115 14.06 40.11 24.84
N SER A 116 14.16 40.14 26.17
CA SER A 116 15.22 39.44 26.88
C SER A 116 14.64 38.51 27.94
N LEU A 117 15.38 37.45 28.23
CA LEU A 117 15.03 36.47 29.24
C LEU A 117 16.11 36.43 30.31
N LEU A 118 15.71 36.39 31.56
CA LEU A 118 16.63 36.40 32.69
C LEU A 118 16.22 35.32 33.68
N ILE A 119 17.16 34.45 34.03
CA ILE A 119 16.96 33.45 35.07
C ILE A 119 18.01 33.72 36.15
N VAL A 120 17.56 33.94 37.38
CA VAL A 120 18.47 34.27 38.47
C VAL A 120 18.01 33.53 39.72
N ASN A 121 18.94 33.21 40.60
CA ASN A 121 18.66 32.59 41.88
C ASN A 121 19.22 33.59 42.89
N ASN A 122 18.36 34.46 43.41
CA ASN A 122 18.80 35.46 44.38
C ASN A 122 18.75 34.85 45.78
N ALA A 123 18.88 35.69 46.81
CA ALA A 123 19.15 35.24 48.17
C ALA A 123 18.03 34.40 48.80
N THR A 124 16.80 34.49 48.28
CA THR A 124 15.71 33.71 48.86
C THR A 124 14.80 33.04 47.84
N ASN A 125 14.86 33.40 46.56
CA ASN A 125 13.94 32.82 45.58
C ASN A 125 14.66 32.60 44.25
N VAL A 126 13.92 32.07 43.28
CA VAL A 126 14.38 31.91 41.91
C VAL A 126 13.44 32.72 41.02
N VAL A 127 14.00 33.65 40.26
CA VAL A 127 13.22 34.60 39.47
C VAL A 127 13.50 34.36 37.99
N ILE A 128 12.43 34.18 37.21
CA ILE A 128 12.52 34.08 35.76
C ILE A 128 11.68 35.20 35.18
N LYS A 129 12.32 36.14 34.49
CA LYS A 129 11.65 37.32 33.95
C LYS A 129 11.95 37.46 32.47
N VAL A 130 10.89 37.54 31.67
CA VAL A 130 11.01 37.89 30.26
C VAL A 130 10.53 39.32 30.13
N CYS A 131 11.48 40.22 29.86
CA CYS A 131 11.26 41.65 29.87
C CYS A 131 12.33 42.30 28.99
N GLU A 132 12.20 43.62 28.81
CA GLU A 132 13.17 44.38 28.02
C GLU A 132 14.17 45.07 28.95
N PHE A 133 15.02 44.27 29.57
CA PHE A 133 16.07 44.79 30.43
C PHE A 133 17.24 45.29 29.60
N GLN A 134 17.97 46.26 30.17
CA GLN A 134 19.22 46.74 29.62
C GLN A 134 20.37 46.21 30.49
N PHE A 135 21.41 45.68 29.85
CA PHE A 135 22.45 44.94 30.53
C PHE A 135 23.80 45.63 30.35
N CYS A 136 24.62 45.57 31.40
CA CYS A 136 26.00 45.99 31.31
C CYS A 136 26.87 44.80 30.88
N ASN A 137 28.17 45.05 30.70
CA ASN A 137 29.04 44.01 30.17
C ASN A 137 29.39 42.97 31.22
N ASP A 138 29.42 43.33 32.51
CA ASP A 138 29.84 42.44 33.58
C ASP A 138 28.79 42.42 34.69
N PRO A 139 27.79 41.55 34.58
CA PRO A 139 26.83 41.37 35.67
C PRO A 139 27.38 40.45 36.74
N PHE A 140 27.04 40.76 38.00
CA PHE A 140 27.55 39.95 39.10
C PHE A 140 26.62 40.01 40.31
N LEU A 141 26.72 38.95 41.11
CA LEU A 141 26.08 38.84 42.42
C LEU A 141 27.19 38.89 43.48
N GLY A 142 27.11 39.85 44.38
CA GLY A 142 28.15 40.07 45.35
C GLY A 142 27.78 39.56 46.73
N VAL A 143 28.58 38.63 47.24
CA VAL A 143 28.44 38.08 48.57
C VAL A 143 29.51 38.70 49.46
N TYR A 144 29.09 39.21 50.62
CA TYR A 144 29.99 39.88 51.55
C TYR A 144 30.18 39.01 52.79
N TYR A 145 31.42 38.95 53.26
CA TYR A 145 31.79 38.18 54.45
C TYR A 145 32.39 39.11 55.49
N HIS A 146 31.97 38.93 56.73
CA HIS A 146 32.38 39.80 57.83
C HIS A 146 33.36 39.09 58.76
N LYS A 147 34.25 39.88 59.36
CA LYS A 147 35.22 39.32 60.30
C LYS A 147 34.61 39.00 61.65
N ASN A 148 33.68 39.86 62.12
CA ASN A 148 33.17 39.72 63.48
C ASN A 148 32.20 38.54 63.62
N ASN A 149 31.35 38.32 62.62
CA ASN A 149 30.45 37.17 62.62
C ASN A 149 30.73 36.32 61.40
N LYS A 150 30.60 35.00 61.56
CA LYS A 150 30.96 34.06 60.51
C LYS A 150 29.89 33.89 59.45
N SER A 151 28.74 34.55 59.60
CA SER A 151 27.64 34.39 58.65
C SER A 151 27.96 35.07 57.32
N TRP A 152 27.56 34.41 56.24
CA TRP A 152 27.69 34.95 54.89
C TRP A 152 26.32 35.44 54.44
N MET A 153 26.24 36.71 54.05
CA MET A 153 24.98 37.33 53.66
C MET A 153 25.12 37.94 52.27
N GLU A 154 24.10 37.76 51.44
CA GLU A 154 24.08 38.34 50.10
C GLU A 154 23.89 39.84 50.20
N SER A 155 24.68 40.60 49.43
CA SER A 155 24.64 42.04 49.55
C SER A 155 24.41 42.77 48.23
N GLU A 156 24.95 42.26 47.13
CA GLU A 156 24.98 42.99 45.88
C GLU A 156 24.35 42.18 44.76
N PHE A 157 23.67 42.86 43.85
CA PHE A 157 22.94 42.21 42.75
C PHE A 157 22.86 43.20 41.59
N ARG A 158 23.72 43.04 40.57
CA ARG A 158 23.70 43.92 39.40
C ARG A 158 23.74 43.06 38.14
N VAL A 159 22.58 42.86 37.52
CA VAL A 159 22.48 42.26 36.20
C VAL A 159 21.79 43.18 35.21
N TYR A 160 20.74 43.89 35.61
CA TYR A 160 20.05 44.83 34.74
C TYR A 160 20.14 46.25 35.31
N SER A 161 20.27 47.22 34.41
CA SER A 161 20.36 48.61 34.84
C SER A 161 19.01 49.14 35.31
N SER A 162 17.94 48.85 34.58
CA SER A 162 16.61 49.35 34.92
C SER A 162 15.58 48.38 34.36
N ALA A 163 14.31 48.74 34.51
CA ALA A 163 13.20 47.91 34.06
C ALA A 163 12.40 48.64 32.99
N ASN A 164 11.61 47.88 32.25
CA ASN A 164 10.82 48.39 31.14
C ASN A 164 9.51 47.60 31.09
N ASN A 165 8.83 47.65 29.95
CA ASN A 165 7.55 46.97 29.77
C ASN A 165 7.71 45.44 29.78
N CYS A 166 7.33 44.82 30.90
CA CYS A 166 7.60 43.41 31.14
C CYS A 166 6.47 42.55 30.60
N THR A 167 6.83 41.36 30.10
CA THR A 167 5.89 40.44 29.51
C THR A 167 5.62 39.21 30.37
N PHE A 168 6.66 38.55 30.89
CA PHE A 168 6.47 37.32 31.67
C PHE A 168 7.25 37.40 32.97
N GLU A 169 6.65 36.90 34.04
CA GLU A 169 7.28 36.93 35.36
C GLU A 169 6.97 35.63 36.09
N TYR A 170 7.95 35.11 36.82
CA TYR A 170 7.76 33.89 37.59
C TYR A 170 8.69 33.90 38.79
N VAL A 171 8.11 33.68 39.97
CA VAL A 171 8.84 33.65 41.24
C VAL A 171 8.59 32.30 41.89
N SER A 172 9.68 31.64 42.31
CA SER A 172 9.59 30.29 42.86
C SER A 172 9.21 30.32 44.34
N GLN A 173 9.24 29.13 44.95
CA GLN A 173 9.01 28.99 46.37
C GLN A 173 10.20 29.54 47.15
N PRO A 174 9.98 30.29 48.24
CA PRO A 174 11.10 30.81 49.02
C PRO A 174 11.87 29.71 49.75
N PHE A 175 13.18 29.91 49.85
CA PHE A 175 14.06 28.93 50.51
C PHE A 175 15.31 29.61 51.00
N LEU A 176 16.31 28.85 51.42
CA LEU A 176 17.62 29.29 51.86
C LEU A 176 18.68 28.35 51.29
N MET A 177 19.91 28.85 51.18
CA MET A 177 21.00 28.09 50.59
C MET A 177 22.16 27.93 51.57
N ASP A 178 23.25 27.35 51.08
CA ASP A 178 24.54 27.32 51.75
C ASP A 178 25.37 28.47 51.18
N LEU A 179 25.38 29.59 51.89
CA LEU A 179 26.07 30.79 51.42
C LEU A 179 27.54 30.84 51.84
N GLU A 180 27.99 29.91 52.68
CA GLU A 180 29.37 29.91 53.13
C GLU A 180 30.30 29.45 52.01
N GLY A 181 31.57 29.82 52.12
CA GLY A 181 32.56 29.46 51.14
C GLY A 181 33.37 28.24 51.53
N LYS A 182 32.96 27.09 51.00
CA LYS A 182 33.69 25.85 51.30
C LYS A 182 35.04 25.86 50.56
N GLN A 183 36.07 25.20 51.07
CA GLN A 183 37.38 25.07 50.46
C GLN A 183 37.54 23.70 49.84
N GLY A 184 38.70 23.45 49.25
CA GLY A 184 38.99 22.16 48.67
C GLY A 184 38.36 21.97 47.29
N ASN A 185 38.16 20.70 46.94
CA ASN A 185 37.63 20.33 45.65
C ASN A 185 36.12 20.58 45.56
N PHE A 186 35.63 20.66 44.32
CA PHE A 186 34.21 20.86 44.07
C PHE A 186 33.42 19.61 44.44
N LYS A 187 32.18 19.83 44.88
CA LYS A 187 31.37 18.74 45.41
C LYS A 187 30.10 18.45 44.62
N ASN A 188 29.71 19.30 43.67
CA ASN A 188 28.49 19.08 42.92
C ASN A 188 28.73 19.31 41.43
N LEU A 189 27.90 18.67 40.61
CA LEU A 189 27.87 18.89 39.17
C LEU A 189 26.42 19.11 38.75
N ARG A 190 26.07 20.33 38.36
CA ARG A 190 24.69 20.66 37.91
C ARG A 190 24.64 20.91 36.41
N GLU A 191 23.89 20.14 35.62
CA GLU A 191 23.79 20.15 34.17
C GLU A 191 22.45 20.76 33.77
N PHE A 192 22.45 21.49 32.66
CA PHE A 192 21.26 22.14 32.14
C PHE A 192 21.28 22.09 30.62
N VAL A 193 20.09 21.98 30.03
CA VAL A 193 19.93 22.04 28.59
C VAL A 193 18.82 23.03 28.28
N PHE A 194 19.14 24.05 27.48
CA PHE A 194 18.19 25.05 27.03
C PHE A 194 18.02 24.92 25.52
N LYS A 195 16.76 24.85 25.07
CA LYS A 195 16.45 24.82 23.65
C LYS A 195 15.14 25.57 23.43
N ASN A 196 14.97 26.09 22.21
CA ASN A 196 13.79 26.87 21.84
C ASN A 196 13.19 26.26 20.58
N ILE A 197 12.11 25.50 20.75
CA ILE A 197 11.45 24.81 19.64
C ILE A 197 9.98 25.18 19.65
N ASP A 198 9.50 25.66 18.49
CA ASP A 198 8.08 25.99 18.24
C ASP A 198 7.56 27.03 19.23
N GLY A 199 8.41 28.00 19.57
CA GLY A 199 8.04 29.01 20.53
C GLY A 199 8.07 28.56 21.98
N TYR A 200 8.62 27.39 22.26
CA TYR A 200 8.68 26.86 23.62
C TYR A 200 10.13 26.74 24.06
N PHE A 201 10.43 27.32 25.22
CA PHE A 201 11.77 27.26 25.81
C PHE A 201 11.78 26.12 26.82
N LYS A 202 12.47 25.04 26.48
CA LYS A 202 12.47 23.81 27.27
C LYS A 202 13.77 23.70 28.05
N ILE A 203 13.66 23.51 29.36
CA ILE A 203 14.81 23.43 30.25
C ILE A 203 14.87 22.02 30.85
N TYR A 204 16.00 21.34 30.67
CA TYR A 204 16.22 20.02 31.23
C TYR A 204 17.39 20.10 32.21
N SER A 205 17.32 19.32 33.29
CA SER A 205 18.38 19.40 34.29
C SER A 205 18.44 18.13 35.14
N LYS A 206 19.63 17.89 35.69
CA LYS A 206 19.85 16.94 36.78
C LYS A 206 21.15 17.34 37.48
N HIS A 207 21.23 17.04 38.79
CA HIS A 207 22.41 17.34 39.63
C HIS A 207 22.99 16.12 40.30
N THR A 208 24.29 15.91 40.18
CA THR A 208 24.96 14.74 40.75
C THR A 208 26.13 15.19 41.62
N PRO A 209 26.22 14.71 42.86
CA PRO A 209 27.45 14.94 43.65
C PRO A 209 28.66 14.30 42.99
N ILE A 210 29.77 15.04 42.99
CA ILE A 210 31.04 14.58 42.42
C ILE A 210 32.15 14.87 43.41
N ASN A 211 33.31 14.25 43.17
CA ASN A 211 34.54 14.48 43.95
C ASN A 211 35.67 14.75 42.95
N LEU A 212 35.78 16.01 42.52
CA LEU A 212 36.77 16.41 41.54
C LEU A 212 37.21 17.84 41.83
N VAL A 213 38.47 18.15 41.51
CA VAL A 213 38.96 19.52 41.69
C VAL A 213 39.03 20.28 40.38
N ARG A 214 39.51 19.66 39.29
CA ARG A 214 39.46 20.28 37.96
C ARG A 214 39.39 19.16 36.92
N ASP A 215 38.17 18.76 36.58
CA ASP A 215 37.87 17.68 35.64
C ASP A 215 36.38 17.65 35.37
N LEU A 216 36.04 17.24 34.15
CA LEU A 216 34.67 16.89 33.82
C LEU A 216 34.53 15.38 33.93
N PRO A 217 33.62 14.86 34.76
CA PRO A 217 33.59 13.42 35.03
C PRO A 217 33.07 12.61 33.85
N GLN A 218 33.54 11.36 33.78
CA GLN A 218 33.14 10.42 32.73
C GLN A 218 31.95 9.62 33.26
N GLY A 219 30.75 10.13 33.01
CA GLY A 219 29.54 9.44 33.43
C GLY A 219 28.35 9.87 32.61
N PHE A 220 27.40 8.97 32.44
CA PHE A 220 26.20 9.26 31.68
C PHE A 220 25.26 10.13 32.49
N SER A 221 24.41 10.87 31.79
CA SER A 221 23.46 11.79 32.40
C SER A 221 22.07 11.55 31.82
N ALA A 222 21.06 11.70 32.67
CA ALA A 222 19.66 11.56 32.27
C ALA A 222 18.92 12.80 32.77
N LEU A 223 18.89 13.84 31.94
CA LEU A 223 18.33 15.12 32.34
C LEU A 223 16.80 15.08 32.22
N GLU A 224 16.13 15.16 33.37
CA GLU A 224 14.67 15.15 33.44
C GLU A 224 14.12 16.50 32.98
N PRO A 225 12.92 16.53 32.39
CA PRO A 225 12.31 17.81 32.03
C PRO A 225 11.87 18.58 33.27
N LEU A 226 12.12 19.89 33.25
CA LEU A 226 11.79 20.75 34.38
C LEU A 226 10.71 21.76 34.04
N VAL A 227 10.92 22.63 33.04
CA VAL A 227 9.91 23.57 32.60
C VAL A 227 9.89 23.63 31.07
N ASP A 228 8.70 23.93 30.55
CA ASP A 228 8.46 24.22 29.14
C ASP A 228 7.80 25.59 29.09
N LEU A 229 8.60 26.64 29.10
CA LEU A 229 8.07 28.00 29.18
C LEU A 229 7.53 28.43 27.83
N PRO A 230 6.29 28.90 27.74
CA PRO A 230 5.74 29.41 26.47
C PRO A 230 6.07 30.88 26.25
N ILE A 231 7.32 31.15 25.86
CA ILE A 231 7.78 32.52 25.67
C ILE A 231 7.67 32.91 24.21
N GLY A 232 8.40 32.20 23.35
CA GLY A 232 8.35 32.43 21.91
C GLY A 232 8.94 33.74 21.45
N ILE A 233 10.26 33.91 21.63
CA ILE A 233 10.95 35.14 21.26
C ILE A 233 12.19 34.79 20.46
N ASN A 234 12.72 35.80 19.79
CA ASN A 234 13.96 35.60 19.02
C ASN A 234 15.05 35.47 20.06
N ILE A 235 16.01 34.62 19.77
CA ILE A 235 17.12 34.39 20.68
C ILE A 235 18.39 34.10 19.89
N THR A 236 19.45 34.87 20.13
CA THR A 236 20.74 34.59 19.53
C THR A 236 21.94 34.89 20.43
N ARG A 237 21.72 35.29 21.69
CA ARG A 237 22.80 35.72 22.57
C ARG A 237 22.58 35.16 23.96
N PHE A 238 23.70 34.79 24.60
CA PHE A 238 23.68 34.06 25.86
C PHE A 238 24.83 34.55 26.75
N GLN A 239 24.58 34.67 28.05
CA GLN A 239 25.64 35.01 28.99
C GLN A 239 25.32 34.39 30.35
N THR A 240 26.37 34.12 31.12
CA THR A 240 26.27 33.42 32.40
C THR A 240 26.60 34.37 33.54
N LEU A 241 25.72 34.40 34.55
CA LEU A 241 25.98 35.16 35.77
C LEU A 241 26.93 34.40 36.68
N LEU A 242 27.64 35.15 37.52
CA LEU A 242 28.56 34.58 38.49
C LEU A 242 28.37 35.24 39.85
N ALA A 243 28.90 34.59 40.89
CA ALA A 243 28.92 35.12 42.23
C ALA A 243 30.36 35.26 42.71
N LEU A 244 30.67 36.38 43.35
CA LEU A 244 32.00 36.64 43.87
C LEU A 244 31.95 36.86 45.37
N HIS A 245 33.00 36.43 46.06
CA HIS A 245 33.07 36.56 47.51
C HIS A 245 33.53 37.95 47.91
N SER A 256 38.71 49.20 44.91
CA SER A 256 37.67 48.25 44.53
C SER A 256 38.24 46.83 44.53
N GLY A 257 38.75 46.39 45.67
CA GLY A 257 39.29 45.05 45.78
C GLY A 257 38.21 44.01 45.88
N TRP A 258 38.43 42.87 45.22
CA TRP A 258 37.48 41.77 45.21
C TRP A 258 38.21 40.48 44.89
N THR A 259 37.55 39.36 45.17
CA THR A 259 38.08 38.04 44.86
C THR A 259 37.03 37.26 44.07
N ALA A 260 37.51 36.28 43.31
CA ALA A 260 36.61 35.55 42.41
C ALA A 260 36.12 34.25 43.04
N GLY A 261 36.95 33.61 43.86
CA GLY A 261 36.60 32.31 44.40
C GLY A 261 36.89 31.18 43.44
N ALA A 262 36.41 30.01 43.81
CA ALA A 262 36.61 28.80 43.03
C ALA A 262 35.32 28.44 42.30
N ALA A 263 35.40 28.39 40.97
CA ALA A 263 34.26 28.04 40.13
C ALA A 263 34.76 27.51 38.81
N ALA A 264 33.93 26.69 38.16
CA ALA A 264 34.22 26.19 36.83
C ALA A 264 32.92 25.77 36.16
N TYR A 265 32.75 26.20 34.91
CA TYR A 265 31.58 25.85 34.12
C TYR A 265 31.98 25.58 32.67
N TYR A 266 31.05 25.00 31.93
CA TYR A 266 31.28 24.43 30.62
C TYR A 266 30.09 24.73 29.72
N VAL A 267 30.35 25.27 28.54
CA VAL A 267 29.31 25.64 27.58
C VAL A 267 29.55 24.87 26.29
N GLY A 268 28.50 24.21 25.80
CA GLY A 268 28.53 23.58 24.49
C GLY A 268 27.23 23.86 23.76
N TYR A 269 27.24 23.53 22.47
CA TYR A 269 26.14 23.86 21.56
C TYR A 269 25.47 22.59 21.06
N LEU A 270 24.13 22.64 20.95
CA LEU A 270 23.37 21.53 20.40
C LEU A 270 23.29 21.64 18.89
N GLN A 271 23.29 20.48 18.23
CA GLN A 271 23.22 20.34 16.78
C GLN A 271 22.12 19.36 16.43
N PRO A 272 21.54 19.44 15.21
CA PRO A 272 20.53 18.44 14.82
C PRO A 272 21.14 17.08 14.58
N ARG A 273 20.84 16.16 15.50
CA ARG A 273 21.44 14.82 15.38
C ARG A 273 20.37 13.78 15.60
N THR A 274 20.76 12.51 15.55
CA THR A 274 19.88 11.38 15.77
C THR A 274 20.48 10.50 16.86
N PHE A 275 19.72 10.25 17.92
CA PHE A 275 20.15 9.33 18.97
C PHE A 275 19.27 8.10 19.05
N LEU A 276 19.81 7.07 19.71
CA LEU A 276 19.05 5.90 20.12
C LEU A 276 19.25 5.71 21.62
N LEU A 277 18.17 5.79 22.38
CA LEU A 277 18.18 5.71 23.83
C LEU A 277 17.75 4.31 24.27
N LYS A 278 18.44 3.77 25.27
CA LYS A 278 18.05 2.50 25.86
C LYS A 278 17.42 2.75 27.22
N TYR A 279 16.19 2.29 27.41
CA TYR A 279 15.45 2.46 28.65
C TYR A 279 15.62 1.23 29.53
N ASN A 280 15.83 1.46 30.82
CA ASN A 280 15.97 0.37 31.78
C ASN A 280 14.59 -0.08 32.26
N GLU A 281 14.58 -1.04 33.20
CA GLU A 281 13.32 -1.53 33.73
C GLU A 281 12.68 -0.58 34.73
N ASN A 282 13.44 0.38 35.25
CA ASN A 282 12.92 1.36 36.18
C ASN A 282 12.36 2.61 35.50
N GLY A 283 12.38 2.67 34.18
CA GLY A 283 11.87 3.80 33.44
C GLY A 283 12.89 4.88 33.14
N THR A 284 14.09 4.79 33.68
CA THR A 284 15.16 5.74 33.41
C THR A 284 16.07 5.20 32.32
N ILE A 285 16.63 6.09 31.51
CA ILE A 285 17.46 5.67 30.40
C ILE A 285 18.82 5.21 30.91
N THR A 286 19.42 4.26 30.20
CA THR A 286 20.71 3.69 30.57
C THR A 286 21.86 4.30 29.76
N ASP A 287 21.76 4.16 28.42
CA ASP A 287 22.83 4.69 27.55
C ASP A 287 22.29 5.17 26.20
N ALA A 288 23.00 6.07 25.53
CA ALA A 288 22.61 6.62 24.23
C ALA A 288 23.67 6.28 23.20
N VAL A 289 23.27 5.80 22.02
CA VAL A 289 24.24 5.37 20.97
C VAL A 289 24.23 6.39 19.86
N ASP A 290 25.34 7.07 19.62
CA ASP A 290 25.28 8.17 18.62
C ASP A 290 25.07 7.53 17.26
N CYS A 291 24.55 8.27 16.31
CA CYS A 291 24.27 7.65 15.00
C CYS A 291 25.12 8.35 13.96
N ALA A 292 26.09 9.14 14.39
CA ALA A 292 26.85 9.88 13.38
C ALA A 292 28.30 10.00 13.84
N LEU A 293 28.66 9.23 14.85
CA LEU A 293 30.00 9.29 15.41
C LEU A 293 30.91 8.21 14.83
N ASP A 294 30.50 6.95 14.95
CA ASP A 294 31.34 5.82 14.62
C ASP A 294 30.61 4.88 13.67
N PRO A 295 31.33 4.16 12.80
CA PRO A 295 30.70 3.11 12.01
C PRO A 295 30.04 2.02 12.83
N LEU A 296 30.62 1.67 13.98
CA LEU A 296 29.94 0.77 14.91
C LEU A 296 28.65 1.40 15.43
N SER A 297 28.70 2.70 15.75
CA SER A 297 27.49 3.42 16.12
C SER A 297 26.53 3.53 14.95
N GLU A 298 27.06 3.60 13.72
CA GLU A 298 26.21 3.61 12.54
C GLU A 298 25.45 2.29 12.39
N THR A 299 26.12 1.16 12.63
CA THR A 299 25.45 -0.13 12.59
C THR A 299 24.43 -0.26 13.72
N LYS A 300 24.77 0.23 14.92
CA LYS A 300 23.82 0.20 16.03
C LYS A 300 22.59 1.04 15.74
N CYS A 301 22.76 2.16 15.02
CA CYS A 301 21.60 2.97 14.64
C CYS A 301 20.78 2.30 13.55
N THR A 302 21.44 1.77 12.52
CA THR A 302 20.70 1.21 11.38
C THR A 302 20.10 -0.16 11.68
N LEU A 303 20.53 -0.82 12.75
CA LEU A 303 19.87 -2.04 13.19
C LEU A 303 19.02 -1.84 14.44
N LYS A 304 19.07 -0.63 15.03
CA LYS A 304 18.25 -0.24 16.18
C LYS A 304 18.45 -1.17 17.37
N SER A 305 19.70 -1.52 17.64
CA SER A 305 20.03 -2.35 18.79
C SER A 305 21.42 -2.02 19.27
N PHE A 306 21.75 -2.39 20.50
CA PHE A 306 23.07 -2.00 21.05
C PHE A 306 24.03 -3.17 20.90
N THR A 307 23.54 -4.32 20.46
CA THR A 307 24.41 -5.48 20.25
C THR A 307 24.27 -5.95 18.82
N VAL A 308 25.39 -6.06 18.13
CA VAL A 308 25.44 -6.55 16.75
C VAL A 308 26.46 -7.68 16.69
N GLU A 309 26.17 -8.70 15.88
CA GLU A 309 27.03 -9.86 15.73
C GLU A 309 28.11 -9.58 14.68
N LYS A 310 28.78 -10.65 14.26
CA LYS A 310 29.78 -10.52 13.21
C LYS A 310 29.15 -10.67 11.83
N GLY A 311 29.73 -10.02 10.85
CA GLY A 311 29.23 -10.10 9.48
C GLY A 311 29.38 -8.77 8.77
N ILE A 312 28.59 -8.61 7.71
CA ILE A 312 28.55 -7.39 6.92
C ILE A 312 27.20 -6.72 7.19
N TYR A 313 27.22 -5.46 7.58
CA TYR A 313 26.00 -4.71 7.86
C TYR A 313 26.03 -3.41 7.05
N GLN A 314 25.23 -3.35 6.01
CA GLN A 314 25.07 -2.12 5.24
C GLN A 314 24.37 -1.08 6.09
N THR A 315 24.89 0.14 6.05
CA THR A 315 24.45 1.21 6.95
C THR A 315 23.72 2.30 6.17
N SER A 316 22.60 2.75 6.74
CA SER A 316 21.92 3.92 6.21
C SER A 316 22.75 5.17 6.48
N ASN A 317 22.57 6.17 5.63
CA ASN A 317 23.46 7.32 5.57
C ASN A 317 23.01 8.37 6.59
N PHE A 318 23.73 8.44 7.71
CA PHE A 318 23.50 9.49 8.70
C PHE A 318 24.76 10.31 8.99
N ARG A 319 25.81 10.18 8.17
CA ARG A 319 27.10 10.72 8.56
C ARG A 319 27.13 12.25 8.48
N VAL A 320 26.62 12.81 7.38
CA VAL A 320 26.84 14.21 7.05
C VAL A 320 25.52 14.97 7.13
N GLN A 321 25.59 16.18 7.70
CA GLN A 321 24.48 17.12 7.70
C GLN A 321 24.97 18.45 7.13
N PRO A 322 24.40 18.93 6.02
CA PRO A 322 24.88 20.18 5.43
C PRO A 322 24.58 21.38 6.32
N THR A 323 25.48 22.36 6.29
CA THR A 323 25.39 23.55 7.13
C THR A 323 25.30 24.84 6.32
N GLU A 324 25.22 24.75 5.00
CA GLU A 324 25.20 25.93 4.15
C GLU A 324 24.07 25.82 3.13
N SER A 325 23.65 26.96 2.62
CA SER A 325 22.60 27.05 1.61
C SER A 325 23.04 28.00 0.50
N ILE A 326 22.76 27.62 -0.74
CA ILE A 326 23.09 28.44 -1.90
C ILE A 326 21.82 28.68 -2.70
N VAL A 327 21.67 29.90 -3.25
CA VAL A 327 20.51 30.29 -4.02
C VAL A 327 21.00 30.94 -5.31
N ARG A 328 20.53 30.43 -6.44
CA ARG A 328 20.86 30.99 -7.76
C ARG A 328 19.58 31.16 -8.56
N PHE A 329 19.33 32.38 -9.03
CA PHE A 329 18.13 32.77 -9.75
C PHE A 329 18.53 33.49 -11.02
N PRO A 330 17.61 33.61 -12.00
CA PRO A 330 17.88 34.46 -13.15
C PRO A 330 18.15 35.91 -12.75
N ASN A 331 19.10 36.52 -13.43
CA ASN A 331 19.82 37.68 -12.92
C ASN A 331 19.19 38.95 -13.47
N ILE A 332 17.88 39.09 -13.21
CA ILE A 332 17.08 40.23 -13.65
C ILE A 332 16.27 40.72 -12.46
N THR A 333 16.28 42.03 -12.21
CA THR A 333 15.64 42.59 -11.03
C THR A 333 14.77 43.79 -11.44
N ASN A 334 13.88 43.57 -12.41
CA ASN A 334 12.86 44.57 -12.71
C ASN A 334 11.59 44.28 -11.93
N LEU A 335 10.78 45.32 -11.72
CA LEU A 335 9.53 45.15 -10.99
C LEU A 335 8.41 44.74 -11.93
N CYS A 336 7.66 43.71 -11.53
CA CYS A 336 6.57 43.21 -12.34
C CYS A 336 5.39 44.18 -12.33
N PRO A 337 4.63 44.26 -13.42
CA PRO A 337 3.52 45.23 -13.48
C PRO A 337 2.29 44.82 -12.69
N PHE A 338 2.46 44.59 -11.38
CA PHE A 338 1.31 44.32 -10.53
C PHE A 338 0.48 45.57 -10.25
N GLY A 339 1.09 46.76 -10.38
CA GLY A 339 0.32 47.97 -10.23
C GLY A 339 -0.61 48.24 -11.38
N GLU A 340 -0.30 47.69 -12.55
CA GLU A 340 -1.21 47.77 -13.69
C GLU A 340 -2.37 46.79 -13.54
N VAL A 341 -2.11 45.64 -12.93
CA VAL A 341 -3.14 44.60 -12.80
C VAL A 341 -4.09 44.91 -11.64
N PHE A 342 -3.54 45.31 -10.49
CA PHE A 342 -4.36 45.37 -9.28
C PHE A 342 -5.07 46.70 -9.10
N ASN A 343 -4.42 47.83 -9.40
CA ASN A 343 -5.12 49.03 -9.85
C ASN A 343 -5.13 49.19 -11.36
N ALA A 344 -5.89 48.36 -12.06
CA ALA A 344 -6.45 48.79 -13.34
C ALA A 344 -7.72 49.58 -13.06
N THR A 345 -7.77 50.82 -13.55
CA THR A 345 -8.93 51.66 -13.27
C THR A 345 -10.15 51.19 -14.04
N ARG A 346 -9.97 50.85 -15.31
CA ARG A 346 -10.97 50.15 -16.09
C ARG A 346 -10.61 48.67 -16.10
N PHE A 347 -11.49 47.85 -15.53
CA PHE A 347 -11.14 46.49 -15.18
C PHE A 347 -12.14 45.57 -15.87
N ALA A 348 -11.66 44.45 -16.39
CA ALA A 348 -12.40 43.69 -17.41
C ALA A 348 -13.65 43.03 -16.86
N SER A 349 -14.60 42.78 -17.75
CA SER A 349 -15.84 42.08 -17.41
C SER A 349 -15.58 40.57 -17.32
N VAL A 350 -16.64 39.83 -17.03
CA VAL A 350 -16.47 38.39 -16.84
C VAL A 350 -16.76 37.62 -18.13
N TYR A 351 -17.62 38.13 -19.01
CA TYR A 351 -17.88 37.41 -20.25
C TYR A 351 -16.72 37.53 -21.23
N ALA A 352 -16.01 38.65 -21.21
CA ALA A 352 -14.82 38.86 -22.03
C ALA A 352 -13.71 39.35 -21.10
N TRP A 353 -13.01 38.41 -20.48
CA TRP A 353 -11.96 38.72 -19.53
C TRP A 353 -10.62 38.89 -20.23
N ASN A 354 -9.67 39.52 -19.54
CA ASN A 354 -8.39 39.92 -20.10
C ASN A 354 -7.29 39.01 -19.58
N ARG A 355 -6.39 38.62 -20.49
CA ARG A 355 -5.22 37.83 -20.15
C ARG A 355 -3.98 38.67 -20.45
N LYS A 356 -3.19 38.96 -19.44
CA LYS A 356 -1.97 39.76 -19.57
C LYS A 356 -0.77 38.89 -19.25
N ARG A 357 0.21 38.87 -20.15
CA ARG A 357 1.43 38.11 -19.93
C ARG A 357 2.43 38.96 -19.14
N ILE A 358 3.04 38.34 -18.13
CA ILE A 358 4.05 38.98 -17.29
C ILE A 358 5.38 38.28 -17.55
N SER A 359 6.42 39.05 -17.84
CA SER A 359 7.70 38.45 -18.18
C SER A 359 8.84 39.38 -17.81
N ASN A 360 10.00 38.76 -17.50
CA ASN A 360 11.27 39.45 -17.29
C ASN A 360 11.22 40.47 -16.16
N CYS A 361 10.79 40.00 -14.99
CA CYS A 361 10.73 40.85 -13.80
C CYS A 361 10.70 39.97 -12.56
N VAL A 362 10.57 40.61 -11.39
CA VAL A 362 10.51 39.91 -10.11
C VAL A 362 9.16 40.17 -9.47
N ALA A 363 8.62 39.14 -8.83
CA ALA A 363 7.28 39.18 -8.23
C ALA A 363 7.43 39.41 -6.73
N ASP A 364 7.41 40.67 -6.32
CA ASP A 364 7.52 41.03 -4.90
C ASP A 364 6.12 41.00 -4.30
N TYR A 365 5.82 39.92 -3.57
CA TYR A 365 4.52 39.78 -2.94
C TYR A 365 4.34 40.74 -1.77
N SER A 366 5.44 41.16 -1.14
CA SER A 366 5.37 42.03 0.03
C SER A 366 4.83 43.42 -0.29
N VAL A 367 4.96 43.86 -1.54
CA VAL A 367 4.42 45.17 -1.93
C VAL A 367 2.90 45.13 -1.98
N LEU A 368 2.33 43.98 -2.31
CA LEU A 368 0.91 43.89 -2.65
C LEU A 368 0.00 44.17 -1.46
N TYR A 369 0.30 43.60 -0.30
CA TYR A 369 -0.55 43.76 0.87
C TYR A 369 -0.19 44.96 1.72
N ASN A 370 0.67 45.85 1.22
CA ASN A 370 0.95 47.09 1.94
C ASN A 370 -0.28 48.00 1.98
N SER A 371 -1.00 48.09 0.87
CA SER A 371 -2.16 48.96 0.76
C SER A 371 -3.44 48.25 0.33
N ALA A 372 -3.37 46.95 0.04
CA ALA A 372 -4.52 46.18 -0.41
C ALA A 372 -4.76 45.00 0.51
N SER A 373 -6.03 44.76 0.84
CA SER A 373 -6.43 43.64 1.67
C SER A 373 -7.22 42.66 0.81
N PHE A 374 -6.78 41.40 0.79
CA PHE A 374 -7.35 40.37 -0.06
C PHE A 374 -8.29 39.51 0.76
N SER A 375 -9.50 39.28 0.25
CA SER A 375 -10.49 38.52 0.99
C SER A 375 -10.20 37.03 0.94
N THR A 376 -10.07 36.47 -0.27
CA THR A 376 -9.83 35.04 -0.46
C THR A 376 -8.56 34.86 -1.29
N PHE A 377 -7.46 34.53 -0.62
CA PHE A 377 -6.20 34.22 -1.29
C PHE A 377 -6.05 32.70 -1.43
N LYS A 378 -7.01 32.10 -2.12
CA LYS A 378 -6.97 30.65 -2.35
C LYS A 378 -5.87 30.31 -3.36
N CYS A 379 -5.05 29.34 -3.02
CA CYS A 379 -3.94 28.92 -3.87
C CYS A 379 -4.05 27.42 -4.11
N TYR A 380 -4.01 27.01 -5.39
CA TYR A 380 -4.15 25.62 -5.78
C TYR A 380 -2.85 25.14 -6.39
N GLY A 381 -2.31 24.04 -5.84
CA GLY A 381 -1.09 23.45 -6.33
C GLY A 381 0.18 24.02 -5.74
N VAL A 382 0.17 25.28 -5.31
CA VAL A 382 1.34 25.93 -4.72
C VAL A 382 0.93 26.50 -3.38
N SER A 383 1.67 26.14 -2.33
CA SER A 383 1.40 26.68 -1.01
C SER A 383 1.84 28.14 -0.93
N PRO A 384 1.10 28.98 -0.18
CA PRO A 384 1.52 30.38 -0.03
C PRO A 384 2.84 30.56 0.71
N THR A 385 3.23 29.62 1.57
CA THR A 385 4.49 29.76 2.30
C THR A 385 5.69 29.61 1.36
N LYS A 386 5.66 28.62 0.48
CA LYS A 386 6.73 28.38 -0.47
C LYS A 386 6.54 29.11 -1.79
N LEU A 387 5.72 30.17 -1.79
CA LEU A 387 5.51 30.95 -3.00
C LEU A 387 6.70 31.87 -3.28
N ASN A 388 7.42 32.29 -2.24
CA ASN A 388 8.45 33.31 -2.41
C ASN A 388 9.69 32.76 -3.10
N ASP A 389 10.09 31.53 -2.78
CA ASP A 389 11.34 31.00 -3.32
C ASP A 389 11.21 30.39 -4.70
N LEU A 390 9.99 30.33 -5.26
CA LEU A 390 9.81 29.75 -6.59
C LEU A 390 10.10 30.78 -7.67
N CYS A 391 10.29 30.26 -8.89
CA CYS A 391 10.44 31.08 -10.09
C CYS A 391 9.44 30.58 -11.12
N PHE A 392 8.53 31.47 -11.54
CA PHE A 392 7.47 31.09 -12.46
C PHE A 392 7.92 31.29 -13.91
N THR A 393 7.36 30.47 -14.80
CA THR A 393 7.78 30.43 -16.19
C THR A 393 6.74 31.00 -17.14
N ASN A 394 5.50 30.51 -17.09
CA ASN A 394 4.42 30.99 -17.94
C ASN A 394 3.31 31.49 -17.02
N VAL A 395 3.33 32.78 -16.72
CA VAL A 395 2.36 33.41 -15.82
C VAL A 395 1.43 34.31 -16.62
N TYR A 396 0.14 34.19 -16.35
CA TYR A 396 -0.90 35.00 -16.97
C TYR A 396 -1.84 35.50 -15.88
N ALA A 397 -2.39 36.70 -16.06
CA ALA A 397 -3.22 37.33 -15.05
C ALA A 397 -4.63 37.53 -15.62
N ASP A 398 -5.55 36.65 -15.23
CA ASP A 398 -6.95 36.82 -15.58
C ASP A 398 -7.56 37.95 -14.77
N SER A 399 -8.67 38.50 -15.26
CA SER A 399 -9.25 39.70 -14.67
C SER A 399 -10.72 39.78 -14.98
N PHE A 400 -11.57 39.75 -13.95
CA PHE A 400 -13.00 39.86 -14.14
C PHE A 400 -13.66 40.32 -12.85
N VAL A 401 -14.89 40.82 -12.98
CA VAL A 401 -15.70 41.28 -11.86
C VAL A 401 -16.89 40.36 -11.70
N ILE A 402 -17.07 39.81 -10.50
CA ILE A 402 -18.23 39.00 -10.16
C ILE A 402 -18.82 39.53 -8.86
N ARG A 403 -20.06 39.15 -8.59
CA ARG A 403 -20.71 39.54 -7.34
C ARG A 403 -20.19 38.68 -6.20
N GLY A 404 -20.59 39.03 -4.97
CA GLY A 404 -19.98 38.41 -3.80
C GLY A 404 -20.37 36.95 -3.62
N ASP A 405 -21.54 36.55 -4.12
CA ASP A 405 -21.97 35.18 -3.97
C ASP A 405 -21.27 34.22 -4.92
N GLU A 406 -20.67 34.73 -5.99
CA GLU A 406 -20.06 33.89 -7.01
C GLU A 406 -18.55 33.80 -6.90
N VAL A 407 -17.97 34.31 -5.80
CA VAL A 407 -16.53 34.20 -5.59
C VAL A 407 -16.13 32.74 -5.42
N ARG A 408 -16.98 31.94 -4.77
CA ARG A 408 -16.73 30.51 -4.62
C ARG A 408 -16.72 29.76 -5.94
N GLN A 409 -17.37 30.30 -6.98
CA GLN A 409 -17.48 29.59 -8.25
C GLN A 409 -16.16 29.59 -9.02
N ILE A 410 -15.24 30.49 -8.70
CA ILE A 410 -13.93 30.53 -9.37
C ILE A 410 -13.03 29.60 -8.57
N ALA A 411 -13.15 28.31 -8.88
CA ALA A 411 -12.43 27.23 -8.22
C ALA A 411 -12.56 25.98 -9.10
N PRO A 412 -11.56 25.09 -9.12
CA PRO A 412 -11.68 23.87 -9.92
C PRO A 412 -12.74 22.94 -9.34
N GLY A 413 -13.79 22.69 -10.11
CA GLY A 413 -14.84 21.77 -9.72
C GLY A 413 -16.14 22.41 -9.29
N GLN A 414 -16.22 23.74 -9.24
CA GLN A 414 -17.46 24.40 -8.88
C GLN A 414 -18.29 24.71 -10.12
N THR A 415 -19.60 24.85 -9.92
CA THR A 415 -20.53 25.13 -11.00
C THR A 415 -21.37 26.35 -10.65
N GLY A 416 -22.22 26.72 -11.59
CA GLY A 416 -23.06 27.89 -11.46
C GLY A 416 -23.24 28.56 -12.80
N LYS A 417 -23.67 29.82 -12.78
CA LYS A 417 -23.78 30.59 -14.00
C LYS A 417 -22.52 31.39 -14.31
N ILE A 418 -21.47 31.20 -13.52
CA ILE A 418 -20.18 31.80 -13.81
C ILE A 418 -19.15 30.77 -14.25
N ALA A 419 -19.10 29.60 -13.62
CA ALA A 419 -18.14 28.57 -13.94
C ALA A 419 -18.65 27.60 -15.00
N ASP A 420 -19.75 27.93 -15.67
CA ASP A 420 -20.25 27.08 -16.74
C ASP A 420 -20.45 27.88 -18.03
N TYR A 421 -20.90 29.12 -17.90
CA TYR A 421 -21.21 29.95 -19.06
C TYR A 421 -20.27 31.14 -19.22
N ASN A 422 -19.50 31.51 -18.21
CA ASN A 422 -18.68 32.71 -18.27
C ASN A 422 -17.19 32.40 -18.20
N TYR A 423 -16.73 31.69 -17.16
CA TYR A 423 -15.30 31.47 -16.97
C TYR A 423 -15.11 30.17 -16.20
N LYS A 424 -14.61 29.14 -16.88
CA LYS A 424 -14.39 27.84 -16.28
C LYS A 424 -12.91 27.61 -16.07
N LEU A 425 -12.55 27.18 -14.86
CA LEU A 425 -11.19 26.83 -14.47
C LEU A 425 -10.93 25.34 -14.71
N PRO A 426 -9.72 24.98 -15.14
CA PRO A 426 -9.44 23.56 -15.41
C PRO A 426 -9.35 22.75 -14.14
N ASP A 427 -9.53 21.43 -14.30
CA ASP A 427 -9.51 20.53 -13.15
C ASP A 427 -8.11 20.42 -12.55
N ASP A 428 -7.09 20.32 -13.40
CA ASP A 428 -5.70 20.27 -12.95
C ASP A 428 -5.05 21.64 -12.85
N PHE A 429 -5.70 22.57 -12.16
CA PHE A 429 -5.24 23.95 -12.10
C PHE A 429 -4.02 24.06 -11.18
N THR A 430 -3.09 24.95 -11.56
CA THR A 430 -1.92 25.26 -10.74
C THR A 430 -1.76 26.77 -10.73
N GLY A 431 -2.12 27.39 -9.61
CA GLY A 431 -2.05 28.84 -9.52
C GLY A 431 -2.74 29.31 -8.25
N CYS A 432 -2.89 30.64 -8.16
CA CYS A 432 -3.46 31.28 -6.99
C CYS A 432 -4.60 32.19 -7.41
N VAL A 433 -5.72 32.10 -6.71
CA VAL A 433 -6.87 32.96 -6.95
C VAL A 433 -6.86 34.07 -5.91
N ILE A 434 -6.80 35.32 -6.37
CA ILE A 434 -6.68 36.47 -5.49
C ILE A 434 -7.93 37.32 -5.71
N ALA A 435 -8.77 37.43 -4.69
CA ALA A 435 -9.99 38.21 -4.76
C ALA A 435 -10.06 39.18 -3.59
N TRP A 436 -10.68 40.32 -3.81
CA TRP A 436 -10.88 41.31 -2.77
C TRP A 436 -12.19 42.04 -3.02
N ASN A 437 -12.50 43.02 -2.19
CA ASN A 437 -13.74 43.79 -2.28
C ASN A 437 -13.49 45.08 -3.06
N SER A 438 -14.42 45.40 -3.95
CA SER A 438 -14.34 46.61 -4.76
C SER A 438 -15.69 47.30 -4.81
N ASN A 439 -16.34 47.41 -3.66
CA ASN A 439 -17.64 48.08 -3.60
C ASN A 439 -17.51 49.58 -3.80
N ASN A 440 -16.41 50.17 -3.31
CA ASN A 440 -16.22 51.61 -3.46
C ASN A 440 -15.82 51.99 -4.88
N LEU A 441 -15.01 51.14 -5.52
CA LEU A 441 -14.45 51.49 -6.82
C LEU A 441 -15.38 51.12 -7.97
N ASP A 442 -15.81 49.86 -8.01
CA ASP A 442 -16.54 49.32 -9.15
C ASP A 442 -18.03 49.55 -9.08
N SER A 443 -18.55 50.10 -7.99
CA SER A 443 -19.98 50.34 -7.85
C SER A 443 -20.22 51.81 -7.53
N LYS A 444 -21.23 52.39 -8.19
CA LYS A 444 -21.61 53.78 -7.99
C LYS A 444 -23.12 53.85 -7.82
N VAL A 445 -23.59 55.04 -7.43
CA VAL A 445 -25.02 55.24 -7.20
C VAL A 445 -25.78 55.17 -8.51
N GLY A 446 -27.00 54.63 -8.46
CA GLY A 446 -27.81 54.47 -9.64
C GLY A 446 -27.57 53.17 -10.40
N GLY A 447 -26.57 52.40 -10.02
CA GLY A 447 -26.29 51.14 -10.68
C GLY A 447 -25.18 51.24 -11.71
N ASN A 448 -24.21 50.34 -11.63
CA ASN A 448 -23.11 50.26 -12.59
C ASN A 448 -23.44 49.15 -13.58
N TYR A 449 -23.82 49.54 -14.79
CA TYR A 449 -24.34 48.61 -15.79
C TYR A 449 -23.33 48.27 -16.88
N ASN A 450 -22.05 48.58 -16.68
CA ASN A 450 -21.05 48.28 -17.69
C ASN A 450 -20.71 46.79 -17.70
N TYR A 451 -20.74 46.15 -16.53
CA TYR A 451 -20.37 44.74 -16.44
C TYR A 451 -21.50 43.84 -16.95
N LEU A 452 -21.12 42.77 -17.65
CA LEU A 452 -22.06 41.88 -18.29
C LEU A 452 -21.67 40.43 -18.01
N TYR A 453 -22.65 39.54 -18.13
CA TYR A 453 -22.40 38.11 -17.98
C TYR A 453 -23.39 37.33 -18.82
N ARG A 454 -23.00 36.11 -19.21
CA ARG A 454 -23.85 35.26 -20.04
C ARG A 454 -24.87 34.56 -19.14
N LEU A 455 -26.12 35.02 -19.20
CA LEU A 455 -27.16 34.44 -18.36
C LEU A 455 -27.59 33.08 -18.90
N PHE A 456 -27.76 32.97 -20.21
CA PHE A 456 -28.10 31.70 -20.86
C PHE A 456 -27.04 31.36 -21.90
N ARG A 457 -26.76 30.06 -22.04
CA ARG A 457 -25.85 29.58 -23.07
C ARG A 457 -26.27 28.17 -23.46
N LYS A 458 -25.95 27.78 -24.69
CA LYS A 458 -26.37 26.49 -25.21
C LYS A 458 -25.65 25.33 -24.51
N SER A 459 -24.37 25.51 -24.19
CA SER A 459 -23.58 24.43 -23.62
C SER A 459 -22.56 24.98 -22.64
N ASN A 460 -22.06 24.10 -21.79
CA ASN A 460 -21.07 24.48 -20.79
C ASN A 460 -19.72 24.77 -21.45
N LEU A 461 -18.99 25.71 -20.86
CA LEU A 461 -17.71 26.14 -21.40
C LEU A 461 -16.62 25.09 -21.15
N LYS A 462 -15.71 24.97 -22.11
CA LYS A 462 -14.47 24.25 -21.88
C LYS A 462 -13.57 25.08 -20.97
N PRO A 463 -12.60 24.45 -20.30
CA PRO A 463 -11.69 25.21 -19.44
C PRO A 463 -10.90 26.27 -20.20
N PHE A 464 -10.81 27.46 -19.60
CA PHE A 464 -10.07 28.61 -20.13
C PHE A 464 -10.54 29.00 -21.53
N GLU A 465 -11.85 28.93 -21.76
CA GLU A 465 -12.44 29.32 -23.04
C GLU A 465 -13.23 30.61 -22.87
N ARG A 466 -13.09 31.50 -23.83
CA ARG A 466 -13.79 32.78 -23.84
C ARG A 466 -14.86 32.78 -24.93
N ASP A 467 -16.07 33.22 -24.56
CA ASP A 467 -17.17 33.37 -25.49
C ASP A 467 -17.60 34.82 -25.52
N ILE A 468 -17.51 35.44 -26.69
CA ILE A 468 -17.84 36.86 -26.86
C ILE A 468 -19.03 37.07 -27.76
N SER A 469 -19.57 36.00 -28.35
CA SER A 469 -20.67 36.12 -29.31
C SER A 469 -21.95 36.59 -28.62
N THR A 470 -22.70 37.44 -29.32
CA THR A 470 -23.92 38.04 -28.80
C THR A 470 -25.15 37.57 -29.58
N GLU A 471 -25.10 36.35 -30.12
CA GLU A 471 -26.22 35.82 -30.88
C GLU A 471 -27.40 35.53 -29.95
N ILE A 472 -28.60 35.62 -30.51
CA ILE A 472 -29.81 35.48 -29.71
C ILE A 472 -30.04 34.01 -29.37
N TYR A 473 -30.26 33.73 -28.09
CA TYR A 473 -30.52 32.37 -27.64
C TYR A 473 -32.02 32.09 -27.64
N GLN A 474 -32.41 31.00 -28.28
CA GLN A 474 -33.81 30.60 -28.34
C GLN A 474 -34.13 29.72 -27.14
N ALA A 475 -35.31 29.92 -26.56
CA ALA A 475 -35.73 29.15 -25.39
C ALA A 475 -36.67 28.01 -25.77
N GLY A 476 -37.73 28.32 -26.51
CA GLY A 476 -38.67 27.32 -26.95
C GLY A 476 -38.28 26.74 -28.31
N SER A 477 -39.20 25.93 -28.85
CA SER A 477 -38.98 25.31 -30.15
C SER A 477 -39.14 26.29 -31.30
N THR A 478 -39.77 27.44 -31.07
CA THR A 478 -39.91 28.44 -32.11
C THR A 478 -38.56 29.10 -32.42
N PRO A 479 -38.31 29.44 -33.67
CA PRO A 479 -37.05 30.11 -34.02
C PRO A 479 -37.15 31.63 -33.88
N CYS A 480 -36.11 32.21 -33.30
CA CYS A 480 -36.08 33.65 -33.08
C CYS A 480 -35.79 34.41 -34.37
N ASN A 481 -34.99 33.83 -35.27
CA ASN A 481 -34.60 34.42 -36.56
C ASN A 481 -33.90 35.77 -36.38
N GLY A 482 -33.13 35.92 -35.29
CA GLY A 482 -32.32 37.10 -35.08
C GLY A 482 -33.04 38.30 -34.52
N VAL A 483 -34.34 38.21 -34.25
CA VAL A 483 -35.12 39.31 -33.72
C VAL A 483 -35.73 38.87 -32.38
N GLU A 484 -35.69 39.77 -31.41
CA GLU A 484 -36.22 39.46 -30.08
C GLU A 484 -37.72 39.28 -30.12
N GLY A 485 -38.22 38.29 -29.40
CA GLY A 485 -39.63 38.03 -29.31
C GLY A 485 -39.94 37.17 -28.10
N PHE A 486 -41.02 36.40 -28.21
CA PHE A 486 -41.37 35.46 -27.15
C PHE A 486 -40.38 34.30 -27.15
N ASN A 487 -39.95 33.93 -25.93
CA ASN A 487 -38.91 32.92 -25.71
C ASN A 487 -37.61 33.25 -26.45
N CYS A 488 -37.29 34.53 -26.55
CA CYS A 488 -36.06 35.00 -27.18
C CYS A 488 -35.51 36.13 -26.32
N TYR A 489 -34.39 35.89 -25.66
CA TYR A 489 -33.79 36.86 -24.76
C TYR A 489 -32.34 37.11 -25.16
N PHE A 490 -31.87 38.31 -24.83
CA PHE A 490 -30.46 38.63 -25.01
C PHE A 490 -29.65 37.82 -24.01
N PRO A 491 -28.59 37.12 -24.45
CA PRO A 491 -27.84 36.27 -23.50
C PRO A 491 -26.99 37.05 -22.53
N LEU A 492 -26.69 38.32 -22.80
CA LEU A 492 -25.87 39.15 -21.93
C LEU A 492 -26.77 39.98 -21.03
N GLN A 493 -26.79 39.66 -19.74
CA GLN A 493 -27.51 40.44 -18.75
C GLN A 493 -26.53 41.30 -17.98
N SER A 494 -27.01 42.45 -17.51
CA SER A 494 -26.16 43.46 -16.88
C SER A 494 -26.30 43.41 -15.36
N TYR A 495 -25.16 43.47 -14.68
CA TYR A 495 -25.16 43.51 -13.22
C TYR A 495 -25.75 44.82 -12.72
N GLY A 496 -26.29 44.76 -11.50
CA GLY A 496 -26.94 45.90 -10.88
C GLY A 496 -26.25 46.36 -9.62
N PHE A 497 -24.93 46.48 -9.66
CA PHE A 497 -24.14 46.82 -8.47
C PHE A 497 -24.54 48.19 -7.92
N GLN A 498 -24.78 48.24 -6.61
CA GLN A 498 -25.21 49.43 -5.91
C GLN A 498 -24.50 49.49 -4.56
N PRO A 499 -24.08 50.68 -4.11
CA PRO A 499 -23.38 50.78 -2.82
C PRO A 499 -24.27 50.53 -1.61
N THR A 500 -25.59 50.45 -1.77
CA THR A 500 -26.49 50.23 -0.65
C THR A 500 -26.87 48.77 -0.46
N ASN A 501 -26.32 47.85 -1.27
CA ASN A 501 -26.70 46.45 -1.17
C ASN A 501 -25.75 45.70 -0.24
N GLY A 502 -26.06 44.42 -0.02
CA GLY A 502 -25.34 43.61 0.93
C GLY A 502 -24.05 43.05 0.37
N VAL A 503 -23.49 42.07 1.08
CA VAL A 503 -22.23 41.47 0.68
C VAL A 503 -22.38 40.61 -0.57
N GLY A 504 -23.59 40.11 -0.85
CA GLY A 504 -23.78 39.28 -2.02
C GLY A 504 -23.85 40.06 -3.31
N TYR A 505 -24.38 41.29 -3.26
CA TYR A 505 -24.63 42.09 -4.45
C TYR A 505 -23.63 43.22 -4.62
N GLN A 506 -22.41 43.05 -4.12
CA GLN A 506 -21.36 44.05 -4.30
C GLN A 506 -20.19 43.44 -5.07
N PRO A 507 -19.50 44.24 -5.90
CA PRO A 507 -18.48 43.67 -6.78
C PRO A 507 -17.28 43.12 -6.01
N TYR A 508 -16.68 42.08 -6.57
CA TYR A 508 -15.49 41.45 -6.01
C TYR A 508 -14.50 41.23 -7.14
N ARG A 509 -13.47 42.09 -7.19
CA ARG A 509 -12.45 41.96 -8.22
C ARG A 509 -11.63 40.69 -8.00
N VAL A 510 -11.54 39.86 -9.03
CA VAL A 510 -10.85 38.58 -8.96
C VAL A 510 -9.73 38.58 -10.00
N VAL A 511 -8.52 38.25 -9.56
CA VAL A 511 -7.38 38.08 -10.44
C VAL A 511 -6.87 36.67 -10.24
N VAL A 512 -6.95 35.87 -11.30
CA VAL A 512 -6.55 34.46 -11.25
C VAL A 512 -5.24 34.31 -12.01
N LEU A 513 -4.23 33.78 -11.33
CA LEU A 513 -2.92 33.57 -11.92
C LEU A 513 -2.76 32.10 -12.30
N SER A 514 -2.23 31.86 -13.50
CA SER A 514 -1.97 30.51 -13.99
C SER A 514 -0.47 30.32 -14.12
N PHE A 515 0.04 29.25 -13.53
CA PHE A 515 1.48 29.01 -13.41
C PHE A 515 1.87 27.75 -14.17
N GLU A 516 3.18 27.51 -14.24
CA GLU A 516 3.75 26.25 -14.72
C GLU A 516 5.12 26.13 -14.07
N LEU A 517 5.21 25.31 -13.02
CA LEU A 517 6.40 25.28 -12.17
C LEU A 517 7.42 24.28 -12.68
N LEU A 518 8.69 24.72 -12.70
CA LEU A 518 9.87 23.88 -12.92
C LEU A 518 9.87 23.17 -14.27
N HIS A 519 9.20 23.76 -15.27
CA HIS A 519 9.28 23.31 -16.66
C HIS A 519 9.49 24.54 -17.52
N ALA A 520 10.42 24.44 -18.50
CA ALA A 520 10.87 25.46 -19.44
C ALA A 520 11.63 26.59 -18.71
N PRO A 521 12.35 27.46 -19.42
CA PRO A 521 13.00 28.59 -18.75
C PRO A 521 12.01 29.53 -18.09
N ALA A 522 12.43 30.12 -16.97
CA ALA A 522 11.59 30.98 -16.16
C ALA A 522 12.00 32.44 -16.33
N THR A 523 11.01 33.33 -16.41
CA THR A 523 11.24 34.76 -16.54
C THR A 523 10.73 35.59 -15.38
N VAL A 524 9.92 35.01 -14.49
CA VAL A 524 9.38 35.71 -13.33
C VAL A 524 9.80 34.95 -12.08
N CYS A 525 10.41 35.66 -11.14
CA CYS A 525 10.96 35.05 -9.93
C CYS A 525 10.47 35.77 -8.68
N GLY A 526 10.80 35.18 -7.53
CA GLY A 526 10.42 35.73 -6.26
C GLY A 526 11.50 36.60 -5.66
N PRO A 527 11.21 37.22 -4.52
CA PRO A 527 12.12 38.24 -3.96
C PRO A 527 13.31 37.68 -3.19
N LYS A 528 13.58 36.38 -3.26
CA LYS A 528 14.74 35.82 -2.58
C LYS A 528 16.03 36.26 -3.26
N LYS A 529 17.03 36.61 -2.47
CA LYS A 529 18.30 37.09 -2.99
C LYS A 529 19.22 35.94 -3.34
N SER A 530 20.04 36.14 -4.36
CA SER A 530 20.97 35.13 -4.82
C SER A 530 22.28 35.21 -4.05
N THR A 531 22.88 34.05 -3.80
CA THR A 531 24.15 33.94 -3.09
C THR A 531 25.19 33.31 -4.01
N ASN A 532 26.39 33.12 -3.46
CA ASN A 532 27.46 32.47 -4.21
C ASN A 532 27.19 30.99 -4.36
N LEU A 533 27.85 30.38 -5.35
CA LEU A 533 27.68 28.96 -5.65
C LEU A 533 28.90 28.19 -5.15
N VAL A 534 28.65 27.16 -4.34
CA VAL A 534 29.72 26.31 -3.82
C VAL A 534 29.59 24.93 -4.46
N LYS A 535 30.34 24.70 -5.53
CA LYS A 535 30.29 23.42 -6.23
C LYS A 535 31.28 22.43 -5.64
N ASN A 536 31.10 21.17 -6.01
CA ASN A 536 31.91 20.04 -5.53
C ASN A 536 31.88 19.91 -4.01
N LYS A 537 30.74 20.25 -3.40
CA LYS A 537 30.55 20.11 -1.96
C LYS A 537 29.07 19.94 -1.69
N CYS A 538 28.74 19.20 -0.64
CA CYS A 538 27.35 18.97 -0.29
C CYS A 538 26.74 20.23 0.31
N VAL A 539 25.66 20.72 -0.30
CA VAL A 539 25.07 22.00 0.08
C VAL A 539 23.62 21.99 -0.40
N ASN A 540 22.76 22.69 0.34
CA ASN A 540 21.37 22.86 -0.06
C ASN A 540 21.29 23.88 -1.18
N PHE A 541 20.71 23.48 -2.31
CA PHE A 541 20.64 24.33 -3.50
C PHE A 541 19.20 24.75 -3.76
N ASN A 542 19.05 25.92 -4.40
CA ASN A 542 17.77 26.49 -4.77
C ASN A 542 17.81 26.98 -6.21
N PHE A 543 18.30 26.12 -7.11
CA PHE A 543 18.52 26.47 -8.51
C PHE A 543 17.17 26.64 -9.21
N ASN A 544 16.82 27.90 -9.51
CA ASN A 544 15.63 28.26 -10.28
C ASN A 544 14.35 27.74 -9.63
N GLY A 545 14.31 27.79 -8.30
CA GLY A 545 13.18 27.33 -7.54
C GLY A 545 13.20 25.86 -7.15
N LEU A 546 14.21 25.11 -7.60
CA LEU A 546 14.32 23.70 -7.30
C LEU A 546 15.12 23.52 -6.01
N THR A 547 14.45 23.11 -4.93
CA THR A 547 15.09 22.98 -3.63
C THR A 547 15.48 21.52 -3.43
N GLY A 548 16.71 21.30 -2.95
CA GLY A 548 17.20 19.97 -2.72
C GLY A 548 18.56 20.00 -2.05
N THR A 549 18.97 18.83 -1.56
CA THR A 549 20.25 18.65 -0.90
C THR A 549 21.08 17.62 -1.66
N GLY A 550 22.28 18.01 -2.08
CA GLY A 550 23.16 17.09 -2.77
C GLY A 550 24.36 17.84 -3.32
N VAL A 551 25.34 17.06 -3.76
CA VAL A 551 26.56 17.61 -4.34
C VAL A 551 26.34 17.77 -5.85
N LEU A 552 27.03 18.74 -6.44
CA LEU A 552 26.91 19.04 -7.86
C LEU A 552 28.29 19.10 -8.49
N THR A 553 28.39 18.64 -9.74
CA THR A 553 29.61 18.68 -10.53
C THR A 553 29.32 19.35 -11.87
N GLU A 554 30.27 19.25 -12.78
CA GLU A 554 30.15 19.85 -14.11
C GLU A 554 29.87 18.75 -15.14
N SER A 555 28.84 18.97 -15.95
CA SER A 555 28.43 18.04 -17.00
C SER A 555 28.72 18.65 -18.37
N ASN A 556 28.77 17.77 -19.38
CA ASN A 556 29.12 18.18 -20.74
C ASN A 556 27.99 17.96 -21.73
N LYS A 557 26.79 17.63 -21.26
CA LYS A 557 25.66 17.47 -22.17
C LYS A 557 25.17 18.84 -22.65
N LYS A 558 24.50 18.82 -23.81
CA LYS A 558 23.99 20.04 -24.44
C LYS A 558 22.47 20.01 -24.42
N PHE A 559 21.87 21.05 -23.85
CA PHE A 559 20.42 21.19 -23.81
C PHE A 559 19.88 21.84 -25.07
N LEU A 560 18.61 21.58 -25.34
CA LEU A 560 17.90 22.28 -26.39
C LEU A 560 17.60 23.71 -25.95
N PRO A 561 17.40 24.64 -26.90
CA PRO A 561 17.10 26.02 -26.51
C PRO A 561 15.82 26.18 -25.70
N PHE A 562 14.82 25.33 -25.91
CA PHE A 562 13.58 25.40 -25.16
C PHE A 562 13.58 24.50 -23.93
N GLN A 563 14.71 23.85 -23.63
CA GLN A 563 14.82 22.96 -22.49
C GLN A 563 15.70 23.60 -21.41
N GLN A 564 15.20 23.61 -20.17
CA GLN A 564 15.94 24.13 -19.04
C GLN A 564 16.06 23.16 -17.88
N PHE A 565 15.37 22.02 -17.92
CA PHE A 565 15.42 21.02 -16.88
C PHE A 565 15.61 19.66 -17.54
N GLY A 566 16.17 18.72 -16.79
CA GLY A 566 16.45 17.40 -17.34
C GLY A 566 16.35 16.33 -16.28
N ARG A 567 15.86 15.15 -16.69
CA ARG A 567 15.86 13.95 -15.88
C ARG A 567 16.25 12.78 -16.77
N ASP A 568 17.39 12.14 -16.47
CA ASP A 568 17.73 10.91 -17.19
C ASP A 568 16.76 9.79 -16.82
N ILE A 569 16.53 9.59 -15.53
CA ILE A 569 15.45 8.75 -15.01
C ILE A 569 14.61 9.64 -14.11
N ALA A 570 13.30 9.59 -14.30
CA ALA A 570 12.39 10.46 -13.55
C ALA A 570 12.42 10.09 -12.06
N ASP A 571 11.87 11.00 -11.25
CA ASP A 571 12.00 11.09 -9.79
C ASP A 571 13.44 11.40 -9.39
N THR A 572 14.24 11.89 -10.33
CA THR A 572 15.61 12.32 -10.08
C THR A 572 16.02 13.29 -11.19
N THR A 573 16.20 14.56 -10.83
CA THR A 573 16.65 15.58 -11.76
C THR A 573 18.17 15.44 -11.89
N ASP A 574 18.62 14.89 -13.02
CA ASP A 574 20.05 14.64 -13.17
C ASP A 574 20.84 15.93 -13.38
N ALA A 575 20.27 16.88 -14.12
CA ALA A 575 21.01 18.07 -14.53
C ALA A 575 20.11 19.30 -14.43
N VAL A 576 20.73 20.46 -14.20
CA VAL A 576 20.04 21.73 -14.21
C VAL A 576 21.01 22.80 -14.68
N ARG A 577 20.51 23.71 -15.52
CA ARG A 577 21.31 24.83 -16.00
C ARG A 577 21.39 25.90 -14.91
N ASP A 578 22.59 26.39 -14.65
CA ASP A 578 22.77 27.47 -13.68
C ASP A 578 22.19 28.75 -14.26
N PRO A 579 21.23 29.41 -13.59
CA PRO A 579 20.63 30.62 -14.17
C PRO A 579 21.59 31.79 -14.32
N GLN A 580 22.60 31.89 -13.46
CA GLN A 580 23.46 33.06 -13.49
C GLN A 580 24.58 32.93 -14.52
N THR A 581 25.40 31.88 -14.40
CA THR A 581 26.56 31.71 -15.28
C THR A 581 26.26 30.95 -16.56
N LEU A 582 25.06 30.38 -16.69
CA LEU A 582 24.64 29.61 -17.87
C LEU A 582 25.60 28.46 -18.18
N GLU A 583 26.05 27.77 -17.14
CA GLU A 583 26.92 26.60 -17.30
C GLU A 583 26.08 25.34 -17.11
N ILE A 584 26.32 24.34 -17.95
CA ILE A 584 25.63 23.07 -17.79
C ILE A 584 26.31 22.27 -16.68
N LEU A 585 25.50 21.81 -15.71
CA LEU A 585 26.00 21.09 -14.56
C LEU A 585 25.19 19.81 -14.44
N ASP A 586 25.37 19.11 -13.31
CA ASP A 586 24.56 17.95 -13.00
C ASP A 586 24.30 17.89 -11.51
N ILE A 587 23.23 17.18 -11.14
CA ILE A 587 22.82 17.03 -9.74
C ILE A 587 22.90 15.56 -9.37
N THR A 588 23.66 15.26 -8.33
CA THR A 588 23.82 13.93 -7.77
C THR A 588 23.53 13.99 -6.28
N PRO A 589 23.21 12.85 -5.64
CA PRO A 589 23.04 12.82 -4.18
C PRO A 589 24.31 13.25 -3.44
N CYS A 590 24.12 13.48 -2.14
CA CYS A 590 25.17 14.08 -1.31
C CYS A 590 26.43 13.22 -1.23
N SER A 591 26.26 11.90 -1.22
CA SER A 591 27.40 11.00 -1.24
C SER A 591 26.97 9.69 -1.88
N PHE A 592 27.95 8.91 -2.31
CA PHE A 592 27.67 7.58 -2.83
C PHE A 592 27.17 6.68 -1.71
N GLY A 593 26.21 5.81 -2.02
CA GLY A 593 25.63 4.96 -1.03
C GLY A 593 26.35 3.65 -0.77
N GLY A 594 27.45 3.42 -1.47
CA GLY A 594 28.15 2.15 -1.35
C GLY A 594 29.05 2.03 -0.14
N VAL A 595 28.48 2.20 1.06
CA VAL A 595 29.22 2.03 2.30
C VAL A 595 28.79 0.73 2.95
N SER A 596 29.76 -0.05 3.42
CA SER A 596 29.49 -1.29 4.12
C SER A 596 30.44 -1.38 5.30
N VAL A 597 29.96 -1.92 6.41
CA VAL A 597 30.73 -1.99 7.64
C VAL A 597 30.89 -3.46 8.02
N ILE A 598 32.14 -3.91 8.12
CA ILE A 598 32.48 -5.21 8.64
C ILE A 598 32.87 -5.06 10.10
N THR A 599 32.48 -6.03 10.94
CA THR A 599 32.73 -5.94 12.37
C THR A 599 32.66 -7.33 12.98
N PRO A 600 33.39 -7.58 14.06
CA PRO A 600 33.11 -8.73 14.91
C PRO A 600 32.00 -8.40 15.91
N GLY A 601 31.78 -9.33 16.83
CA GLY A 601 30.80 -9.11 17.88
C GLY A 601 31.20 -8.00 18.83
N THR A 602 30.22 -7.53 19.61
CA THR A 602 30.43 -6.36 20.45
C THR A 602 31.34 -6.65 21.63
N ASN A 603 31.18 -7.81 22.27
CA ASN A 603 32.09 -8.17 23.36
C ASN A 603 33.51 -8.47 22.87
N THR A 604 33.64 -8.96 21.63
CA THR A 604 34.95 -9.31 21.11
C THR A 604 35.86 -8.10 21.01
N SER A 605 35.40 -7.05 20.34
CA SER A 605 36.13 -5.80 20.22
C SER A 605 35.17 -4.70 19.83
N ASN A 606 35.58 -3.46 20.08
CA ASN A 606 34.88 -2.29 19.57
C ASN A 606 35.57 -1.69 18.37
N GLN A 607 36.70 -2.25 17.95
CA GLN A 607 37.41 -1.80 16.76
C GLN A 607 36.64 -2.21 15.52
N VAL A 608 36.60 -1.31 14.54
CA VAL A 608 35.72 -1.46 13.37
C VAL A 608 36.50 -1.09 12.11
N ALA A 609 36.19 -1.80 11.03
CA ALA A 609 36.72 -1.53 9.71
C ALA A 609 35.56 -1.22 8.76
N VAL A 610 35.75 -0.23 7.90
CA VAL A 610 34.69 0.25 7.00
C VAL A 610 35.10 -0.05 5.56
N LEU A 611 34.13 -0.49 4.77
CA LEU A 611 34.35 -0.78 3.35
C LEU A 611 33.69 0.31 2.51
N TYR A 612 34.47 0.89 1.60
CA TYR A 612 33.98 1.88 0.64
C TYR A 612 34.01 1.22 -0.73
N GLN A 613 32.86 0.75 -1.20
CA GLN A 613 32.80 -0.03 -2.43
C GLN A 613 32.61 0.89 -3.63
N ASP A 614 33.09 0.41 -4.79
CA ASP A 614 32.93 1.07 -6.10
C ASP A 614 33.52 2.47 -6.13
N VAL A 615 34.56 2.73 -5.33
CA VAL A 615 35.26 4.00 -5.34
C VAL A 615 36.76 3.74 -5.40
N ASN A 616 37.49 4.74 -5.88
CA ASN A 616 38.93 4.67 -5.98
C ASN A 616 39.55 5.15 -4.68
N CYS A 617 40.74 4.61 -4.35
CA CYS A 617 41.36 4.88 -3.06
C CYS A 617 41.81 6.33 -2.92
N THR A 618 42.21 6.97 -4.03
CA THR A 618 42.63 8.37 -3.95
C THR A 618 41.43 9.30 -3.83
N GLU A 619 40.24 8.83 -4.18
CA GLU A 619 39.03 9.65 -4.14
C GLU A 619 38.15 9.36 -2.92
N VAL A 620 38.68 8.64 -1.93
CA VAL A 620 37.91 8.34 -0.73
C VAL A 620 37.49 9.59 0.05
N PRO A 621 38.38 10.55 0.35
CA PRO A 621 37.88 11.80 0.98
C PRO A 621 36.93 12.59 0.10
N VAL A 622 37.09 12.50 -1.23
CA VAL A 622 36.19 13.20 -2.13
C VAL A 622 34.81 12.56 -2.14
N ALA A 623 34.76 11.22 -2.12
CA ALA A 623 33.48 10.52 -2.26
C ALA A 623 32.62 10.64 -1.01
N ILE A 624 33.23 10.44 0.17
CA ILE A 624 32.46 10.46 1.42
C ILE A 624 32.35 11.86 2.01
N HIS A 625 33.05 12.85 1.45
CA HIS A 625 33.08 14.23 1.95
C HIS A 625 33.56 14.28 3.40
N ALA A 626 34.79 13.84 3.60
CA ALA A 626 35.35 13.73 4.94
C ALA A 626 35.81 15.06 5.51
N ASP A 627 35.90 16.11 4.68
CA ASP A 627 36.34 17.41 5.18
C ASP A 627 35.30 18.05 6.10
N GLN A 628 34.02 17.85 5.76
CA GLN A 628 32.91 18.36 6.61
C GLN A 628 32.31 17.17 7.37
N LEU A 629 33.16 16.30 7.92
CA LEU A 629 32.67 15.07 8.60
C LEU A 629 33.29 14.97 9.98
N THR A 630 32.63 14.26 10.91
CA THR A 630 33.15 14.12 12.30
C THR A 630 34.61 13.66 12.29
N PRO A 631 35.55 14.23 13.11
CA PRO A 631 36.93 13.71 13.14
C PRO A 631 37.05 12.22 13.40
N THR A 632 36.09 11.62 14.12
CA THR A 632 36.16 10.19 14.39
C THR A 632 35.95 9.37 13.12
N TRP A 633 35.18 9.90 12.18
CA TRP A 633 35.06 9.27 10.88
C TRP A 633 36.29 9.51 10.02
N ARG A 634 36.99 10.60 10.31
CA ARG A 634 38.10 10.97 9.41
C ARG A 634 39.30 10.04 9.58
N VAL A 635 39.50 9.43 10.75
CA VAL A 635 40.61 8.49 10.93
C VAL A 635 40.37 7.23 10.11
N TYR A 636 39.12 6.83 9.94
CA TYR A 636 38.76 5.73 9.05
C TYR A 636 38.58 6.18 7.60
N SER A 637 38.54 7.49 7.35
CA SER A 637 38.55 7.96 5.97
C SER A 637 39.90 7.77 5.32
N THR A 638 40.97 8.11 6.02
CA THR A 638 42.33 7.96 5.51
C THR A 638 43.21 7.42 6.63
N GLY A 639 43.95 6.36 6.34
CA GLY A 639 44.80 5.73 7.32
C GLY A 639 46.02 5.13 6.67
N SER A 640 46.87 4.51 7.51
CA SER A 640 48.08 3.88 6.99
C SER A 640 47.77 2.61 6.22
N ASN A 641 46.79 1.83 6.69
CA ASN A 641 46.42 0.57 6.05
C ASN A 641 45.39 0.82 4.95
N VAL A 642 45.87 0.90 3.71
CA VAL A 642 45.02 1.11 2.55
C VAL A 642 45.13 -0.10 1.64
N PHE A 643 43.99 -0.72 1.33
CA PHE A 643 43.95 -1.87 0.45
C PHE A 643 42.82 -1.68 -0.55
N GLN A 644 43.11 -1.96 -1.82
CA GLN A 644 42.15 -1.74 -2.91
C GLN A 644 41.67 -3.09 -3.42
N THR A 645 40.38 -3.35 -3.21
CA THR A 645 39.74 -4.53 -3.78
C THR A 645 39.11 -4.18 -5.12
N ARG A 646 38.55 -5.18 -5.80
CA ARG A 646 37.80 -4.82 -7.03
C ARG A 646 36.46 -4.26 -6.56
N ALA A 647 35.96 -4.70 -5.40
CA ALA A 647 34.73 -4.09 -4.90
C ALA A 647 34.93 -2.62 -4.58
N GLY A 648 36.04 -2.29 -3.93
CA GLY A 648 36.32 -0.91 -3.60
C GLY A 648 37.49 -0.82 -2.63
N CYS A 649 37.71 0.40 -2.14
CA CYS A 649 38.81 0.69 -1.22
C CYS A 649 38.39 0.37 0.20
N LEU A 650 39.21 -0.42 0.89
CA LEU A 650 38.96 -0.81 2.27
C LEU A 650 39.94 -0.08 3.18
N ILE A 651 39.42 0.71 4.11
CA ILE A 651 40.22 1.43 5.08
C ILE A 651 39.81 0.99 6.47
N GLY A 652 40.78 0.64 7.29
CA GLY A 652 40.54 0.16 8.64
C GLY A 652 41.17 -1.18 8.97
N ALA A 653 41.61 -1.94 7.97
CA ALA A 653 42.28 -3.21 8.20
C ALA A 653 43.51 -3.31 7.32
N GLU A 654 44.48 -4.10 7.75
CA GLU A 654 45.76 -4.24 7.07
C GLU A 654 45.83 -5.56 6.33
N HIS A 655 46.32 -5.50 5.10
CA HIS A 655 46.48 -6.71 4.30
C HIS A 655 47.70 -7.50 4.76
N VAL A 656 47.70 -8.79 4.42
CA VAL A 656 48.78 -9.71 4.77
C VAL A 656 49.08 -10.58 3.56
N ASN A 657 50.37 -10.88 3.35
CA ASN A 657 50.76 -11.72 2.22
C ASN A 657 50.43 -13.19 2.43
N ASN A 658 50.14 -13.61 3.67
CA ASN A 658 49.77 -14.99 3.91
C ASN A 658 48.30 -15.18 3.53
N SER A 659 47.79 -16.41 3.71
CA SER A 659 46.43 -16.75 3.33
C SER A 659 45.79 -17.54 4.45
N TYR A 660 44.59 -17.15 4.85
CA TYR A 660 43.86 -17.77 5.95
C TYR A 660 42.43 -18.09 5.51
N GLU A 661 41.79 -18.97 6.28
CA GLU A 661 40.45 -19.42 5.96
C GLU A 661 39.43 -18.29 6.16
N CYS A 662 38.55 -18.13 5.19
CA CYS A 662 37.56 -17.05 5.20
C CYS A 662 36.32 -17.44 5.98
N ASP A 663 35.82 -16.51 6.80
CA ASP A 663 34.57 -16.70 7.51
C ASP A 663 33.53 -15.65 7.15
N ILE A 664 33.89 -14.38 7.09
CA ILE A 664 32.99 -13.35 6.59
C ILE A 664 33.64 -12.69 5.38
N PRO A 665 32.86 -12.28 4.37
CA PRO A 665 33.45 -11.81 3.13
C PRO A 665 33.71 -10.30 3.10
N ILE A 666 34.33 -9.87 2.00
CA ILE A 666 34.39 -8.45 1.65
C ILE A 666 33.64 -8.17 0.37
N GLY A 667 33.86 -8.98 -0.67
CA GLY A 667 33.11 -8.86 -1.90
C GLY A 667 33.93 -8.97 -3.17
N ALA A 668 35.25 -9.10 -3.05
CA ALA A 668 36.13 -9.19 -4.21
C ALA A 668 37.21 -10.24 -3.99
N GLY A 669 36.84 -11.39 -3.45
CA GLY A 669 37.81 -12.42 -3.14
C GLY A 669 38.64 -12.15 -1.91
N ILE A 670 38.28 -11.16 -1.11
CA ILE A 670 39.00 -10.81 0.10
C ILE A 670 38.08 -11.15 1.28
N CYS A 671 38.67 -11.51 2.41
CA CYS A 671 37.91 -11.82 3.61
C CYS A 671 38.64 -11.25 4.82
N ALA A 672 37.88 -11.04 5.89
CA ALA A 672 38.38 -10.46 7.12
C ALA A 672 38.03 -11.35 8.30
N SER A 673 38.89 -11.31 9.33
CA SER A 673 38.66 -12.08 10.54
C SER A 673 39.45 -11.44 11.68
N TYR A 674 39.25 -11.97 12.88
CA TYR A 674 39.93 -11.48 14.07
C TYR A 674 41.18 -12.31 14.31
N GLN A 675 42.35 -11.67 14.16
CA GLN A 675 43.61 -12.38 14.28
C GLN A 675 44.68 -11.41 14.79
N THR A 676 45.61 -11.95 15.57
CA THR A 676 46.70 -11.15 16.13
C THR A 676 47.69 -10.73 15.05
N SER A 689 50.24 -7.72 19.60
CA SER A 689 49.39 -6.78 18.90
C SER A 689 48.26 -7.49 18.16
N GLN A 690 47.02 -7.19 18.56
CA GLN A 690 45.84 -7.80 17.96
C GLN A 690 44.91 -6.71 17.41
N SER A 691 44.37 -6.96 16.22
CA SER A 691 43.47 -6.02 15.56
C SER A 691 42.70 -6.78 14.49
N ILE A 692 41.91 -6.03 13.71
CA ILE A 692 41.23 -6.61 12.57
C ILE A 692 42.21 -6.83 11.44
N ILE A 693 42.06 -7.95 10.73
CA ILE A 693 42.97 -8.32 9.65
C ILE A 693 42.14 -8.59 8.41
N ALA A 694 42.76 -8.40 7.24
CA ALA A 694 42.16 -8.70 5.96
C ALA A 694 43.12 -9.55 5.15
N TYR A 695 42.62 -10.66 4.61
CA TYR A 695 43.45 -11.61 3.89
C TYR A 695 42.76 -12.00 2.59
N THR A 696 43.57 -12.45 1.63
CA THR A 696 43.02 -12.98 0.39
C THR A 696 42.39 -14.34 0.63
N MET A 697 41.75 -14.87 -0.41
CA MET A 697 40.99 -16.11 -0.29
C MET A 697 41.93 -17.30 -0.06
N SER A 698 41.52 -18.19 0.83
CA SER A 698 42.20 -19.47 1.02
C SER A 698 41.70 -20.44 -0.03
N LEU A 699 42.47 -20.63 -1.10
CA LEU A 699 42.15 -21.67 -2.07
C LEU A 699 42.30 -23.05 -1.46
N GLY A 700 43.09 -23.17 -0.41
CA GLY A 700 43.25 -24.42 0.30
C GLY A 700 44.71 -24.74 0.47
N ALA A 701 44.95 -25.84 1.18
CA ALA A 701 46.29 -26.40 1.25
C ALA A 701 46.71 -26.88 -0.14
N GLU A 702 47.97 -26.68 -0.46
CA GLU A 702 48.49 -27.06 -1.77
C GLU A 702 49.07 -28.47 -1.69
N ASN A 703 48.56 -29.37 -2.52
CA ASN A 703 48.98 -30.77 -2.54
C ASN A 703 49.66 -31.08 -3.86
N SER A 704 50.86 -31.64 -3.80
CA SER A 704 51.64 -31.98 -4.98
C SER A 704 51.44 -33.45 -5.29
N VAL A 705 50.68 -33.74 -6.35
CA VAL A 705 50.54 -35.10 -6.86
C VAL A 705 51.12 -35.13 -8.27
N ALA A 706 51.82 -36.22 -8.57
CA ALA A 706 52.50 -36.38 -9.85
C ALA A 706 51.82 -37.49 -10.63
N TYR A 707 51.10 -37.11 -11.70
CA TYR A 707 50.58 -38.10 -12.64
C TYR A 707 51.75 -38.73 -13.37
N SER A 708 51.89 -40.04 -13.26
CA SER A 708 53.01 -40.75 -13.87
C SER A 708 52.49 -41.98 -14.59
N ASN A 709 53.17 -42.33 -15.68
CA ASN A 709 52.90 -43.55 -16.42
C ASN A 709 53.20 -44.77 -15.57
N ASN A 710 52.31 -45.77 -15.67
CA ASN A 710 52.35 -47.09 -15.03
C ASN A 710 52.63 -47.06 -13.52
N SER A 711 52.17 -46.04 -12.78
CA SER A 711 52.39 -45.94 -11.34
C SER A 711 51.06 -45.90 -10.59
N ILE A 712 51.04 -46.51 -9.41
CA ILE A 712 49.82 -46.62 -8.59
C ILE A 712 50.19 -46.33 -7.14
N ALA A 713 49.20 -45.89 -6.35
CA ALA A 713 49.35 -45.66 -4.91
C ALA A 713 48.25 -46.41 -4.16
N ILE A 714 48.60 -46.96 -3.00
CA ILE A 714 47.71 -47.77 -2.16
C ILE A 714 47.95 -47.41 -0.69
N PRO A 715 46.91 -47.20 0.13
CA PRO A 715 47.13 -46.78 1.53
C PRO A 715 47.55 -47.94 2.41
N THR A 716 48.53 -47.68 3.29
CA THR A 716 48.95 -48.70 4.26
C THR A 716 47.97 -48.81 5.41
N ASN A 717 47.78 -47.74 6.18
CA ASN A 717 46.58 -47.57 7.00
C ASN A 717 45.46 -46.81 6.33
N PHE A 718 44.42 -46.72 7.16
CA PHE A 718 43.20 -45.95 7.00
C PHE A 718 42.83 -45.44 8.39
N THR A 719 42.12 -44.31 8.43
CA THR A 719 41.68 -43.76 9.70
C THR A 719 40.17 -43.65 9.70
N ILE A 720 39.57 -43.88 10.87
CA ILE A 720 38.14 -43.74 11.07
C ILE A 720 37.92 -42.55 11.98
N SER A 721 37.17 -41.57 11.48
CA SER A 721 36.94 -40.31 12.19
C SER A 721 35.51 -39.87 11.96
N VAL A 722 34.86 -39.42 13.02
CA VAL A 722 33.50 -38.92 12.93
C VAL A 722 33.53 -37.39 12.90
N THR A 723 32.67 -36.80 12.08
CA THR A 723 32.62 -35.36 11.90
C THR A 723 31.20 -34.86 12.14
N THR A 724 31.11 -33.62 12.60
CA THR A 724 29.82 -33.01 12.88
C THR A 724 29.30 -32.30 11.64
N GLU A 725 28.11 -32.69 11.19
CA GLU A 725 27.37 -31.96 10.17
C GLU A 725 26.04 -31.54 10.77
N ILE A 726 25.73 -30.26 10.69
CA ILE A 726 24.56 -29.70 11.35
C ILE A 726 23.64 -29.12 10.30
N LEU A 727 22.40 -29.59 10.27
CA LEU A 727 21.40 -29.09 9.32
C LEU A 727 20.15 -28.64 10.07
N PRO A 728 19.83 -27.35 10.09
CA PRO A 728 18.58 -26.91 10.71
C PRO A 728 17.39 -27.41 9.92
N VAL A 729 16.57 -28.24 10.55
CA VAL A 729 15.49 -28.92 9.85
C VAL A 729 14.14 -28.23 10.05
N SER A 730 13.94 -27.49 11.14
CA SER A 730 12.66 -26.87 11.42
C SER A 730 12.88 -25.45 11.90
N MET A 731 11.80 -24.66 11.84
CA MET A 731 11.84 -23.27 12.25
C MET A 731 10.58 -23.00 13.06
N THR A 732 10.67 -22.02 13.97
CA THR A 732 9.65 -21.84 15.00
C THR A 732 8.32 -21.40 14.40
N LYS A 733 7.25 -22.10 14.79
CA LYS A 733 5.92 -21.78 14.31
C LYS A 733 5.45 -20.45 14.88
N THR A 734 4.77 -19.66 14.04
CA THR A 734 4.19 -18.40 14.46
C THR A 734 2.79 -18.27 13.89
N SER A 735 1.97 -17.48 14.56
CA SER A 735 0.62 -17.22 14.11
C SER A 735 0.22 -15.82 14.52
N VAL A 736 -0.68 -15.22 13.75
CA VAL A 736 -1.14 -13.85 13.97
C VAL A 736 -2.65 -13.86 14.08
N ASP A 737 -3.18 -13.36 15.20
CA ASP A 737 -4.61 -13.14 15.33
C ASP A 737 -4.90 -11.82 14.64
N CYS A 738 -5.94 -11.82 13.82
CA CYS A 738 -6.23 -10.66 12.99
C CYS A 738 -6.82 -9.52 13.80
N THR A 739 -7.80 -9.82 14.65
CA THR A 739 -8.48 -8.79 15.43
C THR A 739 -7.51 -8.11 16.38
N MET A 740 -6.65 -8.89 17.03
CA MET A 740 -5.77 -8.31 18.02
C MET A 740 -4.60 -7.58 17.37
N TYR A 741 -4.34 -7.85 16.09
CA TYR A 741 -3.31 -7.12 15.35
C TYR A 741 -3.83 -5.79 14.83
N ILE A 742 -4.86 -5.83 13.98
CA ILE A 742 -5.27 -4.61 13.31
C ILE A 742 -6.30 -3.84 14.14
N CYS A 743 -7.17 -4.55 14.85
CA CYS A 743 -8.14 -3.86 15.69
C CYS A 743 -7.50 -3.39 17.00
N GLY A 744 -6.86 -4.30 17.72
CA GLY A 744 -6.32 -3.97 19.02
C GLY A 744 -7.42 -3.71 20.03
N ASP A 745 -7.10 -2.90 21.04
CA ASP A 745 -8.06 -2.52 22.07
C ASP A 745 -8.66 -1.16 21.74
N SER A 746 -9.43 -1.12 20.66
CA SER A 746 -10.04 0.10 20.16
C SER A 746 -11.50 -0.12 19.83
N THR A 747 -12.27 0.96 19.86
CA THR A 747 -13.68 0.90 19.53
C THR A 747 -13.87 0.75 18.02
N GLU A 748 -15.13 0.57 17.63
CA GLU A 748 -15.55 0.26 16.25
C GLU A 748 -14.80 -0.93 15.68
N CYS A 749 -14.63 -1.99 16.48
CA CYS A 749 -13.82 -3.13 16.06
C CYS A 749 -14.48 -3.89 14.93
N SER A 750 -15.82 -3.94 14.92
CA SER A 750 -16.54 -4.59 13.83
C SER A 750 -16.36 -3.82 12.52
N ASN A 751 -16.42 -2.49 12.58
CA ASN A 751 -16.29 -1.67 11.37
C ASN A 751 -14.87 -1.71 10.82
N LEU A 752 -13.87 -1.87 11.69
CA LEU A 752 -12.49 -1.94 11.23
C LEU A 752 -12.18 -3.27 10.57
N LEU A 753 -13.00 -4.30 10.84
CA LEU A 753 -12.55 -5.67 10.56
C LEU A 753 -13.16 -6.22 9.28
N LEU A 754 -14.39 -5.82 8.94
CA LEU A 754 -15.03 -6.43 7.78
C LEU A 754 -14.43 -5.93 6.48
N GLN A 755 -13.81 -4.75 6.50
CA GLN A 755 -13.26 -4.18 5.28
C GLN A 755 -11.82 -4.62 5.04
N TYR A 756 -11.03 -4.77 6.11
CA TYR A 756 -9.61 -5.01 5.98
C TYR A 756 -9.11 -6.28 6.67
N GLY A 757 -10.00 -7.11 7.20
CA GLY A 757 -9.55 -8.26 7.96
C GLY A 757 -9.21 -9.45 7.08
N SER A 758 -9.63 -9.41 5.82
CA SER A 758 -9.40 -10.58 4.96
C SER A 758 -7.99 -10.59 4.38
N PHE A 759 -7.34 -9.43 4.31
CA PHE A 759 -5.89 -9.43 4.11
C PHE A 759 -5.19 -10.23 5.20
N CYS A 760 -5.53 -9.95 6.46
CA CYS A 760 -4.95 -10.70 7.56
C CYS A 760 -5.40 -12.15 7.54
N THR A 761 -6.62 -12.42 7.04
CA THR A 761 -7.09 -13.80 6.93
C THR A 761 -6.25 -14.58 5.93
N GLN A 762 -5.92 -13.95 4.80
CA GLN A 762 -5.01 -14.56 3.82
C GLN A 762 -3.62 -14.76 4.40
N LEU A 763 -3.10 -13.77 5.12
CA LEU A 763 -1.77 -13.88 5.70
C LEU A 763 -1.73 -14.94 6.81
N ASN A 764 -2.83 -15.07 7.56
CA ASN A 764 -2.91 -16.09 8.60
C ASN A 764 -3.09 -17.47 7.99
N ARG A 765 -3.77 -17.58 6.85
CA ARG A 765 -3.84 -18.84 6.13
C ARG A 765 -2.45 -19.24 5.62
N ALA A 766 -1.69 -18.27 5.12
CA ALA A 766 -0.32 -18.54 4.70
C ALA A 766 0.54 -18.96 5.88
N LEU A 767 0.37 -18.31 7.03
CA LEU A 767 1.13 -18.67 8.22
C LEU A 767 0.72 -20.04 8.76
N THR A 768 -0.56 -20.40 8.64
CA THR A 768 -1.01 -21.72 9.02
C THR A 768 -0.44 -22.79 8.09
N GLY A 769 -0.37 -22.49 6.80
CA GLY A 769 0.29 -23.38 5.88
C GLY A 769 1.78 -23.55 6.18
N ILE A 770 2.42 -22.45 6.59
CA ILE A 770 3.82 -22.51 7.02
C ILE A 770 3.97 -23.38 8.27
N ALA A 771 3.04 -23.24 9.21
CA ALA A 771 3.08 -24.04 10.43
C ALA A 771 2.87 -25.52 10.14
N VAL A 772 1.93 -25.84 9.24
CA VAL A 772 1.70 -27.22 8.83
C VAL A 772 2.93 -27.78 8.12
N GLU A 773 3.57 -26.96 7.28
CA GLU A 773 4.81 -27.36 6.63
C GLU A 773 5.93 -27.59 7.64
N GLN A 774 5.97 -26.79 8.70
CA GLN A 774 7.01 -26.95 9.72
C GLN A 774 6.79 -28.21 10.55
N ASP A 775 5.54 -28.56 10.84
CA ASP A 775 5.27 -29.86 11.46
C ASP A 775 5.61 -31.00 10.52
N LYS A 776 5.28 -30.86 9.23
CA LYS A 776 5.55 -31.92 8.28
C LYS A 776 7.04 -32.10 8.02
N ASN A 777 7.84 -31.04 8.20
CA ASN A 777 9.29 -31.17 8.06
C ASN A 777 9.85 -32.17 9.06
N THR A 778 9.56 -31.96 10.35
CA THR A 778 10.05 -32.88 11.37
C THR A 778 9.33 -34.21 11.30
N GLN A 779 8.08 -34.24 10.81
CA GLN A 779 7.36 -35.49 10.64
C GLN A 779 8.02 -36.39 9.59
N GLU A 780 8.40 -35.81 8.45
CA GLU A 780 9.01 -36.62 7.39
C GLU A 780 10.50 -36.83 7.60
N VAL A 781 11.17 -36.05 8.45
CA VAL A 781 12.57 -36.38 8.69
C VAL A 781 12.70 -37.36 9.84
N PHE A 782 11.74 -37.38 10.77
CA PHE A 782 11.91 -38.19 11.96
C PHE A 782 11.00 -39.41 12.00
N ALA A 783 9.93 -39.43 11.21
CA ALA A 783 9.04 -40.57 11.20
C ALA A 783 8.89 -41.17 9.81
N GLN A 784 10.01 -41.39 9.12
CA GLN A 784 9.98 -42.14 7.88
C GLN A 784 9.51 -43.57 8.13
N VAL A 785 10.01 -44.19 9.19
CA VAL A 785 9.46 -45.44 9.71
C VAL A 785 8.69 -45.11 10.98
N LYS A 786 7.47 -45.63 11.07
CA LYS A 786 6.59 -45.36 12.21
C LYS A 786 6.43 -46.59 13.11
N GLN A 787 7.52 -47.33 13.32
CA GLN A 787 7.53 -48.49 14.19
C GLN A 787 8.51 -48.19 15.31
N ILE A 788 8.00 -48.01 16.53
CA ILE A 788 8.84 -47.61 17.66
C ILE A 788 9.50 -48.85 18.26
N TYR A 789 10.76 -48.71 18.66
CA TYR A 789 11.56 -49.83 19.14
C TYR A 789 12.12 -49.50 20.51
N LYS A 790 11.97 -50.43 21.44
CA LYS A 790 12.52 -50.24 22.78
C LYS A 790 14.04 -50.34 22.75
N THR A 791 14.67 -49.68 23.72
CA THR A 791 16.12 -49.64 23.79
C THR A 791 16.66 -51.03 24.15
N PRO A 792 17.57 -51.59 23.36
CA PRO A 792 18.17 -52.86 23.71
C PRO A 792 19.11 -52.71 24.89
N PRO A 793 19.39 -53.79 25.62
CA PRO A 793 20.38 -53.71 26.69
C PRO A 793 21.77 -53.42 26.13
N ILE A 794 22.43 -52.43 26.72
CA ILE A 794 23.73 -51.98 26.22
C ILE A 794 24.79 -52.95 26.69
N LYS A 795 25.09 -53.95 25.87
CA LYS A 795 26.05 -54.99 26.23
C LYS A 795 26.70 -55.56 24.98
N ASP A 796 28.03 -55.58 24.97
CA ASP A 796 28.83 -56.30 23.97
C ASP A 796 28.57 -55.83 22.54
N PHE A 797 28.57 -54.51 22.34
CA PHE A 797 28.37 -53.93 21.01
C PHE A 797 29.68 -53.88 20.23
N GLY A 798 30.34 -55.04 20.14
CA GLY A 798 31.55 -55.19 19.35
C GLY A 798 32.74 -54.39 19.82
N GLY A 799 32.74 -53.95 21.07
CA GLY A 799 33.76 -53.04 21.56
C GLY A 799 33.46 -51.58 21.35
N PHE A 800 32.49 -51.25 20.50
CA PHE A 800 32.06 -49.88 20.32
C PHE A 800 31.14 -49.51 21.48
N ASN A 801 31.55 -48.50 22.24
CA ASN A 801 31.02 -48.30 23.59
C ASN A 801 29.96 -47.20 23.50
N PHE A 802 28.69 -47.60 23.46
CA PHE A 802 27.59 -46.72 23.06
C PHE A 802 26.84 -46.10 24.24
N SER A 803 27.53 -45.75 25.32
CA SER A 803 26.86 -45.06 26.41
C SER A 803 26.53 -43.62 26.06
N GLN A 804 27.34 -42.99 25.20
CA GLN A 804 27.16 -41.59 24.90
C GLN A 804 25.99 -41.33 23.96
N ILE A 805 25.82 -42.16 22.93
CA ILE A 805 24.81 -41.87 21.91
C ILE A 805 23.47 -42.54 22.22
N LEU A 806 23.47 -43.73 22.83
CA LEU A 806 22.16 -44.28 23.15
C LEU A 806 21.64 -43.68 24.45
N PRO A 807 20.33 -43.43 24.54
CA PRO A 807 19.75 -42.93 25.78
C PRO A 807 19.80 -43.98 26.87
N ASP A 808 20.49 -43.65 27.96
CA ASP A 808 20.63 -44.59 29.06
C ASP A 808 19.30 -44.71 29.82
N PRO A 809 18.95 -45.91 30.30
CA PRO A 809 17.72 -46.08 31.08
C PRO A 809 17.83 -45.67 32.54
N SER A 810 18.91 -44.99 32.94
CA SER A 810 19.03 -44.53 34.32
C SER A 810 18.00 -43.45 34.64
N LYS A 811 17.75 -42.55 33.69
CA LYS A 811 16.74 -41.52 33.82
C LYS A 811 15.55 -41.85 32.93
N PRO A 812 14.33 -41.48 33.33
CA PRO A 812 13.15 -41.79 32.52
C PRO A 812 13.07 -41.04 31.19
N SER A 813 13.86 -39.99 31.02
CA SER A 813 13.90 -39.29 29.74
C SER A 813 14.71 -40.09 28.72
N LYS A 814 14.37 -39.91 27.45
CA LYS A 814 15.04 -40.58 26.34
C LYS A 814 16.17 -39.75 25.76
N ARG A 815 16.82 -38.92 26.58
CA ARG A 815 17.84 -38.01 26.12
C ARG A 815 19.23 -38.64 26.27
N SER A 816 20.07 -38.43 25.27
CA SER A 816 21.43 -38.92 25.31
C SER A 816 22.36 -37.87 25.93
N PHE A 817 23.60 -38.30 26.20
CA PHE A 817 24.56 -37.43 26.88
C PHE A 817 24.97 -36.27 25.97
N ILE A 818 25.37 -36.59 24.73
CA ILE A 818 25.69 -35.54 23.76
C ILE A 818 24.42 -34.81 23.35
N GLU A 819 23.28 -35.50 23.37
CA GLU A 819 21.99 -34.83 23.16
C GLU A 819 21.72 -33.81 24.25
N ASP A 820 22.04 -34.15 25.50
CA ASP A 820 21.90 -33.20 26.59
C ASP A 820 22.83 -32.01 26.43
N LEU A 821 24.08 -32.26 26.00
CA LEU A 821 25.00 -31.15 25.75
C LEU A 821 24.50 -30.24 24.62
N LEU A 822 23.96 -30.83 23.56
CA LEU A 822 23.40 -30.04 22.46
C LEU A 822 22.21 -29.21 22.91
N PHE A 823 21.34 -29.80 23.73
CA PHE A 823 20.18 -29.07 24.22
C PHE A 823 20.57 -27.97 25.21
N ASN A 824 21.64 -28.18 25.97
CA ASN A 824 22.08 -27.17 26.92
C ASN A 824 22.83 -26.03 26.24
N LYS A 825 23.61 -26.33 25.20
CA LYS A 825 24.46 -25.32 24.58
C LYS A 825 23.68 -24.33 23.72
N VAL A 826 22.59 -24.77 23.11
CA VAL A 826 21.79 -23.88 22.26
C VAL A 826 20.96 -22.96 23.16
N THR A 827 21.19 -21.66 23.04
CA THR A 827 20.52 -20.68 23.89
C THR A 827 19.27 -20.18 23.18
N LEU A 828 18.11 -20.47 23.76
CA LEU A 828 16.84 -20.01 23.20
C LEU A 828 16.67 -18.53 23.47
N ALA A 829 16.26 -17.79 22.43
CA ALA A 829 16.06 -16.34 22.46
C ALA A 829 17.29 -15.58 22.96
N ASN A 856 1.71 -7.95 20.56
CA ASN A 856 0.47 -7.40 20.01
C ASN A 856 -0.17 -8.36 19.02
N GLY A 857 -0.73 -9.45 19.53
CA GLY A 857 -1.37 -10.44 18.69
C GLY A 857 -0.45 -11.49 18.12
N LEU A 858 0.86 -11.37 18.34
CA LEU A 858 1.83 -12.33 17.84
C LEU A 858 1.90 -13.50 18.83
N THR A 859 1.34 -14.64 18.44
CA THR A 859 1.35 -15.84 19.26
C THR A 859 2.26 -16.89 18.63
N VAL A 860 2.99 -17.61 19.46
CA VAL A 860 3.91 -18.64 19.00
C VAL A 860 3.23 -19.99 19.24
N LEU A 861 2.89 -20.68 18.16
CA LEU A 861 2.27 -21.99 18.26
C LEU A 861 3.33 -23.03 18.61
N PRO A 862 3.14 -23.84 19.65
CA PRO A 862 4.11 -24.88 19.94
C PRO A 862 4.05 -25.98 18.89
N PRO A 863 5.18 -26.62 18.59
CA PRO A 863 5.16 -27.71 17.62
C PRO A 863 4.45 -28.94 18.16
N LEU A 864 3.89 -29.73 17.22
CA LEU A 864 3.24 -30.97 17.61
C LEU A 864 4.25 -31.96 18.18
N LEU A 865 5.36 -32.18 17.49
CA LEU A 865 6.34 -33.17 17.89
C LEU A 865 7.22 -32.59 18.98
N THR A 866 6.93 -32.94 20.23
CA THR A 866 7.65 -32.41 21.38
C THR A 866 9.06 -33.02 21.46
N ASP A 867 9.85 -32.50 22.38
CA ASP A 867 11.26 -32.90 22.48
C ASP A 867 11.40 -34.35 22.95
N GLU A 868 10.50 -34.79 23.84
CA GLU A 868 10.57 -36.16 24.36
C GLU A 868 10.32 -37.19 23.27
N MET A 869 9.33 -36.94 22.41
CA MET A 869 9.01 -37.92 21.38
C MET A 869 10.02 -37.87 20.22
N ILE A 870 10.62 -36.70 19.97
CA ILE A 870 11.76 -36.65 19.05
C ILE A 870 12.93 -37.46 19.58
N ALA A 871 13.19 -37.34 20.89
CA ALA A 871 14.23 -38.18 21.50
C ALA A 871 13.88 -39.66 21.42
N GLN A 872 12.60 -40.01 21.58
CA GLN A 872 12.19 -41.41 21.48
C GLN A 872 12.32 -41.92 20.04
N TYR A 873 11.97 -41.10 19.05
CA TYR A 873 12.14 -41.50 17.65
C TYR A 873 13.61 -41.66 17.31
N THR A 874 14.46 -40.76 17.82
CA THR A 874 15.91 -40.88 17.62
C THR A 874 16.44 -42.15 18.26
N SER A 875 15.96 -42.48 19.47
CA SER A 875 16.37 -43.72 20.13
C SER A 875 15.92 -44.95 19.35
N ALA A 876 14.71 -44.91 18.80
CA ALA A 876 14.22 -46.03 18.00
C ALA A 876 15.04 -46.19 16.72
N LEU A 877 15.39 -45.08 16.07
CA LEU A 877 16.24 -45.15 14.88
C LEU A 877 17.62 -45.70 15.22
N LEU A 878 18.20 -45.28 16.34
CA LEU A 878 19.50 -45.80 16.75
C LEU A 878 19.43 -47.29 17.09
N ALA A 879 18.35 -47.70 17.77
CA ALA A 879 18.18 -49.11 18.11
C ALA A 879 18.00 -49.97 16.87
N GLY A 880 17.25 -49.48 15.88
CA GLY A 880 17.13 -50.20 14.63
C GLY A 880 18.43 -50.24 13.85
N THR A 881 19.23 -49.17 13.94
CA THR A 881 20.47 -49.10 13.19
C THR A 881 21.53 -50.04 13.76
N ILE A 882 21.69 -50.06 15.09
CA ILE A 882 22.81 -50.79 15.68
C ILE A 882 22.47 -52.24 16.05
N THR A 883 21.19 -52.61 16.07
CA THR A 883 20.80 -53.98 16.41
C THR A 883 20.23 -54.73 15.22
N SER A 884 19.33 -54.10 14.46
CA SER A 884 18.74 -54.76 13.31
C SER A 884 19.54 -54.53 12.03
N GLY A 885 20.31 -53.44 11.97
CA GLY A 885 21.04 -53.09 10.78
C GLY A 885 20.31 -52.05 9.97
N TRP A 886 20.00 -52.37 8.72
CA TRP A 886 19.15 -51.52 7.89
C TRP A 886 17.89 -52.26 7.42
N THR A 887 17.62 -53.44 7.97
CA THR A 887 16.41 -54.16 7.61
C THR A 887 15.18 -53.59 8.30
N PHE A 888 15.41 -52.58 9.10
CA PHE A 888 14.26 -52.04 9.86
C PHE A 888 13.46 -51.21 8.88
N GLY A 889 14.13 -50.76 7.83
CA GLY A 889 13.42 -49.99 6.79
C GLY A 889 12.40 -50.84 6.06
N ALA A 890 12.77 -52.06 5.68
CA ALA A 890 11.89 -52.94 4.89
C ALA A 890 11.71 -54.24 5.65
N GLY A 891 10.49 -54.58 6.04
CA GLY A 891 10.35 -55.90 6.68
C GLY A 891 10.36 -55.85 8.18
N ALA A 892 11.02 -56.82 8.81
CA ALA A 892 10.89 -56.89 10.27
C ALA A 892 12.17 -56.97 11.08
N ALA A 893 13.01 -55.98 10.98
CA ALA A 893 14.15 -55.88 11.92
C ALA A 893 14.82 -57.21 12.19
N LEU A 894 15.30 -57.91 11.17
CA LEU A 894 16.06 -59.13 11.47
C LEU A 894 17.29 -58.70 12.28
N GLN A 895 17.54 -59.29 13.45
CA GLN A 895 18.65 -58.97 14.34
C GLN A 895 20.00 -59.32 13.69
N ILE A 896 21.00 -58.50 13.99
CA ILE A 896 22.36 -58.70 13.50
C ILE A 896 23.35 -58.32 14.59
N PRO A 897 24.42 -59.11 14.74
CA PRO A 897 25.53 -58.66 15.57
C PRO A 897 26.16 -57.42 14.96
N PHE A 898 26.59 -56.49 15.83
CA PHE A 898 27.08 -55.21 15.34
C PHE A 898 28.39 -55.33 14.57
N ALA A 899 29.20 -56.34 14.87
CA ALA A 899 30.41 -56.57 14.09
C ALA A 899 30.07 -57.02 12.67
N MET A 900 29.02 -57.82 12.51
CA MET A 900 28.64 -58.29 11.18
C MET A 900 28.06 -57.16 10.34
N GLN A 901 27.24 -56.30 10.95
CA GLN A 901 26.75 -55.11 10.26
C GLN A 901 27.88 -54.13 9.97
N MET A 902 28.89 -54.09 10.85
CA MET A 902 30.08 -53.29 10.60
C MET A 902 30.85 -53.78 9.38
N ALA A 903 31.00 -55.10 9.27
CA ALA A 903 31.66 -55.68 8.09
C ALA A 903 30.83 -55.45 6.83
N TYR A 904 29.50 -55.51 6.96
CA TYR A 904 28.66 -55.31 5.79
C TYR A 904 28.60 -53.85 5.37
N ARG A 905 28.96 -52.92 6.25
CA ARG A 905 29.09 -51.52 5.83
C ARG A 905 30.51 -51.15 5.42
N PHE A 906 31.53 -51.94 5.81
CA PHE A 906 32.80 -51.88 5.10
C PHE A 906 32.73 -52.51 3.72
N ASN A 907 31.81 -53.45 3.51
CA ASN A 907 31.72 -54.12 2.21
C ASN A 907 31.21 -53.21 1.11
N GLY A 908 30.62 -52.06 1.45
CA GLY A 908 30.12 -51.14 0.46
C GLY A 908 31.12 -50.13 -0.08
N ILE A 909 32.31 -50.05 0.51
CA ILE A 909 33.33 -49.10 0.07
C ILE A 909 34.48 -49.79 -0.65
N GLY A 910 34.34 -51.06 -0.99
CA GLY A 910 35.32 -51.78 -1.77
C GLY A 910 36.36 -52.51 -0.96
N VAL A 911 36.39 -52.33 0.35
CA VAL A 911 37.36 -53.02 1.20
C VAL A 911 36.74 -54.33 1.67
N THR A 912 37.58 -55.36 1.76
CA THR A 912 37.16 -56.69 2.11
C THR A 912 36.91 -56.77 3.62
N GLN A 913 36.03 -57.70 4.03
CA GLN A 913 35.61 -57.84 5.42
C GLN A 913 36.74 -58.25 6.36
N ASN A 914 37.87 -58.73 5.85
CA ASN A 914 38.94 -59.23 6.71
C ASN A 914 39.61 -58.10 7.49
N VAL A 915 39.61 -56.89 6.94
CA VAL A 915 40.32 -55.76 7.55
C VAL A 915 39.71 -55.41 8.90
N LEU A 916 38.37 -55.42 8.99
CA LEU A 916 37.71 -55.14 10.26
C LEU A 916 37.97 -56.24 11.28
N TYR A 917 37.73 -57.50 10.90
CA TYR A 917 37.77 -58.59 11.86
C TYR A 917 39.18 -58.86 12.35
N GLU A 918 40.19 -58.59 11.51
CA GLU A 918 41.57 -58.74 11.95
C GLU A 918 41.94 -57.66 12.97
N ASN A 919 41.39 -56.45 12.82
CA ASN A 919 41.74 -55.30 13.64
C ASN A 919 40.52 -54.72 14.35
N GLN A 920 39.69 -55.58 14.95
CA GLN A 920 38.46 -55.11 15.59
C GLN A 920 38.75 -54.23 16.81
N LYS A 921 39.76 -54.60 17.60
CA LYS A 921 40.10 -53.81 18.79
C LYS A 921 40.61 -52.43 18.40
N LEU A 922 41.40 -52.34 17.33
CA LEU A 922 41.89 -51.04 16.86
C LEU A 922 40.74 -50.16 16.39
N ILE A 923 39.76 -50.74 15.68
CA ILE A 923 38.61 -49.97 15.21
C ILE A 923 37.77 -49.50 16.39
N ALA A 924 37.57 -50.36 17.39
CA ALA A 924 36.82 -49.98 18.58
C ALA A 924 37.53 -48.86 19.34
N ASN A 925 38.85 -48.94 19.48
CA ASN A 925 39.60 -47.90 20.16
C ASN A 925 39.58 -46.59 19.38
N GLN A 926 39.67 -46.66 18.06
CA GLN A 926 39.60 -45.46 17.24
C GLN A 926 38.23 -44.79 17.35
N PHE A 927 37.15 -45.58 17.35
CA PHE A 927 35.82 -45.01 17.49
C PHE A 927 35.60 -44.44 18.89
N ASN A 928 36.15 -45.09 19.91
CA ASN A 928 36.04 -44.55 21.26
C ASN A 928 36.82 -43.24 21.40
N SER A 929 38.00 -43.15 20.79
CA SER A 929 38.76 -41.91 20.79
C SER A 929 38.03 -40.81 20.02
N ALA A 930 37.40 -41.16 18.90
CA ALA A 930 36.61 -40.20 18.15
C ALA A 930 35.41 -39.70 18.96
N ILE A 931 34.76 -40.60 19.70
CA ILE A 931 33.64 -40.21 20.56
C ILE A 931 34.12 -39.30 21.69
N GLY A 932 35.29 -39.60 22.27
CA GLY A 932 35.85 -38.71 23.28
C GLY A 932 36.19 -37.34 22.74
N LYS A 933 36.75 -37.28 21.53
CA LYS A 933 37.08 -36.00 20.92
C LYS A 933 35.83 -35.21 20.55
N ILE A 934 34.77 -35.90 20.09
CA ILE A 934 33.55 -35.19 19.73
C ILE A 934 32.80 -34.76 20.98
N GLN A 935 33.03 -35.43 22.11
CA GLN A 935 32.44 -34.98 23.37
C GLN A 935 33.20 -33.78 23.92
N ASP A 936 34.54 -33.79 23.79
CA ASP A 936 35.34 -32.67 24.28
C ASP A 936 35.13 -31.42 23.41
N SER A 937 34.99 -31.61 22.10
CA SER A 937 34.76 -30.47 21.21
C SER A 937 33.40 -29.83 21.46
N LEU A 938 32.38 -30.65 21.75
CA LEU A 938 31.04 -30.17 22.01
C LEU A 938 30.82 -29.78 23.47
N SER A 939 31.90 -29.50 24.22
CA SER A 939 31.76 -29.08 25.61
C SER A 939 32.70 -27.93 25.96
N SER A 940 33.19 -27.19 24.97
CA SER A 940 34.11 -26.09 25.19
C SER A 940 33.41 -24.73 25.28
N THR A 941 32.07 -24.71 25.26
CA THR A 941 31.18 -23.56 25.35
C THR A 941 31.31 -22.59 24.17
N ALA A 942 32.15 -22.89 23.17
CA ALA A 942 32.28 -22.08 21.97
C ALA A 942 32.41 -22.97 20.74
N SER A 943 31.65 -24.06 20.71
CA SER A 943 31.76 -25.03 19.63
C SER A 943 31.02 -24.54 18.38
N ALA A 944 31.04 -25.37 17.34
CA ALA A 944 30.46 -25.00 16.04
C ALA A 944 28.97 -25.33 16.07
N LEU A 945 28.22 -24.55 16.85
CA LEU A 945 26.77 -24.63 16.89
C LEU A 945 26.12 -23.33 16.41
N GLY A 946 26.84 -22.53 15.63
CA GLY A 946 26.30 -21.25 15.21
C GLY A 946 25.19 -21.39 14.19
N LYS A 947 25.23 -22.45 13.37
CA LYS A 947 24.22 -22.64 12.34
C LYS A 947 22.85 -22.93 12.95
N LEU A 948 22.82 -23.64 14.08
CA LEU A 948 21.56 -23.84 14.78
C LEU A 948 21.11 -22.56 15.48
N GLN A 949 22.05 -21.76 15.98
CA GLN A 949 21.71 -20.53 16.69
C GLN A 949 21.18 -19.46 15.76
N ASP A 950 21.60 -19.49 14.48
CA ASP A 950 21.17 -18.47 13.53
C ASP A 950 19.67 -18.52 13.27
N VAL A 951 19.05 -19.70 13.35
CA VAL A 951 17.61 -19.82 13.13
C VAL A 951 16.85 -19.07 14.21
N VAL A 952 17.19 -19.31 15.48
CA VAL A 952 16.54 -18.64 16.59
C VAL A 952 16.85 -17.15 16.57
N ASN A 953 18.10 -16.78 16.25
CA ASN A 953 18.49 -15.38 16.22
C ASN A 953 17.74 -14.61 15.14
N GLN A 954 17.60 -15.20 13.94
CA GLN A 954 16.88 -14.51 12.87
C GLN A 954 15.37 -14.50 13.09
N ASN A 955 14.82 -15.52 13.76
CA ASN A 955 13.42 -15.47 14.16
C ASN A 955 13.16 -14.35 15.16
N ALA A 956 14.06 -14.21 16.14
CA ALA A 956 13.95 -13.12 17.10
C ALA A 956 14.10 -11.77 16.43
N GLN A 957 15.02 -11.67 15.45
CA GLN A 957 15.16 -10.46 14.66
C GLN A 957 13.89 -10.13 13.87
N ALA A 958 13.25 -11.14 13.27
CA ALA A 958 11.99 -10.91 12.56
C ALA A 958 10.91 -10.41 13.50
N LEU A 959 10.77 -11.02 14.67
CA LEU A 959 9.71 -10.62 15.60
C LEU A 959 9.95 -9.23 16.19
N ASN A 960 11.18 -8.93 16.63
CA ASN A 960 11.40 -7.61 17.23
C ASN A 960 11.43 -6.51 16.18
N THR A 961 11.88 -6.81 14.96
CA THR A 961 11.75 -5.85 13.88
C THR A 961 10.27 -5.62 13.55
N LEU A 962 9.44 -6.66 13.64
CA LEU A 962 8.01 -6.50 13.39
C LEU A 962 7.35 -5.60 14.44
N VAL A 963 7.69 -5.78 15.71
CA VAL A 963 7.07 -4.95 16.74
C VAL A 963 7.59 -3.52 16.66
N LYS A 964 8.85 -3.34 16.23
CA LYS A 964 9.32 -1.99 15.95
C LYS A 964 8.65 -1.39 14.70
N GLN A 965 8.20 -2.22 13.76
CA GLN A 965 7.41 -1.69 12.65
C GLN A 965 6.06 -1.20 13.16
N LEU A 966 5.43 -2.01 14.01
CA LEU A 966 4.13 -1.65 14.57
C LEU A 966 4.25 -0.44 15.49
N SER A 967 5.46 -0.14 15.99
CA SER A 967 5.67 1.06 16.78
C SER A 967 5.56 2.36 15.96
N SER A 968 5.67 2.28 14.63
CA SER A 968 5.66 3.48 13.81
C SER A 968 4.24 4.02 13.63
N ASN A 969 4.17 5.26 13.13
CA ASN A 969 2.89 5.93 12.94
C ASN A 969 2.41 5.91 11.49
N PHE A 970 3.29 5.61 10.54
CA PHE A 970 2.95 5.43 9.12
C PHE A 970 2.34 6.68 8.49
N GLY A 971 2.73 7.86 8.97
CA GLY A 971 2.25 9.10 8.42
C GLY A 971 0.96 9.64 8.98
N ALA A 972 0.32 8.92 9.90
CA ALA A 972 -0.88 9.41 10.55
C ALA A 972 -0.50 10.42 11.63
N ILE A 973 -1.52 11.05 12.23
CA ILE A 973 -1.26 12.06 13.25
C ILE A 973 -0.82 11.43 14.57
N SER A 974 -1.04 10.13 14.75
CA SER A 974 -0.60 9.45 15.95
C SER A 974 -0.32 7.99 15.61
N SER A 975 0.51 7.36 16.44
CA SER A 975 0.92 5.99 16.23
C SER A 975 0.00 4.97 16.90
N VAL A 976 -1.02 5.43 17.62
CA VAL A 976 -1.95 4.55 18.31
C VAL A 976 -3.34 4.76 17.75
N LEU A 977 -4.15 3.69 17.76
CA LEU A 977 -5.51 3.79 17.24
C LEU A 977 -6.44 4.51 18.21
N ASN A 978 -6.15 4.45 19.50
CA ASN A 978 -7.08 4.98 20.49
C ASN A 978 -7.06 6.50 20.53
N ASP A 979 -5.94 7.14 20.21
CA ASP A 979 -5.88 8.60 20.18
C ASP A 979 -6.67 9.15 19.00
N ILE A 980 -6.48 8.58 17.81
CA ILE A 980 -7.16 9.11 16.64
C ILE A 980 -8.62 8.72 16.59
N LEU A 981 -9.05 7.77 17.43
CA LEU A 981 -10.46 7.46 17.61
C LEU A 981 -11.07 8.20 18.79
N SER A 982 -10.31 9.07 19.45
CA SER A 982 -10.81 9.84 20.58
C SER A 982 -10.93 11.33 20.27
N ARG A 983 -10.36 11.81 19.16
CA ARG A 983 -10.44 13.22 18.82
C ARG A 983 -10.70 13.43 17.33
N LEU A 984 -11.35 12.48 16.67
CA LEU A 984 -11.67 12.62 15.26
C LEU A 984 -13.02 12.00 14.96
N ASP A 985 -13.90 12.77 14.35
CA ASP A 985 -15.16 12.24 13.86
C ASP A 985 -14.88 11.26 12.71
N PRO A 986 -15.74 10.24 12.53
CA PRO A 986 -15.47 9.18 11.53
C PRO A 986 -15.26 9.68 10.11
N PRO A 987 -15.97 10.72 9.61
CA PRO A 987 -15.61 11.22 8.27
C PRO A 987 -14.20 11.74 8.14
N GLU A 988 -13.58 12.20 9.23
CA GLU A 988 -12.17 12.52 9.23
C GLU A 988 -11.30 11.41 9.82
N ALA A 989 -11.89 10.54 10.66
CA ALA A 989 -11.10 9.50 11.31
C ALA A 989 -10.76 8.34 10.37
N GLU A 990 -11.65 8.02 9.42
CA GLU A 990 -11.43 6.85 8.57
C GLU A 990 -10.19 6.99 7.68
N VAL A 991 -9.76 8.21 7.38
CA VAL A 991 -8.53 8.39 6.61
C VAL A 991 -7.32 7.91 7.42
N GLN A 992 -7.23 8.31 8.69
CA GLN A 992 -6.12 7.88 9.53
C GLN A 992 -6.22 6.41 9.88
N ILE A 993 -7.45 5.90 10.06
CA ILE A 993 -7.64 4.46 10.27
C ILE A 993 -7.15 3.68 9.06
N ASP A 994 -7.50 4.14 7.85
CA ASP A 994 -7.06 3.47 6.64
C ASP A 994 -5.54 3.51 6.51
N ARG A 995 -4.93 4.65 6.83
CA ARG A 995 -3.47 4.77 6.76
C ARG A 995 -2.78 3.81 7.72
N LEU A 996 -3.23 3.77 8.98
CA LEU A 996 -2.60 2.89 9.95
C LEU A 996 -2.84 1.42 9.64
N ILE A 997 -4.05 1.06 9.20
CA ILE A 997 -4.33 -0.35 8.89
C ILE A 997 -3.54 -0.79 7.68
N THR A 998 -3.45 0.05 6.64
CA THR A 998 -2.65 -0.31 5.47
C THR A 998 -1.17 -0.41 5.82
N GLY A 999 -0.67 0.47 6.68
CA GLY A 999 0.72 0.37 7.09
C GLY A 999 1.03 -0.88 7.89
N ARG A 1000 0.16 -1.22 8.85
CA ARG A 1000 0.37 -2.43 9.63
C ARG A 1000 0.21 -3.68 8.78
N LEU A 1001 -0.72 -3.68 7.83
CA LEU A 1001 -0.89 -4.83 6.95
C LEU A 1001 0.28 -4.98 5.98
N GLN A 1002 0.87 -3.86 5.53
CA GLN A 1002 2.09 -3.94 4.73
C GLN A 1002 3.26 -4.49 5.55
N SER A 1003 3.37 -4.07 6.81
CA SER A 1003 4.41 -4.61 7.68
C SER A 1003 4.22 -6.10 7.90
N LEU A 1004 2.99 -6.54 8.13
CA LEU A 1004 2.70 -7.96 8.28
C LEU A 1004 2.96 -8.72 6.99
N GLN A 1005 2.69 -8.09 5.84
CA GLN A 1005 2.98 -8.70 4.55
C GLN A 1005 4.48 -8.92 4.35
N THR A 1006 5.30 -7.93 4.71
CA THR A 1006 6.74 -8.10 4.63
C THR A 1006 7.23 -9.17 5.59
N TYR A 1007 6.67 -9.20 6.81
CA TYR A 1007 7.06 -10.22 7.78
C TYR A 1007 6.69 -11.62 7.32
N VAL A 1008 5.48 -11.80 6.78
CA VAL A 1008 5.05 -13.13 6.36
C VAL A 1008 5.81 -13.55 5.11
N THR A 1009 6.20 -12.60 4.26
CA THR A 1009 7.04 -12.93 3.11
C THR A 1009 8.41 -13.42 3.56
N GLN A 1010 9.06 -12.68 4.47
CA GLN A 1010 10.38 -13.08 4.95
C GLN A 1010 10.32 -14.44 5.65
N GLN A 1011 9.39 -14.60 6.59
CA GLN A 1011 9.29 -15.87 7.31
C GLN A 1011 8.87 -17.01 6.39
N LEU A 1012 8.08 -16.72 5.37
CA LEU A 1012 7.52 -17.76 4.51
C LEU A 1012 8.54 -18.32 3.54
N ILE A 1013 9.25 -17.46 2.80
CA ILE A 1013 10.31 -18.03 1.96
C ILE A 1013 11.52 -18.46 2.79
N ARG A 1014 11.71 -17.93 3.99
CA ARG A 1014 12.71 -18.52 4.87
C ARG A 1014 12.31 -19.94 5.27
N ALA A 1015 11.02 -20.16 5.53
CA ALA A 1015 10.54 -21.51 5.80
C ALA A 1015 10.64 -22.41 4.57
N ALA A 1016 10.54 -21.83 3.37
CA ALA A 1016 10.81 -22.60 2.16
C ALA A 1016 12.27 -23.04 2.08
N GLU A 1017 13.19 -22.15 2.46
CA GLU A 1017 14.60 -22.53 2.50
C GLU A 1017 14.85 -23.60 3.57
N ILE A 1018 14.17 -23.49 4.71
CA ILE A 1018 14.24 -24.52 5.75
C ILE A 1018 13.63 -25.83 5.24
N ARG A 1019 12.61 -25.75 4.38
CA ARG A 1019 12.08 -26.94 3.72
C ARG A 1019 13.12 -27.58 2.81
N ALA A 1020 13.89 -26.77 2.08
CA ALA A 1020 14.96 -27.30 1.25
C ALA A 1020 16.02 -28.01 2.09
N SER A 1021 16.44 -27.39 3.18
CA SER A 1021 17.41 -28.02 4.08
C SER A 1021 16.82 -29.25 4.78
N ALA A 1022 15.51 -29.22 5.06
CA ALA A 1022 14.84 -30.36 5.68
C ALA A 1022 14.78 -31.54 4.73
N ASN A 1023 14.52 -31.28 3.46
CA ASN A 1023 14.54 -32.35 2.46
C ASN A 1023 15.95 -32.88 2.26
N LEU A 1024 16.97 -32.02 2.36
CA LEU A 1024 18.35 -32.50 2.34
C LEU A 1024 18.64 -33.41 3.52
N ALA A 1025 18.19 -33.03 4.71
CA ALA A 1025 18.41 -33.86 5.89
C ALA A 1025 17.62 -35.17 5.82
N ALA A 1026 16.41 -35.13 5.27
CA ALA A 1026 15.62 -36.34 5.10
C ALA A 1026 16.21 -37.24 4.04
N THR A 1027 16.89 -36.67 3.05
CA THR A 1027 17.71 -37.47 2.15
C THR A 1027 18.85 -38.13 2.92
N LYS A 1028 19.48 -37.39 3.85
CA LYS A 1028 20.50 -38.02 4.68
C LYS A 1028 19.93 -39.03 5.66
N MET A 1029 18.65 -38.90 6.05
CA MET A 1029 17.93 -40.01 6.67
C MET A 1029 17.72 -41.20 5.75
N SER A 1030 17.72 -41.02 4.44
CA SER A 1030 17.20 -42.04 3.54
C SER A 1030 18.20 -43.12 3.19
N GLU A 1031 19.47 -42.79 2.98
CA GLU A 1031 20.48 -43.80 2.65
C GLU A 1031 21.74 -43.73 3.51
N CYS A 1032 21.81 -42.83 4.49
CA CYS A 1032 22.93 -42.87 5.42
C CYS A 1032 22.55 -43.55 6.73
N VAL A 1033 21.30 -43.39 7.18
CA VAL A 1033 20.84 -44.12 8.35
C VAL A 1033 20.24 -45.47 7.96
N LEU A 1034 19.45 -45.53 6.90
CA LEU A 1034 18.77 -46.74 6.47
C LEU A 1034 19.57 -47.53 5.45
N GLY A 1035 20.84 -47.20 5.26
CA GLY A 1035 21.68 -47.92 4.33
C GLY A 1035 23.09 -47.37 4.27
N GLN A 1036 23.70 -47.42 3.08
CA GLN A 1036 25.05 -46.90 2.90
C GLN A 1036 25.08 -46.06 1.63
N SER A 1037 25.80 -44.95 1.67
CA SER A 1037 25.83 -43.99 0.57
C SER A 1037 27.15 -44.11 -0.18
N LYS A 1038 27.07 -44.26 -1.50
CA LYS A 1038 28.25 -44.26 -2.35
C LYS A 1038 28.63 -42.86 -2.84
N ARG A 1039 27.83 -41.84 -2.51
CA ARG A 1039 28.09 -40.50 -2.98
C ARG A 1039 29.24 -39.88 -2.21
N VAL A 1040 30.24 -39.38 -2.92
CA VAL A 1040 31.44 -38.83 -2.30
C VAL A 1040 31.14 -37.41 -1.80
N ASP A 1041 31.51 -37.15 -0.54
CA ASP A 1041 31.53 -35.86 0.16
C ASP A 1041 30.13 -35.38 0.52
N PHE A 1042 29.07 -36.03 0.04
CA PHE A 1042 27.71 -35.60 0.40
C PHE A 1042 27.34 -36.02 1.81
N CYS A 1043 27.74 -37.23 2.21
CA CYS A 1043 27.37 -37.75 3.53
C CYS A 1043 28.61 -38.00 4.37
N GLY A 1044 29.52 -37.03 4.38
CA GLY A 1044 30.74 -37.11 5.17
C GLY A 1044 31.98 -37.05 4.30
N LYS A 1045 33.05 -36.52 4.89
CA LYS A 1045 34.32 -36.37 4.19
C LYS A 1045 35.01 -37.73 4.15
N GLY A 1046 34.98 -38.36 2.97
CA GLY A 1046 35.56 -39.68 2.81
C GLY A 1046 34.52 -40.73 2.49
N TYR A 1047 34.88 -42.00 2.65
CA TYR A 1047 33.95 -43.10 2.39
C TYR A 1047 33.02 -43.26 3.59
N HIS A 1048 31.74 -43.03 3.37
CA HIS A 1048 30.75 -42.98 4.43
C HIS A 1048 30.48 -44.37 4.99
N LEU A 1049 30.42 -44.47 6.33
CA LEU A 1049 30.00 -45.72 6.99
C LEU A 1049 28.57 -45.67 7.50
N MET A 1050 28.29 -44.81 8.48
CA MET A 1050 26.92 -44.66 8.98
C MET A 1050 26.73 -43.19 9.31
N SER A 1051 25.57 -42.89 9.89
CA SER A 1051 25.31 -41.61 10.49
C SER A 1051 24.34 -41.82 11.65
N PHE A 1052 24.73 -41.33 12.82
CA PHE A 1052 23.90 -41.50 14.01
C PHE A 1052 23.09 -40.23 14.20
N PRO A 1053 21.77 -40.28 14.03
CA PRO A 1053 20.96 -39.07 14.22
C PRO A 1053 20.92 -38.65 15.68
N GLN A 1054 20.91 -37.34 15.90
CA GLN A 1054 20.77 -36.78 17.24
C GLN A 1054 19.85 -35.57 17.15
N SER A 1055 18.93 -35.45 18.11
CA SER A 1055 18.01 -34.33 18.09
C SER A 1055 18.72 -33.04 18.48
N ALA A 1056 18.08 -31.93 18.15
CA ALA A 1056 18.63 -30.61 18.37
C ALA A 1056 17.48 -29.62 18.42
N PRO A 1057 17.68 -28.43 19.03
CA PRO A 1057 16.62 -27.42 18.99
C PRO A 1057 16.42 -26.88 17.58
N HIS A 1058 15.29 -27.28 16.96
CA HIS A 1058 14.93 -26.90 15.60
C HIS A 1058 16.03 -27.28 14.60
N GLY A 1059 16.51 -28.51 14.71
CA GLY A 1059 17.54 -28.98 13.81
C GLY A 1059 17.88 -30.42 14.08
N VAL A 1060 18.77 -30.96 13.24
CA VAL A 1060 19.30 -32.31 13.38
C VAL A 1060 20.82 -32.22 13.32
N VAL A 1061 21.49 -32.86 14.28
CA VAL A 1061 22.95 -32.89 14.35
C VAL A 1061 23.40 -34.29 13.97
N PHE A 1062 24.34 -34.37 13.03
CA PHE A 1062 24.77 -35.63 12.45
C PHE A 1062 26.11 -36.06 13.03
N LEU A 1063 26.30 -37.37 13.15
CA LEU A 1063 27.60 -37.97 13.46
C LEU A 1063 28.02 -38.76 12.22
N HIS A 1064 28.63 -38.05 11.26
CA HIS A 1064 29.07 -38.67 10.00
C HIS A 1064 30.44 -39.30 10.23
N VAL A 1065 30.44 -40.58 10.56
CA VAL A 1065 31.67 -41.34 10.69
C VAL A 1065 32.08 -41.85 9.31
N THR A 1066 33.36 -41.70 8.98
CA THR A 1066 33.83 -41.91 7.62
C THR A 1066 35.14 -42.68 7.59
N TYR A 1067 35.38 -43.35 6.47
CA TYR A 1067 36.66 -43.99 6.19
C TYR A 1067 37.60 -42.97 5.57
N VAL A 1068 38.74 -42.73 6.21
CA VAL A 1068 39.71 -41.77 5.69
C VAL A 1068 41.07 -42.47 5.57
N PRO A 1069 41.54 -42.75 4.37
CA PRO A 1069 42.85 -43.40 4.23
C PRO A 1069 44.00 -42.42 4.34
N ALA A 1070 45.17 -42.96 4.69
CA ALA A 1070 46.39 -42.17 4.83
C ALA A 1070 47.59 -43.10 4.65
N GLN A 1071 48.78 -42.52 4.79
CA GLN A 1071 50.07 -43.23 4.71
C GLN A 1071 50.22 -43.94 3.36
N GLU A 1072 50.28 -43.13 2.31
CA GLU A 1072 50.36 -43.63 0.94
C GLU A 1072 51.79 -44.07 0.61
N LYS A 1073 51.89 -44.98 -0.36
CA LYS A 1073 53.18 -45.45 -0.85
C LYS A 1073 53.14 -45.56 -2.37
N ASN A 1074 54.28 -45.25 -2.99
CA ASN A 1074 54.41 -45.37 -4.43
C ASN A 1074 54.54 -46.84 -4.84
N PHE A 1075 53.87 -47.21 -5.93
CA PHE A 1075 53.94 -48.57 -6.45
C PHE A 1075 53.83 -48.52 -7.97
N THR A 1076 54.09 -49.66 -8.61
CA THR A 1076 54.11 -49.78 -10.06
C THR A 1076 52.99 -50.71 -10.51
N THR A 1077 52.22 -50.25 -11.50
CA THR A 1077 51.07 -50.99 -12.00
C THR A 1077 51.20 -51.23 -13.49
N ALA A 1078 50.39 -52.15 -13.99
CA ALA A 1078 50.26 -52.45 -15.41
C ALA A 1078 48.81 -52.78 -15.70
N PRO A 1079 48.32 -52.48 -16.91
CA PRO A 1079 46.92 -52.81 -17.24
C PRO A 1079 46.60 -54.29 -17.19
N ALA A 1080 47.55 -55.16 -17.55
CA ALA A 1080 47.29 -56.59 -17.62
C ALA A 1080 48.61 -57.34 -17.53
N ILE A 1081 48.51 -58.67 -17.43
CA ILE A 1081 49.65 -59.57 -17.52
C ILE A 1081 49.38 -60.59 -18.62
N CYS A 1082 50.36 -60.74 -19.53
CA CYS A 1082 50.32 -61.78 -20.54
C CYS A 1082 50.93 -63.06 -19.98
N HIS A 1083 50.12 -64.11 -19.89
CA HIS A 1083 50.60 -65.44 -19.56
C HIS A 1083 50.06 -66.41 -20.61
N ASP A 1084 50.97 -67.22 -21.17
CA ASP A 1084 50.65 -68.20 -22.21
C ASP A 1084 49.99 -67.54 -23.43
N GLY A 1085 50.45 -66.33 -23.76
CA GLY A 1085 49.92 -65.62 -24.91
C GLY A 1085 48.54 -65.03 -24.70
N LYS A 1086 48.06 -64.95 -23.46
CA LYS A 1086 46.73 -64.45 -23.15
C LYS A 1086 46.84 -63.34 -22.13
N ALA A 1087 46.17 -62.22 -22.39
CA ALA A 1087 46.13 -61.12 -21.43
C ALA A 1087 45.26 -61.49 -20.25
N HIS A 1088 45.69 -61.07 -19.06
CA HIS A 1088 44.97 -61.37 -17.81
C HIS A 1088 44.62 -60.07 -17.13
N PHE A 1089 43.33 -59.87 -16.89
CA PHE A 1089 42.74 -58.66 -16.34
C PHE A 1089 42.41 -58.85 -14.87
N PRO A 1090 42.36 -57.77 -14.08
CA PRO A 1090 42.02 -57.93 -12.66
C PRO A 1090 40.53 -58.23 -12.49
N ARG A 1091 40.24 -59.37 -11.86
CA ARG A 1091 38.85 -59.65 -11.46
C ARG A 1091 38.40 -58.64 -10.41
N GLU A 1092 39.27 -58.35 -9.44
CA GLU A 1092 39.05 -57.29 -8.47
C GLU A 1092 40.39 -56.66 -8.15
N GLY A 1093 40.34 -55.40 -7.70
CA GLY A 1093 41.57 -54.76 -7.28
C GLY A 1093 42.48 -54.34 -8.43
N VAL A 1094 43.70 -53.95 -8.07
CA VAL A 1094 44.66 -53.37 -9.00
C VAL A 1094 45.89 -54.26 -9.05
N PHE A 1095 46.40 -54.50 -10.26
CA PHE A 1095 47.64 -55.25 -10.43
C PHE A 1095 48.81 -54.37 -9.97
N VAL A 1096 49.43 -54.75 -8.86
CA VAL A 1096 50.36 -53.88 -8.12
C VAL A 1096 51.64 -54.65 -7.84
N SER A 1097 52.72 -54.10 -8.35
CA SER A 1097 54.01 -54.81 -8.24
C SER A 1097 54.97 -53.99 -7.42
N ASN A 1098 55.70 -54.62 -6.52
CA ASN A 1098 56.75 -53.84 -5.84
C ASN A 1098 58.07 -54.48 -6.25
N GLY A 1099 58.93 -53.74 -6.92
CA GLY A 1099 60.13 -54.43 -7.38
C GLY A 1099 59.71 -55.56 -8.29
N THR A 1100 60.02 -56.81 -7.91
CA THR A 1100 59.74 -57.96 -8.81
C THR A 1100 58.40 -58.65 -8.59
N HIS A 1101 58.06 -58.98 -7.36
CA HIS A 1101 56.83 -59.80 -7.19
C HIS A 1101 55.63 -59.00 -7.68
N TRP A 1102 54.88 -59.59 -8.61
CA TRP A 1102 53.65 -58.93 -9.10
C TRP A 1102 52.48 -59.43 -8.25
N PHE A 1103 51.64 -58.53 -7.74
CA PHE A 1103 50.51 -58.84 -6.87
C PHE A 1103 49.26 -58.14 -7.38
N VAL A 1104 48.11 -58.63 -6.93
CA VAL A 1104 46.84 -57.95 -7.14
C VAL A 1104 46.28 -57.58 -5.77
N THR A 1105 45.77 -56.36 -5.64
CA THR A 1105 45.26 -55.87 -4.36
C THR A 1105 44.22 -54.79 -4.60
N GLN A 1106 43.31 -54.64 -3.64
CA GLN A 1106 42.26 -53.65 -3.75
C GLN A 1106 42.81 -52.24 -3.61
N ARG A 1107 42.07 -51.28 -4.15
CA ARG A 1107 42.58 -49.92 -4.27
C ARG A 1107 42.53 -49.13 -2.97
N ASN A 1108 41.71 -49.53 -2.01
CA ASN A 1108 41.52 -48.76 -0.78
C ASN A 1108 42.28 -49.30 0.42
N PHE A 1109 43.00 -50.41 0.27
CA PHE A 1109 43.79 -50.95 1.36
C PHE A 1109 44.90 -51.82 0.79
N TYR A 1110 46.04 -51.86 1.47
CA TYR A 1110 47.19 -52.62 1.00
C TYR A 1110 47.13 -54.02 1.61
N GLU A 1111 46.46 -54.93 0.91
CA GLU A 1111 46.44 -56.35 1.27
C GLU A 1111 46.92 -57.14 0.06
N PRO A 1112 48.20 -57.57 0.04
CA PRO A 1112 48.73 -58.23 -1.16
C PRO A 1112 48.37 -59.71 -1.19
N GLN A 1113 47.86 -60.17 -2.33
CA GLN A 1113 47.69 -61.59 -2.60
C GLN A 1113 48.47 -61.96 -3.86
N ILE A 1114 48.94 -63.21 -3.90
CA ILE A 1114 49.74 -63.68 -5.03
C ILE A 1114 48.84 -63.84 -6.25
N ILE A 1115 49.42 -63.67 -7.43
CA ILE A 1115 48.67 -63.80 -8.68
C ILE A 1115 48.26 -65.25 -8.88
N THR A 1116 46.95 -65.49 -8.95
CA THR A 1116 46.41 -66.83 -9.07
C THR A 1116 45.16 -66.74 -9.94
N THR A 1117 44.87 -67.81 -10.69
CA THR A 1117 43.80 -67.77 -11.67
C THR A 1117 42.41 -67.65 -11.05
N ASP A 1118 42.26 -67.91 -9.75
CA ASP A 1118 40.94 -67.79 -9.12
C ASP A 1118 40.51 -66.33 -9.00
N ASN A 1119 41.44 -65.43 -8.71
CA ASN A 1119 41.14 -64.01 -8.62
C ASN A 1119 41.62 -63.23 -9.85
N THR A 1120 41.93 -63.93 -10.94
CA THR A 1120 42.41 -63.31 -12.16
C THR A 1120 41.48 -63.67 -13.31
N PHE A 1121 41.14 -62.68 -14.13
CA PHE A 1121 40.22 -62.85 -15.25
C PHE A 1121 40.99 -62.73 -16.55
N VAL A 1122 40.74 -63.65 -17.48
CA VAL A 1122 41.47 -63.72 -18.75
C VAL A 1122 40.54 -63.32 -19.89
N SER A 1123 41.05 -62.53 -20.83
CA SER A 1123 40.26 -62.07 -21.96
C SER A 1123 41.18 -61.75 -23.13
N GLY A 1124 41.24 -62.65 -24.11
CA GLY A 1124 41.94 -62.38 -25.34
C GLY A 1124 43.45 -62.47 -25.23
N ASN A 1125 44.11 -62.13 -26.34
CA ASN A 1125 45.56 -62.17 -26.44
C ASN A 1125 46.16 -60.90 -25.85
N CYS A 1126 47.49 -60.87 -25.77
CA CYS A 1126 48.23 -59.81 -25.10
C CYS A 1126 49.00 -58.92 -26.05
N ASP A 1127 48.44 -58.63 -27.23
CA ASP A 1127 49.11 -57.74 -28.18
C ASP A 1127 48.34 -56.46 -28.47
N VAL A 1128 47.01 -56.48 -28.32
CA VAL A 1128 46.22 -55.30 -28.62
C VAL A 1128 46.39 -54.23 -27.54
N VAL A 1129 46.60 -54.65 -26.30
CA VAL A 1129 46.68 -53.71 -25.18
C VAL A 1129 48.11 -53.27 -24.99
N ILE A 1130 48.31 -51.98 -24.73
CA ILE A 1130 49.63 -51.44 -24.44
C ILE A 1130 49.90 -51.52 -22.95
N GLY A 1131 51.18 -51.59 -22.58
CA GLY A 1131 51.58 -51.57 -21.19
C GLY A 1131 51.54 -52.90 -20.46
N ILE A 1132 51.35 -54.00 -21.17
CA ILE A 1132 51.26 -55.31 -20.53
C ILE A 1132 52.65 -55.76 -20.08
N VAL A 1133 52.72 -56.33 -18.89
CA VAL A 1133 53.91 -57.02 -18.42
C VAL A 1133 53.64 -58.52 -18.50
N ASN A 1134 54.66 -59.32 -18.24
CA ASN A 1134 54.53 -60.77 -18.27
C ASN A 1134 55.26 -61.43 -17.11
N ASN A 1135 54.58 -62.38 -16.47
CA ASN A 1135 55.06 -63.07 -15.29
C ASN A 1135 54.27 -64.36 -15.13
N THR A 1136 54.72 -65.21 -14.21
CA THR A 1136 54.09 -66.51 -14.01
C THR A 1136 52.78 -66.35 -13.25
N VAL A 1137 51.68 -66.77 -13.86
CA VAL A 1137 50.37 -66.79 -13.21
C VAL A 1137 50.14 -68.21 -12.69
N TYR A 1138 49.93 -68.34 -11.38
CA TYR A 1138 49.88 -69.63 -10.73
C TYR A 1138 48.46 -70.21 -10.76
N ASP A 1139 48.38 -71.55 -10.74
CA ASP A 1139 47.13 -72.29 -10.66
C ASP A 1139 47.01 -72.97 -9.31
N PRO A 1140 45.81 -73.03 -8.72
CA PRO A 1140 45.66 -73.77 -7.46
C PRO A 1140 45.59 -75.27 -7.65
N LEU A 1141 45.40 -75.73 -8.89
CA LEU A 1141 45.07 -77.14 -9.13
C LEU A 1141 46.32 -77.99 -9.35
N GLN A 1142 47.29 -77.46 -10.09
CA GLN A 1142 48.51 -78.20 -10.44
C GLN A 1142 49.34 -78.61 -9.22
N PRO A 1143 49.59 -77.74 -8.21
CA PRO A 1143 50.22 -78.26 -6.98
C PRO A 1143 49.36 -79.27 -6.24
N GLU A 1144 48.03 -79.15 -6.31
CA GLU A 1144 47.16 -80.10 -5.63
C GLU A 1144 47.21 -81.46 -6.29
N LEU A 1145 47.25 -81.49 -7.62
CA LEU A 1145 47.26 -82.75 -8.37
C LEU A 1145 48.62 -83.44 -8.24
N GLN B 14 -61.71 8.72 24.23
CA GLN B 14 -62.19 8.14 25.47
C GLN B 14 -61.70 6.71 25.64
N CYS B 15 -61.26 6.37 26.84
CA CYS B 15 -60.79 5.03 27.17
C CYS B 15 -61.38 4.61 28.50
N VAL B 16 -61.40 3.30 28.74
CA VAL B 16 -61.95 2.73 29.97
C VAL B 16 -61.12 1.52 30.35
N ASN B 17 -61.02 1.24 31.65
CA ASN B 17 -60.35 0.05 32.12
C ASN B 17 -61.15 -1.19 31.74
N LEU B 18 -60.44 -2.28 31.45
CA LEU B 18 -61.09 -3.55 31.12
C LEU B 18 -61.14 -4.43 32.36
N THR B 19 -62.32 -4.97 32.65
CA THR B 19 -62.55 -5.77 33.84
C THR B 19 -62.17 -7.23 33.57
N THR B 20 -62.52 -8.12 34.52
CA THR B 20 -62.28 -9.57 34.59
C THR B 20 -60.90 -10.01 34.12
N ARG B 21 -59.88 -9.21 34.43
CA ARG B 21 -58.52 -9.47 33.97
C ARG B 21 -57.88 -10.55 34.83
N THR B 22 -57.32 -11.57 34.17
CA THR B 22 -56.66 -12.67 34.86
C THR B 22 -55.14 -12.51 34.71
N GLN B 23 -54.44 -12.63 35.83
CA GLN B 23 -52.99 -12.48 35.86
C GLN B 23 -52.32 -13.85 35.84
N LEU B 24 -51.45 -14.06 34.86
CA LEU B 24 -50.66 -15.28 34.72
C LEU B 24 -49.28 -14.88 34.22
N PRO B 25 -48.22 -15.55 34.66
CA PRO B 25 -46.88 -15.20 34.19
C PRO B 25 -46.68 -15.59 32.73
N PRO B 26 -45.98 -14.77 31.95
CA PRO B 26 -45.75 -15.11 30.55
C PRO B 26 -44.68 -16.17 30.39
N ALA B 27 -44.63 -16.73 29.19
CA ALA B 27 -43.67 -17.77 28.84
C ALA B 27 -42.58 -17.20 27.95
N TYR B 28 -41.45 -17.89 27.93
CA TYR B 28 -40.30 -17.53 27.12
C TYR B 28 -39.91 -18.74 26.28
N THR B 29 -39.77 -18.53 24.97
CA THR B 29 -39.41 -19.58 24.04
C THR B 29 -38.36 -19.05 23.08
N ASN B 30 -37.70 -19.97 22.40
CA ASN B 30 -36.65 -19.63 21.47
C ASN B 30 -37.16 -19.59 20.03
N SER B 31 -36.66 -18.61 19.27
CA SER B 31 -37.05 -18.43 17.87
C SER B 31 -36.10 -19.21 16.99
N PHE B 32 -36.63 -20.19 16.25
CA PHE B 32 -35.85 -21.02 15.36
C PHE B 32 -35.56 -20.25 14.07
N THR B 33 -34.47 -19.47 14.10
CA THR B 33 -33.92 -18.73 12.95
C THR B 33 -34.94 -17.82 12.28
N ARG B 34 -35.43 -16.86 13.07
CA ARG B 34 -36.41 -15.89 12.60
C ARG B 34 -35.91 -14.48 12.88
N GLY B 35 -36.35 -13.52 12.07
CA GLY B 35 -36.05 -12.12 12.29
C GLY B 35 -34.99 -11.51 11.40
N VAL B 36 -34.55 -12.21 10.35
CA VAL B 36 -33.52 -11.70 9.45
C VAL B 36 -34.22 -11.10 8.22
N TYR B 37 -33.61 -10.06 7.65
CA TYR B 37 -34.21 -9.33 6.54
C TYR B 37 -33.15 -9.09 5.46
N TYR B 38 -33.55 -8.40 4.40
CA TYR B 38 -32.63 -8.01 3.35
C TYR B 38 -31.92 -6.71 3.73
N PRO B 39 -30.59 -6.68 3.82
CA PRO B 39 -29.91 -5.45 4.22
C PRO B 39 -29.81 -4.41 3.12
N ASP B 40 -29.91 -4.80 1.86
CA ASP B 40 -29.75 -3.86 0.75
C ASP B 40 -30.68 -4.22 -0.39
N LYS B 41 -30.92 -3.25 -1.28
CA LYS B 41 -31.92 -3.48 -2.35
C LYS B 41 -31.23 -3.83 -3.66
N VAL B 42 -29.91 -3.94 -3.68
CA VAL B 42 -29.24 -4.34 -4.91
C VAL B 42 -29.34 -5.86 -5.08
N PHE B 43 -29.52 -6.29 -6.33
CA PHE B 43 -29.81 -7.69 -6.63
C PHE B 43 -28.52 -8.51 -6.73
N ARG B 44 -28.56 -9.67 -6.11
CA ARG B 44 -27.41 -10.54 -6.31
C ARG B 44 -27.96 -11.91 -6.49
N SER B 45 -27.13 -12.91 -6.68
CA SER B 45 -27.53 -14.30 -6.86
C SER B 45 -26.32 -15.22 -6.74
N SER B 46 -26.53 -16.36 -6.08
CA SER B 46 -25.55 -17.44 -5.92
C SER B 46 -24.24 -16.97 -5.27
N VAL B 47 -24.35 -16.04 -4.32
CA VAL B 47 -23.18 -15.52 -3.61
C VAL B 47 -23.48 -15.51 -2.12
N LEU B 48 -22.42 -15.40 -1.33
CA LEU B 48 -22.51 -15.31 0.12
C LEU B 48 -22.07 -13.92 0.55
N HIS B 49 -22.93 -13.23 1.31
CA HIS B 49 -22.68 -11.85 1.71
C HIS B 49 -22.67 -11.73 3.23
N SER B 50 -21.61 -11.11 3.75
CA SER B 50 -21.48 -10.87 5.18
C SER B 50 -21.94 -9.46 5.49
N THR B 51 -22.71 -9.30 6.57
CA THR B 51 -23.25 -7.99 6.92
C THR B 51 -23.23 -7.79 8.42
N GLN B 52 -23.18 -6.51 8.80
CA GLN B 52 -23.19 -6.05 10.19
C GLN B 52 -24.37 -5.10 10.35
N ASP B 53 -25.41 -5.54 11.05
CA ASP B 53 -26.59 -4.73 11.27
C ASP B 53 -27.30 -5.24 12.52
N LEU B 54 -28.34 -4.53 12.92
CA LEU B 54 -29.12 -4.92 14.10
C LEU B 54 -29.98 -6.12 13.75
N PHE B 55 -29.68 -7.26 14.39
CA PHE B 55 -30.36 -8.51 14.12
C PHE B 55 -30.69 -9.23 15.42
N LEU B 56 -31.78 -9.97 15.42
CA LEU B 56 -32.11 -10.81 16.57
C LEU B 56 -31.27 -12.08 16.53
N PRO B 57 -30.51 -12.37 17.57
CA PRO B 57 -29.66 -13.57 17.58
C PRO B 57 -30.49 -14.84 17.64
N PHE B 58 -29.95 -15.91 17.06
CA PHE B 58 -30.65 -17.18 16.98
C PHE B 58 -30.81 -17.81 18.36
N PHE B 59 -31.95 -18.48 18.54
CA PHE B 59 -32.32 -19.20 19.77
C PHE B 59 -32.34 -18.27 20.99
N SER B 60 -33.00 -17.13 20.83
CA SER B 60 -33.09 -16.14 21.90
C SER B 60 -34.49 -16.13 22.49
N ASN B 61 -34.58 -15.62 23.71
CA ASN B 61 -35.85 -15.60 24.44
C ASN B 61 -36.78 -14.54 23.86
N VAL B 62 -37.93 -14.96 23.35
CA VAL B 62 -38.98 -14.05 22.93
C VAL B 62 -40.19 -14.27 23.84
N THR B 63 -41.03 -13.26 23.94
CA THR B 63 -42.12 -13.27 24.90
C THR B 63 -43.37 -13.89 24.29
N TRP B 64 -43.74 -15.07 24.78
CA TRP B 64 -44.98 -15.76 24.38
C TRP B 64 -46.17 -15.04 25.02
N PHE B 65 -46.79 -14.15 24.25
CA PHE B 65 -48.01 -13.51 24.72
C PHE B 65 -49.20 -14.12 23.97
N HIS B 66 -50.23 -14.53 24.69
CA HIS B 66 -51.35 -15.19 24.04
C HIS B 66 -52.63 -14.97 24.84
N ALA B 67 -53.75 -15.18 24.16
CA ALA B 67 -55.09 -15.09 24.73
C ALA B 67 -55.72 -16.48 24.80
N ILE B 68 -56.98 -16.51 25.20
CA ILE B 68 -57.73 -17.76 25.29
C ILE B 68 -58.09 -18.27 23.90
N THR B 76 -58.96 -18.47 32.05
CA THR B 76 -59.82 -17.78 31.10
C THR B 76 -59.64 -16.27 31.18
N LYS B 77 -60.20 -15.58 30.17
CA LYS B 77 -60.13 -14.11 30.02
C LYS B 77 -58.70 -13.60 30.03
N ARG B 78 -57.82 -14.28 29.30
CA ARG B 78 -56.42 -13.91 29.22
C ARG B 78 -56.27 -12.78 28.21
N PHE B 79 -55.97 -11.58 28.71
CA PHE B 79 -55.75 -10.41 27.86
C PHE B 79 -54.48 -9.72 28.33
N ASP B 80 -53.57 -9.44 27.39
CA ASP B 80 -52.33 -8.76 27.76
C ASP B 80 -51.81 -7.91 26.60
N ASN B 81 -51.31 -6.72 26.95
CA ASN B 81 -50.70 -5.76 26.04
C ASN B 81 -49.80 -4.79 26.80
N PRO B 82 -48.68 -5.25 27.35
CA PRO B 82 -47.87 -4.39 28.22
C PRO B 82 -47.03 -3.42 27.41
N VAL B 83 -46.47 -2.44 28.12
CA VAL B 83 -45.56 -1.47 27.53
C VAL B 83 -44.14 -1.99 27.68
N LEU B 84 -43.47 -2.19 26.55
CA LEU B 84 -42.14 -2.76 26.52
C LEU B 84 -41.12 -1.70 26.12
N PRO B 85 -39.87 -1.81 26.58
CA PRO B 85 -38.82 -0.94 26.04
C PRO B 85 -38.49 -1.31 24.60
N PHE B 86 -38.06 -0.32 23.83
CA PHE B 86 -37.79 -0.55 22.42
C PHE B 86 -36.46 -1.28 22.22
N ASN B 87 -35.38 -0.71 22.78
CA ASN B 87 -34.03 -1.29 22.78
C ASN B 87 -33.53 -1.56 21.35
N ASP B 88 -33.35 -0.45 20.61
CA ASP B 88 -32.82 -0.27 19.25
C ASP B 88 -33.11 -1.41 18.27
N GLY B 89 -34.39 -1.83 18.21
CA GLY B 89 -34.82 -2.82 17.26
C GLY B 89 -35.77 -3.85 17.85
N VAL B 90 -36.92 -4.04 17.21
CA VAL B 90 -37.95 -4.95 17.71
C VAL B 90 -38.36 -5.89 16.58
N TYR B 91 -38.27 -7.20 16.83
CA TYR B 91 -38.84 -8.20 15.94
C TYR B 91 -40.15 -8.68 16.53
N PHE B 92 -41.19 -8.72 15.69
CA PHE B 92 -42.53 -9.09 16.09
C PHE B 92 -43.00 -10.26 15.23
N ALA B 93 -43.72 -11.17 15.84
CA ALA B 93 -44.34 -12.28 15.11
C ALA B 93 -45.73 -12.50 15.66
N SER B 94 -46.62 -13.01 14.80
CA SER B 94 -47.99 -13.22 15.24
C SER B 94 -48.58 -14.41 14.50
N THR B 95 -49.21 -15.32 15.24
CA THR B 95 -49.99 -16.39 14.66
C THR B 95 -51.44 -15.93 14.60
N GLU B 96 -51.95 -15.79 13.38
CA GLU B 96 -53.22 -15.11 13.13
C GLU B 96 -54.25 -16.08 12.59
N LYS B 97 -55.47 -15.97 13.12
CA LYS B 97 -56.62 -16.73 12.67
C LYS B 97 -57.75 -15.85 12.17
N SER B 98 -58.13 -14.82 12.93
CA SER B 98 -59.33 -14.04 12.63
C SER B 98 -59.06 -12.54 12.79
N ASN B 99 -57.86 -12.11 12.34
CA ASN B 99 -57.47 -10.69 12.23
C ASN B 99 -57.53 -9.97 13.57
N ILE B 100 -56.68 -10.42 14.50
CA ILE B 100 -56.62 -9.83 15.83
C ILE B 100 -55.56 -8.74 15.92
N ILE B 101 -54.36 -9.01 15.41
CA ILE B 101 -53.29 -8.04 15.43
C ILE B 101 -53.57 -6.96 14.38
N ARG B 102 -53.75 -5.72 14.85
CA ARG B 102 -54.12 -4.62 13.96
C ARG B 102 -53.06 -3.55 13.84
N GLY B 103 -52.10 -3.48 14.75
CA GLY B 103 -51.07 -2.47 14.66
C GLY B 103 -50.29 -2.35 15.95
N TRP B 104 -49.45 -1.32 15.99
CA TRP B 104 -48.57 -1.06 17.13
C TRP B 104 -48.50 0.44 17.38
N ILE B 105 -48.00 0.80 18.56
CA ILE B 105 -47.68 2.18 18.90
C ILE B 105 -46.25 2.24 19.44
N PHE B 106 -45.53 3.29 19.03
CA PHE B 106 -44.16 3.54 19.38
C PHE B 106 -44.05 4.96 19.93
N GLY B 107 -43.09 5.19 20.80
CA GLY B 107 -42.89 6.52 21.33
C GLY B 107 -41.81 6.56 22.38
N THR B 108 -41.86 7.61 23.19
CA THR B 108 -40.95 7.80 24.32
C THR B 108 -41.69 7.84 25.65
N THR B 109 -42.70 8.71 25.78
CA THR B 109 -43.46 8.84 27.02
C THR B 109 -44.91 8.43 26.89
N LEU B 110 -45.46 8.42 25.67
CA LEU B 110 -46.83 7.99 25.35
C LEU B 110 -47.89 8.79 26.11
N ASP B 111 -47.63 10.08 26.33
CA ASP B 111 -48.55 10.92 27.08
C ASP B 111 -48.65 12.32 26.48
N SER B 112 -48.48 12.42 25.15
CA SER B 112 -48.49 13.63 24.32
C SER B 112 -47.39 14.63 24.69
N LYS B 113 -46.40 14.24 25.51
CA LYS B 113 -45.29 15.13 25.78
C LYS B 113 -44.20 15.00 24.73
N THR B 114 -44.01 13.81 24.17
CA THR B 114 -43.04 13.54 23.14
C THR B 114 -43.75 13.12 21.86
N GLN B 115 -42.97 12.94 20.81
CA GLN B 115 -43.53 12.56 19.51
C GLN B 115 -43.83 11.07 19.51
N SER B 116 -44.99 10.69 18.94
CA SER B 116 -45.44 9.30 18.96
C SER B 116 -45.75 8.83 17.55
N LEU B 117 -45.60 7.52 17.34
CA LEU B 117 -45.89 6.86 16.07
C LEU B 117 -46.98 5.82 16.29
N LEU B 118 -47.94 5.77 15.38
CA LEU B 118 -49.07 4.86 15.48
C LEU B 118 -49.27 4.18 14.13
N ILE B 119 -49.31 2.85 14.13
CA ILE B 119 -49.66 2.07 12.96
C ILE B 119 -50.89 1.25 13.30
N VAL B 120 -51.96 1.42 12.53
CA VAL B 120 -53.21 0.73 12.80
C VAL B 120 -53.80 0.27 11.48
N ASN B 121 -54.56 -0.83 11.52
CA ASN B 121 -55.27 -1.35 10.37
C ASN B 121 -56.74 -1.32 10.82
N ASN B 122 -57.46 -0.25 10.45
CA ASN B 122 -58.85 -0.12 10.82
C ASN B 122 -59.72 -0.84 9.78
N ALA B 123 -61.03 -0.62 9.83
CA ALA B 123 -62.00 -1.44 9.12
C ALA B 123 -61.89 -1.37 7.60
N THR B 124 -61.27 -0.33 7.05
CA THR B 124 -61.15 -0.23 5.60
C THR B 124 -59.78 0.21 5.10
N ASN B 125 -58.89 0.72 5.94
CA ASN B 125 -57.60 1.21 5.47
C ASN B 125 -56.51 0.89 6.49
N VAL B 126 -55.29 1.29 6.15
CA VAL B 126 -54.14 1.19 7.04
C VAL B 126 -53.61 2.60 7.26
N VAL B 127 -53.55 3.02 8.53
CA VAL B 127 -53.22 4.39 8.88
C VAL B 127 -51.90 4.40 9.66
N ILE B 128 -50.95 5.20 9.21
CA ILE B 128 -49.70 5.43 9.91
C ILE B 128 -49.61 6.93 10.22
N LYS B 129 -49.63 7.27 11.50
CA LYS B 129 -49.64 8.65 11.94
C LYS B 129 -48.52 8.90 12.93
N VAL B 130 -47.68 9.89 12.64
CA VAL B 130 -46.69 10.38 13.58
C VAL B 130 -47.22 11.71 14.10
N CYS B 131 -47.63 11.71 15.36
CA CYS B 131 -48.31 12.83 15.99
C CYS B 131 -48.11 12.73 17.50
N GLU B 132 -48.59 13.75 18.21
CA GLU B 132 -48.50 13.78 19.67
C GLU B 132 -49.83 13.32 20.28
N PHE B 133 -50.10 12.03 20.14
CA PHE B 133 -51.29 11.44 20.73
C PHE B 133 -51.07 11.15 22.21
N GLN B 134 -52.17 11.16 22.96
CA GLN B 134 -52.19 10.74 24.34
C GLN B 134 -52.87 9.37 24.43
N PHE B 135 -52.27 8.46 25.17
CA PHE B 135 -52.68 7.06 25.16
C PHE B 135 -53.13 6.62 26.55
N CYS B 136 -54.13 5.75 26.56
CA CYS B 136 -54.54 5.08 27.79
C CYS B 136 -53.74 3.78 27.94
N ASN B 137 -53.96 3.08 29.06
CA ASN B 137 -53.16 1.90 29.36
C ASN B 137 -53.59 0.69 28.52
N ASP B 138 -54.86 0.63 28.13
CA ASP B 138 -55.41 -0.54 27.42
C ASP B 138 -56.12 -0.10 26.15
N PRO B 139 -55.39 0.04 25.05
CA PRO B 139 -56.04 0.34 23.76
C PRO B 139 -56.58 -0.92 23.12
N PHE B 140 -57.73 -0.78 22.45
CA PHE B 140 -58.35 -1.95 21.83
C PHE B 140 -59.21 -1.56 20.64
N LEU B 141 -59.38 -2.53 19.74
CA LEU B 141 -60.30 -2.47 18.62
C LEU B 141 -61.42 -3.48 18.89
N GLY B 142 -62.66 -2.99 18.94
CA GLY B 142 -63.79 -3.81 19.30
C GLY B 142 -64.62 -4.23 18.10
N VAL B 143 -64.74 -5.53 17.91
CA VAL B 143 -65.55 -6.13 16.86
C VAL B 143 -66.82 -6.67 17.51
N TYR B 144 -67.97 -6.33 16.94
CA TYR B 144 -69.26 -6.74 17.47
C TYR B 144 -69.91 -7.74 16.55
N TYR B 145 -70.51 -8.78 17.14
CA TYR B 145 -71.19 -9.83 16.39
C TYR B 145 -72.65 -9.88 16.81
N HIS B 146 -73.54 -10.01 15.82
CA HIS B 146 -74.97 -9.98 16.05
C HIS B 146 -75.58 -11.36 15.90
N LYS B 147 -76.66 -11.61 16.63
CA LYS B 147 -77.35 -12.89 16.56
C LYS B 147 -78.21 -13.00 15.30
N ASN B 148 -78.85 -11.90 14.91
CA ASN B 148 -79.83 -11.96 13.82
C ASN B 148 -79.18 -12.11 12.46
N ASN B 149 -78.06 -11.43 12.22
CA ASN B 149 -77.31 -11.56 10.99
C ASN B 149 -75.90 -12.03 11.30
N LYS B 150 -75.35 -12.87 10.42
CA LYS B 150 -74.06 -13.51 10.68
C LYS B 150 -72.88 -12.60 10.35
N SER B 151 -73.12 -11.39 9.85
CA SER B 151 -72.03 -10.50 9.46
C SER B 151 -71.31 -9.94 10.69
N TRP B 152 -69.98 -9.85 10.58
CA TRP B 152 -69.15 -9.25 11.61
C TRP B 152 -68.75 -7.84 11.15
N MET B 153 -69.05 -6.84 11.97
CA MET B 153 -68.79 -5.45 11.63
C MET B 153 -67.96 -4.80 12.73
N GLU B 154 -66.97 -4.01 12.31
CA GLU B 154 -66.14 -3.28 13.27
C GLU B 154 -66.95 -2.15 13.91
N SER B 155 -66.82 -2.02 15.22
CA SER B 155 -67.65 -1.05 15.93
C SER B 155 -66.86 -0.08 16.80
N GLU B 156 -65.78 -0.53 17.42
CA GLU B 156 -65.09 0.24 18.46
C GLU B 156 -63.63 0.41 18.11
N PHE B 157 -63.07 1.57 18.46
CA PHE B 157 -61.68 1.91 18.13
C PHE B 157 -61.19 2.90 19.17
N ARG B 158 -60.41 2.43 20.16
CA ARG B 158 -59.87 3.33 21.19
C ARG B 158 -58.38 3.03 21.37
N VAL B 159 -57.53 3.86 20.74
CA VAL B 159 -56.10 3.85 21.00
C VAL B 159 -55.59 5.19 21.50
N TYR B 160 -56.10 6.31 20.96
CA TYR B 160 -55.70 7.64 21.42
C TYR B 160 -56.90 8.38 21.98
N SER B 161 -56.66 9.16 23.02
CA SER B 161 -57.74 9.93 23.63
C SER B 161 -58.15 11.11 22.76
N SER B 162 -57.20 11.86 22.22
CA SER B 162 -57.48 13.02 21.42
C SER B 162 -56.32 13.23 20.45
N ALA B 163 -56.37 14.33 19.69
CA ALA B 163 -55.37 14.66 18.70
C ALA B 163 -54.68 15.97 19.07
N ASN B 164 -53.52 16.19 18.46
CA ASN B 164 -52.70 17.37 18.72
C ASN B 164 -52.01 17.76 17.42
N ASN B 165 -50.93 18.54 17.53
CA ASN B 165 -50.19 19.02 16.36
C ASN B 165 -49.47 17.88 15.64
N CYS B 166 -50.03 17.46 14.51
CA CYS B 166 -49.57 16.27 13.81
C CYS B 166 -48.47 16.61 12.82
N THR B 167 -47.52 15.68 12.67
CA THR B 167 -46.37 15.86 11.80
C THR B 167 -46.41 15.01 10.54
N PHE B 168 -46.72 13.72 10.64
CA PHE B 168 -46.73 12.84 9.48
C PHE B 168 -48.00 12.03 9.43
N GLU B 169 -48.54 11.85 8.23
CA GLU B 169 -49.78 11.11 8.04
C GLU B 169 -49.70 10.29 6.77
N TYR B 170 -50.23 9.07 6.81
CA TYR B 170 -50.22 8.19 5.65
C TYR B 170 -51.43 7.26 5.72
N VAL B 171 -52.19 7.22 4.63
CA VAL B 171 -53.39 6.40 4.50
C VAL B 171 -53.22 5.50 3.29
N SER B 172 -53.43 4.20 3.47
CA SER B 172 -53.20 3.22 2.42
C SER B 172 -54.39 3.14 1.45
N GLN B 173 -54.31 2.18 0.54
CA GLN B 173 -55.39 1.89 -0.38
C GLN B 173 -56.56 1.24 0.37
N PRO B 174 -57.80 1.64 0.09
CA PRO B 174 -58.94 1.01 0.77
C PRO B 174 -59.14 -0.44 0.35
N PHE B 175 -59.58 -1.25 1.31
CA PHE B 175 -59.81 -2.68 1.06
C PHE B 175 -60.81 -3.23 2.07
N LEU B 176 -60.97 -4.54 2.14
CA LEU B 176 -61.82 -5.26 3.06
C LEU B 176 -61.07 -6.50 3.56
N MET B 177 -61.45 -7.00 4.73
CA MET B 177 -60.78 -8.13 5.34
C MET B 177 -61.76 -9.28 5.58
N ASP B 178 -61.25 -10.31 6.26
CA ASP B 178 -62.05 -11.40 6.81
C ASP B 178 -62.32 -11.07 8.28
N LEU B 179 -63.48 -10.50 8.56
CA LEU B 179 -63.83 -10.06 9.91
C LEU B 179 -64.48 -11.16 10.74
N GLU B 180 -64.81 -12.31 10.15
CA GLU B 180 -65.45 -13.38 10.88
C GLU B 180 -64.45 -14.07 11.80
N GLY B 181 -64.98 -14.73 12.83
CA GLY B 181 -64.16 -15.43 13.78
C GLY B 181 -64.02 -16.91 13.49
N LYS B 182 -62.93 -17.27 12.84
CA LYS B 182 -62.69 -18.68 12.53
C LYS B 182 -62.33 -19.45 13.82
N GLN B 183 -62.62 -20.73 13.93
CA GLN B 183 -62.30 -21.59 15.05
C GLN B 183 -61.11 -22.47 14.70
N GLY B 184 -60.71 -23.30 15.66
CA GLY B 184 -59.62 -24.23 15.43
C GLY B 184 -58.25 -23.59 15.57
N ASN B 185 -57.28 -24.22 14.91
CA ASN B 185 -55.89 -23.77 14.97
C ASN B 185 -55.66 -22.53 14.11
N PHE B 186 -54.56 -21.83 14.42
CA PHE B 186 -54.18 -20.65 13.66
C PHE B 186 -53.71 -21.02 12.26
N LYS B 187 -53.96 -20.12 11.31
CA LYS B 187 -53.70 -20.41 9.92
C LYS B 187 -52.64 -19.52 9.27
N ASN B 188 -52.20 -18.45 9.92
CA ASN B 188 -51.22 -17.56 9.31
C ASN B 188 -50.13 -17.21 10.31
N LEU B 189 -48.95 -16.86 9.79
CA LEU B 189 -47.84 -16.34 10.59
C LEU B 189 -47.33 -15.09 9.92
N ARG B 190 -47.55 -13.91 10.52
CA ARG B 190 -47.08 -12.62 9.96
C ARG B 190 -45.93 -12.05 10.78
N GLU B 191 -44.73 -11.85 10.24
CA GLU B 191 -43.50 -11.42 10.87
C GLU B 191 -43.21 -9.99 10.47
N PHE B 192 -42.64 -9.22 11.40
CA PHE B 192 -42.31 -7.83 11.19
C PHE B 192 -40.99 -7.51 11.90
N VAL B 193 -40.22 -6.60 11.32
CA VAL B 193 -39.00 -6.10 11.92
C VAL B 193 -39.04 -4.58 11.85
N PHE B 194 -38.93 -3.93 13.02
CA PHE B 194 -38.87 -2.47 13.11
C PHE B 194 -37.51 -2.08 13.65
N LYS B 195 -36.86 -1.15 12.97
CA LYS B 195 -35.59 -0.59 13.42
C LYS B 195 -35.53 0.88 13.03
N ASN B 196 -34.72 1.64 13.78
CA ASN B 196 -34.59 3.09 13.57
C ASN B 196 -33.10 3.40 13.43
N ILE B 197 -32.65 3.60 12.20
CA ILE B 197 -31.25 3.87 11.91
C ILE B 197 -31.15 5.15 11.09
N ASP B 198 -30.33 6.09 11.57
CA ASP B 198 -30.01 7.37 10.90
C ASP B 198 -31.27 8.20 10.63
N GLY B 199 -32.21 8.16 11.58
CA GLY B 199 -33.46 8.86 11.41
C GLY B 199 -34.46 8.20 10.48
N TYR B 200 -34.21 6.95 10.09
CA TYR B 200 -35.09 6.22 9.19
C TYR B 200 -35.68 5.03 9.91
N PHE B 201 -37.01 4.90 9.87
CA PHE B 201 -37.74 3.80 10.49
C PHE B 201 -38.01 2.78 9.39
N LYS B 202 -37.31 1.65 9.44
CA LYS B 202 -37.36 0.64 8.39
C LYS B 202 -38.22 -0.54 8.85
N ILE B 203 -39.20 -0.91 8.04
CA ILE B 203 -40.12 -1.99 8.36
C ILE B 203 -39.93 -3.12 7.35
N TYR B 204 -39.65 -4.31 7.84
CA TYR B 204 -39.51 -5.50 7.01
C TYR B 204 -40.58 -6.50 7.38
N SER B 205 -41.10 -7.23 6.39
CA SER B 205 -42.18 -8.17 6.68
C SER B 205 -42.27 -9.27 5.63
N LYS B 206 -42.84 -10.41 6.05
CA LYS B 206 -43.33 -11.45 5.16
C LYS B 206 -44.36 -12.26 5.93
N HIS B 207 -45.33 -12.83 5.19
CA HIS B 207 -46.41 -13.67 5.77
C HIS B 207 -46.47 -15.06 5.19
N THR B 208 -46.52 -16.09 6.03
CA THR B 208 -46.53 -17.48 5.57
C THR B 208 -47.72 -18.20 6.20
N PRO B 209 -48.54 -18.89 5.41
CA PRO B 209 -49.55 -19.79 5.99
C PRO B 209 -48.90 -20.91 6.80
N ILE B 210 -49.49 -21.19 7.97
CA ILE B 210 -49.02 -22.24 8.87
C ILE B 210 -50.22 -23.07 9.32
N ASN B 211 -49.92 -24.23 9.90
CA ASN B 211 -50.92 -25.13 10.48
C ASN B 211 -50.45 -25.49 11.88
N LEU B 212 -50.73 -24.63 12.85
CA LEU B 212 -50.30 -24.81 14.22
C LEU B 212 -51.35 -24.23 15.16
N VAL B 213 -51.48 -24.82 16.36
CA VAL B 213 -52.42 -24.29 17.34
C VAL B 213 -51.70 -23.50 18.44
N ARG B 214 -50.57 -24.00 18.97
CA ARG B 214 -49.75 -23.23 19.90
C ARG B 214 -48.29 -23.67 19.75
N ASP B 215 -47.58 -23.00 18.84
CA ASP B 215 -46.19 -23.30 18.51
C ASP B 215 -45.65 -22.20 17.61
N LEU B 216 -44.35 -21.95 17.74
CA LEU B 216 -43.63 -21.13 16.76
C LEU B 216 -42.94 -22.08 15.79
N PRO B 217 -43.22 -22.00 14.48
CA PRO B 217 -42.70 -23.02 13.55
C PRO B 217 -41.20 -22.91 13.31
N GLN B 218 -40.60 -24.05 13.00
CA GLN B 218 -39.17 -24.15 12.72
C GLN B 218 -38.98 -23.99 11.21
N GLY B 219 -38.79 -22.75 10.78
CA GLY B 219 -38.58 -22.46 9.37
C GLY B 219 -37.87 -21.14 9.19
N PHE B 220 -37.09 -21.05 8.13
CA PHE B 220 -36.37 -19.83 7.82
C PHE B 220 -37.31 -18.77 7.26
N SER B 221 -36.93 -17.51 7.42
CA SER B 221 -37.73 -16.39 6.95
C SER B 221 -36.85 -15.43 6.16
N ALA B 222 -37.44 -14.82 5.13
CA ALA B 222 -36.77 -13.84 4.27
C ALA B 222 -37.67 -12.61 4.21
N LEU B 223 -37.49 -11.69 5.15
CA LEU B 223 -38.36 -10.53 5.27
C LEU B 223 -37.95 -9.47 4.25
N GLU B 224 -38.83 -9.22 3.28
CA GLU B 224 -38.60 -8.22 2.24
C GLU B 224 -38.80 -6.82 2.81
N PRO B 225 -38.08 -5.82 2.29
CA PRO B 225 -38.31 -4.45 2.73
C PRO B 225 -39.65 -3.92 2.25
N LEU B 226 -40.35 -3.21 3.15
CA LEU B 226 -41.67 -2.68 2.84
C LEU B 226 -41.69 -1.16 2.81
N VAL B 227 -41.33 -0.48 3.90
CA VAL B 227 -41.23 0.97 3.92
C VAL B 227 -39.98 1.39 4.69
N ASP B 228 -39.46 2.55 4.29
CA ASP B 228 -38.37 3.26 4.95
C ASP B 228 -38.90 4.66 5.25
N LEU B 229 -39.59 4.79 6.38
CA LEU B 229 -40.24 6.06 6.72
C LEU B 229 -39.20 7.06 7.23
N PRO B 230 -39.14 8.26 6.67
CA PRO B 230 -38.21 9.29 7.19
C PRO B 230 -38.84 10.11 8.32
N ILE B 231 -38.88 9.51 9.50
CA ILE B 231 -39.51 10.15 10.66
C ILE B 231 -38.44 10.84 11.49
N GLY B 232 -37.50 10.07 12.03
CA GLY B 232 -36.40 10.61 12.81
C GLY B 232 -36.80 11.19 14.15
N ILE B 233 -37.28 10.34 15.06
CA ILE B 233 -37.72 10.77 16.38
C ILE B 233 -37.12 9.85 17.43
N ASN B 234 -37.17 10.33 18.67
CA ASN B 234 -36.65 9.51 19.79
C ASN B 234 -37.66 8.42 19.98
N ILE B 235 -37.17 7.25 20.31
CA ILE B 235 -38.04 6.10 20.51
C ILE B 235 -37.46 5.19 21.59
N THR B 236 -38.27 4.92 22.63
CA THR B 236 -37.87 3.97 23.67
C THR B 236 -38.99 3.11 24.21
N ARG B 237 -40.22 3.22 23.67
CA ARG B 237 -41.38 2.55 24.22
C ARG B 237 -42.24 1.98 23.10
N PHE B 238 -42.80 0.80 23.35
CA PHE B 238 -43.50 0.01 22.35
C PHE B 238 -44.70 -0.67 22.99
N GLN B 239 -45.81 -0.74 22.24
CA GLN B 239 -46.99 -1.47 22.71
C GLN B 239 -47.75 -2.00 21.49
N THR B 240 -48.46 -3.11 21.69
CA THR B 240 -49.16 -3.82 20.63
C THR B 240 -50.67 -3.69 20.81
N LEU B 241 -51.36 -3.30 19.74
CA LEU B 241 -52.82 -3.26 19.75
C LEU B 241 -53.40 -4.66 19.55
N LEU B 242 -54.63 -4.85 20.03
CA LEU B 242 -55.33 -6.11 19.90
C LEU B 242 -56.76 -5.87 19.48
N ALA B 243 -57.40 -6.94 19.00
CA ALA B 243 -58.82 -6.92 18.63
C ALA B 243 -59.56 -7.95 19.48
N LEU B 244 -60.73 -7.56 19.99
CA LEU B 244 -61.54 -8.45 20.80
C LEU B 244 -62.91 -8.63 20.17
N HIS B 245 -63.47 -9.82 20.32
CA HIS B 245 -64.78 -10.14 19.74
C HIS B 245 -65.90 -9.62 20.62
N SER B 256 -70.04 -4.95 31.73
CA SER B 256 -69.05 -4.78 30.68
C SER B 256 -68.43 -6.13 30.31
N GLY B 257 -69.28 -7.06 29.86
CA GLY B 257 -68.79 -8.37 29.46
C GLY B 257 -68.15 -8.33 28.09
N TRP B 258 -67.07 -9.10 27.96
CA TRP B 258 -66.31 -9.16 26.70
C TRP B 258 -65.53 -10.46 26.67
N THR B 259 -65.09 -10.82 25.47
CA THR B 259 -64.26 -11.99 25.26
C THR B 259 -63.00 -11.60 24.50
N ALA B 260 -61.95 -12.40 24.66
CA ALA B 260 -60.66 -12.05 24.08
C ALA B 260 -60.43 -12.74 22.74
N GLY B 261 -60.96 -13.95 22.57
CA GLY B 261 -60.70 -14.71 21.36
C GLY B 261 -59.38 -15.42 21.41
N ALA B 262 -59.00 -15.98 20.26
CA ALA B 262 -57.78 -16.74 20.12
C ALA B 262 -56.73 -15.90 19.40
N ALA B 263 -55.59 -15.67 20.06
CA ALA B 263 -54.51 -14.90 19.47
C ALA B 263 -53.22 -15.28 20.18
N ALA B 264 -52.09 -15.09 19.48
CA ALA B 264 -50.78 -15.31 20.04
C ALA B 264 -49.75 -14.51 19.25
N TYR B 265 -48.88 -13.82 19.97
CA TYR B 265 -47.81 -13.03 19.36
C TYR B 265 -46.54 -13.15 20.19
N TYR B 266 -45.44 -12.70 19.57
CA TYR B 266 -44.09 -12.93 20.06
C TYR B 266 -43.27 -11.68 19.83
N VAL B 267 -42.59 -11.21 20.88
CA VAL B 267 -41.78 -10.00 20.82
C VAL B 267 -40.35 -10.37 21.19
N GLY B 268 -39.40 -9.96 20.35
CA GLY B 268 -37.99 -10.09 20.66
C GLY B 268 -37.25 -8.82 20.27
N TYR B 269 -36.00 -8.72 20.72
CA TYR B 269 -35.20 -7.51 20.57
C TYR B 269 -34.01 -7.77 19.66
N LEU B 270 -33.68 -6.78 18.83
CA LEU B 270 -32.52 -6.86 17.96
C LEU B 270 -31.28 -6.37 18.69
N GLN B 271 -30.14 -6.97 18.38
CA GLN B 271 -28.84 -6.67 18.96
C GLN B 271 -27.83 -6.47 17.83
N PRO B 272 -26.74 -5.72 18.07
CA PRO B 272 -25.72 -5.59 17.03
C PRO B 272 -24.94 -6.88 16.80
N ARG B 273 -25.21 -7.52 15.68
CA ARG B 273 -24.56 -8.81 15.42
C ARG B 273 -24.02 -8.82 14.01
N THR B 274 -23.39 -9.91 13.61
CA THR B 274 -22.83 -10.11 12.28
C THR B 274 -23.42 -11.38 11.69
N PHE B 275 -24.04 -11.28 10.52
CA PHE B 275 -24.54 -12.45 9.81
C PHE B 275 -23.82 -12.68 8.50
N LEU B 276 -23.96 -13.91 8.00
CA LEU B 276 -23.57 -14.27 6.64
C LEU B 276 -24.77 -14.91 5.95
N LEU B 277 -25.25 -14.27 4.88
CA LEU B 277 -26.44 -14.70 4.16
C LEU B 277 -26.02 -15.43 2.89
N LYS B 278 -26.71 -16.52 2.59
CA LYS B 278 -26.50 -17.24 1.34
C LYS B 278 -27.65 -16.97 0.39
N TYR B 279 -27.34 -16.46 -0.79
CA TYR B 279 -28.33 -16.13 -1.81
C TYR B 279 -28.48 -17.30 -2.78
N ASN B 280 -29.72 -17.59 -3.13
CA ASN B 280 -30.00 -18.65 -4.10
C ASN B 280 -29.92 -18.10 -5.52
N GLU B 281 -30.23 -18.96 -6.50
CA GLU B 281 -30.18 -18.56 -7.90
C GLU B 281 -31.38 -17.71 -8.29
N ASN B 282 -32.46 -17.72 -7.50
CA ASN B 282 -33.64 -16.92 -7.78
C ASN B 282 -33.58 -15.53 -7.16
N GLY B 283 -32.50 -15.19 -6.47
CA GLY B 283 -32.35 -13.89 -5.85
C GLY B 283 -32.84 -13.80 -4.42
N THR B 284 -33.48 -14.85 -3.90
CA THR B 284 -33.94 -14.88 -2.52
C THR B 284 -32.92 -15.62 -1.67
N ILE B 285 -32.80 -15.21 -0.41
CA ILE B 285 -31.81 -15.81 0.47
C ILE B 285 -32.26 -17.20 0.92
N THR B 286 -31.29 -18.08 1.15
CA THR B 286 -31.57 -19.46 1.56
C THR B 286 -31.42 -19.65 3.06
N ASP B 287 -30.21 -19.34 3.56
CA ASP B 287 -29.94 -19.52 5.01
C ASP B 287 -28.93 -18.50 5.55
N ALA B 288 -28.97 -18.23 6.85
CA ALA B 288 -28.07 -17.28 7.50
C ALA B 288 -27.24 -17.99 8.55
N VAL B 289 -25.93 -17.74 8.58
CA VAL B 289 -25.00 -18.45 9.52
C VAL B 289 -24.62 -17.45 10.62
N ASP B 290 -24.89 -17.78 11.87
CA ASP B 290 -24.64 -16.77 12.93
C ASP B 290 -23.15 -16.73 13.13
N CYS B 291 -22.56 -15.55 13.58
CA CYS B 291 -21.12 -15.38 13.77
C CYS B 291 -20.76 -15.27 15.25
N ALA B 292 -21.70 -15.53 16.15
CA ALA B 292 -21.41 -15.47 17.57
C ALA B 292 -22.08 -16.57 18.37
N LEU B 293 -22.62 -17.60 17.72
CA LEU B 293 -23.39 -18.62 18.43
C LEU B 293 -22.57 -19.86 18.71
N ASP B 294 -21.88 -20.39 17.70
CA ASP B 294 -21.19 -21.66 17.79
C ASP B 294 -19.78 -21.55 17.22
N PRO B 295 -18.84 -22.35 17.74
CA PRO B 295 -17.52 -22.40 17.09
C PRO B 295 -17.55 -22.87 15.64
N LEU B 296 -18.48 -23.75 15.29
CA LEU B 296 -18.69 -24.07 13.87
C LEU B 296 -19.17 -22.86 13.11
N SER B 297 -20.09 -22.09 13.71
CA SER B 297 -20.51 -20.83 13.12
C SER B 297 -19.37 -19.82 13.09
N GLU B 298 -18.47 -19.88 14.08
CA GLU B 298 -17.27 -19.04 14.07
C GLU B 298 -16.40 -19.34 12.86
N THR B 299 -16.18 -20.63 12.57
CA THR B 299 -15.40 -21.01 11.41
C THR B 299 -16.09 -20.63 10.10
N LYS B 300 -17.42 -20.83 10.05
CA LYS B 300 -18.18 -20.46 8.85
C LYS B 300 -18.12 -18.96 8.59
N CYS B 301 -18.09 -18.15 9.67
CA CYS B 301 -17.98 -16.71 9.50
C CYS B 301 -16.56 -16.31 9.10
N THR B 302 -15.55 -16.91 9.72
CA THR B 302 -14.18 -16.50 9.45
C THR B 302 -13.65 -17.04 8.12
N LEU B 303 -14.32 -18.03 7.52
CA LEU B 303 -13.97 -18.46 6.18
C LEU B 303 -14.97 -18.03 5.13
N LYS B 304 -16.08 -17.42 5.55
CA LYS B 304 -17.12 -16.89 4.65
C LYS B 304 -17.68 -17.96 3.72
N SER B 305 -17.94 -19.14 4.26
CA SER B 305 -18.51 -20.24 3.49
C SER B 305 -19.37 -21.09 4.40
N PHE B 306 -20.28 -21.86 3.82
CA PHE B 306 -21.22 -22.63 4.66
C PHE B 306 -20.69 -24.03 4.86
N THR B 307 -19.64 -24.42 4.14
CA THR B 307 -19.02 -25.72 4.34
C THR B 307 -17.52 -25.56 4.46
N VAL B 308 -16.97 -26.08 5.55
CA VAL B 308 -15.52 -26.11 5.76
C VAL B 308 -15.10 -27.57 5.92
N GLU B 309 -13.83 -27.85 5.66
CA GLU B 309 -13.35 -29.22 5.72
C GLU B 309 -12.79 -29.53 7.10
N LYS B 310 -12.23 -30.73 7.25
CA LYS B 310 -11.58 -31.11 8.50
C LYS B 310 -10.21 -30.45 8.60
N GLY B 311 -9.77 -30.23 9.83
CA GLY B 311 -8.47 -29.60 10.06
C GLY B 311 -8.55 -28.67 11.25
N ILE B 312 -7.66 -27.68 11.25
CA ILE B 312 -7.57 -26.66 12.29
C ILE B 312 -7.73 -25.29 11.63
N TYR B 313 -8.50 -24.41 12.27
CA TYR B 313 -8.74 -23.06 11.77
C TYR B 313 -8.71 -22.08 12.93
N GLN B 314 -7.82 -21.10 12.84
CA GLN B 314 -7.74 -20.03 13.84
C GLN B 314 -8.86 -19.04 13.58
N THR B 315 -9.83 -18.97 14.48
CA THR B 315 -11.02 -18.14 14.27
C THR B 315 -10.78 -16.72 14.77
N SER B 316 -11.38 -15.75 14.07
CA SER B 316 -11.35 -14.37 14.50
C SER B 316 -12.30 -14.17 15.68
N ASN B 317 -12.09 -13.07 16.40
CA ASN B 317 -12.84 -12.79 17.63
C ASN B 317 -14.13 -12.06 17.29
N PHE B 318 -15.20 -12.83 17.09
CA PHE B 318 -16.55 -12.28 16.95
C PHE B 318 -17.42 -12.61 18.15
N ARG B 319 -16.82 -13.01 19.27
CA ARG B 319 -17.58 -13.65 20.33
C ARG B 319 -18.37 -12.66 21.17
N VAL B 320 -17.67 -11.75 21.86
CA VAL B 320 -18.26 -10.93 22.92
C VAL B 320 -18.42 -9.50 22.41
N GLN B 321 -19.57 -8.91 22.71
CA GLN B 321 -19.83 -7.50 22.47
C GLN B 321 -20.11 -6.82 23.80
N PRO B 322 -19.31 -5.83 24.21
CA PRO B 322 -19.55 -5.19 25.51
C PRO B 322 -20.82 -4.38 25.52
N THR B 323 -21.49 -4.37 26.68
CA THR B 323 -22.76 -3.69 26.85
C THR B 323 -22.72 -2.58 27.90
N GLU B 324 -21.54 -2.25 28.41
CA GLU B 324 -21.40 -1.25 29.45
C GLU B 324 -20.28 -0.28 29.10
N SER B 325 -20.36 0.92 29.67
CA SER B 325 -19.36 1.97 29.46
C SER B 325 -18.99 2.59 30.79
N ILE B 326 -17.70 2.83 31.00
CA ILE B 326 -17.18 3.46 32.20
C ILE B 326 -16.40 4.70 31.80
N VAL B 327 -16.54 5.77 32.60
CA VAL B 327 -15.86 7.04 32.37
C VAL B 327 -15.19 7.44 33.68
N ARG B 328 -13.89 7.69 33.64
CA ARG B 328 -13.13 8.10 34.82
C ARG B 328 -12.29 9.32 34.47
N PHE B 329 -12.52 10.42 35.18
CA PHE B 329 -11.85 11.69 35.01
C PHE B 329 -11.37 12.17 36.38
N PRO B 330 -10.38 13.07 36.42
CA PRO B 330 -10.00 13.68 37.71
C PRO B 330 -11.15 14.44 38.33
N ASN B 331 -11.23 14.38 39.66
CA ASN B 331 -12.41 14.86 40.39
C ASN B 331 -12.24 16.32 40.81
N ILE B 332 -11.99 17.17 39.82
CA ILE B 332 -11.92 18.61 40.03
C ILE B 332 -13.02 19.24 39.20
N THR B 333 -13.95 19.94 39.87
CA THR B 333 -15.12 20.50 39.20
C THR B 333 -15.20 22.00 39.50
N ASN B 334 -14.14 22.72 39.16
CA ASN B 334 -14.22 24.18 39.15
C ASN B 334 -14.52 24.66 37.74
N LEU B 335 -15.08 25.85 37.64
CA LEU B 335 -15.36 26.42 36.33
C LEU B 335 -14.14 27.17 35.81
N CYS B 336 -13.76 26.85 34.57
CA CYS B 336 -12.60 27.46 33.96
C CYS B 336 -12.87 28.94 33.67
N PRO B 337 -11.84 29.79 33.71
CA PRO B 337 -12.07 31.22 33.48
C PRO B 337 -12.31 31.57 32.01
N PHE B 338 -13.30 30.92 31.40
CA PHE B 338 -13.75 31.32 30.08
C PHE B 338 -14.52 32.63 30.12
N GLY B 339 -15.10 32.95 31.29
CA GLY B 339 -15.71 34.26 31.46
C GLY B 339 -14.71 35.40 31.42
N GLU B 340 -13.48 35.16 31.88
CA GLU B 340 -12.46 36.20 31.79
C GLU B 340 -11.95 36.35 30.37
N VAL B 341 -11.89 35.26 29.61
CA VAL B 341 -11.30 35.30 28.28
C VAL B 341 -12.30 35.82 27.26
N PHE B 342 -13.53 35.30 27.29
CA PHE B 342 -14.52 35.69 26.30
C PHE B 342 -15.27 36.97 26.69
N ASN B 343 -15.06 37.52 27.89
CA ASN B 343 -15.62 38.83 28.23
C ASN B 343 -14.50 39.83 28.51
N ALA B 344 -13.42 39.77 27.74
CA ALA B 344 -12.31 40.69 27.95
C ALA B 344 -12.68 42.09 27.51
N THR B 345 -12.82 42.99 28.48
CA THR B 345 -13.13 44.39 28.19
C THR B 345 -11.97 45.09 27.52
N ARG B 346 -10.76 44.92 28.05
CA ARG B 346 -9.54 45.36 27.38
C ARG B 346 -8.85 44.12 26.83
N PHE B 347 -8.83 43.99 25.51
CA PHE B 347 -8.50 42.75 24.84
C PHE B 347 -7.26 43.01 23.99
N ALA B 348 -6.34 42.04 24.00
CA ALA B 348 -4.96 42.28 23.58
C ALA B 348 -4.85 42.59 22.09
N SER B 349 -3.79 43.33 21.74
CA SER B 349 -3.48 43.65 20.35
C SER B 349 -2.82 42.44 19.67
N VAL B 350 -2.48 42.62 18.39
CA VAL B 350 -1.98 41.48 17.63
C VAL B 350 -0.45 41.44 17.62
N TYR B 351 0.23 42.57 17.80
CA TYR B 351 1.69 42.52 17.79
C TYR B 351 2.23 41.92 19.07
N ALA B 352 1.58 42.20 20.20
CA ALA B 352 1.92 41.66 21.51
C ALA B 352 0.66 41.04 22.07
N TRP B 353 0.41 39.79 21.69
CA TRP B 353 -0.77 39.05 22.14
C TRP B 353 -0.53 38.42 23.51
N ASN B 354 -1.62 38.06 24.16
CA ASN B 354 -1.60 37.57 25.53
C ASN B 354 -1.78 36.06 25.54
N ARG B 355 -1.02 35.38 26.39
CA ARG B 355 -1.14 33.94 26.62
C ARG B 355 -1.55 33.74 28.07
N LYS B 356 -2.70 33.14 28.30
CA LYS B 356 -3.21 32.87 29.64
C LYS B 356 -3.27 31.37 29.86
N ARG B 357 -2.65 30.92 30.95
CA ARG B 357 -2.68 29.50 31.30
C ARG B 357 -3.95 29.19 32.09
N ILE B 358 -4.65 28.13 31.68
CA ILE B 358 -5.87 27.69 32.32
C ILE B 358 -5.62 26.30 32.90
N SER B 359 -5.91 26.14 34.19
CA SER B 359 -5.62 24.87 34.85
C SER B 359 -6.59 24.61 35.99
N ASN B 360 -6.72 23.33 36.35
CA ASN B 360 -7.46 22.87 37.53
C ASN B 360 -8.92 23.29 37.50
N CYS B 361 -9.59 23.00 36.40
CA CYS B 361 -11.01 23.31 36.24
C CYS B 361 -11.59 22.43 35.14
N VAL B 362 -12.85 22.69 34.81
CA VAL B 362 -13.55 21.94 33.78
C VAL B 362 -13.98 22.91 32.68
N ALA B 363 -13.88 22.44 31.43
CA ALA B 363 -14.16 23.26 30.25
C ALA B 363 -15.56 22.89 29.75
N ASP B 364 -16.54 23.68 30.16
CA ASP B 364 -17.93 23.45 29.76
C ASP B 364 -18.15 24.25 28.48
N TYR B 365 -18.21 23.54 27.35
CA TYR B 365 -18.39 24.21 26.06
C TYR B 365 -19.81 24.75 25.91
N SER B 366 -20.79 24.15 26.58
CA SER B 366 -22.18 24.54 26.41
C SER B 366 -22.49 25.93 26.96
N VAL B 367 -21.66 26.44 27.87
CA VAL B 367 -21.90 27.78 28.42
C VAL B 367 -21.58 28.85 27.37
N LEU B 368 -20.58 28.59 26.52
CA LEU B 368 -20.02 29.63 25.64
C LEU B 368 -21.03 30.10 24.59
N TYR B 369 -21.75 29.17 23.96
CA TYR B 369 -22.67 29.56 22.91
C TYR B 369 -24.08 29.85 23.43
N ASN B 370 -24.24 30.01 24.75
CA ASN B 370 -25.52 30.45 25.28
C ASN B 370 -25.80 31.90 24.91
N SER B 371 -24.78 32.77 25.01
CA SER B 371 -24.94 34.19 24.74
C SER B 371 -23.96 34.73 23.72
N ALA B 372 -23.02 33.92 23.23
CA ALA B 372 -22.03 34.35 22.25
C ALA B 372 -22.15 33.48 21.00
N SER B 373 -22.11 34.12 19.84
CA SER B 373 -22.18 33.43 18.56
C SER B 373 -20.82 33.53 17.87
N PHE B 374 -20.26 32.38 17.50
CA PHE B 374 -18.92 32.30 16.93
C PHE B 374 -19.03 32.19 15.42
N SER B 375 -18.23 32.99 14.72
CA SER B 375 -18.29 33.00 13.25
C SER B 375 -17.57 31.79 12.67
N THR B 376 -16.29 31.61 13.01
CA THR B 376 -15.47 30.52 12.48
C THR B 376 -14.91 29.71 13.65
N PHE B 377 -15.50 28.56 13.92
CA PHE B 377 -15.00 27.63 14.93
C PHE B 377 -14.14 26.55 14.28
N LYS B 378 -13.08 26.98 13.60
CA LYS B 378 -12.17 26.04 12.97
C LYS B 378 -11.36 25.30 14.02
N CYS B 379 -11.28 23.98 13.88
CA CYS B 379 -10.55 23.15 14.83
C CYS B 379 -9.57 22.28 14.07
N TYR B 380 -8.31 22.26 14.52
CA TYR B 380 -7.24 21.53 13.86
C TYR B 380 -6.74 20.43 14.78
N GLY B 381 -6.74 19.20 14.29
CA GLY B 381 -6.27 18.05 15.03
C GLY B 381 -7.31 17.39 15.91
N VAL B 382 -8.29 18.14 16.40
CA VAL B 382 -9.35 17.63 17.26
C VAL B 382 -10.68 17.96 16.63
N SER B 383 -11.53 16.94 16.44
CA SER B 383 -12.85 17.18 15.90
C SER B 383 -13.74 17.87 16.93
N PRO B 384 -14.63 18.75 16.50
CA PRO B 384 -15.56 19.40 17.45
C PRO B 384 -16.53 18.46 18.13
N THR B 385 -16.85 17.32 17.52
CA THR B 385 -17.79 16.38 18.14
C THR B 385 -17.16 15.68 19.34
N LYS B 386 -15.90 15.23 19.20
CA LYS B 386 -15.20 14.55 20.26
C LYS B 386 -14.44 15.51 21.17
N LEU B 387 -14.82 16.78 21.20
CA LEU B 387 -14.16 17.74 22.07
C LEU B 387 -14.61 17.56 23.53
N ASN B 388 -15.84 17.09 23.73
CA ASN B 388 -16.41 17.03 25.08
C ASN B 388 -15.79 15.92 25.91
N ASP B 389 -15.59 14.74 25.33
CA ASP B 389 -15.12 13.60 26.11
C ASP B 389 -13.62 13.61 26.37
N LEU B 390 -12.89 14.55 25.75
CA LEU B 390 -11.45 14.65 26.00
C LEU B 390 -11.19 15.45 27.27
N CYS B 391 -10.03 15.20 27.87
CA CYS B 391 -9.52 16.01 28.98
C CYS B 391 -8.14 16.51 28.59
N PHE B 392 -7.98 17.83 28.57
CA PHE B 392 -6.78 18.46 28.05
C PHE B 392 -5.74 18.64 29.15
N THR B 393 -4.48 18.78 28.73
CA THR B 393 -3.35 18.79 29.65
C THR B 393 -2.69 20.15 29.75
N ASN B 394 -2.25 20.73 28.62
CA ASN B 394 -1.57 22.02 28.60
C ASN B 394 -2.30 22.92 27.60
N VAL B 395 -3.10 23.85 28.11
CA VAL B 395 -3.88 24.75 27.27
C VAL B 395 -3.37 26.17 27.46
N TYR B 396 -3.58 26.99 26.43
CA TYR B 396 -3.21 28.40 26.45
C TYR B 396 -4.17 29.15 25.54
N ALA B 397 -4.60 30.33 25.97
CA ALA B 397 -5.60 31.11 25.26
C ALA B 397 -4.95 32.35 24.66
N ASP B 398 -4.68 32.29 23.36
CA ASP B 398 -4.17 33.46 22.65
C ASP B 398 -5.30 34.48 22.46
N SER B 399 -4.92 35.74 22.24
CA SER B 399 -5.90 36.82 22.23
C SER B 399 -5.39 37.96 21.36
N PHE B 400 -6.10 38.26 20.27
CA PHE B 400 -5.76 39.40 19.44
C PHE B 400 -6.97 39.84 18.64
N VAL B 401 -6.92 41.08 18.16
CA VAL B 401 -7.96 41.67 17.32
C VAL B 401 -7.40 41.87 15.93
N ILE B 402 -8.08 41.33 14.93
CA ILE B 402 -7.74 41.50 13.53
C ILE B 402 -9.00 41.92 12.77
N ARG B 403 -8.80 42.43 11.56
CA ARG B 403 -9.91 42.85 10.73
C ARG B 403 -10.53 41.62 10.06
N GLY B 404 -11.64 41.84 9.34
CA GLY B 404 -12.42 40.73 8.83
C GLY B 404 -11.73 39.96 7.72
N ASP B 405 -10.91 40.63 6.92
CA ASP B 405 -10.24 39.97 5.81
C ASP B 405 -9.11 39.06 6.24
N GLU B 406 -8.56 39.27 7.44
CA GLU B 406 -7.38 38.55 7.89
C GLU B 406 -7.71 37.42 8.85
N VAL B 407 -8.99 37.06 8.99
CA VAL B 407 -9.36 35.93 9.85
C VAL B 407 -8.84 34.63 9.26
N ARG B 408 -8.82 34.51 7.94
CA ARG B 408 -8.27 33.34 7.26
C ARG B 408 -6.77 33.18 7.49
N GLN B 409 -6.06 34.27 7.82
CA GLN B 409 -4.61 34.19 7.97
C GLN B 409 -4.21 33.48 9.25
N ILE B 410 -5.09 33.39 10.24
CA ILE B 410 -4.79 32.67 11.48
C ILE B 410 -5.18 31.22 11.23
N ALA B 411 -4.28 30.50 10.59
CA ALA B 411 -4.44 29.11 10.20
C ALA B 411 -3.06 28.54 9.85
N PRO B 412 -2.81 27.25 10.07
CA PRO B 412 -1.50 26.69 9.71
C PRO B 412 -1.33 26.64 8.19
N GLY B 413 -0.31 27.34 7.70
CA GLY B 413 0.01 27.34 6.29
C GLY B 413 -0.40 28.58 5.53
N GLN B 414 -1.17 29.48 6.15
CA GLN B 414 -1.57 30.71 5.49
C GLN B 414 -0.51 31.80 5.71
N THR B 415 -0.45 32.73 4.77
CA THR B 415 0.51 33.82 4.80
C THR B 415 -0.21 35.16 4.71
N GLY B 416 0.56 36.22 4.87
CA GLY B 416 0.04 37.57 4.87
C GLY B 416 0.85 38.43 5.82
N LYS B 417 0.32 39.62 6.11
CA LYS B 417 0.96 40.50 7.07
C LYS B 417 0.53 40.22 8.51
N ILE B 418 -0.35 39.26 8.73
CA ILE B 418 -0.75 38.83 10.06
C ILE B 418 -0.16 37.46 10.39
N ALA B 419 0.27 36.71 9.39
CA ALA B 419 0.85 35.39 9.62
C ALA B 419 2.33 35.31 9.27
N ASP B 420 2.99 36.44 9.01
CA ASP B 420 4.43 36.44 8.80
C ASP B 420 5.11 37.44 9.72
N TYR B 421 4.45 38.58 9.96
CA TYR B 421 5.03 39.64 10.76
C TYR B 421 4.38 39.85 12.12
N ASN B 422 3.21 39.26 12.36
CA ASN B 422 2.48 39.51 13.61
C ASN B 422 2.29 38.26 14.44
N TYR B 423 1.74 37.19 13.88
CA TYR B 423 1.39 35.99 14.65
C TYR B 423 1.37 34.79 13.72
N LYS B 424 2.36 33.91 13.87
CA LYS B 424 2.48 32.72 13.03
C LYS B 424 2.14 31.49 13.85
N LEU B 425 1.25 30.65 13.30
CA LEU B 425 0.81 29.37 13.84
C LEU B 425 1.70 28.24 13.33
N PRO B 426 2.02 27.26 14.16
CA PRO B 426 2.90 26.17 13.72
C PRO B 426 2.21 25.25 12.72
N ASP B 427 3.03 24.54 11.95
CA ASP B 427 2.51 23.64 10.93
C ASP B 427 1.80 22.44 11.54
N ASP B 428 2.37 21.87 12.59
CA ASP B 428 1.75 20.74 13.29
C ASP B 428 0.87 21.19 14.45
N PHE B 429 -0.05 22.11 14.16
CA PHE B 429 -0.90 22.68 15.19
C PHE B 429 -1.95 21.68 15.66
N THR B 430 -2.28 21.75 16.94
CA THR B 430 -3.33 20.93 17.54
C THR B 430 -4.14 21.82 18.47
N GLY B 431 -5.32 22.23 18.01
CA GLY B 431 -6.15 23.11 18.80
C GLY B 431 -7.34 23.60 17.98
N CYS B 432 -8.03 24.59 18.54
CA CYS B 432 -9.22 25.14 17.93
C CYS B 432 -9.11 26.66 17.84
N VAL B 433 -9.49 27.21 16.71
CA VAL B 433 -9.49 28.66 16.50
C VAL B 433 -10.94 29.15 16.62
N ILE B 434 -11.16 30.08 17.54
CA ILE B 434 -12.50 30.57 17.85
C ILE B 434 -12.50 32.06 17.52
N ALA B 435 -13.26 32.46 16.50
CA ALA B 435 -13.36 33.85 16.09
C ALA B 435 -14.82 34.27 16.00
N TRP B 436 -15.08 35.53 16.31
CA TRP B 436 -16.43 36.07 16.24
C TRP B 436 -16.35 37.56 15.95
N ASN B 437 -17.47 38.14 15.56
CA ASN B 437 -17.55 39.56 15.25
C ASN B 437 -17.59 40.39 16.53
N SER B 438 -16.85 41.50 16.54
CA SER B 438 -16.81 42.40 17.67
C SER B 438 -16.85 43.85 17.19
N ASN B 439 -17.74 44.12 16.22
CA ASN B 439 -17.84 45.48 15.68
C ASN B 439 -18.47 46.43 16.69
N ASN B 440 -19.38 45.94 17.52
CA ASN B 440 -20.03 46.81 18.50
C ASN B 440 -19.10 47.14 19.66
N LEU B 441 -18.29 46.17 20.10
CA LEU B 441 -17.47 46.34 21.30
C LEU B 441 -16.15 47.02 20.97
N ASP B 442 -15.41 46.50 20.00
CA ASP B 442 -14.04 46.91 19.73
C ASP B 442 -13.93 48.10 18.81
N SER B 443 -15.04 48.60 18.27
CA SER B 443 -15.01 49.73 17.35
C SER B 443 -15.96 50.82 17.84
N LYS B 444 -15.49 52.06 17.78
CA LYS B 444 -16.27 53.22 18.17
C LYS B 444 -16.16 54.29 17.09
N VAL B 445 -17.00 55.32 17.22
CA VAL B 445 -17.04 56.38 16.23
C VAL B 445 -15.75 57.21 16.30
N GLY B 446 -15.29 57.66 15.14
CA GLY B 446 -14.05 58.40 15.03
C GLY B 446 -12.81 57.54 14.87
N GLY B 447 -12.94 56.22 14.97
CA GLY B 447 -11.81 55.34 14.81
C GLY B 447 -11.18 54.89 16.12
N ASN B 448 -11.01 53.59 16.28
CA ASN B 448 -10.34 53.03 17.45
C ASN B 448 -8.89 52.76 17.07
N TYR B 449 -7.98 53.59 17.57
CA TYR B 449 -6.58 53.56 17.18
C TYR B 449 -5.69 52.89 18.21
N ASN B 450 -6.27 52.19 19.19
CA ASN B 450 -5.47 51.50 20.19
C ASN B 450 -4.78 50.28 19.62
N TYR B 451 -5.43 49.59 18.70
CA TYR B 451 -4.86 48.37 18.12
C TYR B 451 -3.79 48.70 17.11
N LEU B 452 -2.72 47.91 17.10
CA LEU B 452 -1.57 48.13 16.23
C LEU B 452 -1.17 46.81 15.61
N TYR B 453 -0.40 46.89 14.52
CA TYR B 453 0.14 45.70 13.88
C TYR B 453 1.46 46.05 13.20
N ARG B 454 2.31 45.04 13.03
CA ARG B 454 3.62 45.24 12.39
C ARG B 454 3.43 45.25 10.88
N LEU B 455 3.47 46.45 10.29
CA LEU B 455 3.28 46.55 8.84
C LEU B 455 4.52 46.07 8.09
N PHE B 456 5.70 46.46 8.56
CA PHE B 456 6.97 46.06 7.94
C PHE B 456 7.83 45.33 8.96
N ARG B 457 8.55 44.31 8.49
CA ARG B 457 9.49 43.59 9.34
C ARG B 457 10.59 43.02 8.46
N LYS B 458 11.77 42.83 9.05
CA LYS B 458 12.93 42.38 8.29
C LYS B 458 12.77 40.93 7.83
N SER B 459 12.18 40.08 8.65
CA SER B 459 12.09 38.66 8.34
C SER B 459 10.79 38.09 8.88
N ASN B 460 10.40 36.93 8.34
CA ASN B 460 9.19 36.25 8.78
C ASN B 460 9.36 35.68 10.18
N LEU B 461 8.27 35.64 10.93
CA LEU B 461 8.29 35.17 12.31
C LEU B 461 8.39 33.65 12.37
N LYS B 462 9.04 33.17 13.42
CA LYS B 462 8.98 31.77 13.77
C LYS B 462 7.61 31.46 14.36
N PRO B 463 7.18 30.19 14.37
CA PRO B 463 5.89 29.85 14.97
C PRO B 463 5.83 30.19 16.46
N PHE B 464 4.71 30.79 16.87
CA PHE B 464 4.43 31.17 18.25
C PHE B 464 5.49 32.11 18.82
N GLU B 465 6.01 33.02 18.01
CA GLU B 465 7.04 33.96 18.43
C GLU B 465 6.46 35.37 18.46
N ARG B 466 6.71 36.09 19.54
CA ARG B 466 6.20 37.44 19.74
C ARG B 466 7.31 38.44 19.50
N ASP B 467 7.00 39.50 18.73
CA ASP B 467 7.92 40.60 18.51
C ASP B 467 7.28 41.87 19.03
N ILE B 468 7.96 42.52 19.98
CA ILE B 468 7.46 43.73 20.64
C ILE B 468 8.34 44.93 20.37
N SER B 469 9.49 44.74 19.70
CA SER B 469 10.42 45.83 19.46
C SER B 469 9.84 46.87 18.50
N THR B 470 10.15 48.13 18.76
CA THR B 470 9.66 49.26 17.99
C THR B 470 10.78 50.00 17.27
N GLU B 471 11.84 49.27 16.89
CA GLU B 471 12.95 49.89 16.19
C GLU B 471 12.55 50.28 14.77
N ILE B 472 13.20 51.33 14.26
CA ILE B 472 12.83 51.88 12.96
C ILE B 472 13.34 50.97 11.85
N TYR B 473 12.45 50.62 10.93
CA TYR B 473 12.79 49.80 9.78
C TYR B 473 13.24 50.68 8.63
N GLN B 474 14.40 50.37 8.06
CA GLN B 474 14.94 51.12 6.92
C GLN B 474 14.40 50.51 5.63
N ALA B 475 13.79 51.34 4.79
CA ALA B 475 13.24 50.84 3.53
C ALA B 475 14.30 50.82 2.44
N GLY B 476 15.10 51.89 2.33
CA GLY B 476 16.15 51.97 1.33
C GLY B 476 17.52 51.62 1.92
N SER B 477 18.54 51.82 1.09
CA SER B 477 19.91 51.55 1.49
C SER B 477 20.45 52.60 2.46
N THR B 478 19.84 53.78 2.52
CA THR B 478 20.29 54.82 3.42
C THR B 478 20.00 54.42 4.87
N PRO B 479 20.88 54.78 5.81
CA PRO B 479 20.61 54.46 7.22
C PRO B 479 19.69 55.50 7.87
N CYS B 480 18.71 55.01 8.63
CA CYS B 480 17.79 55.90 9.32
C CYS B 480 18.42 56.53 10.55
N ASN B 481 19.33 55.82 11.21
CA ASN B 481 20.03 56.26 12.43
C ASN B 481 19.06 56.59 13.56
N GLY B 482 17.95 55.87 13.63
CA GLY B 482 17.00 56.02 14.72
C GLY B 482 16.06 57.20 14.63
N VAL B 483 16.11 57.98 13.55
CA VAL B 483 15.25 59.13 13.37
C VAL B 483 14.46 58.94 12.08
N GLU B 484 13.18 59.35 12.10
CA GLU B 484 12.33 59.19 10.93
C GLU B 484 12.78 60.14 9.81
N GLY B 485 12.75 59.65 8.59
CA GLY B 485 13.11 60.44 7.43
C GLY B 485 12.57 59.79 6.19
N PHE B 486 13.25 60.04 5.07
CA PHE B 486 12.87 59.38 3.81
C PHE B 486 13.25 57.91 3.86
N ASN B 487 12.33 57.05 3.39
CA ASN B 487 12.45 55.60 3.43
C ASN B 487 12.67 55.08 4.85
N CYS B 488 12.04 55.75 5.82
CA CYS B 488 12.11 55.35 7.23
C CYS B 488 10.71 55.51 7.81
N TYR B 489 10.06 54.40 8.12
CA TYR B 489 8.69 54.43 8.63
C TYR B 489 8.63 53.68 9.96
N PHE B 490 7.66 54.08 10.77
CA PHE B 490 7.39 53.35 12.00
C PHE B 490 6.81 51.99 11.65
N PRO B 491 7.33 50.90 12.23
CA PRO B 491 6.83 49.56 11.84
C PRO B 491 5.44 49.26 12.37
N LEU B 492 4.96 49.98 13.37
CA LEU B 492 3.64 49.75 13.95
C LEU B 492 2.65 50.73 13.34
N GLN B 493 1.72 50.21 12.54
CA GLN B 493 0.63 51.00 11.99
C GLN B 493 -0.65 50.70 12.73
N SER B 494 -1.54 51.68 12.79
CA SER B 494 -2.75 51.61 13.60
C SER B 494 -3.95 51.28 12.74
N TYR B 495 -4.79 50.37 13.26
CA TYR B 495 -6.03 50.03 12.59
C TYR B 495 -7.01 51.21 12.64
N GLY B 496 -7.90 51.24 11.65
CA GLY B 496 -8.88 52.31 11.52
C GLY B 496 -10.30 51.84 11.67
N PHE B 497 -10.57 51.01 12.68
CA PHE B 497 -11.89 50.41 12.87
C PHE B 497 -12.95 51.46 13.08
N GLN B 498 -14.02 51.38 12.29
CA GLN B 498 -15.14 52.32 12.31
C GLN B 498 -16.43 51.53 12.18
N PRO B 499 -17.48 51.91 12.92
CA PRO B 499 -18.75 51.17 12.82
C PRO B 499 -19.48 51.32 11.51
N THR B 500 -19.07 52.23 10.63
CA THR B 500 -19.72 52.43 9.35
C THR B 500 -19.06 51.67 8.21
N ASN B 501 -18.03 50.88 8.49
CA ASN B 501 -17.32 50.18 7.43
C ASN B 501 -17.91 48.78 7.20
N GLY B 502 -17.37 48.09 6.20
CA GLY B 502 -17.90 46.81 5.77
C GLY B 502 -17.43 45.66 6.63
N VAL B 503 -17.73 44.45 6.16
CA VAL B 503 -17.37 43.24 6.90
C VAL B 503 -15.86 43.03 6.93
N GLY B 504 -15.12 43.52 5.93
CA GLY B 504 -13.69 43.33 5.92
C GLY B 504 -12.97 44.27 6.88
N TYR B 505 -13.52 45.45 7.11
CA TYR B 505 -12.85 46.50 7.89
C TYR B 505 -13.44 46.65 9.29
N GLN B 506 -13.91 45.56 9.88
CA GLN B 506 -14.44 45.58 11.24
C GLN B 506 -13.73 44.54 12.09
N PRO B 507 -13.57 44.78 13.40
CA PRO B 507 -12.77 43.87 14.23
C PRO B 507 -13.39 42.50 14.38
N TYR B 508 -12.52 41.50 14.53
CA TYR B 508 -12.95 40.11 14.73
C TYR B 508 -12.07 39.54 15.84
N ARG B 509 -12.63 39.41 17.04
CA ARG B 509 -11.87 38.88 18.17
C ARG B 509 -11.57 37.41 17.95
N VAL B 510 -10.30 37.05 18.01
CA VAL B 510 -9.84 35.69 17.75
C VAL B 510 -9.17 35.16 19.01
N VAL B 511 -9.62 34.00 19.47
CA VAL B 511 -9.02 33.29 20.59
C VAL B 511 -8.53 31.95 20.08
N VAL B 512 -7.23 31.74 20.07
CA VAL B 512 -6.62 30.52 19.56
C VAL B 512 -6.18 29.67 20.75
N LEU B 513 -6.72 28.47 20.85
CA LEU B 513 -6.38 27.53 21.90
C LEU B 513 -5.39 26.50 21.38
N SER B 514 -4.38 26.19 22.18
CA SER B 514 -3.36 25.21 21.83
C SER B 514 -3.34 24.13 22.89
N PHE B 515 -3.49 22.88 22.48
CA PHE B 515 -3.60 21.75 23.40
C PHE B 515 -2.39 20.82 23.24
N GLU B 516 -2.42 19.74 24.02
CA GLU B 516 -1.47 18.63 23.90
C GLU B 516 -2.19 17.39 24.41
N LEU B 517 -2.71 16.59 23.48
CA LEU B 517 -3.65 15.52 23.85
C LEU B 517 -2.92 14.24 24.25
N LEU B 518 -3.38 13.66 25.37
CA LEU B 518 -3.02 12.33 25.84
C LEU B 518 -1.52 12.17 26.12
N HIS B 519 -0.85 13.26 26.45
CA HIS B 519 0.52 13.22 26.97
C HIS B 519 0.56 14.08 28.22
N ALA B 520 1.31 13.61 29.24
CA ALA B 520 1.52 14.23 30.56
C ALA B 520 0.23 14.24 31.38
N PRO B 521 0.29 14.50 32.69
CA PRO B 521 -0.95 14.65 33.47
C PRO B 521 -1.81 15.81 32.97
N ALA B 522 -3.13 15.63 33.13
CA ALA B 522 -4.12 16.57 32.62
C ALA B 522 -4.81 17.29 33.76
N THR B 523 -5.12 18.57 33.54
CA THR B 523 -5.77 19.40 34.55
C THR B 523 -7.09 20.00 34.11
N VAL B 524 -7.35 20.11 32.81
CA VAL B 524 -8.58 20.70 32.29
C VAL B 524 -9.34 19.62 31.53
N CYS B 525 -10.51 19.23 32.06
CA CYS B 525 -11.28 18.15 31.47
C CYS B 525 -12.57 18.68 30.87
N GLY B 526 -13.28 17.78 30.20
CA GLY B 526 -14.56 18.09 29.60
C GLY B 526 -15.71 17.86 30.55
N PRO B 527 -16.91 18.24 30.13
CA PRO B 527 -18.08 18.20 31.02
C PRO B 527 -18.72 16.83 31.16
N LYS B 528 -18.09 15.76 30.71
CA LYS B 528 -18.65 14.43 30.88
C LYS B 528 -18.57 13.99 32.33
N LYS B 529 -19.63 13.32 32.80
CA LYS B 529 -19.69 12.87 34.18
C LYS B 529 -18.98 11.54 34.36
N SER B 530 -18.40 11.36 35.54
CA SER B 530 -17.67 10.14 35.87
C SER B 530 -18.62 9.09 36.42
N THR B 531 -18.37 7.84 36.07
CA THR B 531 -19.14 6.69 36.52
C THR B 531 -18.25 5.76 37.35
N ASN B 532 -18.82 4.64 37.76
CA ASN B 532 -18.07 3.63 38.50
C ASN B 532 -17.12 2.88 37.57
N LEU B 533 -16.19 2.13 38.17
CA LEU B 533 -15.19 1.38 37.43
C LEU B 533 -15.45 -0.11 37.61
N VAL B 534 -15.55 -0.82 36.48
CA VAL B 534 -15.75 -2.27 36.50
C VAL B 534 -14.48 -2.95 35.99
N LYS B 535 -13.61 -3.35 36.91
CA LYS B 535 -12.37 -3.98 36.52
C LYS B 535 -12.55 -5.50 36.38
N ASN B 536 -11.56 -6.13 35.74
CA ASN B 536 -11.55 -7.57 35.43
C ASN B 536 -12.77 -7.99 34.61
N LYS B 537 -13.22 -7.12 33.71
CA LYS B 537 -14.36 -7.40 32.85
C LYS B 537 -14.26 -6.53 31.60
N CYS B 538 -14.81 -7.02 30.50
CA CYS B 538 -14.71 -6.29 29.24
C CYS B 538 -15.72 -5.14 29.23
N VAL B 539 -15.20 -3.92 29.05
CA VAL B 539 -16.02 -2.72 29.17
C VAL B 539 -15.32 -1.61 28.40
N ASN B 540 -16.11 -0.69 27.85
CA ASN B 540 -15.56 0.47 27.15
C ASN B 540 -15.09 1.48 28.18
N PHE B 541 -13.83 1.86 28.12
CA PHE B 541 -13.23 2.77 29.08
C PHE B 541 -12.97 4.12 28.45
N ASN B 542 -12.99 5.16 29.28
CA ASN B 542 -12.75 6.55 28.88
C ASN B 542 -11.79 7.21 29.86
N PHE B 543 -10.70 6.53 30.17
CA PHE B 543 -9.75 6.99 31.18
C PHE B 543 -9.00 8.21 30.68
N ASN B 544 -9.34 9.38 31.22
CA ASN B 544 -8.66 10.66 30.94
C ASN B 544 -8.69 10.99 29.45
N GLY B 545 -9.82 10.70 28.80
CA GLY B 545 -9.99 10.96 27.39
C GLY B 545 -9.57 9.84 26.47
N LEU B 546 -8.99 8.76 27.00
CA LEU B 546 -8.52 7.65 26.21
C LEU B 546 -9.66 6.64 26.06
N THR B 547 -10.24 6.56 24.86
CA THR B 547 -11.37 5.67 24.62
C THR B 547 -10.88 4.36 23.99
N GLY B 548 -11.49 3.26 24.40
CA GLY B 548 -11.12 1.96 23.88
C GLY B 548 -11.94 0.87 24.55
N THR B 549 -11.78 -0.34 24.05
CA THR B 549 -12.47 -1.52 24.57
C THR B 549 -11.45 -2.59 24.92
N GLY B 550 -11.45 -3.02 26.18
CA GLY B 550 -10.54 -4.05 26.63
C GLY B 550 -10.60 -4.18 28.14
N VAL B 551 -10.07 -5.31 28.62
CA VAL B 551 -10.12 -5.58 30.05
C VAL B 551 -8.94 -4.91 30.73
N LEU B 552 -9.14 -4.54 31.99
CA LEU B 552 -8.10 -3.92 32.79
C LEU B 552 -7.86 -4.74 34.05
N THR B 553 -6.60 -4.87 34.43
CA THR B 553 -6.17 -5.54 35.64
C THR B 553 -5.28 -4.59 36.43
N GLU B 554 -4.65 -5.10 37.48
CA GLU B 554 -3.81 -4.30 38.37
C GLU B 554 -2.35 -4.58 38.07
N SER B 555 -1.58 -3.51 37.86
CA SER B 555 -0.15 -3.60 37.61
C SER B 555 0.62 -3.03 38.79
N ASN B 556 1.92 -3.35 38.84
CA ASN B 556 2.75 -3.00 39.98
C ASN B 556 3.93 -2.12 39.64
N LYS B 557 4.12 -1.74 38.38
CA LYS B 557 5.23 -0.87 38.03
C LYS B 557 4.96 0.56 38.48
N LYS B 558 6.04 1.31 38.68
CA LYS B 558 5.97 2.66 39.24
C LYS B 558 6.27 3.68 38.16
N PHE B 559 5.43 4.70 38.05
CA PHE B 559 5.64 5.77 37.09
C PHE B 559 6.54 6.86 37.67
N LEU B 560 7.06 7.68 36.77
CA LEU B 560 7.74 8.91 37.14
C LEU B 560 6.70 9.97 37.50
N PRO B 561 7.07 10.96 38.32
CA PRO B 561 6.11 12.02 38.69
C PRO B 561 5.60 12.83 37.52
N PHE B 562 6.40 13.03 36.47
CA PHE B 562 5.98 13.79 35.31
C PHE B 562 5.36 12.94 34.23
N GLN B 563 5.19 11.63 34.47
CA GLN B 563 4.61 10.71 33.49
C GLN B 563 3.25 10.22 33.99
N GLN B 564 2.27 10.20 33.08
CA GLN B 564 0.94 9.75 33.46
C GLN B 564 0.45 8.59 32.60
N PHE B 565 0.98 8.41 31.40
CA PHE B 565 0.58 7.33 30.52
C PHE B 565 1.79 6.42 30.31
N GLY B 566 1.61 5.35 29.54
CA GLY B 566 2.70 4.45 29.28
C GLY B 566 2.41 3.51 28.14
N ARG B 567 3.39 3.24 27.27
CA ARG B 567 3.17 2.24 26.19
C ARG B 567 4.40 1.34 26.01
N ASP B 568 4.48 0.22 26.72
CA ASP B 568 5.62 -0.71 26.67
C ASP B 568 6.03 -0.97 25.22
N ILE B 569 5.05 -1.18 24.35
CA ILE B 569 5.23 -1.16 22.91
C ILE B 569 4.20 -0.17 22.36
N ALA B 570 4.62 0.67 21.43
CA ALA B 570 3.71 1.65 20.84
C ALA B 570 2.59 0.94 20.10
N ASP B 571 1.45 1.64 19.96
CA ASP B 571 0.19 1.14 19.40
C ASP B 571 -0.41 0.02 20.25
N THR B 572 -0.02 -0.06 21.52
CA THR B 572 -0.67 -0.99 22.44
C THR B 572 -1.41 -0.24 23.55
N THR B 573 -0.80 0.86 24.04
CA THR B 573 -1.33 1.69 25.13
C THR B 573 -1.66 0.85 26.37
N ASP B 574 -0.65 0.14 26.88
CA ASP B 574 -0.90 -0.82 27.96
C ASP B 574 -1.09 -0.12 29.30
N ALA B 575 -0.37 0.97 29.54
CA ALA B 575 -0.29 1.55 30.87
C ALA B 575 -1.05 2.86 30.98
N VAL B 576 -1.76 3.03 32.10
CA VAL B 576 -2.52 4.22 32.40
C VAL B 576 -2.77 4.26 33.90
N ARG B 577 -2.97 5.45 34.44
CA ARG B 577 -3.33 5.63 35.85
C ARG B 577 -4.80 6.02 35.95
N ASP B 578 -5.52 5.38 36.86
CA ASP B 578 -6.89 5.76 37.16
C ASP B 578 -6.88 7.11 37.87
N PRO B 579 -7.57 8.13 37.34
CA PRO B 579 -7.55 9.44 38.00
C PRO B 579 -8.21 9.47 39.37
N GLN B 580 -9.24 8.66 39.60
CA GLN B 580 -10.00 8.73 40.84
C GLN B 580 -9.21 8.17 42.02
N THR B 581 -8.57 7.01 41.85
CA THR B 581 -7.92 6.33 42.96
C THR B 581 -6.40 6.41 42.93
N LEU B 582 -5.82 6.89 41.82
CA LEU B 582 -4.37 6.92 41.59
C LEU B 582 -3.79 5.51 41.77
N GLU B 583 -4.47 4.53 41.19
CA GLU B 583 -4.04 3.15 41.22
C GLU B 583 -3.39 2.82 39.87
N ILE B 584 -2.14 2.36 39.90
CA ILE B 584 -1.46 2.01 38.66
C ILE B 584 -2.03 0.69 38.15
N LEU B 585 -2.43 0.69 36.88
CA LEU B 585 -3.10 -0.46 36.29
C LEU B 585 -2.44 -0.83 34.97
N ASP B 586 -3.06 -1.76 34.24
CA ASP B 586 -2.66 -2.04 32.88
C ASP B 586 -3.90 -2.18 32.01
N ILE B 587 -3.73 -1.92 30.72
CA ILE B 587 -4.81 -2.04 29.74
C ILE B 587 -4.44 -3.17 28.80
N THR B 588 -5.26 -4.21 28.77
CA THR B 588 -5.06 -5.38 27.94
C THR B 588 -6.29 -5.58 27.06
N PRO B 589 -6.12 -6.24 25.91
CA PRO B 589 -7.26 -6.51 25.03
C PRO B 589 -8.33 -7.38 25.70
N CYS B 590 -9.53 -7.33 25.11
CA CYS B 590 -10.73 -7.88 25.75
C CYS B 590 -10.62 -9.38 25.99
N SER B 591 -10.02 -10.11 25.06
CA SER B 591 -9.79 -11.53 25.26
C SER B 591 -8.46 -11.91 24.62
N PHE B 592 -7.87 -12.98 25.15
CA PHE B 592 -6.63 -13.50 24.56
C PHE B 592 -6.94 -14.10 23.19
N GLY B 593 -5.98 -13.96 22.28
CA GLY B 593 -6.23 -14.35 20.90
C GLY B 593 -6.07 -15.82 20.59
N GLY B 594 -5.65 -16.63 21.56
CA GLY B 594 -5.34 -18.02 21.29
C GLY B 594 -6.53 -18.96 21.29
N VAL B 595 -7.48 -18.74 20.38
CA VAL B 595 -8.63 -19.61 20.21
C VAL B 595 -8.50 -20.33 18.87
N SER B 596 -8.70 -21.64 18.89
CA SER B 596 -8.64 -22.45 17.68
C SER B 596 -9.75 -23.48 17.73
N VAL B 597 -10.15 -23.96 16.55
CA VAL B 597 -11.26 -24.90 16.42
C VAL B 597 -10.74 -26.15 15.71
N ILE B 598 -10.94 -27.30 16.34
CA ILE B 598 -10.70 -28.60 15.72
C ILE B 598 -12.04 -29.23 15.40
N THR B 599 -12.21 -29.66 14.15
CA THR B 599 -13.51 -30.15 13.69
C THR B 599 -13.30 -31.05 12.49
N PRO B 600 -14.23 -31.98 12.24
CA PRO B 600 -14.31 -32.63 10.94
C PRO B 600 -15.00 -31.71 9.93
N GLY B 601 -15.27 -32.27 8.76
CA GLY B 601 -16.03 -31.54 7.76
C GLY B 601 -17.47 -31.32 8.21
N THR B 602 -18.08 -30.25 7.70
CA THR B 602 -19.44 -29.91 8.09
C THR B 602 -20.45 -30.91 7.55
N ASN B 603 -20.11 -31.60 6.44
CA ASN B 603 -21.00 -32.62 5.91
C ASN B 603 -21.08 -33.82 6.84
N THR B 604 -19.94 -34.23 7.42
CA THR B 604 -19.90 -35.44 8.23
C THR B 604 -20.70 -35.28 9.51
N SER B 605 -20.46 -34.21 10.26
CA SER B 605 -21.14 -33.96 11.52
C SER B 605 -21.05 -32.48 11.84
N ASN B 606 -21.94 -32.02 12.72
CA ASN B 606 -21.92 -30.66 13.22
C ASN B 606 -21.33 -30.56 14.62
N GLN B 607 -20.90 -31.68 15.20
CA GLN B 607 -20.20 -31.64 16.48
C GLN B 607 -18.82 -31.04 16.30
N VAL B 608 -18.39 -30.27 17.31
CA VAL B 608 -17.18 -29.47 17.21
C VAL B 608 -16.53 -29.37 18.58
N ALA B 609 -15.20 -29.26 18.58
CA ALA B 609 -14.42 -29.02 19.79
C ALA B 609 -13.58 -27.77 19.58
N VAL B 610 -13.30 -27.05 20.67
CA VAL B 610 -12.60 -25.77 20.61
C VAL B 610 -11.30 -25.91 21.38
N LEU B 611 -10.25 -25.23 20.90
CA LEU B 611 -8.92 -25.31 21.48
C LEU B 611 -8.58 -23.95 22.09
N TYR B 612 -8.39 -23.92 23.40
CA TYR B 612 -7.93 -22.72 24.10
C TYR B 612 -6.47 -22.88 24.43
N GLN B 613 -5.60 -22.18 23.71
CA GLN B 613 -4.17 -22.40 23.85
C GLN B 613 -3.55 -21.39 24.82
N ASP B 614 -2.45 -21.83 25.45
CA ASP B 614 -1.61 -20.99 26.33
C ASP B 614 -2.40 -20.43 27.51
N VAL B 615 -3.37 -21.19 28.01
CA VAL B 615 -4.18 -20.77 29.15
C VAL B 615 -4.32 -21.93 30.13
N ASN B 616 -4.47 -21.60 31.40
CA ASN B 616 -4.81 -22.57 32.42
C ASN B 616 -6.23 -23.07 32.22
N CYS B 617 -6.47 -24.32 32.62
CA CYS B 617 -7.82 -24.87 32.53
C CYS B 617 -8.75 -24.23 33.55
N THR B 618 -8.22 -23.84 34.71
CA THR B 618 -9.05 -23.20 35.73
C THR B 618 -9.36 -21.75 35.37
N GLU B 619 -8.56 -21.14 34.51
CA GLU B 619 -8.75 -19.76 34.09
C GLU B 619 -9.44 -19.64 32.74
N VAL B 620 -10.05 -20.72 32.25
CA VAL B 620 -10.79 -20.66 30.99
C VAL B 620 -11.98 -19.71 31.06
N PRO B 621 -12.87 -19.75 32.07
CA PRO B 621 -13.92 -18.72 32.13
C PRO B 621 -13.38 -17.32 32.37
N VAL B 622 -12.22 -17.18 33.00
CA VAL B 622 -11.65 -15.87 33.23
C VAL B 622 -11.13 -15.27 31.92
N ALA B 623 -10.43 -16.06 31.12
CA ALA B 623 -9.86 -15.53 29.88
C ALA B 623 -10.93 -15.34 28.80
N ILE B 624 -11.80 -16.33 28.61
CA ILE B 624 -12.85 -16.24 27.61
C ILE B 624 -13.93 -15.24 27.99
N HIS B 625 -14.18 -15.06 29.29
CA HIS B 625 -15.29 -14.25 29.83
C HIS B 625 -16.63 -14.77 29.32
N ALA B 626 -16.92 -16.02 29.70
CA ALA B 626 -18.14 -16.69 29.31
C ALA B 626 -19.35 -16.27 30.14
N ASP B 627 -19.16 -15.48 31.19
CA ASP B 627 -20.29 -15.01 31.98
C ASP B 627 -21.15 -14.03 31.20
N GLN B 628 -20.53 -13.22 30.35
CA GLN B 628 -21.24 -12.27 29.49
C GLN B 628 -21.45 -12.79 28.08
N LEU B 629 -21.16 -14.07 27.84
CA LEU B 629 -21.17 -14.65 26.51
C LEU B 629 -22.42 -15.52 26.34
N THR B 630 -22.68 -15.90 25.09
CA THR B 630 -23.90 -16.63 24.75
C THR B 630 -23.94 -18.00 25.42
N PRO B 631 -25.14 -18.48 25.79
CA PRO B 631 -25.23 -19.78 26.48
C PRO B 631 -24.76 -20.97 25.65
N THR B 632 -24.85 -20.90 24.33
CA THR B 632 -24.33 -21.99 23.51
C THR B 632 -22.81 -22.06 23.56
N TRP B 633 -22.14 -20.94 23.80
CA TRP B 633 -20.70 -20.93 24.00
C TRP B 633 -20.30 -21.35 25.41
N ARG B 634 -21.22 -21.23 26.34
CA ARG B 634 -20.82 -21.53 27.73
C ARG B 634 -20.69 -23.03 27.91
N VAL B 635 -21.52 -23.84 27.25
CA VAL B 635 -21.38 -25.30 27.36
C VAL B 635 -20.05 -25.76 26.77
N TYR B 636 -19.44 -24.95 25.90
CA TYR B 636 -18.10 -25.23 25.39
C TYR B 636 -17.00 -24.56 26.22
N SER B 637 -17.36 -23.58 27.05
CA SER B 637 -16.39 -22.97 27.93
C SER B 637 -15.93 -23.94 29.01
N THR B 638 -16.87 -24.60 29.67
CA THR B 638 -16.57 -25.62 30.67
C THR B 638 -17.41 -26.85 30.40
N GLY B 639 -16.89 -28.02 30.77
CA GLY B 639 -17.56 -29.27 30.51
C GLY B 639 -16.97 -30.39 31.34
N SER B 640 -17.47 -31.60 31.10
CA SER B 640 -16.97 -32.77 31.83
C SER B 640 -15.62 -33.23 31.29
N ASN B 641 -15.43 -33.18 29.98
CA ASN B 641 -14.21 -33.67 29.34
C ASN B 641 -13.21 -32.54 29.19
N VAL B 642 -12.37 -32.35 30.21
CA VAL B 642 -11.34 -31.30 30.22
C VAL B 642 -9.98 -31.98 30.15
N PHE B 643 -9.18 -31.58 29.17
CA PHE B 643 -7.83 -32.11 29.00
C PHE B 643 -6.85 -30.97 28.84
N GLN B 644 -5.76 -31.02 29.60
CA GLN B 644 -4.76 -29.95 29.62
C GLN B 644 -3.55 -30.39 28.80
N THR B 645 -3.28 -29.69 27.71
CA THR B 645 -2.10 -29.92 26.91
C THR B 645 -1.04 -28.88 27.22
N ARG B 646 0.15 -29.04 26.64
CA ARG B 646 1.16 -27.98 26.84
C ARG B 646 0.75 -26.80 25.96
N ALA B 647 0.13 -27.05 24.81
CA ALA B 647 -0.37 -25.94 24.02
C ALA B 647 -1.41 -25.14 24.78
N GLY B 648 -2.31 -25.82 25.47
CA GLY B 648 -3.34 -25.14 26.23
C GLY B 648 -4.42 -26.12 26.66
N CYS B 649 -5.50 -25.56 27.20
CA CYS B 649 -6.62 -26.36 27.69
C CYS B 649 -7.52 -26.73 26.52
N LEU B 650 -7.79 -28.02 26.37
CA LEU B 650 -8.67 -28.53 25.33
C LEU B 650 -10.00 -28.91 25.97
N ILE B 651 -11.09 -28.33 25.45
CA ILE B 651 -12.43 -28.57 25.97
C ILE B 651 -13.35 -28.87 24.81
N GLY B 652 -14.21 -29.89 24.98
CA GLY B 652 -15.09 -30.35 23.94
C GLY B 652 -14.79 -31.74 23.43
N ALA B 653 -13.68 -32.35 23.83
CA ALA B 653 -13.32 -33.71 23.44
C ALA B 653 -12.80 -34.46 24.65
N GLU B 654 -12.91 -35.78 24.60
CA GLU B 654 -12.53 -36.65 25.70
C GLU B 654 -11.25 -37.40 25.37
N HIS B 655 -10.32 -37.41 26.33
CA HIS B 655 -9.05 -38.10 26.15
C HIS B 655 -9.18 -39.59 26.46
N VAL B 656 -8.22 -40.36 25.96
CA VAL B 656 -8.22 -41.81 26.12
C VAL B 656 -6.83 -42.27 26.56
N ASN B 657 -6.81 -43.38 27.31
CA ASN B 657 -5.56 -44.07 27.56
C ASN B 657 -5.02 -44.84 26.36
N ASN B 658 -5.86 -45.17 25.39
CA ASN B 658 -5.38 -45.85 24.19
C ASN B 658 -4.68 -44.85 23.27
N SER B 659 -4.09 -45.33 22.18
CA SER B 659 -3.34 -44.49 21.27
C SER B 659 -3.72 -44.82 19.83
N TYR B 660 -4.02 -43.79 19.04
CA TYR B 660 -4.50 -43.94 17.68
C TYR B 660 -3.65 -43.10 16.73
N GLU B 661 -3.87 -43.31 15.43
CA GLU B 661 -3.09 -42.63 14.40
C GLU B 661 -3.65 -41.24 14.14
N CYS B 662 -2.74 -40.26 14.04
CA CYS B 662 -3.10 -38.86 13.86
C CYS B 662 -3.43 -38.54 12.40
N ASP B 663 -4.42 -37.67 12.22
CA ASP B 663 -4.70 -37.06 10.94
C ASP B 663 -4.65 -35.54 10.99
N ILE B 664 -5.25 -34.92 12.00
CA ILE B 664 -5.24 -33.47 12.15
C ILE B 664 -4.53 -33.10 13.45
N PRO B 665 -3.87 -31.94 13.52
CA PRO B 665 -3.05 -31.62 14.70
C PRO B 665 -3.82 -30.98 15.84
N ILE B 666 -3.21 -31.05 17.02
CA ILE B 666 -3.60 -30.22 18.16
C ILE B 666 -2.51 -29.21 18.49
N GLY B 667 -1.27 -29.66 18.63
CA GLY B 667 -0.15 -28.77 18.81
C GLY B 667 0.72 -29.05 20.02
N ALA B 668 0.44 -30.14 20.74
CA ALA B 668 1.21 -30.48 21.93
C ALA B 668 1.43 -31.99 22.03
N GLY B 669 1.55 -32.65 20.88
CA GLY B 669 1.67 -34.09 20.87
C GLY B 669 0.36 -34.84 20.98
N ILE B 670 -0.77 -34.14 20.90
CA ILE B 670 -2.09 -34.74 20.93
C ILE B 670 -2.67 -34.64 19.52
N CYS B 671 -3.60 -35.54 19.20
CA CYS B 671 -4.30 -35.47 17.92
C CYS B 671 -5.75 -35.90 18.12
N ALA B 672 -6.61 -35.36 17.28
CA ALA B 672 -8.05 -35.61 17.35
C ALA B 672 -8.53 -36.26 16.07
N SER B 673 -9.56 -37.08 16.19
CA SER B 673 -10.18 -37.73 15.05
C SER B 673 -11.60 -38.16 15.47
N TYR B 674 -12.39 -38.56 14.49
CA TYR B 674 -13.76 -39.00 14.71
C TYR B 674 -13.76 -40.50 14.94
N GLN B 675 -14.22 -40.93 16.12
CA GLN B 675 -14.22 -42.33 16.48
C GLN B 675 -15.31 -42.57 17.52
N THR B 676 -15.88 -43.76 17.48
CA THR B 676 -16.93 -44.15 18.42
C THR B 676 -16.37 -44.34 19.83
N SER B 689 -22.04 -45.04 20.91
CA SER B 689 -21.79 -43.64 21.21
C SER B 689 -20.60 -43.11 20.43
N GLN B 690 -20.86 -42.14 19.55
CA GLN B 690 -19.83 -41.54 18.72
C GLN B 690 -19.69 -40.06 19.07
N SER B 691 -18.45 -39.61 19.22
CA SER B 691 -18.16 -38.22 19.56
C SER B 691 -16.73 -37.91 19.16
N ILE B 692 -16.37 -36.63 19.26
CA ILE B 692 -15.01 -36.21 18.97
C ILE B 692 -14.12 -36.54 20.16
N ILE B 693 -12.96 -37.15 19.88
CA ILE B 693 -12.01 -37.54 20.91
C ILE B 693 -10.64 -36.99 20.54
N ALA B 694 -9.78 -36.89 21.55
CA ALA B 694 -8.40 -36.47 21.36
C ALA B 694 -7.50 -37.53 21.97
N TYR B 695 -6.49 -37.96 21.22
CA TYR B 695 -5.63 -39.05 21.64
C TYR B 695 -4.17 -38.63 21.52
N THR B 696 -3.32 -39.28 22.29
CA THR B 696 -1.89 -39.05 22.18
C THR B 696 -1.34 -39.67 20.89
N MET B 697 -0.11 -39.30 20.57
CA MET B 697 0.53 -39.78 19.36
C MET B 697 0.85 -41.27 19.42
N SER B 698 0.64 -41.94 18.28
CA SER B 698 1.04 -43.33 18.12
C SER B 698 2.41 -43.34 17.44
N LEU B 699 3.46 -43.41 18.25
CA LEU B 699 4.82 -43.49 17.71
C LEU B 699 5.04 -44.83 17.01
N GLY B 700 4.28 -45.84 17.37
CA GLY B 700 4.34 -47.12 16.70
C GLY B 700 3.98 -48.23 17.67
N ALA B 701 3.84 -49.43 17.11
CA ALA B 701 3.71 -50.61 17.95
C ALA B 701 5.07 -51.04 18.46
N GLU B 702 5.12 -51.49 19.70
CA GLU B 702 6.38 -51.87 20.32
C GLU B 702 6.81 -53.23 19.77
N ASN B 703 7.90 -53.24 19.01
CA ASN B 703 8.48 -54.47 18.48
C ASN B 703 9.69 -54.84 19.33
N SER B 704 9.63 -56.01 19.95
CA SER B 704 10.65 -56.46 20.88
C SER B 704 11.68 -57.31 20.14
N VAL B 705 12.92 -56.76 20.07
CA VAL B 705 14.02 -57.42 19.30
C VAL B 705 15.30 -57.44 20.17
N ALA B 706 16.10 -58.51 20.08
CA ALA B 706 17.30 -58.64 20.95
C ALA B 706 18.64 -58.63 20.18
N TYR B 707 19.46 -57.60 20.35
CA TYR B 707 20.71 -57.50 19.55
C TYR B 707 21.45 -58.73 19.92
N SER B 708 21.43 -58.98 21.21
CA SER B 708 22.12 -60.18 21.70
C SER B 708 23.49 -60.18 21.01
N ASN B 709 23.93 -61.29 20.48
CA ASN B 709 25.19 -61.31 19.71
C ASN B 709 25.14 -62.71 19.19
N ASN B 710 26.01 -63.12 18.29
CA ASN B 710 25.95 -64.54 17.95
C ASN B 710 24.50 -64.97 17.71
N SER B 711 23.76 -64.25 16.87
CA SER B 711 22.40 -64.72 16.51
C SER B 711 22.03 -64.19 15.12
N ILE B 712 21.44 -64.99 14.23
CA ILE B 712 21.04 -64.39 12.97
C ILE B 712 19.60 -64.78 12.67
N ALA B 713 18.87 -63.84 12.08
CA ALA B 713 17.54 -64.09 11.53
C ALA B 713 17.63 -63.96 10.02
N ILE B 714 17.00 -64.89 9.31
CA ILE B 714 16.97 -64.88 7.85
C ILE B 714 15.51 -65.07 7.45
N PRO B 715 14.98 -64.32 6.48
CA PRO B 715 13.56 -64.48 6.12
C PRO B 715 13.35 -65.80 5.41
N THR B 716 12.57 -66.69 6.04
CA THR B 716 12.24 -67.95 5.40
C THR B 716 11.37 -67.75 4.17
N ASN B 717 10.40 -66.83 4.26
CA ASN B 717 9.45 -66.62 3.19
C ASN B 717 9.30 -65.11 2.97
N PHE B 718 8.74 -64.74 1.83
CA PHE B 718 8.67 -63.32 1.48
C PHE B 718 7.36 -63.02 0.81
N THR B 719 6.97 -61.74 0.85
CA THR B 719 5.76 -61.26 0.24
C THR B 719 6.09 -60.12 -0.72
N ILE B 720 5.29 -60.00 -1.78
CA ILE B 720 5.39 -58.90 -2.72
C ILE B 720 4.08 -58.12 -2.65
N SER B 721 4.18 -56.83 -2.35
CA SER B 721 3.00 -55.99 -2.17
C SER B 721 3.27 -54.62 -2.77
N VAL B 722 2.38 -54.16 -3.63
CA VAL B 722 2.50 -52.86 -4.26
C VAL B 722 1.73 -51.83 -3.43
N THR B 723 2.36 -50.68 -3.20
CA THR B 723 1.76 -49.58 -2.46
C THR B 723 1.74 -48.35 -3.33
N THR B 724 0.69 -47.55 -3.20
CA THR B 724 0.49 -46.38 -4.04
C THR B 724 0.95 -45.13 -3.33
N GLU B 725 1.88 -44.40 -3.95
CA GLU B 725 2.31 -43.09 -3.48
C GLU B 725 1.79 -42.02 -4.42
N ILE B 726 1.04 -41.07 -3.88
CA ILE B 726 0.37 -40.05 -4.66
C ILE B 726 1.12 -38.74 -4.44
N LEU B 727 1.70 -38.20 -5.50
CA LEU B 727 2.50 -36.97 -5.43
C LEU B 727 1.96 -35.96 -6.43
N PRO B 728 1.42 -34.83 -5.99
CA PRO B 728 1.01 -33.79 -6.94
C PRO B 728 2.23 -33.18 -7.62
N VAL B 729 2.22 -33.21 -8.95
CA VAL B 729 3.37 -32.78 -9.73
C VAL B 729 3.13 -31.45 -10.45
N SER B 730 1.88 -31.09 -10.73
CA SER B 730 1.58 -29.84 -11.42
C SER B 730 0.39 -29.18 -10.74
N MET B 731 0.25 -27.89 -10.98
CA MET B 731 -0.80 -27.09 -10.38
C MET B 731 -1.40 -26.21 -11.47
N THR B 732 -2.69 -25.89 -11.31
CA THR B 732 -3.47 -25.27 -12.38
C THR B 732 -2.89 -23.92 -12.79
N LYS B 733 -2.74 -23.72 -14.09
CA LYS B 733 -2.25 -22.45 -14.61
C LYS B 733 -3.32 -21.37 -14.45
N THR B 734 -2.88 -20.17 -14.08
CA THR B 734 -3.76 -19.02 -13.96
C THR B 734 -3.04 -17.78 -14.46
N SER B 735 -3.82 -16.81 -14.91
CA SER B 735 -3.28 -15.56 -15.42
C SER B 735 -4.31 -14.46 -15.22
N VAL B 736 -3.85 -13.22 -15.28
CA VAL B 736 -4.71 -12.07 -15.09
C VAL B 736 -4.52 -11.11 -16.26
N ASP B 737 -5.61 -10.46 -16.65
CA ASP B 737 -5.57 -9.39 -17.65
C ASP B 737 -5.70 -8.06 -16.92
N CYS B 738 -4.79 -7.14 -17.23
CA CYS B 738 -4.67 -5.91 -16.46
C CYS B 738 -5.86 -4.98 -16.68
N THR B 739 -6.28 -4.82 -17.92
CA THR B 739 -7.31 -3.84 -18.25
C THR B 739 -8.65 -4.22 -17.62
N MET B 740 -9.05 -5.49 -17.76
CA MET B 740 -10.30 -5.93 -17.15
C MET B 740 -10.16 -6.14 -15.64
N TYR B 741 -8.95 -6.10 -15.10
CA TYR B 741 -8.81 -6.12 -13.64
C TYR B 741 -8.97 -4.73 -13.05
N ILE B 742 -8.10 -3.79 -13.46
CA ILE B 742 -8.07 -2.49 -12.78
C ILE B 742 -9.05 -1.52 -13.43
N CYS B 743 -9.18 -1.53 -14.76
CA CYS B 743 -10.27 -0.76 -15.38
C CYS B 743 -11.61 -1.45 -15.21
N GLY B 744 -11.76 -2.63 -15.78
CA GLY B 744 -13.09 -3.22 -15.86
C GLY B 744 -13.94 -2.44 -16.83
N ASP B 745 -14.90 -1.68 -16.28
CA ASP B 745 -15.77 -0.81 -17.07
C ASP B 745 -15.43 0.66 -16.87
N SER B 746 -14.25 0.98 -16.35
CA SER B 746 -13.88 2.37 -16.12
C SER B 746 -13.60 3.09 -17.43
N THR B 747 -14.12 4.32 -17.53
CA THR B 747 -13.90 5.12 -18.73
C THR B 747 -12.47 5.66 -18.78
N GLU B 748 -11.97 6.13 -17.65
CA GLU B 748 -10.70 6.84 -17.60
C GLU B 748 -9.50 5.91 -17.49
N CYS B 749 -9.32 5.00 -18.46
CA CYS B 749 -8.18 4.09 -18.39
C CYS B 749 -6.86 4.79 -18.67
N SER B 750 -6.89 6.02 -19.17
CA SER B 750 -5.66 6.79 -19.38
C SER B 750 -4.96 7.06 -18.06
N ASN B 751 -5.73 7.39 -17.02
CA ASN B 751 -5.16 7.52 -15.68
C ASN B 751 -4.85 6.14 -15.09
N LEU B 752 -5.73 5.17 -15.31
CA LEU B 752 -5.64 3.89 -14.61
C LEU B 752 -4.51 3.03 -15.16
N LEU B 753 -4.37 2.97 -16.49
CA LEU B 753 -3.39 2.08 -17.09
C LEU B 753 -1.97 2.67 -17.06
N LEU B 754 -1.84 3.95 -17.43
CA LEU B 754 -0.52 4.56 -17.57
C LEU B 754 0.18 4.67 -16.22
N GLN B 755 -0.58 4.93 -15.15
CA GLN B 755 0.04 5.14 -13.85
C GLN B 755 0.14 3.85 -13.04
N TYR B 756 -0.85 2.97 -13.15
CA TYR B 756 -0.96 1.83 -12.26
C TYR B 756 -1.01 0.47 -12.94
N GLY B 757 -1.10 0.42 -14.27
CA GLY B 757 -1.14 -0.87 -14.94
C GLY B 757 0.22 -1.53 -15.02
N SER B 758 1.29 -0.80 -14.66
CA SER B 758 2.63 -1.36 -14.75
C SER B 758 2.91 -2.32 -13.58
N PHE B 759 2.33 -2.04 -12.41
CA PHE B 759 2.30 -3.05 -11.34
C PHE B 759 1.67 -4.35 -11.81
N CYS B 760 0.51 -4.24 -12.48
CA CYS B 760 -0.14 -5.43 -13.00
C CYS B 760 0.67 -6.07 -14.12
N THR B 761 1.45 -5.27 -14.85
CA THR B 761 2.34 -5.83 -15.86
C THR B 761 3.43 -6.69 -15.21
N GLN B 762 4.01 -6.21 -14.10
CA GLN B 762 4.95 -7.03 -13.33
C GLN B 762 4.29 -8.29 -12.80
N LEU B 763 3.07 -8.16 -12.27
CA LEU B 763 2.39 -9.33 -11.71
C LEU B 763 2.00 -10.32 -12.80
N ASN B 764 1.63 -9.82 -13.98
CA ASN B 764 1.30 -10.69 -15.11
C ASN B 764 2.55 -11.38 -15.63
N ARG B 765 3.70 -10.71 -15.59
CA ARG B 765 4.97 -11.36 -15.88
C ARG B 765 5.26 -12.47 -14.88
N ALA B 766 4.94 -12.23 -13.61
CA ALA B 766 5.12 -13.27 -12.59
C ALA B 766 4.20 -14.46 -12.84
N LEU B 767 2.93 -14.21 -13.18
CA LEU B 767 2.04 -15.32 -13.54
C LEU B 767 2.49 -16.04 -14.80
N THR B 768 3.06 -15.32 -15.77
CA THR B 768 3.60 -15.98 -16.96
C THR B 768 4.77 -16.88 -16.62
N GLY B 769 5.65 -16.42 -15.71
CA GLY B 769 6.73 -17.27 -15.25
C GLY B 769 6.24 -18.49 -14.50
N ILE B 770 5.18 -18.32 -13.69
CA ILE B 770 4.58 -19.45 -12.98
C ILE B 770 3.97 -20.45 -13.97
N ALA B 771 3.31 -19.94 -15.01
CA ALA B 771 2.72 -20.81 -16.03
C ALA B 771 3.80 -21.58 -16.80
N VAL B 772 4.91 -20.91 -17.12
CA VAL B 772 6.02 -21.58 -17.79
C VAL B 772 6.62 -22.65 -16.87
N GLU B 773 6.75 -22.34 -15.57
CA GLU B 773 7.25 -23.32 -14.62
C GLU B 773 6.32 -24.53 -14.50
N GLN B 774 5.01 -24.29 -14.54
CA GLN B 774 4.06 -25.39 -14.47
C GLN B 774 4.08 -26.23 -15.74
N ASP B 775 4.34 -25.62 -16.89
CA ASP B 775 4.56 -26.40 -18.11
C ASP B 775 5.83 -27.25 -18.00
N LYS B 776 6.93 -26.65 -17.53
CA LYS B 776 8.18 -27.39 -17.45
C LYS B 776 8.17 -28.46 -16.37
N ASN B 777 7.31 -28.33 -15.35
CA ASN B 777 7.19 -29.39 -14.35
C ASN B 777 6.75 -30.70 -14.99
N THR B 778 5.62 -30.67 -15.70
CA THR B 778 5.15 -31.88 -16.37
C THR B 778 6.03 -32.25 -17.56
N GLN B 779 6.69 -31.27 -18.16
CA GLN B 779 7.60 -31.55 -19.27
C GLN B 779 8.80 -32.36 -18.81
N GLU B 780 9.37 -32.03 -17.66
CA GLU B 780 10.55 -32.75 -17.18
C GLU B 780 10.19 -33.99 -16.38
N VAL B 781 8.97 -34.11 -15.87
CA VAL B 781 8.66 -35.38 -15.19
C VAL B 781 8.16 -36.41 -16.18
N PHE B 782 7.56 -35.97 -17.30
CA PHE B 782 6.93 -36.91 -18.21
C PHE B 782 7.70 -37.12 -19.50
N ALA B 783 8.65 -36.25 -19.82
CA ALA B 783 9.40 -36.38 -21.06
C ALA B 783 10.91 -36.28 -20.84
N GLN B 784 11.43 -37.04 -19.87
CA GLN B 784 12.87 -37.19 -19.76
C GLN B 784 13.44 -37.88 -20.99
N VAL B 785 12.76 -38.91 -21.47
CA VAL B 785 13.03 -39.51 -22.77
C VAL B 785 11.92 -39.07 -23.72
N LYS B 786 12.31 -38.53 -24.89
CA LYS B 786 11.37 -38.05 -25.88
C LYS B 786 11.24 -39.01 -27.05
N GLN B 787 11.23 -40.30 -26.77
CA GLN B 787 11.15 -41.34 -27.80
C GLN B 787 9.85 -42.10 -27.57
N ILE B 788 8.86 -41.89 -28.42
CA ILE B 788 7.53 -42.47 -28.23
C ILE B 788 7.58 -43.95 -28.59
N TYR B 789 6.80 -44.76 -27.88
CA TYR B 789 6.76 -46.20 -28.08
C TYR B 789 5.32 -46.63 -28.36
N LYS B 790 5.13 -47.42 -29.41
CA LYS B 790 3.84 -48.04 -29.65
C LYS B 790 3.59 -49.14 -28.63
N THR B 791 2.33 -49.34 -28.30
CA THR B 791 1.97 -50.36 -27.31
C THR B 791 2.23 -51.75 -27.88
N PRO B 792 2.97 -52.60 -27.17
CA PRO B 792 3.18 -53.97 -27.62
C PRO B 792 1.89 -54.77 -27.51
N PRO B 793 1.76 -55.84 -28.29
CA PRO B 793 0.57 -56.71 -28.14
C PRO B 793 0.53 -57.34 -26.76
N ILE B 794 -0.65 -57.30 -26.14
CA ILE B 794 -0.79 -57.80 -24.77
C ILE B 794 -0.83 -59.32 -24.81
N LYS B 795 0.32 -59.95 -24.58
CA LYS B 795 0.44 -61.40 -24.61
C LYS B 795 1.62 -61.80 -23.76
N ASP B 796 1.46 -62.91 -23.02
CA ASP B 796 2.47 -63.65 -22.25
C ASP B 796 3.53 -62.76 -21.58
N PHE B 797 3.06 -61.83 -20.74
CA PHE B 797 3.94 -61.04 -19.87
C PHE B 797 4.35 -61.83 -18.63
N GLY B 798 4.96 -62.99 -18.87
CA GLY B 798 5.52 -63.80 -17.80
C GLY B 798 4.51 -64.32 -16.79
N GLY B 799 3.23 -64.38 -17.15
CA GLY B 799 2.19 -64.72 -16.22
C GLY B 799 1.63 -63.54 -15.43
N PHE B 800 2.24 -62.36 -15.56
CA PHE B 800 1.73 -61.17 -14.88
C PHE B 800 0.68 -60.51 -15.75
N ASN B 801 -0.44 -60.12 -15.15
CA ASN B 801 -1.55 -59.52 -15.87
C ASN B 801 -1.38 -58.00 -15.88
N PHE B 802 -1.16 -57.44 -17.08
CA PHE B 802 -0.95 -56.01 -17.24
C PHE B 802 -2.07 -55.32 -17.98
N SER B 803 -3.25 -55.95 -18.07
CA SER B 803 -4.37 -55.32 -18.77
C SER B 803 -4.93 -54.14 -18.00
N GLN B 804 -4.76 -54.13 -16.67
CA GLN B 804 -5.29 -53.03 -15.88
C GLN B 804 -4.46 -51.77 -16.03
N ILE B 805 -3.12 -51.92 -16.07
CA ILE B 805 -2.25 -50.76 -16.12
C ILE B 805 -1.87 -50.36 -17.55
N LEU B 806 -1.84 -51.29 -18.49
CA LEU B 806 -1.51 -50.84 -19.83
C LEU B 806 -2.76 -50.31 -20.54
N PRO B 807 -2.62 -49.29 -21.39
CA PRO B 807 -3.76 -48.82 -22.17
C PRO B 807 -4.23 -49.84 -23.20
N ASP B 808 -5.45 -50.33 -23.03
CA ASP B 808 -5.96 -51.35 -23.93
C ASP B 808 -6.30 -50.74 -25.29
N PRO B 809 -6.05 -51.47 -26.38
CA PRO B 809 -6.39 -50.97 -27.71
C PRO B 809 -7.86 -51.12 -28.10
N SER B 810 -8.73 -51.49 -27.16
CA SER B 810 -10.16 -51.60 -27.47
C SER B 810 -10.76 -50.23 -27.78
N LYS B 811 -10.36 -49.21 -27.02
CA LYS B 811 -10.78 -47.84 -27.23
C LYS B 811 -9.59 -47.00 -27.70
N PRO B 812 -9.81 -46.02 -28.58
CA PRO B 812 -8.69 -45.22 -29.09
C PRO B 812 -8.07 -44.27 -28.07
N SER B 813 -8.71 -44.07 -26.91
CA SER B 813 -8.09 -43.29 -25.85
C SER B 813 -7.00 -44.09 -25.17
N LYS B 814 -5.89 -43.43 -24.85
CA LYS B 814 -4.74 -44.08 -24.25
C LYS B 814 -4.82 -44.15 -22.73
N ARG B 815 -6.01 -44.06 -22.15
CA ARG B 815 -6.18 -44.12 -20.71
C ARG B 815 -6.37 -45.55 -20.25
N SER B 816 -5.65 -45.95 -19.21
CA SER B 816 -5.79 -47.28 -18.65
C SER B 816 -7.04 -47.38 -17.77
N PHE B 817 -7.33 -48.60 -17.32
CA PHE B 817 -8.50 -48.82 -16.48
C PHE B 817 -8.35 -48.16 -15.12
N ILE B 818 -7.22 -48.40 -14.45
CA ILE B 818 -6.94 -47.72 -13.19
C ILE B 818 -6.71 -46.22 -13.43
N GLU B 819 -6.20 -45.86 -14.60
CA GLU B 819 -6.07 -44.45 -14.95
C GLU B 819 -7.44 -43.81 -15.15
N ASP B 820 -8.39 -44.56 -15.72
CA ASP B 820 -9.77 -44.10 -15.80
C ASP B 820 -10.39 -43.92 -14.43
N LEU B 821 -10.10 -44.84 -13.50
CA LEU B 821 -10.58 -44.70 -12.13
C LEU B 821 -9.98 -43.46 -11.46
N LEU B 822 -8.70 -43.19 -11.71
CA LEU B 822 -8.07 -41.99 -11.17
C LEU B 822 -8.70 -40.72 -11.73
N PHE B 823 -8.99 -40.71 -13.04
CA PHE B 823 -9.62 -39.54 -13.64
C PHE B 823 -11.06 -39.37 -13.15
N ASN B 824 -11.75 -40.47 -12.86
CA ASN B 824 -13.14 -40.37 -12.40
C ASN B 824 -13.22 -39.94 -10.93
N LYS B 825 -12.29 -40.40 -10.10
CA LYS B 825 -12.39 -40.13 -8.67
C LYS B 825 -12.03 -38.69 -8.31
N VAL B 826 -11.19 -38.04 -9.11
CA VAL B 826 -10.80 -36.67 -8.83
C VAL B 826 -11.92 -35.74 -9.26
N THR B 827 -12.47 -34.99 -8.30
CA THR B 827 -13.58 -34.08 -8.55
C THR B 827 -13.02 -32.69 -8.81
N LEU B 828 -13.12 -32.23 -10.05
CA LEU B 828 -12.65 -30.89 -10.40
C LEU B 828 -13.60 -29.84 -9.85
N ALA B 829 -13.02 -28.81 -9.23
CA ALA B 829 -13.75 -27.69 -8.61
C ALA B 829 -14.78 -28.15 -7.59
N ASN B 856 -13.65 -11.65 -12.99
CA ASN B 856 -13.33 -10.25 -13.26
C ASN B 856 -11.95 -10.10 -13.88
N GLY B 857 -11.82 -10.51 -15.14
CA GLY B 857 -10.55 -10.43 -15.84
C GLY B 857 -9.58 -11.55 -15.55
N LEU B 858 -9.96 -12.49 -14.70
CA LEU B 858 -9.09 -13.61 -14.33
C LEU B 858 -9.38 -14.79 -15.25
N THR B 859 -8.40 -15.16 -16.07
CA THR B 859 -8.52 -16.25 -17.02
C THR B 859 -7.66 -17.42 -16.59
N VAL B 860 -8.15 -18.63 -16.83
CA VAL B 860 -7.43 -19.85 -16.51
C VAL B 860 -6.82 -20.36 -17.81
N LEU B 861 -5.50 -20.30 -17.89
CA LEU B 861 -4.80 -20.80 -19.07
C LEU B 861 -4.82 -22.32 -19.07
N PRO B 862 -5.18 -22.95 -20.18
CA PRO B 862 -5.13 -24.41 -20.24
C PRO B 862 -3.69 -24.89 -20.23
N PRO B 863 -3.42 -26.08 -19.69
CA PRO B 863 -2.06 -26.61 -19.71
C PRO B 863 -1.59 -26.94 -21.11
N LEU B 864 -0.28 -26.85 -21.32
CA LEU B 864 0.28 -27.13 -22.64
C LEU B 864 0.13 -28.60 -23.01
N LEU B 865 0.50 -29.51 -22.12
CA LEU B 865 0.41 -30.93 -22.39
C LEU B 865 -0.99 -31.43 -22.01
N THR B 866 -1.77 -31.81 -23.02
CA THR B 866 -3.13 -32.27 -22.78
C THR B 866 -3.14 -33.66 -22.14
N ASP B 867 -4.33 -34.11 -21.76
CA ASP B 867 -4.45 -35.36 -21.03
C ASP B 867 -4.13 -36.56 -21.92
N GLU B 868 -4.49 -36.48 -23.21
CA GLU B 868 -4.26 -37.59 -24.13
C GLU B 868 -2.77 -37.84 -24.34
N MET B 869 -1.98 -36.77 -24.49
CA MET B 869 -0.56 -36.96 -24.73
C MET B 869 0.18 -37.34 -23.46
N ILE B 870 -0.32 -36.93 -22.29
CA ILE B 870 0.22 -37.44 -21.03
C ILE B 870 -0.06 -38.94 -20.90
N ALA B 871 -1.26 -39.37 -21.28
CA ALA B 871 -1.58 -40.79 -21.29
C ALA B 871 -0.69 -41.55 -22.27
N GLN B 872 -0.40 -40.95 -23.43
CA GLN B 872 0.47 -41.59 -24.41
C GLN B 872 1.92 -41.67 -23.91
N TYR B 873 2.40 -40.62 -23.24
CA TYR B 873 3.74 -40.65 -22.67
C TYR B 873 3.84 -41.69 -21.56
N THR B 874 2.79 -41.80 -20.73
CA THR B 874 2.77 -42.83 -19.70
C THR B 874 2.74 -44.22 -20.32
N SER B 875 2.00 -44.39 -21.41
CA SER B 875 1.99 -45.67 -22.12
C SER B 875 3.36 -46.01 -22.69
N ALA B 876 4.05 -45.02 -23.26
CA ALA B 876 5.39 -45.24 -23.80
C ALA B 876 6.37 -45.59 -22.69
N LEU B 877 6.28 -44.91 -21.55
CA LEU B 877 7.14 -45.25 -20.40
C LEU B 877 6.87 -46.65 -19.90
N LEU B 878 5.60 -47.04 -19.81
CA LEU B 878 5.26 -48.40 -19.36
C LEU B 878 5.76 -49.44 -20.35
N ALA B 879 5.61 -49.19 -21.65
CA ALA B 879 6.06 -50.12 -22.67
C ALA B 879 7.57 -50.26 -22.68
N GLY B 880 8.29 -49.16 -22.48
CA GLY B 880 9.74 -49.25 -22.34
C GLY B 880 10.16 -49.92 -21.05
N THR B 881 9.35 -49.82 -20.00
CA THR B 881 9.69 -50.45 -18.73
C THR B 881 9.51 -51.96 -18.80
N ILE B 882 8.43 -52.43 -19.42
CA ILE B 882 8.14 -53.86 -19.34
C ILE B 882 8.80 -54.63 -20.48
N THR B 883 9.06 -53.98 -21.61
CA THR B 883 9.67 -54.68 -22.74
C THR B 883 11.15 -54.34 -22.88
N SER B 884 11.49 -53.06 -22.98
CA SER B 884 12.89 -52.69 -23.10
C SER B 884 13.62 -52.78 -21.76
N GLY B 885 12.92 -52.51 -20.67
CA GLY B 885 13.53 -52.51 -19.35
C GLY B 885 13.96 -51.13 -18.94
N TRP B 886 15.26 -50.94 -18.74
CA TRP B 886 15.83 -49.61 -18.49
C TRP B 886 16.83 -49.20 -19.57
N THR B 887 16.98 -50.00 -20.62
CA THR B 887 17.92 -49.67 -21.68
C THR B 887 17.39 -48.57 -22.59
N PHE B 888 16.12 -48.26 -22.38
CA PHE B 888 15.49 -47.25 -23.26
C PHE B 888 15.98 -45.91 -22.77
N GLY B 889 16.49 -45.87 -21.56
CA GLY B 889 17.10 -44.61 -21.10
C GLY B 889 18.32 -44.28 -21.94
N ALA B 890 19.16 -45.29 -22.21
CA ALA B 890 20.42 -45.06 -22.95
C ALA B 890 20.41 -45.81 -24.27
N GLY B 891 20.38 -45.11 -25.38
CA GLY B 891 20.48 -45.80 -26.67
C GLY B 891 19.22 -46.52 -27.05
N ALA B 892 19.34 -47.47 -27.96
CA ALA B 892 18.14 -48.18 -28.46
C ALA B 892 17.63 -49.18 -27.44
N ALA B 893 16.36 -49.52 -27.57
CA ALA B 893 15.76 -50.38 -26.57
C ALA B 893 16.07 -51.80 -26.95
N LEU B 894 17.00 -52.44 -26.24
CA LEU B 894 17.24 -53.86 -26.51
C LEU B 894 15.96 -54.55 -26.01
N GLN B 895 15.39 -55.48 -26.75
CA GLN B 895 14.12 -56.08 -26.29
C GLN B 895 14.43 -57.07 -25.16
N ILE B 896 13.77 -56.96 -24.01
CA ILE B 896 13.99 -57.88 -22.91
C ILE B 896 12.67 -58.62 -22.63
N PRO B 897 12.66 -59.95 -22.63
CA PRO B 897 11.49 -60.67 -22.11
C PRO B 897 11.33 -60.39 -20.62
N PHE B 898 10.07 -60.26 -20.19
CA PHE B 898 9.77 -59.70 -18.87
C PHE B 898 10.27 -60.57 -17.71
N ALA B 899 10.46 -61.86 -17.93
CA ALA B 899 11.00 -62.71 -16.87
C ALA B 899 12.43 -62.32 -16.51
N MET B 900 13.25 -62.02 -17.52
CA MET B 900 14.64 -61.64 -17.24
C MET B 900 14.75 -60.21 -16.75
N GLN B 901 13.84 -59.33 -17.17
CA GLN B 901 13.78 -58.01 -16.55
C GLN B 901 13.41 -58.10 -15.09
N MET B 902 12.45 -58.98 -14.76
CA MET B 902 12.11 -59.26 -13.37
C MET B 902 13.28 -59.84 -12.60
N ALA B 903 14.02 -60.76 -13.23
CA ALA B 903 15.19 -61.34 -12.57
C ALA B 903 16.29 -60.32 -12.33
N TYR B 904 16.50 -59.40 -13.28
CA TYR B 904 17.59 -58.44 -13.13
C TYR B 904 17.23 -57.31 -12.18
N ARG B 905 15.94 -56.97 -12.05
CA ARG B 905 15.53 -56.06 -10.99
C ARG B 905 15.30 -56.78 -9.66
N PHE B 906 15.28 -58.11 -9.68
CA PHE B 906 15.22 -58.93 -8.47
C PHE B 906 16.60 -59.18 -7.89
N ASN B 907 17.62 -59.17 -8.76
CA ASN B 907 19.00 -59.37 -8.32
C ASN B 907 19.57 -58.14 -7.64
N GLY B 908 18.89 -56.99 -7.77
CA GLY B 908 19.42 -55.75 -7.22
C GLY B 908 19.22 -55.57 -5.73
N ILE B 909 18.56 -56.52 -5.06
CA ILE B 909 18.31 -56.42 -3.63
C ILE B 909 19.09 -57.47 -2.85
N GLY B 910 20.12 -58.08 -3.44
CA GLY B 910 21.01 -58.97 -2.75
C GLY B 910 20.68 -60.44 -2.89
N VAL B 911 19.50 -60.78 -3.37
CA VAL B 911 19.10 -62.17 -3.53
C VAL B 911 19.39 -62.64 -4.95
N THR B 912 19.54 -63.94 -5.09
CA THR B 912 19.95 -64.57 -6.34
C THR B 912 18.71 -64.82 -7.21
N GLN B 913 18.92 -64.93 -8.52
CA GLN B 913 17.85 -65.07 -9.51
C GLN B 913 17.07 -66.36 -9.38
N ASN B 914 17.55 -67.34 -8.62
CA ASN B 914 16.87 -68.63 -8.52
C ASN B 914 15.54 -68.53 -7.80
N VAL B 915 15.42 -67.60 -6.84
CA VAL B 915 14.21 -67.49 -6.02
C VAL B 915 13.00 -67.12 -6.88
N LEU B 916 13.20 -66.19 -7.83
CA LEU B 916 12.11 -65.79 -8.71
C LEU B 916 11.68 -66.92 -9.63
N TYR B 917 12.63 -67.53 -10.34
CA TYR B 917 12.28 -68.52 -11.35
C TYR B 917 11.79 -69.83 -10.74
N GLU B 918 12.19 -70.14 -9.51
CA GLU B 918 11.68 -71.34 -8.87
C GLU B 918 10.22 -71.19 -8.45
N ASN B 919 9.75 -69.95 -8.28
CA ASN B 919 8.40 -69.67 -7.83
C ASN B 919 7.76 -68.58 -8.67
N GLN B 920 7.86 -68.70 -10.00
CA GLN B 920 7.32 -67.67 -10.89
C GLN B 920 5.81 -67.58 -10.81
N LYS B 921 5.13 -68.73 -10.71
CA LYS B 921 3.67 -68.74 -10.64
C LYS B 921 3.18 -68.07 -9.35
N LEU B 922 3.87 -68.32 -8.23
CA LEU B 922 3.50 -67.69 -6.97
C LEU B 922 3.68 -66.17 -7.03
N ILE B 923 4.77 -65.71 -7.67
CA ILE B 923 5.00 -64.28 -7.82
C ILE B 923 3.93 -63.65 -8.70
N ALA B 924 3.56 -64.32 -9.79
CA ALA B 924 2.51 -63.81 -10.67
C ALA B 924 1.17 -63.74 -9.95
N ASN B 925 0.84 -64.77 -9.16
CA ASN B 925 -0.41 -64.76 -8.41
C ASN B 925 -0.42 -63.68 -7.33
N GLN B 926 0.71 -63.48 -6.66
CA GLN B 926 0.80 -62.43 -5.65
C GLN B 926 0.66 -61.05 -6.27
N PHE B 927 1.28 -60.83 -7.43
CA PHE B 927 1.16 -59.55 -8.11
C PHE B 927 -0.27 -59.31 -8.60
N ASN B 928 -0.92 -60.36 -9.11
CA ASN B 928 -2.31 -60.23 -9.55
C ASN B 928 -3.24 -59.93 -8.39
N SER B 929 -3.02 -60.60 -7.24
CA SER B 929 -3.82 -60.31 -6.05
C SER B 929 -3.59 -58.90 -5.54
N ALA B 930 -2.34 -58.43 -5.59
CA ALA B 930 -2.04 -57.06 -5.17
C ALA B 930 -2.70 -56.04 -6.09
N ILE B 931 -2.67 -56.30 -7.41
CA ILE B 931 -3.34 -55.41 -8.37
C ILE B 931 -4.84 -55.38 -8.13
N GLY B 932 -5.43 -56.55 -7.85
CA GLY B 932 -6.85 -56.60 -7.53
C GLY B 932 -7.20 -55.86 -6.26
N LYS B 933 -6.35 -55.96 -5.23
CA LYS B 933 -6.58 -55.25 -3.99
C LYS B 933 -6.45 -53.74 -4.18
N ILE B 934 -5.49 -53.30 -5.00
CA ILE B 934 -5.36 -51.87 -5.31
C ILE B 934 -6.58 -51.38 -6.08
N GLN B 935 -7.07 -52.18 -7.04
CA GLN B 935 -8.23 -51.78 -7.82
C GLN B 935 -9.49 -51.71 -6.95
N ASP B 936 -9.63 -52.64 -6.01
CA ASP B 936 -10.77 -52.61 -5.10
C ASP B 936 -10.68 -51.44 -4.12
N SER B 937 -9.48 -51.15 -3.63
CA SER B 937 -9.30 -50.07 -2.68
C SER B 937 -9.48 -48.70 -3.35
N LEU B 938 -9.07 -48.58 -4.60
CA LEU B 938 -9.21 -47.35 -5.36
C LEU B 938 -10.55 -47.24 -6.07
N SER B 939 -11.58 -47.96 -5.60
CA SER B 939 -12.92 -47.88 -6.18
C SER B 939 -14.00 -47.85 -5.10
N SER B 940 -13.63 -47.49 -3.86
CA SER B 940 -14.57 -47.45 -2.74
C SER B 940 -15.11 -46.05 -2.48
N THR B 941 -14.84 -45.09 -3.39
CA THR B 941 -15.25 -43.69 -3.36
C THR B 941 -14.69 -42.90 -2.18
N ALA B 942 -13.84 -43.49 -1.35
CA ALA B 942 -13.19 -42.79 -0.25
C ALA B 942 -11.73 -43.22 -0.14
N SER B 943 -11.06 -43.39 -1.28
CA SER B 943 -9.69 -43.87 -1.31
C SER B 943 -8.73 -42.74 -0.98
N ALA B 944 -7.43 -43.05 -0.99
CA ALA B 944 -6.39 -42.10 -0.61
C ALA B 944 -6.04 -41.23 -1.81
N LEU B 945 -6.98 -40.35 -2.16
CA LEU B 945 -6.77 -39.36 -3.22
C LEU B 945 -6.88 -37.95 -2.68
N GLY B 946 -6.69 -37.76 -1.37
CA GLY B 946 -6.82 -36.44 -0.78
C GLY B 946 -5.71 -35.49 -1.18
N LYS B 947 -4.49 -36.02 -1.39
CA LYS B 947 -3.36 -35.16 -1.75
C LYS B 947 -3.56 -34.50 -3.12
N LEU B 948 -4.25 -35.19 -4.03
CA LEU B 948 -4.56 -34.60 -5.33
C LEU B 948 -5.71 -33.61 -5.22
N GLN B 949 -6.69 -33.88 -4.36
CA GLN B 949 -7.84 -32.99 -4.25
C GLN B 949 -7.49 -31.70 -3.52
N ASP B 950 -6.49 -31.74 -2.63
CA ASP B 950 -6.12 -30.55 -1.88
C ASP B 950 -5.57 -29.44 -2.76
N VAL B 951 -4.87 -29.80 -3.84
CA VAL B 951 -4.31 -28.78 -4.74
C VAL B 951 -5.43 -27.99 -5.42
N VAL B 952 -6.41 -28.71 -5.97
CA VAL B 952 -7.55 -28.08 -6.64
C VAL B 952 -8.38 -27.29 -5.63
N ASN B 953 -8.59 -27.85 -4.44
CA ASN B 953 -9.37 -27.17 -3.41
C ASN B 953 -8.70 -25.88 -2.95
N GLN B 954 -7.38 -25.90 -2.78
CA GLN B 954 -6.67 -24.71 -2.34
C GLN B 954 -6.59 -23.66 -3.45
N ASN B 955 -6.48 -24.10 -4.71
CA ASN B 955 -6.54 -23.14 -5.82
C ASN B 955 -7.90 -22.47 -5.90
N ALA B 956 -8.97 -23.25 -5.72
CA ALA B 956 -10.32 -22.67 -5.71
C ALA B 956 -10.52 -21.74 -4.53
N GLN B 957 -9.97 -22.10 -3.37
CA GLN B 957 -10.06 -21.23 -2.20
C GLN B 957 -9.31 -19.92 -2.41
N ALA B 958 -8.14 -19.97 -3.03
CA ALA B 958 -7.38 -18.76 -3.33
C ALA B 958 -8.14 -17.86 -4.31
N LEU B 959 -8.71 -18.47 -5.37
CA LEU B 959 -9.48 -17.68 -6.34
C LEU B 959 -10.71 -17.05 -5.69
N ASN B 960 -11.43 -17.82 -4.86
CA ASN B 960 -12.63 -17.30 -4.21
C ASN B 960 -12.29 -16.21 -3.20
N THR B 961 -11.16 -16.34 -2.50
CA THR B 961 -10.76 -15.32 -1.54
C THR B 961 -10.32 -14.04 -2.26
N LEU B 962 -9.63 -14.18 -3.40
CA LEU B 962 -9.30 -13.01 -4.20
C LEU B 962 -10.56 -12.31 -4.71
N VAL B 963 -11.56 -13.09 -5.11
CA VAL B 963 -12.84 -12.52 -5.54
C VAL B 963 -13.52 -11.77 -4.39
N LYS B 964 -13.60 -12.42 -3.21
CA LYS B 964 -14.29 -11.83 -2.08
C LYS B 964 -13.58 -10.59 -1.55
N GLN B 965 -12.26 -10.49 -1.74
CA GLN B 965 -11.59 -9.26 -1.38
C GLN B 965 -11.52 -8.26 -2.54
N LEU B 966 -11.84 -8.68 -3.75
CA LEU B 966 -12.14 -7.69 -4.78
C LEU B 966 -13.48 -7.04 -4.49
N SER B 967 -14.37 -7.75 -3.77
CA SER B 967 -15.67 -7.20 -3.40
C SER B 967 -15.58 -6.03 -2.42
N SER B 968 -14.47 -5.88 -1.70
CA SER B 968 -14.36 -4.83 -0.70
C SER B 968 -14.17 -3.47 -1.34
N ASN B 969 -14.52 -2.43 -0.57
CA ASN B 969 -14.42 -1.05 -1.04
C ASN B 969 -13.09 -0.40 -0.73
N PHE B 970 -12.25 -1.02 0.10
CA PHE B 970 -10.90 -0.59 0.44
C PHE B 970 -10.86 0.81 1.05
N GLY B 971 -11.91 1.21 1.76
CA GLY B 971 -11.95 2.51 2.39
C GLY B 971 -12.48 3.63 1.53
N ALA B 972 -12.80 3.37 0.26
CA ALA B 972 -13.39 4.36 -0.60
C ALA B 972 -14.90 4.47 -0.31
N ILE B 973 -15.54 5.46 -0.92
CA ILE B 973 -16.97 5.67 -0.66
C ILE B 973 -17.84 4.63 -1.36
N SER B 974 -17.30 3.89 -2.33
CA SER B 974 -18.05 2.83 -2.99
C SER B 974 -17.06 1.76 -3.44
N SER B 975 -17.58 0.55 -3.64
CA SER B 975 -16.77 -0.60 -3.99
C SER B 975 -16.61 -0.80 -5.49
N VAL B 976 -17.26 0.01 -6.32
CA VAL B 976 -17.14 -0.11 -7.77
C VAL B 976 -16.62 1.20 -8.32
N LEU B 977 -15.97 1.12 -9.49
CA LEU B 977 -15.42 2.31 -10.11
C LEU B 977 -16.49 3.16 -10.79
N ASN B 978 -17.57 2.52 -11.27
CA ASN B 978 -18.58 3.25 -12.02
C ASN B 978 -19.35 4.22 -11.13
N ASP B 979 -19.48 3.90 -9.84
CA ASP B 979 -20.17 4.79 -8.92
C ASP B 979 -19.29 6.01 -8.64
N ILE B 980 -18.01 5.78 -8.33
CA ILE B 980 -17.15 6.89 -7.92
C ILE B 980 -16.65 7.70 -9.10
N LEU B 981 -16.87 7.24 -10.33
CA LEU B 981 -16.54 8.02 -11.51
C LEU B 981 -17.78 8.61 -12.18
N SER B 982 -18.94 8.50 -11.56
CA SER B 982 -20.16 9.12 -12.08
C SER B 982 -20.67 10.26 -11.22
N ARG B 983 -20.13 10.46 -10.02
CA ARG B 983 -20.56 11.54 -9.15
C ARG B 983 -19.39 12.24 -8.47
N LEU B 984 -18.22 12.21 -9.09
CA LEU B 984 -17.04 12.87 -8.53
C LEU B 984 -16.20 13.48 -9.65
N ASP B 985 -15.92 14.77 -9.54
CA ASP B 985 -15.00 15.42 -10.45
C ASP B 985 -13.59 14.86 -10.24
N PRO B 986 -12.77 14.82 -11.30
CA PRO B 986 -11.45 14.15 -11.23
C PRO B 986 -10.53 14.70 -10.14
N PRO B 987 -10.47 16.02 -9.85
CA PRO B 987 -9.64 16.44 -8.70
C PRO B 987 -10.06 15.85 -7.37
N GLU B 988 -11.33 15.51 -7.19
CA GLU B 988 -11.76 14.76 -6.03
C GLU B 988 -11.87 13.25 -6.29
N ALA B 989 -12.04 12.85 -7.56
CA ALA B 989 -12.21 11.43 -7.86
C ALA B 989 -10.91 10.65 -7.78
N GLU B 990 -9.77 11.28 -8.13
CA GLU B 990 -8.51 10.54 -8.21
C GLU B 990 -8.07 9.98 -6.86
N VAL B 991 -8.51 10.58 -5.76
CA VAL B 991 -8.18 10.03 -4.45
C VAL B 991 -8.85 8.67 -4.25
N GLN B 992 -10.13 8.58 -4.56
CA GLN B 992 -10.85 7.31 -4.44
C GLN B 992 -10.37 6.30 -5.48
N ILE B 993 -10.04 6.78 -6.69
CA ILE B 993 -9.45 5.90 -7.71
C ILE B 993 -8.14 5.31 -7.21
N ASP B 994 -7.27 6.14 -6.63
CA ASP B 994 -6.00 5.65 -6.11
C ASP B 994 -6.20 4.67 -4.98
N ARG B 995 -7.14 4.95 -4.07
CA ARG B 995 -7.40 4.05 -2.95
C ARG B 995 -7.90 2.70 -3.43
N LEU B 996 -8.89 2.70 -4.33
CA LEU B 996 -9.47 1.44 -4.79
C LEU B 996 -8.48 0.65 -5.64
N ILE B 997 -7.72 1.33 -6.50
CA ILE B 997 -6.75 0.65 -7.35
C ILE B 997 -5.60 0.08 -6.53
N THR B 998 -5.12 0.82 -5.52
CA THR B 998 -4.08 0.30 -4.65
C THR B 998 -4.57 -0.87 -3.82
N GLY B 999 -5.84 -0.84 -3.39
CA GLY B 999 -6.40 -1.98 -2.69
C GLY B 999 -6.48 -3.22 -3.56
N ARG B 1000 -6.97 -3.06 -4.79
CA ARG B 1000 -7.04 -4.20 -5.71
C ARG B 1000 -5.65 -4.72 -6.07
N LEU B 1001 -4.68 -3.80 -6.23
CA LEU B 1001 -3.32 -4.22 -6.55
C LEU B 1001 -2.66 -4.93 -5.37
N GLN B 1002 -2.99 -4.52 -4.16
CA GLN B 1002 -2.43 -5.21 -2.96
C GLN B 1002 -3.09 -6.57 -2.81
N SER B 1003 -4.36 -6.73 -3.16
CA SER B 1003 -5.00 -8.05 -3.17
C SER B 1003 -4.39 -8.95 -4.24
N LEU B 1004 -4.13 -8.41 -5.43
CA LEU B 1004 -3.50 -9.20 -6.49
C LEU B 1004 -2.07 -9.55 -6.13
N GLN B 1005 -1.39 -8.68 -5.37
CA GLN B 1005 -0.01 -8.97 -4.98
C GLN B 1005 0.04 -10.09 -3.96
N THR B 1006 -0.89 -10.10 -3.00
CA THR B 1006 -0.99 -11.24 -2.10
C THR B 1006 -1.36 -12.51 -2.85
N TYR B 1007 -2.24 -12.40 -3.85
CA TYR B 1007 -2.63 -13.57 -4.63
C TYR B 1007 -1.45 -14.14 -5.43
N VAL B 1008 -0.65 -13.26 -6.06
CA VAL B 1008 0.49 -13.76 -6.83
C VAL B 1008 1.57 -14.29 -5.91
N THR B 1009 1.70 -13.73 -4.70
CA THR B 1009 2.63 -14.30 -3.72
C THR B 1009 2.22 -15.72 -3.35
N GLN B 1010 0.92 -15.93 -3.05
CA GLN B 1010 0.45 -17.27 -2.69
C GLN B 1010 0.57 -18.25 -3.85
N GLN B 1011 0.19 -17.81 -5.07
CA GLN B 1011 0.29 -18.67 -6.24
C GLN B 1011 1.72 -19.04 -6.56
N LEU B 1012 2.64 -18.08 -6.46
CA LEU B 1012 4.04 -18.32 -6.77
C LEU B 1012 4.70 -19.24 -5.75
N ILE B 1013 4.37 -19.08 -4.46
CA ILE B 1013 4.94 -20.00 -3.48
C ILE B 1013 4.34 -21.40 -3.59
N ARG B 1014 3.03 -21.52 -3.84
CA ARG B 1014 2.48 -22.85 -4.09
C ARG B 1014 3.08 -23.47 -5.34
N ALA B 1015 3.40 -22.66 -6.36
CA ALA B 1015 4.09 -23.18 -7.53
C ALA B 1015 5.49 -23.65 -7.19
N ALA B 1016 6.18 -22.94 -6.31
CA ALA B 1016 7.52 -23.37 -5.89
C ALA B 1016 7.47 -24.68 -5.11
N GLU B 1017 6.49 -24.82 -4.21
CA GLU B 1017 6.36 -26.07 -3.45
C GLU B 1017 5.96 -27.24 -4.36
N ILE B 1018 5.05 -26.98 -5.30
CA ILE B 1018 4.69 -27.99 -6.30
C ILE B 1018 5.88 -28.32 -7.18
N ARG B 1019 6.76 -27.35 -7.46
CA ARG B 1019 7.97 -27.64 -8.21
C ARG B 1019 8.95 -28.49 -7.42
N ALA B 1020 9.03 -28.28 -6.10
CA ALA B 1020 9.83 -29.15 -5.26
C ALA B 1020 9.30 -30.58 -5.28
N SER B 1021 7.98 -30.73 -5.17
CA SER B 1021 7.38 -32.07 -5.29
C SER B 1021 7.54 -32.64 -6.69
N ALA B 1022 7.57 -31.78 -7.71
CA ALA B 1022 7.79 -32.22 -9.08
C ALA B 1022 9.21 -32.74 -9.29
N ASN B 1023 10.18 -32.06 -8.69
CA ASN B 1023 11.55 -32.55 -8.73
C ASN B 1023 11.70 -33.85 -7.95
N LEU B 1024 10.96 -33.99 -6.85
CA LEU B 1024 10.93 -35.26 -6.13
C LEU B 1024 10.37 -36.38 -6.99
N ALA B 1025 9.28 -36.11 -7.71
CA ALA B 1025 8.68 -37.12 -8.58
C ALA B 1025 9.58 -37.45 -9.76
N ALA B 1026 10.27 -36.45 -10.32
CA ALA B 1026 11.19 -36.70 -11.42
C ALA B 1026 12.42 -37.47 -10.93
N THR B 1027 12.80 -37.28 -9.67
CA THR B 1027 13.82 -38.15 -9.06
C THR B 1027 13.30 -39.57 -8.94
N LYS B 1028 12.04 -39.73 -8.55
CA LYS B 1028 11.44 -41.06 -8.54
C LYS B 1028 11.21 -41.59 -9.95
N MET B 1029 11.02 -40.70 -10.93
CA MET B 1029 10.90 -41.11 -12.32
C MET B 1029 12.21 -41.62 -12.90
N SER B 1030 13.34 -41.22 -12.32
CA SER B 1030 14.65 -41.49 -12.90
C SER B 1030 15.32 -42.76 -12.39
N GLU B 1031 15.15 -43.11 -11.12
CA GLU B 1031 15.82 -44.27 -10.56
C GLU B 1031 14.88 -45.41 -10.20
N CYS B 1032 13.57 -45.25 -10.41
CA CYS B 1032 12.62 -46.33 -10.18
C CYS B 1032 11.98 -46.82 -11.48
N VAL B 1033 11.61 -45.90 -12.37
CA VAL B 1033 11.10 -46.30 -13.68
C VAL B 1033 12.23 -46.63 -14.65
N LEU B 1034 13.31 -45.85 -14.64
CA LEU B 1034 14.44 -46.08 -15.54
C LEU B 1034 15.58 -46.82 -14.85
N GLY B 1035 15.29 -47.53 -13.77
CA GLY B 1035 16.31 -48.27 -13.07
C GLY B 1035 15.78 -48.83 -11.77
N GLN B 1036 16.70 -49.22 -10.90
CA GLN B 1036 16.36 -49.74 -9.58
C GLN B 1036 17.08 -48.93 -8.53
N SER B 1037 16.38 -48.60 -7.45
CA SER B 1037 16.89 -47.72 -6.40
C SER B 1037 17.28 -48.56 -5.19
N LYS B 1038 18.52 -48.39 -4.72
CA LYS B 1038 18.97 -49.01 -3.48
C LYS B 1038 18.61 -48.17 -2.26
N ARG B 1039 18.01 -47.01 -2.46
CA ARG B 1039 17.64 -46.14 -1.34
C ARG B 1039 16.44 -46.71 -0.60
N VAL B 1040 16.62 -46.97 0.69
CA VAL B 1040 15.56 -47.57 1.49
C VAL B 1040 14.51 -46.50 1.81
N ASP B 1041 13.23 -46.86 1.67
CA ASP B 1041 12.04 -46.10 2.06
C ASP B 1041 11.78 -44.90 1.13
N PHE B 1042 12.71 -44.57 0.24
CA PHE B 1042 12.51 -43.44 -0.66
C PHE B 1042 11.51 -43.79 -1.76
N CYS B 1043 11.59 -45.01 -2.29
CA CYS B 1043 10.78 -45.36 -3.45
C CYS B 1043 9.98 -46.62 -3.11
N GLY B 1044 9.31 -46.61 -1.97
CA GLY B 1044 8.48 -47.72 -1.56
C GLY B 1044 8.86 -48.28 -0.21
N LYS B 1045 7.87 -48.70 0.57
CA LYS B 1045 8.11 -49.26 1.90
C LYS B 1045 8.61 -50.69 1.73
N GLY B 1046 9.92 -50.81 1.56
CA GLY B 1046 10.57 -52.10 1.39
C GLY B 1046 11.63 -52.02 0.32
N TYR B 1047 12.18 -53.17 -0.02
CA TYR B 1047 13.19 -53.26 -1.08
C TYR B 1047 12.51 -53.13 -2.44
N HIS B 1048 12.94 -52.13 -3.21
CA HIS B 1048 12.25 -51.76 -4.44
C HIS B 1048 12.52 -52.76 -5.56
N LEU B 1049 11.49 -53.05 -6.35
CA LEU B 1049 11.63 -53.86 -7.55
C LEU B 1049 11.31 -53.06 -8.80
N MET B 1050 10.12 -52.46 -8.91
CA MET B 1050 9.78 -51.62 -10.05
C MET B 1050 8.94 -50.45 -9.56
N SER B 1051 8.50 -49.64 -10.52
CA SER B 1051 7.48 -48.64 -10.26
C SER B 1051 6.78 -48.33 -11.57
N PHE B 1052 5.46 -48.34 -11.56
CA PHE B 1052 4.66 -48.09 -12.75
C PHE B 1052 4.02 -46.72 -12.67
N PRO B 1053 4.39 -45.79 -13.53
CA PRO B 1053 3.76 -44.47 -13.50
C PRO B 1053 2.32 -44.53 -13.98
N GLN B 1054 1.47 -43.70 -13.39
CA GLN B 1054 0.09 -43.55 -13.82
C GLN B 1054 -0.26 -42.08 -13.80
N SER B 1055 -0.88 -41.61 -14.88
CA SER B 1055 -1.26 -40.21 -14.97
C SER B 1055 -2.42 -39.90 -14.02
N ALA B 1056 -2.58 -38.62 -13.71
CA ALA B 1056 -3.58 -38.17 -12.75
C ALA B 1056 -3.86 -36.71 -13.04
N PRO B 1057 -5.03 -36.20 -12.60
CA PRO B 1057 -5.28 -34.76 -12.76
C PRO B 1057 -4.38 -33.91 -11.88
N HIS B 1058 -3.44 -33.20 -12.52
CA HIS B 1058 -2.47 -32.33 -11.85
C HIS B 1058 -1.65 -33.10 -10.80
N GLY B 1059 -1.18 -34.26 -11.20
CA GLY B 1059 -0.37 -35.07 -10.30
C GLY B 1059 0.05 -36.37 -10.96
N VAL B 1060 0.83 -37.14 -10.21
CA VAL B 1060 1.29 -38.46 -10.62
C VAL B 1060 1.03 -39.43 -9.47
N VAL B 1061 0.36 -40.53 -9.78
CA VAL B 1061 0.11 -41.60 -8.80
C VAL B 1061 1.00 -42.77 -9.17
N PHE B 1062 1.76 -43.26 -8.20
CA PHE B 1062 2.77 -44.28 -8.42
C PHE B 1062 2.26 -45.66 -8.03
N LEU B 1063 2.82 -46.67 -8.68
CA LEU B 1063 2.55 -48.07 -8.36
C LEU B 1063 3.88 -48.67 -7.91
N HIS B 1064 4.18 -48.52 -6.63
CA HIS B 1064 5.48 -48.89 -6.09
C HIS B 1064 5.43 -50.32 -5.58
N VAL B 1065 5.89 -51.26 -6.40
CA VAL B 1065 5.95 -52.67 -6.01
C VAL B 1065 7.26 -52.89 -5.26
N THR B 1066 7.18 -53.57 -4.11
CA THR B 1066 8.29 -53.67 -3.18
C THR B 1066 8.44 -55.10 -2.67
N TYR B 1067 9.65 -55.41 -2.21
CA TYR B 1067 9.91 -56.65 -1.49
C TYR B 1067 9.63 -56.45 -0.01
N VAL B 1068 8.81 -57.32 0.56
CA VAL B 1068 8.52 -57.28 2.00
C VAL B 1068 8.74 -58.67 2.58
N PRO B 1069 9.75 -58.88 3.41
CA PRO B 1069 9.98 -60.20 4.00
C PRO B 1069 9.18 -60.39 5.28
N ALA B 1070 8.99 -61.66 5.63
CA ALA B 1070 8.28 -62.04 6.84
C ALA B 1070 8.70 -63.45 7.24
N GLN B 1071 8.05 -63.97 8.28
CA GLN B 1071 8.21 -65.33 8.79
C GLN B 1071 9.68 -65.58 9.20
N GLU B 1072 10.08 -64.85 10.24
CA GLU B 1072 11.45 -64.86 10.72
C GLU B 1072 11.73 -66.12 11.52
N LYS B 1073 13.00 -66.51 11.53
CA LYS B 1073 13.45 -67.65 12.33
C LYS B 1073 14.78 -67.33 13.00
N ASN B 1074 14.91 -67.73 14.26
CA ASN B 1074 16.16 -67.58 14.97
C ASN B 1074 17.18 -68.59 14.47
N PHE B 1075 18.43 -68.16 14.34
CA PHE B 1075 19.52 -69.04 13.94
C PHE B 1075 20.79 -68.58 14.66
N THR B 1076 21.88 -69.29 14.42
CA THR B 1076 23.16 -69.03 15.06
C THR B 1076 24.21 -68.69 14.01
N THR B 1077 24.94 -67.60 14.25
CA THR B 1077 25.94 -67.12 13.29
C THR B 1077 27.29 -66.97 13.98
N ALA B 1078 28.34 -66.95 13.17
CA ALA B 1078 29.70 -66.70 13.59
C ALA B 1078 30.36 -65.73 12.61
N PRO B 1079 31.28 -64.89 13.10
CA PRO B 1079 31.96 -63.95 12.19
C PRO B 1079 32.77 -64.62 11.09
N ALA B 1080 33.37 -65.78 11.35
CA ALA B 1080 34.21 -66.45 10.37
C ALA B 1080 34.25 -67.93 10.68
N ILE B 1081 34.91 -68.68 9.80
CA ILE B 1081 35.12 -70.11 9.97
C ILE B 1081 36.61 -70.40 9.99
N CYS B 1082 37.03 -71.27 10.90
CA CYS B 1082 38.42 -71.70 11.01
C CYS B 1082 38.58 -73.09 10.41
N HIS B 1083 39.53 -73.23 9.49
CA HIS B 1083 39.84 -74.52 8.90
C HIS B 1083 41.29 -74.53 8.48
N ASP B 1084 42.02 -75.56 8.90
CA ASP B 1084 43.45 -75.75 8.60
C ASP B 1084 44.28 -74.57 9.06
N GLY B 1085 43.92 -73.98 10.21
CA GLY B 1085 44.66 -72.86 10.75
C GLY B 1085 44.43 -71.55 10.02
N LYS B 1086 43.44 -71.47 9.14
CA LYS B 1086 43.17 -70.27 8.37
C LYS B 1086 41.72 -69.84 8.57
N ALA B 1087 41.52 -68.54 8.77
CA ALA B 1087 40.18 -68.00 8.88
C ALA B 1087 39.50 -67.97 7.52
N HIS B 1088 38.21 -68.29 7.50
CA HIS B 1088 37.42 -68.32 6.28
C HIS B 1088 36.26 -67.36 6.41
N PHE B 1089 36.12 -66.47 5.44
CA PHE B 1089 35.16 -65.38 5.42
C PHE B 1089 34.09 -65.66 4.37
N PRO B 1090 32.88 -65.13 4.53
CA PRO B 1090 31.83 -65.36 3.52
C PRO B 1090 32.11 -64.52 2.27
N ARG B 1091 32.21 -65.19 1.12
CA ARG B 1091 32.27 -64.48 -0.14
C ARG B 1091 30.97 -63.74 -0.40
N GLU B 1092 29.84 -64.39 -0.12
CA GLU B 1092 28.54 -63.74 -0.13
C GLU B 1092 27.71 -64.32 1.00
N GLY B 1093 26.75 -63.54 1.49
CA GLY B 1093 25.86 -64.06 2.49
C GLY B 1093 26.46 -64.18 3.89
N VAL B 1094 25.75 -64.89 4.75
CA VAL B 1094 26.05 -64.98 6.18
C VAL B 1094 26.29 -66.44 6.54
N PHE B 1095 27.30 -66.68 7.37
CA PHE B 1095 27.52 -68.01 7.92
C PHE B 1095 26.45 -68.31 8.97
N VAL B 1096 25.61 -69.31 8.72
CA VAL B 1096 24.44 -69.58 9.54
C VAL B 1096 24.47 -71.05 9.95
N SER B 1097 23.75 -71.39 11.02
CA SER B 1097 23.70 -72.76 11.50
C SER B 1097 22.46 -73.00 12.35
N ASN B 1098 21.90 -74.20 12.26
CA ASN B 1098 21.03 -74.74 13.29
C ASN B 1098 21.62 -76.07 13.74
N GLY B 1099 21.58 -76.33 15.05
CA GLY B 1099 22.22 -77.51 15.61
C GLY B 1099 23.72 -77.57 15.39
N THR B 1100 24.16 -78.49 14.53
CA THR B 1100 25.57 -78.71 14.26
C THR B 1100 26.00 -78.31 12.86
N HIS B 1101 25.14 -78.48 11.86
CA HIS B 1101 25.52 -78.19 10.49
C HIS B 1101 25.63 -76.69 10.26
N TRP B 1102 26.72 -76.27 9.64
CA TRP B 1102 26.98 -74.87 9.33
C TRP B 1102 26.75 -74.63 7.84
N PHE B 1103 26.05 -73.55 7.53
CA PHE B 1103 25.65 -73.22 6.16
C PHE B 1103 25.94 -71.76 5.88
N VAL B 1104 26.06 -71.42 4.59
CA VAL B 1104 26.14 -70.04 4.17
C VAL B 1104 24.90 -69.72 3.33
N THR B 1105 24.27 -68.59 3.62
CA THR B 1105 23.09 -68.15 2.90
C THR B 1105 23.04 -66.64 2.86
N GLN B 1106 22.36 -66.10 1.85
CA GLN B 1106 22.21 -64.66 1.74
C GLN B 1106 21.32 -64.13 2.85
N ARG B 1107 21.47 -62.84 3.15
CA ARG B 1107 20.82 -62.27 4.32
C ARG B 1107 19.32 -62.15 4.16
N ASN B 1108 18.82 -61.95 2.93
CA ASN B 1108 17.42 -61.60 2.71
C ASN B 1108 16.54 -62.80 2.36
N PHE B 1109 17.10 -64.00 2.23
CA PHE B 1109 16.31 -65.19 1.93
C PHE B 1109 17.04 -66.41 2.44
N TYR B 1110 16.28 -67.39 2.94
CA TYR B 1110 16.87 -68.59 3.53
C TYR B 1110 17.08 -69.61 2.43
N GLU B 1111 18.30 -69.66 1.90
CA GLU B 1111 18.70 -70.66 0.91
C GLU B 1111 19.94 -71.37 1.45
N PRO B 1112 19.77 -72.50 2.15
CA PRO B 1112 20.92 -73.13 2.82
C PRO B 1112 21.86 -73.80 1.81
N GLN B 1113 23.11 -73.35 1.81
CA GLN B 1113 24.14 -73.89 0.94
C GLN B 1113 25.27 -74.47 1.79
N ILE B 1114 25.79 -75.62 1.36
CA ILE B 1114 26.85 -76.29 2.10
C ILE B 1114 28.15 -75.49 1.97
N ILE B 1115 28.98 -75.55 3.02
CA ILE B 1115 30.22 -74.79 3.03
C ILE B 1115 31.23 -75.43 2.09
N THR B 1116 31.61 -74.69 1.05
CA THR B 1116 32.55 -75.18 0.05
C THR B 1116 33.47 -74.03 -0.32
N THR B 1117 34.67 -74.36 -0.79
CA THR B 1117 35.68 -73.34 -1.06
C THR B 1117 35.33 -72.41 -2.22
N ASP B 1118 34.37 -72.79 -3.08
CA ASP B 1118 34.01 -71.93 -4.20
C ASP B 1118 33.26 -70.69 -3.73
N ASN B 1119 32.41 -70.83 -2.72
CA ASN B 1119 31.67 -69.69 -2.18
C ASN B 1119 32.23 -69.21 -0.84
N THR B 1120 33.43 -69.66 -0.48
CA THR B 1120 34.07 -69.26 0.76
C THR B 1120 35.41 -68.59 0.45
N PHE B 1121 35.66 -67.46 1.11
CA PHE B 1121 36.87 -66.68 0.92
C PHE B 1121 37.76 -66.82 2.15
N VAL B 1122 39.05 -67.04 1.92
CA VAL B 1122 40.02 -67.31 2.99
C VAL B 1122 40.93 -66.10 3.14
N SER B 1123 41.21 -65.72 4.39
CA SER B 1123 42.09 -64.58 4.69
C SER B 1123 42.57 -64.69 6.12
N GLY B 1124 43.88 -64.80 6.33
CA GLY B 1124 44.46 -64.75 7.65
C GLY B 1124 44.34 -66.06 8.40
N ASN B 1125 44.75 -66.01 9.66
CA ASN B 1125 44.71 -67.16 10.55
C ASN B 1125 43.54 -67.05 11.53
N CYS B 1126 43.43 -68.03 12.42
CA CYS B 1126 42.27 -68.16 13.29
C CYS B 1126 42.43 -67.46 14.63
N ASP B 1127 43.58 -66.84 14.91
CA ASP B 1127 43.80 -66.25 16.23
C ASP B 1127 43.53 -64.76 16.27
N VAL B 1128 43.51 -64.09 15.12
CA VAL B 1128 43.35 -62.64 15.10
C VAL B 1128 41.90 -62.23 15.33
N VAL B 1129 40.95 -63.06 14.90
CA VAL B 1129 39.54 -62.73 14.98
C VAL B 1129 38.91 -63.48 16.15
N ILE B 1130 38.10 -62.77 16.94
CA ILE B 1130 37.34 -63.40 18.01
C ILE B 1130 36.04 -63.96 17.45
N GLY B 1131 35.51 -65.00 18.09
CA GLY B 1131 34.22 -65.55 17.75
C GLY B 1131 34.20 -66.56 16.62
N ILE B 1132 35.35 -67.00 16.15
CA ILE B 1132 35.40 -67.97 15.05
C ILE B 1132 34.96 -69.34 15.55
N VAL B 1133 34.19 -70.04 14.74
CA VAL B 1133 33.86 -71.43 14.97
C VAL B 1133 34.55 -72.26 13.89
N ASN B 1134 34.83 -73.52 14.21
CA ASN B 1134 35.60 -74.39 13.35
C ASN B 1134 34.84 -75.66 12.95
N ASN B 1135 34.90 -75.97 11.66
CA ASN B 1135 34.21 -77.11 11.08
C ASN B 1135 34.90 -77.45 9.76
N THR B 1136 34.46 -78.55 9.14
CA THR B 1136 35.08 -79.03 7.92
C THR B 1136 34.60 -78.22 6.72
N VAL B 1137 35.52 -77.57 6.03
CA VAL B 1137 35.22 -76.86 4.79
C VAL B 1137 35.53 -77.78 3.62
N TYR B 1138 34.51 -78.06 2.81
CA TYR B 1138 34.63 -79.05 1.75
C TYR B 1138 35.24 -78.45 0.49
N ASP B 1139 35.89 -79.32 -0.31
CA ASP B 1139 36.44 -78.96 -1.60
C ASP B 1139 35.67 -79.63 -2.72
N PRO B 1140 35.49 -78.96 -3.87
CA PRO B 1140 34.82 -79.63 -4.99
C PRO B 1140 35.76 -80.54 -5.77
N LEU B 1141 37.06 -80.42 -5.56
CA LEU B 1141 38.04 -81.07 -6.42
C LEU B 1141 38.43 -82.45 -5.91
N GLN B 1142 38.62 -82.61 -4.61
CA GLN B 1142 39.06 -83.87 -4.02
C GLN B 1142 38.07 -85.04 -4.22
N PRO B 1143 36.75 -84.87 -4.06
CA PRO B 1143 35.86 -85.96 -4.47
C PRO B 1143 35.88 -86.25 -5.96
N GLU B 1144 36.12 -85.23 -6.80
CA GLU B 1144 36.16 -85.45 -8.23
C GLU B 1144 37.41 -86.24 -8.64
N LEU B 1145 38.54 -85.96 -8.01
CA LEU B 1145 39.79 -86.63 -8.34
C LEU B 1145 39.78 -88.07 -7.82
N GLN C 14 -13.03 43.11 -49.43
CA GLN C 14 -13.70 42.75 -50.69
C GLN C 14 -13.20 41.41 -51.20
N CYS C 15 -14.13 40.58 -51.65
CA CYS C 15 -13.83 39.27 -52.21
C CYS C 15 -14.62 39.07 -53.50
N VAL C 16 -14.17 38.15 -54.33
CA VAL C 16 -14.81 37.85 -55.61
C VAL C 16 -14.67 36.36 -55.87
N ASN C 17 -15.65 35.79 -56.58
CA ASN C 17 -15.57 34.40 -56.99
C ASN C 17 -14.48 34.23 -58.04
N LEU C 18 -13.81 33.07 -58.01
CA LEU C 18 -12.78 32.75 -58.98
C LEU C 18 -13.37 31.89 -60.09
N THR C 19 -13.11 32.27 -61.33
CA THR C 19 -13.67 31.60 -62.50
C THR C 19 -12.77 30.43 -62.89
N THR C 20 -13.06 29.85 -64.07
CA THR C 20 -12.43 28.69 -64.74
C THR C 20 -12.08 27.53 -63.79
N ARG C 21 -12.94 27.29 -62.80
CA ARG C 21 -12.69 26.28 -61.79
C ARG C 21 -12.99 24.90 -62.36
N THR C 22 -12.03 23.97 -62.19
CA THR C 22 -12.18 22.60 -62.67
C THR C 22 -12.42 21.68 -61.48
N GLN C 23 -13.45 20.84 -61.58
CA GLN C 23 -13.82 19.92 -60.51
C GLN C 23 -13.24 18.54 -60.79
N LEU C 24 -12.47 18.02 -59.82
CA LEU C 24 -11.90 16.69 -59.89
C LEU C 24 -11.94 16.12 -58.48
N PRO C 25 -12.17 14.82 -58.32
CA PRO C 25 -12.21 14.22 -56.97
C PRO C 25 -10.82 14.18 -56.36
N PRO C 26 -10.71 14.43 -55.05
CA PRO C 26 -9.41 14.40 -54.40
C PRO C 26 -8.93 12.97 -54.17
N ALA C 27 -7.65 12.85 -53.85
CA ALA C 27 -7.02 11.57 -53.60
C ALA C 27 -6.77 11.39 -52.10
N TYR C 28 -6.62 10.15 -51.69
CA TYR C 28 -6.33 9.78 -50.32
C TYR C 28 -5.09 8.90 -50.29
N THR C 29 -4.12 9.27 -49.46
CA THR C 29 -2.88 8.55 -49.33
C THR C 29 -2.54 8.39 -47.85
N ASN C 30 -1.62 7.47 -47.57
CA ASN C 30 -1.21 7.20 -46.21
C ASN C 30 0.08 7.93 -45.85
N SER C 31 0.12 8.43 -44.62
CA SER C 31 1.29 9.16 -44.11
C SER C 31 2.24 8.19 -43.45
N PHE C 32 3.45 8.09 -44.00
CA PHE C 32 4.48 7.19 -43.48
C PHE C 32 5.12 7.82 -42.25
N THR C 33 4.50 7.58 -41.09
CA THR C 33 4.98 7.96 -39.75
C THR C 33 5.28 9.45 -39.65
N ARG C 34 4.23 10.25 -39.83
CA ARG C 34 4.32 11.70 -39.75
C ARG C 34 3.27 12.24 -38.79
N GLY C 35 3.56 13.39 -38.18
CA GLY C 35 2.62 14.06 -37.33
C GLY C 35 2.86 13.95 -35.83
N VAL C 36 4.00 13.42 -35.40
CA VAL C 36 4.32 13.27 -33.98
C VAL C 36 5.18 14.45 -33.55
N TYR C 37 5.03 14.87 -32.29
CA TYR C 37 5.71 16.05 -31.77
C TYR C 37 6.29 15.73 -30.40
N TYR C 38 6.91 16.74 -29.78
CA TYR C 38 7.42 16.60 -28.43
C TYR C 38 6.31 16.90 -27.42
N PRO C 39 5.96 15.95 -26.54
CA PRO C 39 4.87 16.22 -25.59
C PRO C 39 5.26 17.12 -24.43
N ASP C 40 6.54 17.24 -24.10
CA ASP C 40 6.96 18.02 -22.95
C ASP C 40 8.29 18.72 -23.23
N LYS C 41 8.60 19.74 -22.45
CA LYS C 41 9.80 20.54 -22.76
C LYS C 41 10.96 20.15 -21.84
N VAL C 42 10.77 19.16 -20.97
CA VAL C 42 11.89 18.71 -20.14
C VAL C 42 12.81 17.81 -20.95
N PHE C 43 14.12 17.95 -20.71
CA PHE C 43 15.14 17.28 -21.51
C PHE C 43 15.38 15.86 -21.03
N ARG C 44 15.46 14.95 -21.98
CA ARG C 44 15.84 13.62 -21.57
C ARG C 44 16.78 13.12 -22.61
N SER C 45 17.30 11.91 -22.47
CA SER C 45 18.22 11.30 -23.43
C SER C 45 18.34 9.82 -23.15
N SER C 46 18.40 9.03 -24.23
CA SER C 46 18.63 7.58 -24.21
C SER C 46 17.60 6.83 -23.37
N VAL C 47 16.35 7.29 -23.39
CA VAL C 47 15.27 6.65 -22.65
C VAL C 47 14.06 6.50 -23.57
N LEU C 48 13.13 5.64 -23.15
CA LEU C 48 11.89 5.41 -23.87
C LEU C 48 10.74 5.93 -23.02
N HIS C 49 9.92 6.82 -23.60
CA HIS C 49 8.84 7.47 -22.87
C HIS C 49 7.49 7.18 -23.53
N SER C 50 6.54 6.72 -22.73
CA SER C 50 5.19 6.45 -23.18
C SER C 50 4.31 7.64 -22.88
N THR C 51 3.46 8.02 -23.85
CA THR C 51 2.62 9.20 -23.69
C THR C 51 1.24 8.95 -24.28
N GLN C 52 0.27 9.68 -23.73
CA GLN C 52 -1.13 9.66 -24.16
C GLN C 52 -1.51 11.09 -24.53
N ASP C 53 -1.69 11.34 -25.82
CA ASP C 53 -2.06 12.66 -26.31
C ASP C 53 -2.72 12.51 -27.67
N LEU C 54 -3.22 13.62 -28.20
CA LEU C 54 -3.85 13.62 -29.51
C LEU C 54 -2.80 13.50 -30.59
N PHE C 55 -2.81 12.37 -31.30
CA PHE C 55 -1.83 12.05 -32.32
C PHE C 55 -2.51 11.50 -33.56
N LEU C 56 -1.91 11.76 -34.71
CA LEU C 56 -2.40 11.15 -35.95
C LEU C 56 -1.89 9.72 -36.04
N PRO C 57 -2.77 8.72 -36.17
CA PRO C 57 -2.32 7.33 -36.25
C PRO C 57 -1.58 7.05 -37.54
N PHE C 58 -0.65 6.08 -37.46
CA PHE C 58 0.18 5.75 -38.60
C PHE C 58 -0.63 5.11 -39.72
N PHE C 59 -0.22 5.39 -40.96
CA PHE C 59 -0.83 4.88 -42.19
C PHE C 59 -2.31 5.21 -42.28
N SER C 60 -2.65 6.47 -42.04
CA SER C 60 -4.02 6.95 -42.07
C SER C 60 -4.26 7.80 -43.32
N ASN C 61 -5.53 7.90 -43.70
CA ASN C 61 -5.90 8.63 -44.91
C ASN C 61 -5.77 10.13 -44.69
N VAL C 62 -4.91 10.77 -45.48
CA VAL C 62 -4.81 12.23 -45.50
C VAL C 62 -5.23 12.70 -46.89
N THR C 63 -5.67 13.95 -46.97
CA THR C 63 -6.27 14.47 -48.19
C THR C 63 -5.20 15.07 -49.10
N TRP C 64 -4.95 14.41 -50.24
CA TRP C 64 -4.03 14.91 -51.26
C TRP C 64 -4.70 16.07 -51.99
N PHE C 65 -4.38 17.30 -51.57
CA PHE C 65 -4.86 18.46 -52.30
C PHE C 65 -3.70 19.07 -53.07
N HIS C 66 -3.90 19.34 -54.36
CA HIS C 66 -2.81 19.84 -55.18
C HIS C 66 -3.35 20.68 -56.32
N ALA C 67 -2.45 21.48 -56.89
CA ALA C 67 -2.73 22.35 -58.02
C ALA C 67 -1.97 21.84 -59.24
N ILE C 68 -2.05 22.61 -60.33
CA ILE C 68 -1.35 22.25 -61.56
C ILE C 68 0.15 22.51 -61.42
N THR C 76 -6.45 21.00 -66.04
CA THR C 76 -5.82 22.30 -65.81
C THR C 76 -6.68 23.18 -64.91
N LYS C 77 -6.09 24.27 -64.42
CA LYS C 77 -6.71 25.24 -63.52
C LYS C 77 -7.26 24.58 -62.25
N ARG C 78 -6.46 23.68 -61.67
CA ARG C 78 -6.84 22.98 -60.46
C ARG C 78 -6.59 23.88 -59.26
N PHE C 79 -7.67 24.36 -58.64
CA PHE C 79 -7.60 25.19 -57.44
C PHE C 79 -8.58 24.66 -56.42
N ASP C 80 -8.11 24.43 -55.20
CA ASP C 80 -8.99 23.94 -54.15
C ASP C 80 -8.55 24.43 -52.77
N ASN C 81 -9.53 24.79 -51.95
CA ASN C 81 -9.36 25.23 -50.57
C ASN C 81 -10.67 25.07 -49.78
N PRO C 82 -11.11 23.85 -49.53
CA PRO C 82 -12.43 23.65 -48.93
C PRO C 82 -12.40 23.90 -47.43
N VAL C 83 -13.60 24.00 -46.86
CA VAL C 83 -13.78 24.16 -45.43
C VAL C 83 -13.90 22.78 -44.79
N LEU C 84 -12.98 22.45 -43.91
CA LEU C 84 -12.93 21.15 -43.28
C LEU C 84 -13.31 21.25 -41.80
N PRO C 85 -13.89 20.19 -41.23
CA PRO C 85 -14.07 20.17 -39.77
C PRO C 85 -12.73 20.04 -39.06
N PHE C 86 -12.67 20.59 -37.85
CA PHE C 86 -11.41 20.59 -37.11
C PHE C 86 -11.13 19.22 -36.50
N ASN C 87 -12.09 18.71 -35.71
CA ASN C 87 -12.06 17.38 -35.09
C ASN C 87 -10.82 17.19 -34.21
N ASP C 88 -10.79 18.00 -33.13
CA ASP C 88 -9.84 18.07 -32.01
C ASP C 88 -8.38 17.76 -32.36
N GLY C 89 -7.88 18.38 -33.43
CA GLY C 89 -6.49 18.24 -33.82
C GLY C 89 -6.29 18.07 -35.31
N VAL C 90 -5.44 18.91 -35.91
CA VAL C 90 -5.19 18.89 -37.35
C VAL C 90 -3.69 18.82 -37.59
N TYR C 91 -3.27 17.82 -38.36
CA TYR C 91 -1.91 17.76 -38.86
C TYR C 91 -1.90 18.21 -40.31
N PHE C 92 -0.98 19.11 -40.65
CA PHE C 92 -0.87 19.71 -41.96
C PHE C 92 0.53 19.45 -42.51
N ALA C 93 0.61 19.20 -43.81
CA ALA C 93 1.90 19.06 -44.47
C ALA C 93 1.82 19.76 -45.81
N SER C 94 2.97 20.25 -46.29
CA SER C 94 2.97 20.94 -47.56
C SER C 94 4.30 20.74 -48.25
N THR C 95 4.26 20.39 -49.54
CA THR C 95 5.44 20.35 -50.38
C THR C 95 5.53 21.70 -51.09
N GLU C 96 6.59 22.45 -50.78
CA GLU C 96 6.70 23.85 -51.17
C GLU C 96 7.84 24.05 -52.15
N LYS C 97 7.57 24.85 -53.18
CA LYS C 97 8.55 25.25 -54.18
C LYS C 97 8.75 26.75 -54.24
N SER C 98 7.66 27.53 -54.30
CA SER C 98 7.75 28.96 -54.55
C SER C 98 6.81 29.75 -53.63
N ASN C 99 6.73 29.32 -52.37
CA ASN C 99 6.05 30.01 -51.27
C ASN C 99 4.56 30.21 -51.56
N ILE C 100 3.85 29.09 -51.67
CA ILE C 100 2.41 29.13 -51.96
C ILE C 100 1.59 29.10 -50.68
N ILE C 101 1.92 28.20 -49.75
CA ILE C 101 1.20 28.10 -48.49
C ILE C 101 1.60 29.27 -47.60
N ARG C 102 0.63 30.13 -47.27
CA ARG C 102 0.88 31.32 -46.50
C ARG C 102 0.25 31.34 -45.14
N GLY C 103 -0.74 30.49 -44.88
CA GLY C 103 -1.38 30.48 -43.57
C GLY C 103 -2.67 29.69 -43.60
N TRP C 104 -3.38 29.78 -42.47
CA TRP C 104 -4.64 29.07 -42.27
C TRP C 104 -5.62 29.97 -41.54
N ILE C 105 -6.89 29.57 -41.56
CA ILE C 105 -7.93 30.19 -40.75
C ILE C 105 -8.69 29.11 -40.00
N PHE C 106 -9.00 29.41 -38.74
CA PHE C 106 -9.70 28.53 -37.82
C PHE C 106 -10.89 29.28 -37.24
N GLY C 107 -11.93 28.54 -36.87
CA GLY C 107 -13.08 29.18 -36.27
C GLY C 107 -14.20 28.19 -36.01
N THR C 108 -15.40 28.74 -35.87
CA THR C 108 -16.61 27.96 -35.68
C THR C 108 -17.62 28.17 -36.80
N THR C 109 -17.97 29.43 -37.09
CA THR C 109 -18.94 29.75 -38.13
C THR C 109 -18.34 30.52 -39.30
N LEU C 110 -17.21 31.20 -39.09
CA LEU C 110 -16.46 31.94 -40.12
C LEU C 110 -17.29 33.03 -40.77
N ASP C 111 -18.18 33.67 -40.01
CA ASP C 111 -19.07 34.69 -40.55
C ASP C 111 -19.24 35.85 -39.57
N SER C 112 -18.21 36.12 -38.76
CA SER C 112 -18.12 37.14 -37.70
C SER C 112 -19.14 36.96 -36.59
N LYS C 113 -19.81 35.81 -36.51
CA LYS C 113 -20.72 35.55 -35.39
C LYS C 113 -19.97 34.96 -34.20
N THR C 114 -18.94 34.17 -34.45
CA THR C 114 -18.11 33.57 -33.43
C THR C 114 -16.69 34.08 -33.54
N GLN C 115 -15.86 33.68 -32.58
CA GLN C 115 -14.46 34.12 -32.56
C GLN C 115 -13.65 33.33 -33.58
N SER C 116 -12.77 34.02 -34.30
CA SER C 116 -12.01 33.41 -35.37
C SER C 116 -10.51 33.65 -35.16
N LEU C 117 -9.71 32.72 -35.68
CA LEU C 117 -8.25 32.79 -35.62
C LEU C 117 -7.71 32.78 -37.04
N LEU C 118 -6.73 33.65 -37.29
CA LEU C 118 -6.13 33.80 -38.61
C LEU C 118 -4.62 33.82 -38.48
N ILE C 119 -3.95 32.95 -39.23
CA ILE C 119 -2.50 32.96 -39.31
C ILE C 119 -2.14 33.18 -40.78
N VAL C 120 -1.36 34.23 -41.04
CA VAL C 120 -1.01 34.58 -42.42
C VAL C 120 0.45 35.00 -42.44
N ASN C 121 1.11 34.79 -43.58
CA ASN C 121 2.48 35.20 -43.80
C ASN C 121 2.37 36.15 -45.00
N ASN C 122 2.28 37.45 -44.74
CA ASN C 122 2.17 38.42 -45.81
C ASN C 122 3.57 38.80 -46.30
N ALA C 123 3.67 39.86 -47.11
CA ALA C 123 4.87 40.15 -47.89
C ALA C 123 6.10 40.49 -47.03
N THR C 124 5.92 40.90 -45.78
CA THR C 124 7.06 41.23 -44.95
C THR C 124 7.01 40.70 -43.52
N ASN C 125 5.86 40.20 -43.04
CA ASN C 125 5.76 39.75 -41.66
C ASN C 125 4.87 38.52 -41.57
N VAL C 126 4.71 38.02 -40.35
CA VAL C 126 3.79 36.92 -40.05
C VAL C 126 2.79 37.46 -39.02
N VAL C 127 1.51 37.38 -39.35
CA VAL C 127 0.44 37.99 -38.55
C VAL C 127 -0.46 36.88 -38.02
N ILE C 128 -0.67 36.88 -36.71
CA ILE C 128 -1.62 35.98 -36.06
C ILE C 128 -2.64 36.86 -35.34
N LYS C 129 -3.89 36.78 -35.78
CA LYS C 129 -4.95 37.61 -35.25
C LYS C 129 -6.13 36.75 -34.82
N VAL C 130 -6.55 36.91 -33.56
CA VAL C 130 -7.78 36.31 -33.06
C VAL C 130 -8.78 37.45 -32.95
N CYS C 131 -9.76 37.43 -33.85
CA CYS C 131 -10.72 38.51 -34.01
C CYS C 131 -11.99 37.94 -34.65
N GLU C 132 -13.01 38.78 -34.78
CA GLU C 132 -14.27 38.38 -35.40
C GLU C 132 -14.30 38.86 -36.85
N PHE C 133 -13.47 38.21 -37.67
CA PHE C 133 -13.45 38.50 -39.09
C PHE C 133 -14.60 37.79 -39.82
N GLN C 134 -15.02 38.39 -40.92
CA GLN C 134 -15.97 37.77 -41.84
C GLN C 134 -15.23 37.32 -43.08
N PHE C 135 -15.49 36.10 -43.53
CA PHE C 135 -14.71 35.44 -44.56
C PHE C 135 -15.57 35.13 -45.78
N CYS C 136 -14.95 35.24 -46.96
CA CYS C 136 -15.57 34.77 -48.18
C CYS C 136 -15.20 33.31 -48.42
N ASN C 137 -15.75 32.72 -49.49
CA ASN C 137 -15.56 31.30 -49.71
C ASN C 137 -14.16 30.99 -50.25
N ASP C 138 -13.55 31.93 -50.98
CA ASP C 138 -12.26 31.70 -51.64
C ASP C 138 -11.28 32.80 -51.29
N PRO C 139 -10.56 32.66 -50.17
CA PRO C 139 -9.50 33.61 -49.85
C PRO C 139 -8.21 33.30 -50.60
N PHE C 140 -7.51 34.36 -50.99
CA PHE C 140 -6.28 34.16 -51.75
C PHE C 140 -5.31 35.32 -51.56
N LEU C 141 -4.03 35.00 -51.77
CA LEU C 141 -2.94 35.96 -51.84
C LEU C 141 -2.45 36.01 -53.28
N GLY C 142 -2.49 37.19 -53.89
CA GLY C 142 -2.18 37.34 -55.29
C GLY C 142 -0.79 37.93 -55.52
N VAL C 143 0.05 37.17 -56.21
CA VAL C 143 1.39 37.60 -56.60
C VAL C 143 1.37 37.96 -58.07
N TYR C 144 1.89 39.14 -58.41
CA TYR C 144 1.89 39.64 -59.78
C TYR C 144 3.31 39.64 -60.32
N TYR C 145 3.45 39.22 -61.58
CA TYR C 145 4.73 39.16 -62.26
C TYR C 145 4.68 40.06 -63.50
N HIS C 146 5.75 40.82 -63.71
CA HIS C 146 5.81 41.80 -64.78
C HIS C 146 6.76 41.33 -65.88
N LYS C 147 6.46 41.74 -67.11
CA LYS C 147 7.31 41.38 -68.24
C LYS C 147 8.58 42.21 -68.29
N ASN C 148 8.49 43.50 -67.94
CA ASN C 148 9.62 44.41 -68.14
C ASN C 148 10.71 44.18 -67.11
N ASN C 149 10.35 43.92 -65.85
CA ASN C 149 11.32 43.60 -64.81
C ASN C 149 11.02 42.22 -64.25
N LYS C 150 12.08 41.49 -63.90
CA LYS C 150 11.95 40.10 -63.48
C LYS C 150 11.53 39.96 -62.01
N SER C 151 11.39 41.06 -61.28
CA SER C 151 11.06 41.00 -59.87
C SER C 151 9.61 40.56 -59.66
N TRP C 152 9.40 39.74 -58.65
CA TRP C 152 8.06 39.30 -58.23
C TRP C 152 7.68 40.08 -56.99
N MET C 153 6.54 40.76 -57.04
CA MET C 153 6.07 41.60 -55.94
C MET C 153 4.66 41.18 -55.54
N GLU C 154 4.41 41.13 -54.23
CA GLU C 154 3.09 40.80 -53.72
C GLU C 154 2.15 41.97 -53.98
N SER C 155 0.94 41.65 -54.45
CA SER C 155 0.01 42.71 -54.84
C SER C 155 -1.36 42.60 -54.18
N GLU C 156 -1.87 41.38 -53.98
CA GLU C 156 -3.25 41.18 -53.59
C GLU C 156 -3.33 40.35 -52.32
N PHE C 157 -4.31 40.65 -51.47
CA PHE C 157 -4.46 39.99 -50.18
C PHE C 157 -5.94 40.06 -49.80
N ARG C 158 -6.69 38.97 -50.00
CA ARG C 158 -8.11 38.94 -49.62
C ARG C 158 -8.39 37.65 -48.84
N VAL C 159 -8.45 37.77 -47.51
CA VAL C 159 -8.92 36.70 -46.66
C VAL C 159 -10.13 37.12 -45.81
N TYR C 160 -10.15 38.36 -45.30
CA TYR C 160 -11.27 38.86 -44.53
C TYR C 160 -11.88 40.07 -45.23
N SER C 161 -13.20 40.17 -45.14
CA SER C 161 -13.90 41.29 -45.76
C SER C 161 -13.68 42.59 -44.98
N SER C 162 -13.79 42.54 -43.66
CA SER C 162 -13.65 43.73 -42.83
C SER C 162 -13.15 43.29 -41.46
N ALA C 163 -13.07 44.25 -40.53
CA ALA C 163 -12.59 44.02 -39.18
C ALA C 163 -13.69 44.32 -38.18
N ASN C 164 -13.51 43.81 -36.97
CA ASN C 164 -14.48 43.96 -35.89
C ASN C 164 -13.71 44.05 -34.57
N ASN C 165 -14.40 43.80 -33.47
CA ASN C 165 -13.80 43.90 -32.13
C ASN C 165 -12.75 42.80 -31.91
N CYS C 166 -11.48 43.18 -31.97
CA CYS C 166 -10.39 42.23 -31.97
C CYS C 166 -9.93 41.93 -30.55
N THR C 167 -9.53 40.68 -30.32
CA THR C 167 -9.10 40.20 -29.01
C THR C 167 -7.60 39.98 -28.90
N PHE C 168 -6.98 39.31 -29.87
CA PHE C 168 -5.55 38.99 -29.79
C PHE C 168 -4.86 39.35 -31.09
N GLU C 169 -3.65 39.90 -30.98
CA GLU C 169 -2.88 40.32 -32.15
C GLU C 169 -1.42 40.00 -31.91
N TYR C 170 -0.74 39.55 -32.97
CA TYR C 170 0.68 39.25 -32.87
C TYR C 170 1.33 39.45 -34.23
N VAL C 171 2.41 40.22 -34.26
CA VAL C 171 3.16 40.52 -35.48
C VAL C 171 4.61 40.10 -35.26
N SER C 172 5.15 39.33 -36.20
CA SER C 172 6.48 38.76 -36.08
C SER C 172 7.56 39.77 -36.47
N GLN C 173 8.80 39.29 -36.50
CA GLN C 173 9.93 40.09 -36.95
C GLN C 173 9.85 40.28 -38.47
N PRO C 174 10.12 41.49 -38.98
CA PRO C 174 10.08 41.69 -40.43
C PRO C 174 11.20 40.96 -41.16
N PHE C 175 10.89 40.49 -42.36
CA PHE C 175 11.87 39.74 -43.17
C PHE C 175 11.48 39.84 -44.63
N LEU C 176 12.11 39.05 -45.49
CA LEU C 176 11.85 38.93 -46.92
C LEU C 176 11.93 37.46 -47.31
N MET C 177 11.26 37.11 -48.41
CA MET C 177 11.18 35.72 -48.86
C MET C 177 11.75 35.58 -50.27
N ASP C 178 11.60 34.37 -50.81
CA ASP C 178 11.84 34.06 -52.21
C ASP C 178 10.49 34.10 -52.91
N LEU C 179 10.19 35.24 -53.54
CA LEU C 179 8.90 35.44 -54.19
C LEU C 179 8.88 34.96 -55.64
N GLU C 180 10.01 34.57 -56.19
CA GLU C 180 10.06 34.11 -57.58
C GLU C 180 9.44 32.72 -57.71
N GLY C 181 9.01 32.40 -58.93
CA GLY C 181 8.40 31.12 -59.19
C GLY C 181 9.37 30.11 -59.76
N LYS C 182 9.89 29.26 -58.90
CA LYS C 182 10.82 28.21 -59.35
C LYS C 182 10.05 27.14 -60.13
N GLN C 183 10.66 26.46 -61.08
CA GLN C 183 10.08 25.38 -61.86
C GLN C 183 10.59 24.04 -61.36
N GLY C 184 10.13 22.96 -61.99
CA GLY C 184 10.58 21.63 -61.63
C GLY C 184 9.88 21.08 -60.41
N ASN C 185 10.56 20.13 -59.77
CA ASN C 185 10.03 19.45 -58.60
C ASN C 185 10.07 20.33 -57.35
N PHE C 186 9.27 19.96 -56.36
CA PHE C 186 9.23 20.67 -55.10
C PHE C 186 10.50 20.43 -54.30
N LYS C 187 10.89 21.44 -53.52
CA LYS C 187 12.17 21.41 -52.83
C LYS C 187 12.07 21.42 -51.31
N ASN C 188 10.90 21.68 -50.74
CA ASN C 188 10.77 21.74 -49.28
C ASN C 188 9.54 20.96 -48.83
N LEU C 189 9.58 20.51 -47.58
CA LEU C 189 8.43 19.89 -46.92
C LEU C 189 8.27 20.53 -45.55
N ARG C 190 7.21 21.32 -45.36
CA ARG C 190 6.94 21.99 -44.07
C ARG C 190 5.74 21.38 -43.36
N GLU C 191 5.88 20.81 -42.16
CA GLU C 191 4.89 20.09 -41.39
C GLU C 191 4.44 20.94 -40.21
N PHE C 192 3.17 20.83 -39.86
CA PHE C 192 2.57 21.60 -38.77
C PHE C 192 1.56 20.72 -38.04
N VAL C 193 1.45 20.92 -36.73
CA VAL C 193 0.46 20.26 -35.91
C VAL C 193 -0.24 21.32 -35.08
N PHE C 194 -1.57 21.40 -35.21
CA PHE C 194 -2.40 22.32 -34.43
C PHE C 194 -3.31 21.49 -33.53
N LYS C 195 -3.34 21.84 -32.25
CA LYS C 195 -4.24 21.22 -31.29
C LYS C 195 -4.67 22.26 -30.27
N ASN C 196 -5.83 22.03 -29.66
CA ASN C 196 -6.40 22.95 -28.69
C ASN C 196 -6.73 22.15 -27.42
N ILE C 197 -5.88 22.28 -26.41
CA ILE C 197 -6.03 21.54 -25.15
C ILE C 197 -6.01 22.54 -24.00
N ASP C 198 -7.05 22.48 -23.15
CA ASP C 198 -7.19 23.28 -21.92
C ASP C 198 -7.14 24.78 -22.21
N GLY C 199 -7.74 25.18 -23.34
CA GLY C 199 -7.71 26.57 -23.74
C GLY C 199 -6.40 27.04 -24.33
N TYR C 200 -5.49 26.13 -24.65
CA TYR C 200 -4.19 26.48 -25.22
C TYR C 200 -4.08 25.91 -26.63
N PHE C 201 -3.75 26.77 -27.59
CA PHE C 201 -3.56 26.39 -28.98
C PHE C 201 -2.07 26.15 -29.20
N LYS C 202 -1.68 24.89 -29.35
CA LYS C 202 -0.28 24.51 -29.43
C LYS C 202 0.09 24.20 -30.87
N ILE C 203 1.15 24.84 -31.36
CA ILE C 203 1.60 24.68 -32.74
C ILE C 203 2.98 24.03 -32.72
N TYR C 204 3.12 22.92 -33.42
CA TYR C 204 4.40 22.21 -33.57
C TYR C 204 4.79 22.20 -35.03
N SER C 205 6.10 22.31 -35.31
CA SER C 205 6.52 22.37 -36.71
C SER C 205 7.98 21.95 -36.85
N LYS C 206 8.31 21.48 -38.06
CA LYS C 206 9.68 21.34 -38.54
C LYS C 206 9.63 21.32 -40.06
N HIS C 207 10.74 21.79 -40.69
CA HIS C 207 10.87 21.85 -42.17
C HIS C 207 12.08 21.10 -42.68
N THR C 208 11.89 20.23 -43.66
CA THR C 208 12.98 19.43 -44.21
C THR C 208 13.05 19.62 -45.73
N PRO C 209 14.22 19.92 -46.29
CA PRO C 209 14.37 19.87 -47.75
C PRO C 209 14.13 18.48 -48.29
N ILE C 210 13.40 18.41 -49.41
CA ILE C 210 13.08 17.16 -50.10
C ILE C 210 13.35 17.33 -51.59
N ASN C 211 13.39 16.20 -52.29
CA ASN C 211 13.54 16.15 -53.75
C ASN C 211 12.46 15.24 -54.29
N LEU C 212 11.26 15.79 -54.49
CA LEU C 212 10.10 15.02 -54.95
C LEU C 212 9.22 15.92 -55.81
N VAL C 213 8.55 15.32 -56.79
CA VAL C 213 7.63 16.09 -57.62
C VAL C 213 6.17 15.86 -57.24
N ARG C 214 5.76 14.60 -56.97
CA ARG C 214 4.42 14.33 -56.44
C ARG C 214 4.50 13.04 -55.61
N ASP C 215 4.78 13.21 -54.32
CA ASP C 215 4.95 12.12 -53.36
C ASP C 215 5.05 12.70 -51.96
N LEU C 216 4.56 11.94 -50.98
CA LEU C 216 4.86 12.21 -49.58
C LEU C 216 6.01 11.33 -49.15
N PRO C 217 7.12 11.89 -48.67
CA PRO C 217 8.31 11.08 -48.41
C PRO C 217 8.17 10.16 -47.21
N GLN C 218 8.90 9.05 -47.26
CA GLN C 218 8.92 8.05 -46.19
C GLN C 218 10.07 8.40 -45.26
N GLY C 219 9.77 9.20 -44.24
CA GLY C 219 10.77 9.59 -43.27
C GLY C 219 10.12 10.03 -41.98
N PHE C 220 10.83 9.80 -40.88
CA PHE C 220 10.33 10.19 -39.57
C PHE C 220 10.45 11.71 -39.38
N SER C 221 9.61 12.25 -38.51
CA SER C 221 9.58 13.67 -38.22
C SER C 221 9.61 13.89 -36.72
N ALA C 222 10.27 14.96 -36.29
CA ALA C 222 10.37 15.36 -34.90
C ALA C 222 9.98 16.83 -34.82
N LEU C 223 8.69 17.10 -34.65
CA LEU C 223 8.18 18.46 -34.67
C LEU C 223 8.42 19.13 -33.33
N GLU C 224 9.28 20.15 -33.33
CA GLU C 224 9.60 20.91 -32.13
C GLU C 224 8.46 21.85 -31.77
N PRO C 225 8.25 22.15 -30.49
CA PRO C 225 7.23 23.13 -30.12
C PRO C 225 7.63 24.54 -30.52
N LEU C 226 6.65 25.29 -31.05
CA LEU C 226 6.90 26.64 -31.53
C LEU C 226 6.16 27.68 -30.70
N VAL C 227 4.83 27.62 -30.61
CA VAL C 227 4.06 28.52 -29.77
C VAL C 227 2.97 27.74 -29.04
N ASP C 228 2.62 28.25 -27.86
CA ASP C 228 1.49 27.80 -27.04
C ASP C 228 0.63 29.04 -26.81
N LEU C 229 -0.25 29.35 -27.75
CA LEU C 229 -1.05 30.57 -27.67
C LEU C 229 -2.18 30.39 -26.67
N PRO C 230 -2.33 31.29 -25.69
CA PRO C 230 -3.46 31.21 -24.74
C PRO C 230 -4.70 31.93 -25.27
N ILE C 231 -5.39 31.27 -26.20
CA ILE C 231 -6.57 31.84 -26.84
C ILE C 231 -7.83 31.36 -26.12
N GLY C 232 -8.07 30.06 -26.16
CA GLY C 232 -9.21 29.47 -25.48
C GLY C 232 -10.56 29.80 -26.08
N ILE C 233 -10.79 29.35 -27.32
CA ILE C 233 -12.05 29.62 -28.02
C ILE C 233 -12.58 28.32 -28.61
N ASN C 234 -13.86 28.38 -28.98
CA ASN C 234 -14.48 27.20 -29.61
C ASN C 234 -13.89 27.12 -30.98
N ILE C 235 -13.68 25.91 -31.44
CA ILE C 235 -13.10 25.70 -32.76
C ILE C 235 -13.68 24.42 -33.37
N THR C 236 -14.26 24.55 -34.58
CA THR C 236 -14.72 23.38 -35.32
C THR C 236 -14.53 23.46 -36.83
N ARG C 237 -13.91 24.51 -37.34
CA ARG C 237 -13.80 24.74 -38.77
C ARG C 237 -12.42 25.24 -39.13
N PHE C 238 -11.92 24.78 -40.29
CA PHE C 238 -10.54 24.98 -40.70
C PHE C 238 -10.51 25.21 -42.21
N GLN C 239 -9.64 26.11 -42.66
CA GLN C 239 -9.42 26.33 -44.08
C GLN C 239 -8.00 26.80 -44.32
N THR C 240 -7.47 26.51 -45.50
CA THR C 240 -6.08 26.78 -45.86
C THR C 240 -6.02 27.87 -46.92
N LEU C 241 -5.18 28.88 -46.67
CA LEU C 241 -4.93 29.92 -47.66
C LEU C 241 -3.95 29.44 -48.72
N LEU C 242 -4.03 30.05 -49.89
CA LEU C 242 -3.14 29.72 -51.00
C LEU C 242 -2.63 30.99 -51.66
N ALA C 243 -1.56 30.85 -52.44
CA ALA C 243 -1.00 31.93 -53.23
C ALA C 243 -1.05 31.56 -54.70
N LEU C 244 -1.44 32.50 -55.55
CA LEU C 244 -1.53 32.28 -56.98
C LEU C 244 -0.64 33.28 -57.71
N HIS C 245 -0.06 32.83 -58.82
CA HIS C 245 0.84 33.66 -59.62
C HIS C 245 0.05 34.58 -60.53
N SER C 256 -10.88 37.92 -66.20
CA SER C 256 -10.27 37.58 -64.92
C SER C 256 -9.39 36.34 -65.04
N GLY C 257 -8.38 36.41 -65.91
CA GLY C 257 -7.48 35.30 -66.10
C GLY C 257 -6.46 35.20 -64.98
N TRP C 258 -6.17 33.97 -64.57
CA TRP C 258 -5.23 33.70 -63.50
C TRP C 258 -4.69 32.29 -63.65
N THR C 259 -3.59 32.03 -62.95
CA THR C 259 -2.98 30.71 -62.93
C THR C 259 -2.78 30.28 -61.48
N ALA C 260 -2.71 28.96 -61.27
CA ALA C 260 -2.65 28.44 -59.90
C ALA C 260 -1.21 28.14 -59.47
N GLY C 261 -0.36 27.74 -60.41
CA GLY C 261 0.98 27.36 -60.07
C GLY C 261 1.06 25.93 -59.57
N ALA C 262 2.23 25.57 -59.05
CA ALA C 262 2.50 24.23 -58.56
C ALA C 262 2.49 24.25 -57.04
N ALA C 263 1.60 23.45 -56.44
CA ALA C 263 1.49 23.34 -55.00
C ALA C 263 0.84 22.01 -54.66
N ALA C 264 1.13 21.54 -53.44
CA ALA C 264 0.51 20.32 -52.93
C ALA C 264 0.58 20.34 -51.40
N TYR C 265 -0.54 20.03 -50.76
CA TYR C 265 -0.62 19.95 -49.31
C TYR C 265 -1.51 18.78 -48.89
N TYR C 266 -1.43 18.46 -47.61
CA TYR C 266 -1.98 17.25 -47.03
C TYR C 266 -2.58 17.57 -45.67
N VAL C 267 -3.83 17.15 -45.45
CA VAL C 267 -4.54 17.42 -44.21
C VAL C 267 -4.95 16.08 -43.61
N GLY C 268 -4.62 15.89 -42.33
CA GLY C 268 -5.09 14.75 -41.57
C GLY C 268 -5.54 15.18 -40.19
N TYR C 269 -6.20 14.25 -39.50
CA TYR C 269 -6.85 14.55 -38.22
C TYR C 269 -6.17 13.77 -37.10
N LEU C 270 -6.03 14.41 -35.93
CA LEU C 270 -5.48 13.75 -34.76
C LEU C 270 -6.59 13.04 -33.99
N GLN C 271 -6.24 11.90 -33.39
CA GLN C 271 -7.12 11.06 -32.60
C GLN C 271 -6.47 10.77 -31.26
N PRO C 272 -7.26 10.44 -30.21
CA PRO C 272 -6.64 10.08 -28.93
C PRO C 272 -5.95 8.72 -28.99
N ARG C 273 -4.64 8.76 -28.96
CA ARG C 273 -3.90 7.49 -29.09
C ARG C 273 -2.80 7.44 -28.04
N THR C 274 -2.03 6.37 -28.03
CA THR C 274 -0.91 6.18 -27.11
C THR C 274 0.34 5.87 -27.93
N PHE C 275 1.39 6.66 -27.74
CA PHE C 275 2.67 6.39 -28.38
C PHE C 275 3.76 6.06 -27.37
N LEU C 276 4.83 5.46 -27.89
CA LEU C 276 6.07 5.27 -27.17
C LEU C 276 7.19 5.84 -28.01
N LEU C 277 7.87 6.86 -27.48
CA LEU C 277 8.92 7.59 -28.18
C LEU C 277 10.28 7.11 -27.69
N LYS C 278 11.23 6.94 -28.61
CA LYS C 278 12.60 6.60 -28.25
C LYS C 278 13.47 7.83 -28.44
N TYR C 279 14.16 8.24 -27.38
CA TYR C 279 15.04 9.40 -27.40
C TYR C 279 16.47 8.97 -27.66
N ASN C 280 17.17 9.72 -28.51
CA ASN C 280 18.56 9.43 -28.82
C ASN C 280 19.47 10.09 -27.78
N GLU C 281 20.78 9.96 -27.99
CA GLU C 281 21.74 10.55 -27.06
C GLU C 281 21.88 12.05 -27.23
N ASN C 282 21.42 12.59 -28.36
CA ASN C 282 21.48 14.03 -28.60
C ASN C 282 20.25 14.78 -28.12
N GLY C 283 19.28 14.08 -27.52
CA GLY C 283 18.08 14.70 -27.01
C GLY C 283 16.93 14.75 -27.99
N THR C 284 17.14 14.38 -29.24
CA THR C 284 16.08 14.34 -30.24
C THR C 284 15.54 12.92 -30.35
N ILE C 285 14.25 12.80 -30.65
CA ILE C 285 13.61 11.49 -30.71
C ILE C 285 14.04 10.77 -31.99
N THR C 286 14.09 9.44 -31.92
CA THR C 286 14.50 8.61 -33.04
C THR C 286 13.30 8.00 -33.78
N ASP C 287 12.49 7.23 -33.02
CA ASP C 287 11.31 6.58 -33.62
C ASP C 287 10.15 6.44 -32.63
N ALA C 288 8.94 6.14 -33.08
CA ALA C 288 7.89 5.92 -32.06
C ALA C 288 7.06 4.68 -32.40
N VAL C 289 7.04 3.66 -31.54
CA VAL C 289 6.22 2.44 -31.74
C VAL C 289 4.77 2.85 -31.54
N ASP C 290 3.86 2.49 -32.43
CA ASP C 290 2.44 2.81 -32.19
C ASP C 290 1.91 1.77 -31.22
N CYS C 291 0.79 2.03 -30.57
CA CYS C 291 0.33 1.06 -29.57
C CYS C 291 -1.05 0.59 -29.96
N ALA C 292 -1.43 0.76 -31.20
CA ALA C 292 -2.82 0.37 -31.53
C ALA C 292 -2.89 -0.08 -32.97
N LEU C 293 -1.75 -0.18 -33.64
CA LEU C 293 -1.73 -0.55 -35.05
C LEU C 293 -1.51 -2.04 -35.25
N ASP C 294 -0.45 -2.59 -34.67
CA ASP C 294 -0.04 -3.96 -34.94
C ASP C 294 0.12 -4.72 -33.64
N PRO C 295 -0.11 -6.04 -33.65
CA PRO C 295 0.20 -6.85 -32.46
C PRO C 295 1.65 -6.80 -32.04
N LEU C 296 2.59 -6.72 -32.98
CA LEU C 296 3.98 -6.50 -32.62
C LEU C 296 4.18 -5.14 -31.95
N SER C 297 3.53 -4.10 -32.50
CA SER C 297 3.54 -2.80 -31.86
C SER C 297 2.82 -2.84 -30.51
N GLU C 298 1.79 -3.68 -30.39
CA GLU C 298 1.12 -3.85 -29.10
C GLU C 298 2.05 -4.45 -28.06
N THR C 299 2.85 -5.45 -28.46
CA THR C 299 3.82 -6.03 -27.53
C THR C 299 4.92 -5.04 -27.19
N LYS C 300 5.35 -4.23 -28.17
CA LYS C 300 6.34 -3.19 -27.90
C LYS C 300 5.81 -2.16 -26.91
N CYS C 301 4.50 -1.86 -26.99
CA CYS C 301 3.91 -0.94 -26.03
C CYS C 301 3.77 -1.56 -24.65
N THR C 302 3.30 -2.81 -24.57
CA THR C 302 3.04 -3.42 -23.28
C THR C 302 4.31 -3.90 -22.59
N LEU C 303 5.43 -4.00 -23.31
CA LEU C 303 6.71 -4.27 -22.68
C LEU C 303 7.61 -3.05 -22.60
N LYS C 304 7.18 -1.93 -23.21
CA LYS C 304 7.87 -0.64 -23.15
C LYS C 304 9.31 -0.74 -23.66
N SER C 305 9.49 -1.44 -24.77
CA SER C 305 10.80 -1.55 -25.41
C SER C 305 10.61 -1.73 -26.91
N PHE C 306 11.66 -1.48 -27.67
CA PHE C 306 11.53 -1.55 -29.15
C PHE C 306 12.03 -2.90 -29.63
N THR C 307 12.58 -3.72 -28.73
CA THR C 307 13.02 -5.06 -29.09
C THR C 307 12.40 -6.06 -28.14
N VAL C 308 11.74 -7.09 -28.69
CA VAL C 308 11.13 -8.17 -27.92
C VAL C 308 11.64 -9.49 -28.47
N GLU C 309 11.99 -10.41 -27.58
CA GLU C 309 12.52 -11.70 -27.98
C GLU C 309 11.38 -12.67 -28.29
N LYS C 310 11.76 -13.91 -28.62
CA LYS C 310 10.78 -14.93 -28.94
C LYS C 310 10.05 -15.40 -27.69
N GLY C 311 8.79 -15.79 -27.86
CA GLY C 311 8.00 -16.27 -26.75
C GLY C 311 6.54 -15.89 -26.93
N ILE C 312 5.82 -15.91 -25.82
CA ILE C 312 4.42 -15.51 -25.77
C ILE C 312 4.28 -14.39 -24.75
N TYR C 313 3.45 -13.39 -25.07
CA TYR C 313 3.24 -12.23 -24.21
C TYR C 313 1.76 -11.93 -24.13
N GLN C 314 1.21 -11.92 -22.93
CA GLN C 314 -0.17 -11.51 -22.73
C GLN C 314 -0.25 -10.00 -22.80
N THR C 315 -0.69 -9.48 -23.95
CA THR C 315 -0.70 -8.05 -24.18
C THR C 315 -1.89 -7.39 -23.49
N SER C 316 -1.70 -6.13 -23.08
CA SER C 316 -2.78 -5.32 -22.55
C SER C 316 -3.74 -4.92 -23.68
N ASN C 317 -4.90 -4.40 -23.28
CA ASN C 317 -5.94 -4.00 -24.22
C ASN C 317 -5.77 -2.51 -24.54
N PHE C 318 -5.11 -2.21 -25.66
CA PHE C 318 -5.01 -0.86 -26.19
C PHE C 318 -5.59 -0.74 -27.60
N ARG C 319 -6.42 -1.70 -28.02
CA ARG C 319 -6.83 -1.75 -29.42
C ARG C 319 -7.93 -0.75 -29.73
N VAL C 320 -9.09 -0.88 -29.09
CA VAL C 320 -10.30 -0.19 -29.48
C VAL C 320 -10.52 1.03 -28.59
N GLN C 321 -10.82 2.16 -29.21
CA GLN C 321 -11.23 3.38 -28.51
C GLN C 321 -12.66 3.71 -28.96
N PRO C 322 -13.64 3.72 -28.04
CA PRO C 322 -15.02 4.00 -28.45
C PRO C 322 -15.20 5.44 -28.91
N THR C 323 -16.10 5.62 -29.87
CA THR C 323 -16.37 6.93 -30.45
C THR C 323 -17.82 7.36 -30.31
N GLU C 324 -18.66 6.59 -29.63
CA GLU C 324 -20.07 6.92 -29.49
C GLU C 324 -20.47 6.85 -28.02
N SER C 325 -21.52 7.58 -27.68
CA SER C 325 -22.05 7.62 -26.33
C SER C 325 -23.57 7.48 -26.38
N ILE C 326 -24.13 6.68 -25.48
CA ILE C 326 -25.57 6.48 -25.39
C ILE C 326 -26.04 6.85 -24.00
N VAL C 327 -27.21 7.47 -23.92
CA VAL C 327 -27.81 7.91 -22.67
C VAL C 327 -29.24 7.40 -22.63
N ARG C 328 -29.59 6.67 -21.57
CA ARG C 328 -30.94 6.14 -21.41
C ARG C 328 -31.43 6.43 -20.00
N PHE C 329 -32.47 7.27 -19.89
CA PHE C 329 -33.11 7.71 -18.66
C PHE C 329 -34.60 7.41 -18.76
N PRO C 330 -35.31 7.31 -17.63
CA PRO C 330 -36.77 7.13 -17.69
C PRO C 330 -37.45 8.30 -18.38
N ASN C 331 -38.52 7.99 -19.11
CA ASN C 331 -39.13 8.95 -20.03
C ASN C 331 -40.21 9.78 -19.33
N ILE C 332 -39.82 10.40 -18.21
CA ILE C 332 -40.69 11.30 -17.48
C ILE C 332 -40.13 12.71 -17.58
N THR C 333 -40.98 13.66 -17.98
CA THR C 333 -40.54 15.02 -18.22
C THR C 333 -41.51 16.00 -17.53
N ASN C 334 -41.78 15.74 -16.25
CA ASN C 334 -42.49 16.73 -15.44
C ASN C 334 -41.47 17.58 -14.68
N LEU C 335 -41.84 18.83 -14.42
CA LEU C 335 -40.95 19.70 -13.67
C LEU C 335 -41.10 19.45 -12.18
N CYS C 336 -39.97 19.25 -11.52
CA CYS C 336 -39.98 18.99 -10.08
C CYS C 336 -40.39 20.26 -9.33
N PRO C 337 -41.05 20.11 -8.17
CA PRO C 337 -41.52 21.29 -7.44
C PRO C 337 -40.40 22.03 -6.72
N PHE C 338 -39.35 22.41 -7.44
CA PHE C 338 -38.32 23.27 -6.88
C PHE C 338 -38.84 24.69 -6.71
N GLY C 339 -39.86 25.09 -7.45
CA GLY C 339 -40.48 26.38 -7.23
C GLY C 339 -41.20 26.46 -5.90
N GLU C 340 -41.84 25.37 -5.47
CA GLU C 340 -42.52 25.36 -4.18
C GLU C 340 -41.52 25.46 -3.03
N VAL C 341 -40.41 24.73 -3.13
CA VAL C 341 -39.40 24.78 -2.08
C VAL C 341 -38.67 26.11 -2.09
N PHE C 342 -38.37 26.63 -3.28
CA PHE C 342 -37.50 27.80 -3.39
C PHE C 342 -38.29 29.11 -3.45
N ASN C 343 -39.63 29.05 -3.48
CA ASN C 343 -40.48 30.21 -3.28
C ASN C 343 -41.43 29.97 -2.10
N ALA C 344 -40.93 29.39 -1.02
CA ALA C 344 -41.78 29.17 0.15
C ALA C 344 -42.02 30.48 0.88
N THR C 345 -43.26 30.95 0.83
CA THR C 345 -43.61 32.19 1.53
C THR C 345 -43.62 31.99 3.03
N ARG C 346 -44.22 30.91 3.51
CA ARG C 346 -44.10 30.49 4.90
C ARG C 346 -43.14 29.30 4.94
N PHE C 347 -41.98 29.50 5.54
CA PHE C 347 -40.85 28.58 5.40
C PHE C 347 -40.48 28.10 6.79
N ALA C 348 -40.19 26.81 6.90
CA ALA C 348 -40.22 26.11 8.19
C ALA C 348 -39.14 26.60 9.15
N SER C 349 -39.41 26.44 10.45
CA SER C 349 -38.46 26.78 11.50
C SER C 349 -37.40 25.69 11.63
N VAL C 350 -36.47 25.89 12.56
CA VAL C 350 -35.35 24.96 12.65
C VAL C 350 -35.63 23.85 13.68
N TYR C 351 -36.47 24.09 14.68
CA TYR C 351 -36.71 23.04 15.68
C TYR C 351 -37.60 21.95 15.10
N ALA C 352 -38.57 22.32 14.27
CA ALA C 352 -39.48 21.39 13.60
C ALA C 352 -39.44 21.73 12.12
N TRP C 353 -38.46 21.18 11.42
CA TRP C 353 -38.27 21.42 10.00
C TRP C 353 -39.16 20.50 9.18
N ASN C 354 -39.29 20.81 7.88
CA ASN C 354 -40.20 20.13 6.99
C ASN C 354 -39.42 19.24 6.03
N ARG C 355 -39.94 18.04 5.79
CA ARG C 355 -39.37 17.11 4.83
C ARG C 355 -40.41 16.87 3.74
N LYS C 356 -40.08 17.25 2.52
CA LYS C 356 -40.97 17.09 1.38
C LYS C 356 -40.37 16.07 0.41
N ARG C 357 -41.14 15.05 0.06
CA ARG C 357 -40.69 14.05 -0.89
C ARG C 357 -40.92 14.53 -2.31
N ILE C 358 -39.89 14.40 -3.15
CA ILE C 358 -39.95 14.77 -4.55
C ILE C 358 -39.86 13.51 -5.38
N SER C 359 -40.80 13.32 -6.30
CA SER C 359 -40.85 12.08 -7.06
C SER C 359 -41.51 12.32 -8.41
N ASN C 360 -41.13 11.48 -9.39
CA ASN C 360 -41.73 11.41 -10.72
C ASN C 360 -41.66 12.73 -11.47
N CYS C 361 -40.44 13.27 -11.57
CA CYS C 361 -40.22 14.52 -12.28
C CYS C 361 -38.75 14.60 -12.66
N VAL C 362 -38.37 15.73 -13.26
CA VAL C 362 -36.99 15.96 -13.69
C VAL C 362 -36.45 17.19 -12.94
N ALA C 363 -35.18 17.11 -12.55
CA ALA C 363 -34.53 18.13 -11.74
C ALA C 363 -33.69 19.01 -12.65
N ASP C 364 -34.25 20.14 -13.06
CA ASP C 364 -33.55 21.10 -13.92
C ASP C 364 -32.83 22.08 -13.01
N TYR C 365 -31.51 21.87 -12.85
CA TYR C 365 -30.70 22.75 -12.02
C TYR C 365 -30.52 24.13 -12.63
N SER C 366 -30.59 24.23 -13.96
CA SER C 366 -30.36 25.51 -14.64
C SER C 366 -31.46 26.53 -14.37
N VAL C 367 -32.65 26.07 -13.96
CA VAL C 367 -33.74 27.00 -13.66
C VAL C 367 -33.44 27.78 -12.39
N LEU C 368 -32.78 27.15 -11.41
CA LEU C 368 -32.69 27.70 -10.06
C LEU C 368 -31.86 28.98 -10.01
N TYR C 369 -30.72 29.02 -10.70
CA TYR C 369 -29.84 30.18 -10.62
C TYR C 369 -30.18 31.26 -11.63
N ASN C 370 -31.32 31.14 -12.32
CA ASN C 370 -31.75 32.21 -13.20
C ASN C 370 -32.14 33.45 -12.40
N SER C 371 -32.84 33.27 -11.28
CA SER C 371 -33.30 34.39 -10.46
C SER C 371 -32.86 34.30 -9.00
N ALA C 372 -32.14 33.26 -8.62
CA ALA C 372 -31.70 33.09 -7.23
C ALA C 372 -30.19 32.90 -7.20
N SER C 373 -29.55 33.53 -6.20
CA SER C 373 -28.12 33.41 -5.99
C SER C 373 -27.88 32.68 -4.67
N PHE C 374 -27.08 31.61 -4.73
CA PHE C 374 -26.83 30.75 -3.58
C PHE C 374 -25.47 31.08 -2.99
N SER C 375 -25.44 31.38 -1.68
CA SER C 375 -24.20 31.78 -1.04
C SER C 375 -23.25 30.59 -0.86
N THR C 376 -23.77 29.47 -0.35
CA THR C 376 -22.95 28.29 -0.09
C THR C 376 -23.65 27.07 -0.72
N PHE C 377 -23.17 26.65 -1.87
CA PHE C 377 -23.64 25.42 -2.51
C PHE C 377 -22.70 24.26 -2.21
N LYS C 378 -22.57 23.95 -0.91
CA LYS C 378 -21.73 22.83 -0.50
C LYS C 378 -22.41 21.51 -0.85
N CYS C 379 -21.64 20.60 -1.45
CA CYS C 379 -22.16 19.30 -1.85
C CYS C 379 -21.26 18.21 -1.26
N TYR C 380 -21.87 17.22 -0.63
CA TYR C 380 -21.15 16.14 0.03
C TYR C 380 -21.47 14.83 -0.67
N GLY C 381 -20.42 14.12 -1.10
CA GLY C 381 -20.56 12.84 -1.76
C GLY C 381 -20.77 12.91 -3.25
N VAL C 382 -21.38 13.98 -3.75
CA VAL C 382 -21.67 14.16 -5.17
C VAL C 382 -21.05 15.47 -5.61
N SER C 383 -20.24 15.43 -6.66
CA SER C 383 -19.65 16.63 -7.20
C SER C 383 -20.71 17.46 -7.93
N PRO C 384 -20.63 18.80 -7.86
CA PRO C 384 -21.58 19.63 -8.59
C PRO C 384 -21.48 19.51 -10.10
N THR C 385 -20.31 19.15 -10.63
CA THR C 385 -20.16 19.04 -12.09
C THR C 385 -20.93 17.85 -12.63
N LYS C 386 -20.85 16.70 -11.95
CA LYS C 386 -21.52 15.49 -12.40
C LYS C 386 -22.93 15.36 -11.84
N LEU C 387 -23.50 16.45 -11.32
CA LEU C 387 -24.85 16.38 -10.76
C LEU C 387 -25.90 16.33 -11.86
N ASN C 388 -25.58 16.80 -13.06
CA ASN C 388 -26.58 16.88 -14.12
C ASN C 388 -26.90 15.50 -14.70
N ASP C 389 -25.88 14.64 -14.85
CA ASP C 389 -26.10 13.36 -15.51
C ASP C 389 -26.60 12.26 -14.59
N LEU C 390 -26.80 12.56 -13.30
CA LEU C 390 -27.25 11.55 -12.37
C LEU C 390 -28.77 11.48 -12.31
N CYS C 391 -29.28 10.34 -11.84
CA CYS C 391 -30.70 10.16 -11.57
C CYS C 391 -30.85 9.78 -10.10
N PHE C 392 -31.57 10.60 -9.35
CA PHE C 392 -31.73 10.39 -7.92
C PHE C 392 -32.95 9.51 -7.64
N THR C 393 -32.87 8.76 -6.55
CA THR C 393 -33.87 7.75 -6.22
C THR C 393 -34.74 8.14 -5.04
N ASN C 394 -34.13 8.45 -3.89
CA ASN C 394 -34.86 8.84 -2.69
C ASN C 394 -34.36 10.23 -2.29
N VAL C 395 -35.06 11.26 -2.77
CA VAL C 395 -34.67 12.64 -2.53
C VAL C 395 -35.68 13.29 -1.57
N TYR C 396 -35.17 14.04 -0.60
CA TYR C 396 -35.97 14.78 0.35
C TYR C 396 -35.40 16.18 0.48
N ALA C 397 -36.25 17.14 0.83
CA ALA C 397 -35.88 18.54 0.91
C ALA C 397 -36.12 19.06 2.32
N ASP C 398 -35.06 19.17 3.12
CA ASP C 398 -35.16 19.80 4.42
C ASP C 398 -35.27 21.32 4.25
N SER C 399 -35.78 21.98 5.30
CA SER C 399 -36.12 23.39 5.19
C SER C 399 -36.10 24.04 6.56
N PHE C 400 -35.20 25.00 6.76
CA PHE C 400 -35.16 25.73 8.02
C PHE C 400 -34.48 27.08 7.82
N VAL C 401 -34.69 27.98 8.78
CA VAL C 401 -34.11 29.31 8.79
C VAL C 401 -33.14 29.40 9.96
N ILE C 402 -31.89 29.73 9.67
CA ILE C 402 -30.86 29.94 10.69
C ILE C 402 -30.21 31.30 10.47
N ARG C 403 -29.47 31.79 11.45
CA ARG C 403 -28.79 33.07 11.30
C ARG C 403 -27.49 32.87 10.53
N GLY C 404 -26.79 33.98 10.29
CA GLY C 404 -25.64 33.95 9.40
C GLY C 404 -24.46 33.17 9.94
N ASP C 405 -24.23 33.24 11.25
CA ASP C 405 -23.06 32.59 11.83
C ASP C 405 -23.22 31.09 11.93
N GLU C 406 -24.43 30.56 11.83
CA GLU C 406 -24.68 29.14 12.02
C GLU C 406 -24.85 28.38 10.71
N VAL C 407 -24.56 29.01 9.57
CA VAL C 407 -24.64 28.29 8.30
C VAL C 407 -23.55 27.22 8.21
N ARG C 408 -22.42 27.44 8.88
CA ARG C 408 -21.37 26.43 8.93
C ARG C 408 -21.77 25.21 9.75
N GLN C 409 -22.74 25.35 10.65
CA GLN C 409 -23.10 24.24 11.53
C GLN C 409 -23.90 23.16 10.81
N ILE C 410 -24.51 23.49 9.68
CA ILE C 410 -25.24 22.49 8.89
C ILE C 410 -24.22 21.86 7.95
N ALA C 411 -23.50 20.89 8.50
CA ALA C 411 -22.43 20.17 7.82
C ALA C 411 -22.12 18.92 8.65
N PRO C 412 -21.69 17.82 8.03
CA PRO C 412 -21.35 16.62 8.81
C PRO C 412 -20.09 16.84 9.62
N GLY C 413 -20.22 16.72 10.94
CA GLY C 413 -19.08 16.85 11.84
C GLY C 413 -19.00 18.15 12.60
N GLN C 414 -19.82 19.14 12.26
CA GLN C 414 -19.81 20.40 12.98
C GLN C 414 -20.74 20.34 14.20
N THR C 415 -20.46 21.19 15.18
CA THR C 415 -21.22 21.23 16.42
C THR C 415 -21.71 22.64 16.69
N GLY C 416 -22.50 22.77 17.75
CA GLY C 416 -23.10 24.03 18.12
C GLY C 416 -24.49 23.80 18.67
N LYS C 417 -25.26 24.87 18.77
CA LYS C 417 -26.65 24.77 19.20
C LYS C 417 -27.60 24.55 18.04
N ILE C 418 -27.08 24.46 16.81
CA ILE C 418 -27.90 24.17 15.63
C ILE C 418 -27.55 22.78 15.09
N ALA C 419 -26.51 22.15 15.65
CA ALA C 419 -26.11 20.82 15.22
C ALA C 419 -26.08 19.80 16.36
N ASP C 420 -26.57 20.16 17.55
CA ASP C 420 -26.64 19.20 18.64
C ASP C 420 -28.05 19.18 19.23
N TYR C 421 -28.74 20.32 19.19
CA TYR C 421 -30.06 20.42 19.78
C TYR C 421 -31.18 20.66 18.79
N ASN C 422 -30.88 21.03 17.54
CA ASN C 422 -31.91 21.37 16.57
C ASN C 422 -31.93 20.46 15.35
N TYR C 423 -30.79 20.29 14.68
CA TYR C 423 -30.77 19.56 13.41
C TYR C 423 -29.37 18.99 13.20
N LYS C 424 -29.22 17.68 13.30
CA LYS C 424 -27.93 17.03 13.13
C LYS C 424 -27.91 16.24 11.83
N LEU C 425 -26.86 16.45 11.04
CA LEU C 425 -26.57 15.78 9.78
C LEU C 425 -25.74 14.52 10.03
N PRO C 426 -26.02 13.42 9.34
CA PRO C 426 -25.27 12.18 9.58
C PRO C 426 -23.85 12.28 9.07
N ASP C 427 -23.00 11.41 9.62
CA ASP C 427 -21.58 11.40 9.25
C ASP C 427 -21.38 10.94 7.81
N ASP C 428 -22.11 9.91 7.40
CA ASP C 428 -22.05 9.42 6.02
C ASP C 428 -23.06 10.09 5.09
N PHE C 429 -23.09 11.42 5.10
CA PHE C 429 -24.08 12.16 4.33
C PHE C 429 -23.78 12.11 2.84
N THR C 430 -24.84 12.07 2.04
CA THR C 430 -24.74 12.12 0.58
C THR C 430 -25.80 13.09 0.08
N GLY C 431 -25.39 14.28 -0.32
CA GLY C 431 -26.33 15.28 -0.78
C GLY C 431 -25.66 16.63 -0.92
N CYS C 432 -26.49 17.64 -1.12
CA CYS C 432 -26.02 19.01 -1.36
C CYS C 432 -26.73 19.96 -0.40
N VAL C 433 -25.96 20.84 0.22
CA VAL C 433 -26.50 21.86 1.11
C VAL C 433 -26.57 23.17 0.34
N ILE C 434 -27.77 23.73 0.24
CA ILE C 434 -28.03 24.94 -0.54
C ILE C 434 -28.50 26.00 0.44
N ALA C 435 -27.73 27.08 0.58
CA ALA C 435 -28.09 28.19 1.46
C ALA C 435 -27.96 29.51 0.73
N TRP C 436 -28.83 30.45 1.08
CA TRP C 436 -28.79 31.78 0.49
C TRP C 436 -29.34 32.79 1.49
N ASN C 437 -28.97 34.05 1.31
CA ASN C 437 -29.43 35.11 2.17
C ASN C 437 -30.91 35.39 1.94
N SER C 438 -31.63 35.63 3.04
CA SER C 438 -33.06 35.92 2.98
C SER C 438 -33.39 37.05 3.95
N ASN C 439 -32.55 38.09 3.94
CA ASN C 439 -32.76 39.22 4.85
C ASN C 439 -33.97 40.05 4.44
N ASN C 440 -34.24 40.14 3.14
CA ASN C 440 -35.37 40.93 2.67
C ASN C 440 -36.70 40.22 2.94
N LEU C 441 -36.73 38.90 2.78
CA LEU C 441 -37.98 38.16 2.86
C LEU C 441 -38.32 37.76 4.29
N ASP C 442 -37.38 37.12 4.98
CA ASP C 442 -37.63 36.51 6.27
C ASP C 442 -37.46 37.46 7.45
N SER C 443 -37.04 38.70 7.22
CA SER C 443 -36.84 39.66 8.28
C SER C 443 -37.60 40.93 7.99
N LYS C 444 -38.24 41.48 9.02
CA LYS C 444 -39.01 42.72 8.91
C LYS C 444 -38.65 43.62 10.08
N VAL C 445 -39.13 44.87 10.00
CA VAL C 445 -38.84 45.85 11.05
C VAL C 445 -39.55 45.47 12.33
N GLY C 446 -38.89 45.74 13.46
CA GLY C 446 -39.44 45.40 14.76
C GLY C 446 -39.09 44.01 15.24
N GLY C 447 -38.49 43.17 14.39
CA GLY C 447 -38.12 41.82 14.79
C GLY C 447 -39.12 40.78 14.35
N ASN C 448 -38.64 39.73 13.67
CA ASN C 448 -39.47 38.61 13.27
C ASN C 448 -39.29 37.50 14.29
N TYR C 449 -40.29 37.31 15.14
CA TYR C 449 -40.22 36.41 16.28
C TYR C 449 -40.93 35.08 16.02
N ASN C 450 -41.28 34.79 14.77
CA ASN C 450 -41.94 33.52 14.47
C ASN C 450 -40.98 32.35 14.57
N TYR C 451 -39.72 32.56 14.21
CA TYR C 451 -38.75 31.47 14.21
C TYR C 451 -38.25 31.20 15.62
N LEU C 452 -38.06 29.92 15.94
CA LEU C 452 -37.67 29.47 17.26
C LEU C 452 -36.56 28.44 17.13
N TYR C 453 -35.80 28.25 18.22
CA TYR C 453 -34.77 27.24 18.25
C TYR C 453 -34.60 26.74 19.68
N ARG C 454 -34.11 25.51 19.80
CA ARG C 454 -33.92 24.87 21.10
C ARG C 454 -32.63 25.38 21.73
N LEU C 455 -32.75 26.27 22.70
CA LEU C 455 -31.56 26.81 23.36
C LEU C 455 -30.91 25.79 24.27
N PHE C 456 -31.71 25.08 25.07
CA PHE C 456 -31.21 24.07 26.00
C PHE C 456 -31.89 22.74 25.71
N ARG C 457 -31.13 21.66 25.85
CA ARG C 457 -31.68 20.31 25.70
C ARG C 457 -30.86 19.37 26.57
N LYS C 458 -31.49 18.27 27.00
CA LYS C 458 -30.84 17.35 27.92
C LYS C 458 -29.69 16.59 27.25
N SER C 459 -29.83 16.24 25.97
CA SER C 459 -28.83 15.43 25.29
C SER C 459 -28.75 15.84 23.83
N ASN C 460 -27.63 15.45 23.21
CA ASN C 460 -27.41 15.75 21.79
C ASN C 460 -28.34 14.91 20.92
N LEU C 461 -28.71 15.48 19.78
CA LEU C 461 -29.63 14.83 18.86
C LEU C 461 -28.94 13.73 18.06
N LYS C 462 -29.70 12.68 17.77
CA LYS C 462 -29.28 11.69 16.78
C LYS C 462 -29.39 12.30 15.39
N PRO C 463 -28.68 11.75 14.40
CA PRO C 463 -28.79 12.29 13.04
C PRO C 463 -30.19 12.19 12.48
N PHE C 464 -30.63 13.28 11.83
CA PHE C 464 -31.95 13.41 11.20
C PHE C 464 -33.09 13.15 12.17
N GLU C 465 -32.94 13.64 13.40
CA GLU C 465 -33.97 13.49 14.43
C GLU C 465 -34.61 14.84 14.70
N ARG C 466 -35.92 14.85 14.88
CA ARG C 466 -36.68 16.05 15.18
C ARG C 466 -37.21 16.00 16.60
N ASP C 467 -37.06 17.11 17.32
CA ASP C 467 -37.58 17.25 18.67
C ASP C 467 -38.54 18.43 18.70
N ILE C 468 -39.82 18.15 18.93
CA ILE C 468 -40.88 19.15 18.93
C ILE C 468 -41.42 19.41 20.32
N SER C 469 -40.99 18.65 21.32
CA SER C 469 -41.50 18.77 22.67
C SER C 469 -41.10 20.11 23.29
N THR C 470 -42.03 20.68 24.07
CA THR C 470 -41.86 21.98 24.70
C THR C 470 -41.83 21.89 26.21
N GLU C 471 -41.36 20.76 26.75
CA GLU C 471 -41.31 20.58 28.20
C GLU C 471 -40.24 21.48 28.81
N ILE C 472 -40.46 21.85 30.07
CA ILE C 472 -39.58 22.81 30.73
C ILE C 472 -38.28 22.11 31.12
N TYR C 473 -37.15 22.74 30.78
CA TYR C 473 -35.84 22.20 31.09
C TYR C 473 -35.49 22.47 32.55
N GLN C 474 -35.09 21.43 33.27
CA GLN C 474 -34.70 21.53 34.66
C GLN C 474 -33.20 21.84 34.70
N ALA C 475 -32.87 23.12 34.76
CA ALA C 475 -31.47 23.53 34.71
C ALA C 475 -30.76 23.22 36.03
N GLY C 476 -31.40 23.54 37.16
CA GLY C 476 -30.81 23.33 38.46
C GLY C 476 -31.20 22.00 39.08
N SER C 477 -30.73 21.79 40.32
CA SER C 477 -31.08 20.58 41.05
C SER C 477 -32.52 20.62 41.53
N THR C 478 -33.09 21.80 41.76
CA THR C 478 -34.48 21.91 42.16
C THR C 478 -35.40 21.51 41.02
N PRO C 479 -36.51 20.84 41.31
CA PRO C 479 -37.45 20.46 40.24
C PRO C 479 -38.39 21.58 39.86
N CYS C 480 -38.57 21.75 38.55
CA CYS C 480 -39.44 22.80 38.04
C CYS C 480 -40.92 22.46 38.19
N ASN C 481 -41.27 21.17 38.10
CA ASN C 481 -42.64 20.66 38.21
C ASN C 481 -43.57 21.30 37.18
N GLY C 482 -43.05 21.61 35.99
CA GLY C 482 -43.84 22.20 34.93
C GLY C 482 -44.15 23.67 35.10
N VAL C 483 -43.57 24.34 36.09
CA VAL C 483 -43.83 25.74 36.36
C VAL C 483 -42.52 26.50 36.25
N GLU C 484 -42.53 27.59 35.48
CA GLU C 484 -41.33 28.40 35.32
C GLU C 484 -40.97 29.09 36.62
N GLY C 485 -39.68 29.10 36.93
CA GLY C 485 -39.19 29.72 38.14
C GLY C 485 -37.69 29.92 38.05
N PHE C 486 -37.03 29.89 39.20
CA PHE C 486 -35.57 29.98 39.22
C PHE C 486 -34.95 28.69 38.68
N ASN C 487 -33.95 28.86 37.83
CA ASN C 487 -33.27 27.77 37.12
C ASN C 487 -34.25 26.91 36.31
N CYS C 488 -35.28 27.55 35.76
CA CYS C 488 -36.27 26.90 34.91
C CYS C 488 -36.60 27.85 33.77
N TYR C 489 -36.20 27.50 32.56
CA TYR C 489 -36.39 28.35 31.40
C TYR C 489 -37.11 27.59 30.31
N PHE C 490 -37.82 28.33 29.48
CA PHE C 490 -38.43 27.74 28.29
C PHE C 490 -37.32 27.36 27.30
N PRO C 491 -37.30 26.12 26.80
CA PRO C 491 -36.20 25.71 25.92
C PRO C 491 -36.26 26.33 24.53
N LEU C 492 -37.40 26.88 24.13
CA LEU C 492 -37.56 27.49 22.81
C LEU C 492 -37.35 29.00 22.93
N GLN C 493 -36.21 29.48 22.43
CA GLN C 493 -35.93 30.91 22.37
C GLN C 493 -36.19 31.41 20.95
N SER C 494 -36.54 32.69 20.85
CA SER C 494 -36.98 33.28 19.59
C SER C 494 -35.87 34.11 18.97
N TYR C 495 -35.67 33.95 17.67
CA TYR C 495 -34.71 34.75 16.94
C TYR C 495 -35.18 36.20 16.86
N GLY C 496 -34.20 37.10 16.75
CA GLY C 496 -34.46 38.52 16.72
C GLY C 496 -34.06 39.18 15.41
N PHE C 497 -34.42 38.55 14.29
CA PHE C 497 -34.00 39.03 12.98
C PHE C 497 -34.50 40.45 12.71
N GLN C 498 -33.59 41.32 12.29
CA GLN C 498 -33.84 42.71 12.01
C GLN C 498 -33.04 43.12 10.78
N PRO C 499 -33.63 43.92 9.87
CA PRO C 499 -32.91 44.31 8.66
C PRO C 499 -31.74 45.26 8.88
N THR C 500 -31.55 45.78 10.08
CA THR C 500 -30.47 46.72 10.36
C THR C 500 -29.25 46.06 10.99
N ASN C 501 -29.25 44.74 11.15
CA ASN C 501 -28.14 44.08 11.83
C ASN C 501 -27.08 43.60 10.85
N GLY C 502 -25.98 43.11 11.39
CA GLY C 502 -24.84 42.67 10.61
C GLY C 502 -25.11 41.33 9.95
N VAL C 503 -24.11 40.88 9.17
CA VAL C 503 -24.27 39.71 8.31
C VAL C 503 -24.50 38.42 9.13
N GLY C 504 -24.02 38.36 10.37
CA GLY C 504 -24.22 37.19 11.19
C GLY C 504 -25.63 37.07 11.73
N TYR C 505 -26.37 38.18 11.79
CA TYR C 505 -27.68 38.22 12.42
C TYR C 505 -28.81 38.37 11.41
N GLN C 506 -28.62 37.90 10.18
CA GLN C 506 -29.66 37.90 9.17
C GLN C 506 -30.07 36.47 8.84
N PRO C 507 -31.33 36.24 8.46
CA PRO C 507 -31.77 34.88 8.13
C PRO C 507 -31.06 34.35 6.88
N TYR C 508 -30.87 33.04 6.86
CA TYR C 508 -30.24 32.35 5.74
C TYR C 508 -31.04 31.08 5.49
N ARG C 509 -31.88 31.11 4.47
CA ARG C 509 -32.70 29.95 4.13
C ARG C 509 -31.83 28.80 3.64
N VAL C 510 -31.94 27.66 4.30
CA VAL C 510 -31.11 26.49 4.00
C VAL C 510 -32.03 25.36 3.56
N VAL C 511 -31.73 24.78 2.40
CA VAL C 511 -32.43 23.62 1.89
C VAL C 511 -31.41 22.50 1.76
N VAL C 512 -31.57 21.46 2.57
CA VAL C 512 -30.63 20.35 2.59
C VAL C 512 -31.26 19.17 1.86
N LEU C 513 -30.64 18.74 0.77
CA LEU C 513 -31.11 17.61 -0.01
C LEU C 513 -30.33 16.36 0.35
N SER C 514 -31.03 15.24 0.45
CA SER C 514 -30.43 13.95 0.77
C SER C 514 -30.83 12.95 -0.30
N PHE C 515 -29.84 12.29 -0.89
CA PHE C 515 -30.07 11.36 -2.00
C PHE C 515 -29.69 9.94 -1.58
N GLU C 516 -29.81 9.03 -2.54
CA GLU C 516 -29.29 7.67 -2.42
C GLU C 516 -28.97 7.21 -3.85
N LEU C 517 -27.71 7.34 -4.24
CA LEU C 517 -27.33 7.17 -5.63
C LEU C 517 -27.16 5.71 -6.00
N LEU C 518 -27.65 5.35 -7.19
CA LEU C 518 -27.39 4.09 -7.88
C LEU C 518 -27.86 2.87 -7.09
N HIS C 519 -28.81 3.04 -6.19
CA HIS C 519 -29.50 1.95 -5.51
C HIS C 519 -30.99 2.23 -5.58
N ALA C 520 -31.78 1.16 -5.82
CA ALA C 520 -33.24 1.14 -5.98
C ALA C 520 -33.68 1.88 -7.24
N PRO C 521 -34.93 1.72 -7.70
CA PRO C 521 -35.39 2.52 -8.84
C PRO C 521 -35.38 4.02 -8.56
N ALA C 522 -35.13 4.78 -9.61
CA ALA C 522 -34.99 6.24 -9.53
C ALA C 522 -36.21 6.92 -10.12
N THR C 523 -36.69 7.96 -9.44
CA THR C 523 -37.84 8.72 -9.89
C THR C 523 -37.53 10.18 -10.22
N VAL C 524 -36.34 10.67 -9.90
CA VAL C 524 -35.93 12.04 -10.21
C VAL C 524 -34.64 11.98 -11.00
N CYS C 525 -34.64 12.61 -12.16
CA CYS C 525 -33.49 12.57 -13.07
C CYS C 525 -33.03 13.97 -13.42
N GLY C 526 -31.90 14.04 -14.12
CA GLY C 526 -31.33 15.29 -14.54
C GLY C 526 -31.77 15.70 -15.93
N PRO C 527 -31.36 16.89 -16.36
CA PRO C 527 -31.85 17.42 -17.65
C PRO C 527 -31.16 16.87 -18.88
N LYS C 528 -30.36 15.82 -18.76
CA LYS C 528 -29.71 15.24 -19.93
C LYS C 528 -30.72 14.52 -20.81
N LYS C 529 -30.58 14.69 -22.12
CA LYS C 529 -31.51 14.08 -23.07
C LYS C 529 -31.11 12.65 -23.37
N SER C 530 -32.12 11.82 -23.63
CA SER C 530 -31.91 10.41 -23.95
C SER C 530 -31.67 10.23 -25.43
N THR C 531 -30.80 9.29 -25.77
CA THR C 531 -30.46 8.95 -27.15
C THR C 531 -30.86 7.50 -27.43
N ASN C 532 -30.55 7.06 -28.64
CA ASN C 532 -30.82 5.68 -29.04
C ASN C 532 -29.84 4.73 -28.36
N LEU C 533 -30.17 3.45 -28.37
CA LEU C 533 -29.36 2.42 -27.74
C LEU C 533 -28.71 1.56 -28.82
N VAL C 534 -27.38 1.44 -28.75
CA VAL C 534 -26.64 0.60 -29.68
C VAL C 534 -26.10 -0.60 -28.95
N LYS C 535 -26.83 -1.72 -29.01
CA LYS C 535 -26.42 -2.93 -28.32
C LYS C 535 -25.50 -3.78 -29.19
N ASN C 536 -24.84 -4.74 -28.55
CA ASN C 536 -23.87 -5.66 -29.18
C ASN C 536 -22.73 -4.89 -29.86
N LYS C 537 -22.32 -3.77 -29.25
CA LYS C 537 -21.19 -3.00 -29.72
C LYS C 537 -20.62 -2.22 -28.54
N CYS C 538 -19.32 -1.94 -28.60
CA CYS C 538 -18.67 -1.19 -27.55
C CYS C 538 -19.07 0.28 -27.63
N VAL C 539 -19.62 0.81 -26.54
CA VAL C 539 -20.14 2.17 -26.51
C VAL C 539 -20.16 2.63 -25.06
N ASN C 540 -19.98 3.94 -24.87
CA ASN C 540 -20.10 4.54 -23.54
C ASN C 540 -21.57 4.66 -23.18
N PHE C 541 -21.94 4.12 -22.03
CA PHE C 541 -23.34 4.10 -21.60
C PHE C 541 -23.53 4.97 -20.37
N ASN C 542 -24.76 5.48 -20.23
CA ASN C 542 -25.15 6.31 -19.10
C ASN C 542 -26.49 5.80 -18.55
N PHE C 543 -26.55 4.49 -18.31
CA PHE C 543 -27.79 3.84 -17.90
C PHE C 543 -28.14 4.23 -16.47
N ASN C 544 -29.15 5.09 -16.33
CA ASN C 544 -29.73 5.50 -15.05
C ASN C 544 -28.67 6.14 -14.14
N GLY C 545 -27.77 6.91 -14.74
CA GLY C 545 -26.72 7.58 -14.02
C GLY C 545 -25.41 6.81 -13.91
N LEU C 546 -25.37 5.57 -14.37
CA LEU C 546 -24.15 4.76 -14.30
C LEU C 546 -23.34 4.98 -15.57
N THR C 547 -22.19 5.63 -15.44
CA THR C 547 -21.33 5.95 -16.57
C THR C 547 -20.21 4.91 -16.66
N GLY C 548 -20.08 4.29 -17.83
CA GLY C 548 -19.05 3.29 -18.04
C GLY C 548 -18.93 2.95 -19.50
N THR C 549 -17.87 2.22 -19.83
CA THR C 549 -17.57 1.80 -21.19
C THR C 549 -17.54 0.27 -21.26
N GLY C 550 -18.34 -0.29 -22.15
CA GLY C 550 -18.36 -1.73 -22.33
C GLY C 550 -19.51 -2.13 -23.23
N VAL C 551 -19.38 -3.34 -23.77
CA VAL C 551 -20.39 -3.90 -24.65
C VAL C 551 -21.48 -4.55 -23.80
N LEU C 552 -22.72 -4.42 -24.25
CA LEU C 552 -23.88 -4.93 -23.53
C LEU C 552 -24.59 -6.00 -24.36
N THR C 553 -25.09 -7.02 -23.67
CA THR C 553 -25.85 -8.11 -24.27
C THR C 553 -27.22 -8.20 -23.62
N GLU C 554 -27.95 -9.26 -23.94
CA GLU C 554 -29.28 -9.51 -23.39
C GLU C 554 -29.21 -10.66 -22.40
N SER C 555 -29.74 -10.43 -21.20
CA SER C 555 -29.75 -11.43 -20.14
C SER C 555 -31.17 -11.92 -19.90
N ASN C 556 -31.29 -13.05 -19.19
CA ASN C 556 -32.58 -13.67 -18.94
C ASN C 556 -32.92 -13.81 -17.46
N LYS C 557 -32.12 -13.24 -16.56
CA LYS C 557 -32.43 -13.31 -15.15
C LYS C 557 -33.59 -12.38 -14.80
N LYS C 558 -34.27 -12.70 -13.71
CA LYS C 558 -35.45 -11.96 -13.27
C LYS C 558 -35.15 -11.22 -11.98
N PHE C 559 -35.37 -9.90 -11.99
CA PHE C 559 -35.18 -9.09 -10.79
C PHE C 559 -36.43 -9.06 -9.93
N LEU C 560 -36.23 -8.71 -8.67
CA LEU C 560 -37.30 -8.43 -7.73
C LEU C 560 -37.91 -7.07 -8.05
N PRO C 561 -39.16 -6.83 -7.64
CA PRO C 561 -39.78 -5.52 -7.91
C PRO C 561 -39.06 -4.34 -7.26
N PHE C 562 -38.41 -4.53 -6.12
CA PHE C 562 -37.70 -3.46 -5.44
C PHE C 562 -36.23 -3.38 -5.81
N GLN C 563 -35.77 -4.18 -6.78
CA GLN C 563 -34.37 -4.19 -7.20
C GLN C 563 -34.25 -3.60 -8.60
N GLN C 564 -33.33 -2.65 -8.76
CA GLN C 564 -33.13 -2.01 -10.05
C GLN C 564 -31.74 -2.33 -10.60
N PHE C 565 -30.70 -2.06 -9.82
CA PHE C 565 -29.34 -2.35 -10.25
C PHE C 565 -28.97 -3.77 -9.89
N GLY C 566 -27.91 -4.27 -10.52
CA GLY C 566 -27.52 -5.66 -10.32
C GLY C 566 -26.01 -5.82 -10.32
N ARG C 567 -25.46 -6.26 -9.19
CA ARG C 567 -24.00 -6.56 -9.14
C ARG C 567 -23.98 -8.04 -8.84
N ASP C 568 -24.04 -8.90 -9.85
CA ASP C 568 -24.22 -10.34 -9.56
C ASP C 568 -23.09 -10.86 -8.67
N ILE C 569 -21.85 -10.52 -8.95
CA ILE C 569 -20.82 -11.02 -8.01
C ILE C 569 -19.56 -10.19 -8.20
N ALA C 570 -18.66 -10.25 -7.24
CA ALA C 570 -17.36 -9.61 -7.47
C ALA C 570 -17.43 -8.11 -7.73
N ASP C 571 -18.31 -7.38 -7.07
CA ASP C 571 -18.20 -5.90 -7.13
C ASP C 571 -18.10 -5.30 -8.53
N THR C 572 -18.93 -5.70 -9.48
CA THR C 572 -18.97 -5.06 -10.82
C THR C 572 -20.43 -5.04 -11.26
N THR C 573 -20.83 -4.08 -12.08
CA THR C 573 -22.27 -3.99 -12.40
C THR C 573 -22.60 -4.98 -13.52
N ASP C 574 -22.92 -6.20 -13.13
CA ASP C 574 -23.28 -7.24 -14.09
C ASP C 574 -24.58 -6.88 -14.79
N ALA C 575 -25.56 -6.37 -14.07
CA ALA C 575 -26.86 -6.18 -14.74
C ALA C 575 -27.44 -4.79 -14.56
N VAL C 576 -28.34 -4.37 -15.45
CA VAL C 576 -29.05 -3.12 -15.27
C VAL C 576 -30.30 -3.18 -16.13
N ARG C 577 -31.38 -2.57 -15.64
CA ARG C 577 -32.64 -2.53 -16.38
C ARG C 577 -32.66 -1.27 -17.24
N ASP C 578 -32.99 -1.45 -18.52
CA ASP C 578 -33.11 -0.32 -19.43
C ASP C 578 -34.32 0.51 -19.04
N PRO C 579 -34.16 1.81 -18.75
CA PRO C 579 -35.32 2.62 -18.35
C PRO C 579 -36.37 2.79 -19.44
N GLN C 580 -35.99 2.66 -20.70
CA GLN C 580 -36.94 2.91 -21.78
C GLN C 580 -37.78 1.68 -22.11
N THR C 581 -37.13 0.56 -22.42
CA THR C 581 -37.83 -0.64 -22.87
C THR C 581 -38.12 -1.63 -21.75
N LEU C 582 -37.58 -1.41 -20.55
CA LEU C 582 -37.72 -2.31 -19.40
C LEU C 582 -37.26 -3.72 -19.73
N GLU C 583 -36.15 -3.82 -20.47
CA GLU C 583 -35.59 -5.09 -20.88
C GLU C 583 -34.38 -5.41 -20.00
N ILE C 584 -34.35 -6.63 -19.47
CA ILE C 584 -33.21 -7.05 -18.66
C ILE C 584 -32.02 -7.33 -19.58
N LEU C 585 -30.87 -6.75 -19.25
CA LEU C 585 -29.69 -6.83 -20.10
C LEU C 585 -28.52 -7.29 -19.24
N ASP C 586 -27.33 -7.31 -19.84
CA ASP C 586 -26.11 -7.66 -19.14
C ASP C 586 -25.02 -6.71 -19.58
N ILE C 587 -24.11 -6.40 -18.66
CA ILE C 587 -23.01 -5.46 -18.90
C ILE C 587 -21.70 -6.24 -18.78
N THR C 588 -20.91 -6.19 -19.84
CA THR C 588 -19.60 -6.84 -19.91
C THR C 588 -18.55 -5.81 -20.32
N PRO C 589 -17.27 -6.08 -20.03
CA PRO C 589 -16.19 -5.23 -20.56
C PRO C 589 -16.19 -5.19 -22.09
N CYS C 590 -15.43 -4.23 -22.62
CA CYS C 590 -15.48 -3.90 -24.04
C CYS C 590 -15.02 -5.07 -24.91
N SER C 591 -13.99 -5.80 -24.47
CA SER C 591 -13.55 -6.99 -25.17
C SER C 591 -13.01 -7.97 -24.16
N PHE C 592 -13.01 -9.24 -24.53
CA PHE C 592 -12.42 -10.27 -23.68
C PHE C 592 -10.90 -10.10 -23.67
N GLY C 593 -10.30 -10.33 -22.49
CA GLY C 593 -8.87 -10.11 -22.32
C GLY C 593 -7.98 -11.23 -22.77
N GLY C 594 -8.55 -12.34 -23.23
CA GLY C 594 -7.75 -13.50 -23.59
C GLY C 594 -7.04 -13.39 -24.92
N VAL C 595 -6.16 -12.40 -25.06
CA VAL C 595 -5.37 -12.23 -26.27
C VAL C 595 -3.90 -12.45 -25.91
N SER C 596 -3.21 -13.25 -26.72
CA SER C 596 -1.80 -13.52 -26.54
C SER C 596 -1.12 -13.46 -27.91
N VAL C 597 0.09 -12.93 -27.94
CA VAL C 597 0.83 -12.75 -29.19
C VAL C 597 2.01 -13.71 -29.17
N ILE C 598 2.10 -14.55 -30.20
CA ILE C 598 3.24 -15.43 -30.42
C ILE C 598 4.14 -14.78 -31.47
N THR C 599 5.44 -14.82 -31.25
CA THR C 599 6.38 -14.14 -32.12
C THR C 599 7.77 -14.71 -31.99
N PRO C 600 8.57 -14.63 -33.05
CA PRO C 600 10.02 -14.81 -32.91
C PRO C 600 10.66 -13.53 -32.43
N GLY C 601 11.99 -13.53 -32.43
CA GLY C 601 12.73 -12.35 -32.01
C GLY C 601 12.52 -11.19 -32.96
N THR C 602 12.92 -9.99 -32.50
CA THR C 602 12.61 -8.77 -33.22
C THR C 602 13.41 -8.66 -34.51
N ASN C 603 14.68 -9.03 -34.47
CA ASN C 603 15.54 -8.85 -35.64
C ASN C 603 15.19 -9.82 -36.76
N THR C 604 14.61 -10.98 -36.40
CA THR C 604 14.28 -12.01 -37.39
C THR C 604 13.25 -11.51 -38.41
N SER C 605 12.08 -11.10 -37.93
CA SER C 605 11.01 -10.70 -38.83
C SER C 605 10.02 -9.82 -38.09
N ASN C 606 9.28 -9.03 -38.87
CA ASN C 606 8.15 -8.27 -38.35
C ASN C 606 6.82 -9.01 -38.50
N GLN C 607 6.82 -10.16 -39.17
CA GLN C 607 5.63 -10.97 -39.27
C GLN C 607 5.31 -11.60 -37.92
N VAL C 608 4.01 -11.67 -37.61
CA VAL C 608 3.57 -12.06 -36.27
C VAL C 608 2.20 -12.71 -36.37
N ALA C 609 1.96 -13.68 -35.48
CA ALA C 609 0.67 -14.35 -35.36
C ALA C 609 0.10 -14.06 -33.98
N VAL C 610 -1.22 -13.92 -33.89
CA VAL C 610 -1.90 -13.53 -32.66
C VAL C 610 -2.84 -14.66 -32.26
N LEU C 611 -2.91 -14.93 -30.95
CA LEU C 611 -3.74 -16.01 -30.42
C LEU C 611 -4.92 -15.41 -29.65
N TYR C 612 -6.13 -15.85 -30.01
CA TYR C 612 -7.34 -15.50 -29.28
C TYR C 612 -7.82 -16.74 -28.55
N GLN C 613 -7.66 -16.75 -27.22
CA GLN C 613 -7.94 -17.94 -26.44
C GLN C 613 -9.38 -17.95 -25.93
N ASP C 614 -9.90 -19.16 -25.71
CA ASP C 614 -11.22 -19.41 -25.13
C ASP C 614 -12.35 -18.80 -25.93
N VAL C 615 -12.20 -18.73 -27.25
CA VAL C 615 -13.24 -18.18 -28.12
C VAL C 615 -13.43 -19.10 -29.32
N ASN C 616 -14.63 -19.03 -29.90
CA ASN C 616 -14.95 -19.70 -31.14
C ASN C 616 -14.25 -19.00 -32.30
N CYS C 617 -13.91 -19.78 -33.34
CA CYS C 617 -13.33 -19.19 -34.54
C CYS C 617 -14.35 -18.37 -35.31
N THR C 618 -15.62 -18.77 -35.29
CA THR C 618 -16.66 -18.02 -35.99
C THR C 618 -17.03 -16.73 -35.26
N GLU C 619 -16.74 -16.64 -33.96
CA GLU C 619 -17.05 -15.46 -33.17
C GLU C 619 -15.85 -14.55 -32.95
N VAL C 620 -14.77 -14.75 -33.72
CA VAL C 620 -13.61 -13.86 -33.63
C VAL C 620 -13.95 -12.41 -34.00
N PRO C 621 -14.65 -12.11 -35.11
CA PRO C 621 -15.08 -10.71 -35.31
C PRO C 621 -16.03 -10.20 -34.24
N VAL C 622 -16.84 -11.08 -33.65
CA VAL C 622 -17.76 -10.64 -32.59
C VAL C 622 -17.00 -10.31 -31.31
N ALA C 623 -16.05 -11.15 -30.93
CA ALA C 623 -15.36 -10.97 -29.65
C ALA C 623 -14.39 -9.79 -29.69
N ILE C 624 -13.60 -9.70 -30.76
CA ILE C 624 -12.66 -8.59 -30.91
C ILE C 624 -13.38 -7.28 -31.22
N HIS C 625 -14.61 -7.36 -31.73
CA HIS C 625 -15.35 -6.23 -32.31
C HIS C 625 -14.52 -5.57 -33.40
N ALA C 626 -14.05 -6.41 -34.34
CA ALA C 626 -13.03 -6.01 -35.30
C ALA C 626 -13.53 -5.02 -36.34
N ASP C 627 -14.83 -4.73 -36.38
CA ASP C 627 -15.34 -3.76 -37.34
C ASP C 627 -14.89 -2.34 -37.03
N GLN C 628 -14.47 -2.08 -35.78
CA GLN C 628 -14.10 -0.73 -35.35
C GLN C 628 -12.62 -0.60 -35.01
N LEU C 629 -11.79 -1.58 -35.36
CA LEU C 629 -10.35 -1.45 -35.17
C LEU C 629 -9.68 -0.95 -36.45
N THR C 630 -8.35 -0.88 -36.41
CA THR C 630 -7.57 -0.40 -37.53
C THR C 630 -7.60 -1.41 -38.67
N PRO C 631 -7.37 -0.97 -39.91
CA PRO C 631 -7.27 -1.93 -41.03
C PRO C 631 -6.15 -2.93 -40.89
N THR C 632 -5.09 -2.60 -40.14
CA THR C 632 -4.03 -3.57 -39.89
C THR C 632 -4.53 -4.70 -39.00
N TRP C 633 -5.46 -4.41 -38.09
CA TRP C 633 -5.98 -5.44 -37.20
C TRP C 633 -7.01 -6.35 -37.89
N ARG C 634 -7.63 -5.84 -38.93
CA ARG C 634 -8.69 -6.69 -39.50
C ARG C 634 -8.03 -7.84 -40.25
N VAL C 635 -6.90 -7.61 -40.94
CA VAL C 635 -6.30 -8.70 -41.71
C VAL C 635 -5.81 -9.80 -40.77
N TYR C 636 -5.65 -9.50 -39.48
CA TYR C 636 -5.30 -10.50 -38.49
C TYR C 636 -6.51 -11.01 -37.72
N SER C 637 -7.66 -10.34 -37.82
CA SER C 637 -8.88 -10.87 -37.22
C SER C 637 -9.36 -12.11 -37.96
N THR C 638 -9.38 -12.06 -39.29
CA THR C 638 -9.75 -13.19 -40.13
C THR C 638 -8.75 -13.34 -41.26
N GLY C 639 -8.64 -14.56 -41.76
CA GLY C 639 -7.68 -14.83 -42.81
C GLY C 639 -7.83 -16.24 -43.35
N SER C 640 -6.93 -16.60 -44.26
CA SER C 640 -6.99 -17.93 -44.87
C SER C 640 -6.57 -19.02 -43.89
N ASN C 641 -5.57 -18.75 -43.06
CA ASN C 641 -5.06 -19.73 -42.11
C ASN C 641 -5.81 -19.63 -40.78
N VAL C 642 -6.79 -20.51 -40.60
CA VAL C 642 -7.59 -20.57 -39.37
C VAL C 642 -7.38 -21.93 -38.74
N PHE C 643 -6.96 -21.92 -37.47
CA PHE C 643 -6.73 -23.16 -36.74
C PHE C 643 -7.37 -23.03 -35.36
N GLN C 644 -8.16 -24.03 -34.98
CA GLN C 644 -8.90 -24.01 -33.72
C GLN C 644 -8.24 -24.97 -32.74
N THR C 645 -7.65 -24.42 -31.69
CA THR C 645 -7.08 -25.20 -30.60
C THR C 645 -8.11 -25.36 -29.49
N ARG C 646 -7.74 -26.12 -28.46
CA ARG C 646 -8.67 -26.16 -27.31
C ARG C 646 -8.44 -24.87 -26.52
N ALA C 647 -7.23 -24.31 -26.58
CA ALA C 647 -7.03 -23.01 -25.94
C ALA C 647 -7.87 -21.93 -26.60
N GLY C 648 -7.88 -21.89 -27.93
CA GLY C 648 -8.67 -20.91 -28.64
C GLY C 648 -8.30 -20.88 -30.10
N CYS C 649 -8.88 -19.91 -30.81
CA CYS C 649 -8.66 -19.77 -32.24
C CYS C 649 -7.36 -19.01 -32.49
N LEU C 650 -6.52 -19.56 -33.36
CA LEU C 650 -5.23 -18.96 -33.70
C LEU C 650 -5.30 -18.47 -35.15
N ILE C 651 -5.08 -17.17 -35.35
CA ILE C 651 -5.08 -16.56 -36.67
C ILE C 651 -3.72 -15.92 -36.89
N GLY C 652 -3.09 -16.23 -38.01
CA GLY C 652 -1.77 -15.72 -38.34
C GLY C 652 -0.75 -16.78 -38.70
N ALA C 653 -1.00 -18.05 -38.41
CA ALA C 653 -0.10 -19.13 -38.76
C ALA C 653 -0.88 -20.29 -39.35
N GLU C 654 -0.20 -21.11 -40.14
CA GLU C 654 -0.82 -22.21 -40.86
C GLU C 654 -0.40 -23.54 -40.25
N HIS C 655 -1.32 -24.50 -40.23
CA HIS C 655 -1.07 -25.80 -39.65
C HIS C 655 -0.67 -26.82 -40.73
N VAL C 656 -0.03 -27.89 -40.29
CA VAL C 656 0.41 -28.98 -41.16
C VAL C 656 0.06 -30.31 -40.52
N ASN C 657 -0.03 -31.36 -41.36
CA ASN C 657 -0.05 -32.72 -40.83
C ASN C 657 1.32 -33.21 -40.41
N ASN C 658 2.39 -32.49 -40.73
CA ASN C 658 3.72 -32.88 -40.28
C ASN C 658 3.88 -32.47 -38.81
N SER C 659 4.96 -32.94 -38.17
CA SER C 659 5.20 -32.71 -36.76
C SER C 659 6.66 -32.34 -36.55
N TYR C 660 6.90 -31.30 -35.75
CA TYR C 660 8.24 -30.78 -35.52
C TYR C 660 8.46 -30.57 -34.03
N GLU C 661 9.73 -30.33 -33.67
CA GLU C 661 10.10 -30.13 -32.27
C GLU C 661 9.66 -28.75 -31.81
N CYS C 662 9.07 -28.70 -30.61
CA CYS C 662 8.51 -27.48 -30.05
C CYS C 662 9.55 -26.68 -29.29
N ASP C 663 9.48 -25.36 -29.43
CA ASP C 663 10.30 -24.44 -28.64
C ASP C 663 9.48 -23.49 -27.79
N ILE C 664 8.43 -22.89 -28.34
CA ILE C 664 7.56 -22.01 -27.57
C ILE C 664 6.14 -22.57 -27.58
N PRO C 665 5.37 -22.42 -26.50
CA PRO C 665 4.05 -23.06 -26.43
C PRO C 665 2.91 -22.18 -26.92
N ILE C 666 1.85 -22.84 -27.39
CA ILE C 666 0.59 -22.16 -27.64
C ILE C 666 -0.34 -22.31 -26.45
N GLY C 667 -0.50 -23.55 -25.96
CA GLY C 667 -1.28 -23.77 -24.76
C GLY C 667 -2.30 -24.90 -24.85
N ALA C 668 -2.32 -25.61 -25.98
CA ALA C 668 -3.27 -26.70 -26.16
C ALA C 668 -2.65 -27.90 -26.86
N GLY C 669 -1.37 -28.16 -26.61
CA GLY C 669 -0.67 -29.20 -27.32
C GLY C 669 -0.13 -28.78 -28.67
N ILE C 670 -0.24 -27.50 -29.01
CA ILE C 670 0.25 -26.96 -30.28
C ILE C 670 1.49 -26.11 -29.97
N CYS C 671 2.41 -26.04 -30.93
CA CYS C 671 3.58 -25.19 -30.82
C CYS C 671 3.87 -24.55 -32.16
N ALA C 672 4.51 -23.38 -32.11
CA ALA C 672 4.86 -22.63 -33.30
C ALA C 672 6.34 -22.35 -33.31
N SER C 673 6.91 -22.26 -34.51
CA SER C 673 8.32 -21.97 -34.69
C SER C 673 8.51 -21.37 -36.08
N TYR C 674 9.71 -20.88 -36.34
CA TYR C 674 10.05 -20.23 -37.59
C TYR C 674 10.59 -21.28 -38.56
N GLN C 675 9.86 -21.53 -39.64
CA GLN C 675 10.21 -22.56 -40.60
C GLN C 675 9.68 -22.18 -41.97
N THR C 676 10.41 -22.58 -43.01
CA THR C 676 10.01 -22.30 -44.38
C THR C 676 8.79 -23.13 -44.79
N SER C 689 9.31 -19.96 -49.77
CA SER C 689 8.32 -19.27 -48.96
C SER C 689 8.52 -19.58 -47.48
N GLN C 690 8.77 -18.55 -46.68
CA GLN C 690 9.00 -18.68 -45.25
C GLN C 690 8.01 -17.81 -44.49
N SER C 691 7.46 -18.36 -43.41
CA SER C 691 6.48 -17.67 -42.59
C SER C 691 6.43 -18.35 -41.21
N ILE C 692 5.50 -17.90 -40.38
CA ILE C 692 5.29 -18.51 -39.07
C ILE C 692 4.34 -19.69 -39.21
N ILE C 693 4.74 -20.84 -38.66
CA ILE C 693 3.98 -22.07 -38.78
C ILE C 693 3.78 -22.66 -37.39
N ALA C 694 2.53 -22.98 -37.06
CA ALA C 694 2.16 -23.63 -35.82
C ALA C 694 1.90 -25.11 -36.11
N TYR C 695 2.52 -25.98 -35.32
CA TYR C 695 2.46 -27.42 -35.55
C TYR C 695 2.06 -28.15 -34.28
N THR C 696 1.56 -29.37 -34.46
CA THR C 696 1.25 -30.23 -33.32
C THR C 696 2.53 -30.70 -32.64
N MET C 697 2.38 -31.17 -31.40
CA MET C 697 3.53 -31.61 -30.62
C MET C 697 4.18 -32.84 -31.23
N SER C 698 5.51 -32.90 -31.16
CA SER C 698 6.23 -34.11 -31.50
C SER C 698 6.52 -34.88 -30.21
N LEU C 699 5.71 -35.91 -29.95
CA LEU C 699 5.97 -36.77 -28.79
C LEU C 699 7.24 -37.58 -28.97
N GLY C 700 7.63 -37.82 -30.21
CA GLY C 700 8.86 -38.54 -30.50
C GLY C 700 8.73 -39.32 -31.79
N ALA C 701 9.84 -39.91 -32.20
CA ALA C 701 9.84 -40.81 -33.34
C ALA C 701 9.30 -42.16 -32.92
N GLU C 702 8.52 -42.78 -33.80
CA GLU C 702 7.95 -44.09 -33.51
C GLU C 702 9.02 -45.17 -33.71
N ASN C 703 9.22 -45.99 -32.69
CA ASN C 703 10.17 -47.09 -32.73
C ASN C 703 9.39 -48.39 -32.52
N SER C 704 9.38 -49.24 -33.53
CA SER C 704 8.70 -50.53 -33.45
C SER C 704 9.68 -51.55 -32.88
N VAL C 705 9.32 -52.00 -31.64
CA VAL C 705 10.10 -53.03 -30.90
C VAL C 705 9.16 -54.14 -30.45
N ALA C 706 9.64 -55.36 -30.19
CA ALA C 706 8.77 -56.52 -29.85
C ALA C 706 9.10 -57.16 -28.49
N TYR C 707 8.10 -57.33 -27.61
CA TYR C 707 8.32 -57.97 -26.29
C TYR C 707 8.50 -59.47 -26.49
N SER C 708 8.55 -59.93 -27.73
CA SER C 708 8.53 -61.41 -27.93
C SER C 708 9.51 -62.10 -26.98
N ASN C 709 9.01 -63.06 -26.19
CA ASN C 709 9.90 -63.76 -25.24
C ASN C 709 10.82 -64.70 -26.03
N ASN C 710 11.75 -65.37 -25.35
CA ASN C 710 12.71 -66.27 -26.03
C ASN C 710 13.32 -65.51 -27.20
N SER C 711 13.55 -64.20 -27.01
CA SER C 711 14.22 -63.38 -28.05
C SER C 711 14.90 -62.20 -27.36
N ILE C 712 16.22 -62.10 -27.49
CA ILE C 712 16.99 -61.02 -26.80
C ILE C 712 17.81 -60.24 -27.81
N ALA C 713 18.26 -59.05 -27.43
CA ALA C 713 19.08 -58.16 -28.25
C ALA C 713 20.27 -57.70 -27.44
N ILE C 714 21.45 -57.68 -28.07
CA ILE C 714 22.69 -57.25 -27.42
C ILE C 714 23.41 -56.28 -28.35
N PRO C 715 23.87 -55.12 -27.87
CA PRO C 715 24.58 -54.17 -28.74
C PRO C 715 25.95 -54.70 -29.13
N THR C 716 26.16 -54.85 -30.45
CA THR C 716 27.44 -55.34 -30.96
C THR C 716 28.53 -54.28 -30.85
N ASN C 717 28.17 -53.02 -31.10
CA ASN C 717 29.10 -51.91 -31.18
C ASN C 717 28.54 -50.73 -30.41
N PHE C 718 29.43 -49.96 -29.79
CA PHE C 718 29.03 -48.87 -28.92
C PHE C 718 29.71 -47.58 -29.37
N THR C 719 29.08 -46.46 -29.02
CA THR C 719 29.61 -45.14 -29.34
C THR C 719 29.76 -44.35 -28.05
N ILE C 720 30.75 -43.45 -28.05
CA ILE C 720 30.99 -42.55 -26.92
C ILE C 720 30.73 -41.13 -27.41
N SER C 721 29.78 -40.45 -26.76
CA SER C 721 29.35 -39.13 -27.20
C SER C 721 29.20 -38.25 -25.98
N VAL C 722 29.81 -37.07 -26.01
CA VAL C 722 29.71 -36.12 -24.92
C VAL C 722 28.65 -35.08 -25.26
N THR C 723 27.87 -34.68 -24.26
CA THR C 723 26.79 -33.72 -24.42
C THR C 723 26.89 -32.68 -23.32
N THR C 724 26.36 -31.49 -23.61
CA THR C 724 26.39 -30.39 -22.65
C THR C 724 25.04 -30.27 -21.93
N GLU C 725 25.10 -30.20 -20.61
CA GLU C 725 23.96 -29.83 -19.79
C GLU C 725 24.28 -28.52 -19.08
N ILE C 726 23.41 -27.53 -19.24
CA ILE C 726 23.67 -26.17 -18.80
C ILE C 726 22.78 -25.88 -17.62
N LEU C 727 23.38 -25.57 -16.47
CA LEU C 727 22.65 -25.26 -15.25
C LEU C 727 23.12 -23.92 -14.70
N PRO C 728 22.30 -22.88 -14.77
CA PRO C 728 22.68 -21.61 -14.14
C PRO C 728 22.72 -21.76 -12.63
N VAL C 729 23.90 -21.60 -12.05
CA VAL C 729 24.14 -21.92 -10.66
C VAL C 729 24.15 -20.68 -9.78
N SER C 730 24.41 -19.52 -10.36
CA SER C 730 24.49 -18.27 -9.62
C SER C 730 23.72 -17.19 -10.36
N MET C 731 23.36 -16.14 -9.63
CA MET C 731 22.63 -15.01 -10.17
C MET C 731 23.29 -13.74 -9.65
N THR C 732 23.21 -12.67 -10.43
CA THR C 732 23.89 -11.42 -10.11
C THR C 732 23.39 -10.85 -8.80
N LYS C 733 24.33 -10.45 -7.94
CA LYS C 733 23.97 -9.86 -6.66
C LYS C 733 23.43 -8.45 -6.86
N THR C 734 22.40 -8.10 -6.12
CA THR C 734 21.84 -6.75 -6.16
C THR C 734 21.60 -6.27 -4.73
N SER C 735 21.69 -4.95 -4.57
CA SER C 735 21.45 -4.31 -3.28
C SER C 735 20.96 -2.90 -3.54
N VAL C 736 20.27 -2.34 -2.54
CA VAL C 736 19.69 -1.01 -2.65
C VAL C 736 20.11 -0.20 -1.43
N ASP C 737 20.46 1.07 -1.64
CA ASP C 737 20.67 2.01 -0.56
C ASP C 737 19.36 2.73 -0.27
N CYS C 738 18.99 2.77 1.00
CA CYS C 738 17.68 3.29 1.38
C CYS C 738 17.61 4.81 1.20
N THR C 739 18.67 5.52 1.59
CA THR C 739 18.65 6.97 1.54
C THR C 739 18.58 7.48 0.10
N MET C 740 19.42 6.93 -0.78
CA MET C 740 19.36 7.34 -2.18
C MET C 740 18.11 6.80 -2.89
N TYR C 741 17.40 5.84 -2.31
CA TYR C 741 16.17 5.37 -2.96
C TYR C 741 14.97 6.21 -2.55
N ILE C 742 14.65 6.26 -1.26
CA ILE C 742 13.42 6.94 -0.85
C ILE C 742 13.69 8.38 -0.44
N CYS C 743 14.91 8.66 0.05
CA CYS C 743 15.27 10.04 0.36
C CYS C 743 15.65 10.79 -0.91
N GLY C 744 16.64 10.30 -1.64
CA GLY C 744 17.08 10.97 -2.85
C GLY C 744 17.76 12.29 -2.51
N ASP C 745 17.26 13.36 -3.12
CA ASP C 745 17.75 14.71 -2.87
C ASP C 745 16.78 15.54 -2.03
N SER C 746 15.94 14.90 -1.24
CA SER C 746 14.98 15.62 -0.40
C SER C 746 15.70 16.38 0.71
N THR C 747 15.21 17.59 0.99
CA THR C 747 15.79 18.38 2.07
C THR C 747 15.46 17.78 3.44
N GLU C 748 14.24 17.31 3.62
CA GLU C 748 13.85 16.65 4.86
C GLU C 748 14.21 15.17 4.81
N CYS C 749 15.49 14.85 4.66
CA CYS C 749 15.90 13.46 4.59
C CYS C 749 15.74 12.76 5.94
N SER C 750 15.88 13.50 7.03
CA SER C 750 15.77 12.93 8.36
C SER C 750 14.33 12.51 8.67
N ASN C 751 13.36 13.34 8.28
CA ASN C 751 11.96 13.05 8.58
C ASN C 751 11.45 11.89 7.74
N LEU C 752 11.96 11.74 6.51
CA LEU C 752 11.56 10.61 5.66
C LEU C 752 12.18 9.31 6.16
N LEU C 753 13.30 9.39 6.88
CA LEU C 753 14.05 8.19 7.19
C LEU C 753 13.45 7.43 8.36
N LEU C 754 13.13 8.12 9.46
CA LEU C 754 12.73 7.42 10.67
C LEU C 754 11.32 6.82 10.56
N GLN C 755 10.51 7.34 9.63
CA GLN C 755 9.14 6.84 9.51
C GLN C 755 9.05 5.70 8.49
N TYR C 756 9.74 5.83 7.35
CA TYR C 756 9.56 4.90 6.25
C TYR C 756 10.81 4.17 5.81
N GLY C 757 11.97 4.45 6.40
CA GLY C 757 13.19 3.76 6.00
C GLY C 757 13.28 2.36 6.58
N SER C 758 12.40 2.02 7.51
CA SER C 758 12.47 0.70 8.13
C SER C 758 11.93 -0.39 7.22
N PHE C 759 10.93 -0.06 6.38
CA PHE C 759 10.54 -0.94 5.28
C PHE C 759 11.74 -1.27 4.40
N CYS C 760 12.48 -0.23 4.00
CA CYS C 760 13.66 -0.45 3.17
C CYS C 760 14.76 -1.17 3.93
N THR C 761 14.80 -1.01 5.25
CA THR C 761 15.75 -1.76 6.08
C THR C 761 15.45 -3.26 6.02
N GLN C 762 14.18 -3.63 6.14
CA GLN C 762 13.80 -5.03 5.98
C GLN C 762 14.10 -5.54 4.58
N LEU C 763 13.80 -4.72 3.55
CA LEU C 763 14.03 -5.18 2.18
C LEU C 763 15.52 -5.30 1.87
N ASN C 764 16.34 -4.42 2.45
CA ASN C 764 17.78 -4.52 2.29
C ASN C 764 18.35 -5.70 3.06
N ARG C 765 17.76 -6.03 4.21
CA ARG C 765 18.18 -7.25 4.93
C ARG C 765 17.84 -8.49 4.12
N ALA C 766 16.67 -8.51 3.49
CA ALA C 766 16.31 -9.63 2.62
C ALA C 766 17.25 -9.72 1.41
N LEU C 767 17.61 -8.56 0.83
CA LEU C 767 18.52 -8.56 -0.30
C LEU C 767 19.93 -8.99 0.11
N THR C 768 20.37 -8.61 1.31
CA THR C 768 21.66 -9.07 1.82
C THR C 768 21.65 -10.57 2.06
N GLY C 769 20.54 -11.11 2.59
CA GLY C 769 20.40 -12.55 2.71
C GLY C 769 20.43 -13.25 1.36
N ILE C 770 19.79 -12.65 0.35
CA ILE C 770 19.85 -13.20 -1.01
C ILE C 770 21.28 -13.17 -1.54
N ALA C 771 22.02 -12.11 -1.28
CA ALA C 771 23.41 -12.01 -1.71
C ALA C 771 24.29 -13.07 -1.03
N VAL C 772 24.07 -13.28 0.27
CA VAL C 772 24.81 -14.32 0.99
C VAL C 772 24.46 -15.70 0.46
N GLU C 773 23.17 -15.91 0.14
CA GLU C 773 22.74 -17.17 -0.47
C GLU C 773 23.38 -17.38 -1.83
N GLN C 774 23.52 -16.31 -2.61
CA GLN C 774 24.15 -16.42 -3.93
C GLN C 774 25.64 -16.71 -3.81
N ASP C 775 26.31 -16.15 -2.80
CA ASP C 775 27.70 -16.53 -2.54
C ASP C 775 27.80 -17.99 -2.12
N LYS C 776 26.89 -18.44 -1.25
CA LYS C 776 26.96 -19.81 -0.77
C LYS C 776 26.61 -20.82 -1.86
N ASN C 777 25.83 -20.41 -2.87
CA ASN C 777 25.53 -21.29 -3.99
C ASN C 777 26.81 -21.70 -4.72
N THR C 778 27.59 -20.71 -5.16
CA THR C 778 28.83 -21.01 -5.85
C THR C 778 29.87 -21.58 -4.90
N GLN C 779 29.78 -21.25 -3.61
CA GLN C 779 30.71 -21.83 -2.64
C GLN C 779 30.51 -23.33 -2.47
N GLU C 780 29.26 -23.79 -2.33
CA GLU C 780 29.05 -25.22 -2.17
C GLU C 780 29.02 -25.98 -3.49
N VAL C 781 28.91 -25.31 -4.65
CA VAL C 781 29.04 -26.10 -5.86
C VAL C 781 30.51 -26.18 -6.29
N PHE C 782 31.33 -25.20 -5.91
CA PHE C 782 32.69 -25.16 -6.41
C PHE C 782 33.74 -25.49 -5.35
N ALA C 783 33.37 -25.55 -4.07
CA ALA C 783 34.35 -25.86 -3.05
C ALA C 783 33.86 -26.98 -2.13
N GLN C 784 33.37 -28.07 -2.72
CA GLN C 784 33.07 -29.26 -1.92
C GLN C 784 34.34 -29.84 -1.32
N VAL C 785 35.41 -29.88 -2.10
CA VAL C 785 36.75 -30.18 -1.61
C VAL C 785 37.58 -28.90 -1.67
N LYS C 786 38.27 -28.59 -0.59
CA LYS C 786 39.07 -27.38 -0.49
C LYS C 786 40.57 -27.69 -0.56
N GLN C 787 40.94 -28.64 -1.39
CA GLN C 787 42.31 -29.09 -1.56
C GLN C 787 42.76 -28.67 -2.95
N ILE C 788 43.62 -27.65 -3.03
CA ILE C 788 43.96 -27.05 -4.32
C ILE C 788 45.18 -27.75 -4.90
N TYR C 789 45.20 -27.89 -6.23
CA TYR C 789 46.16 -28.73 -6.94
C TYR C 789 46.89 -27.90 -7.99
N LYS C 790 48.14 -28.27 -8.27
CA LYS C 790 48.75 -27.82 -9.52
C LYS C 790 48.16 -28.60 -10.69
N THR C 791 48.20 -27.98 -11.86
CA THR C 791 47.88 -28.70 -13.08
C THR C 791 48.99 -29.70 -13.38
N PRO C 792 48.69 -30.96 -13.63
CA PRO C 792 49.74 -31.94 -13.95
C PRO C 792 50.34 -31.64 -15.32
N PRO C 793 51.58 -32.07 -15.57
CA PRO C 793 52.16 -31.89 -16.91
C PRO C 793 51.39 -32.69 -17.94
N ILE C 794 51.02 -32.03 -19.04
CA ILE C 794 50.17 -32.64 -20.05
C ILE C 794 51.03 -33.55 -20.91
N LYS C 795 51.10 -34.83 -20.53
CA LYS C 795 51.90 -35.80 -21.26
C LYS C 795 51.32 -37.19 -21.02
N ASP C 796 50.99 -37.88 -22.12
CA ASP C 796 50.56 -39.28 -22.12
C ASP C 796 49.33 -39.51 -21.24
N PHE C 797 48.21 -38.88 -21.61
CA PHE C 797 46.94 -39.13 -20.95
C PHE C 797 46.15 -40.24 -21.65
N GLY C 798 46.81 -41.38 -21.86
CA GLY C 798 46.17 -42.55 -22.45
C GLY C 798 45.65 -42.38 -23.86
N GLY C 799 46.14 -41.38 -24.59
CA GLY C 799 45.60 -41.05 -25.89
C GLY C 799 44.48 -40.03 -25.87
N PHE C 800 43.94 -39.71 -24.70
CA PHE C 800 42.91 -38.68 -24.58
C PHE C 800 43.59 -37.32 -24.51
N ASN C 801 43.22 -36.42 -25.41
CA ASN C 801 44.03 -35.24 -25.72
C ASN C 801 43.39 -34.06 -25.02
N PHE C 802 43.91 -33.71 -23.84
CA PHE C 802 43.24 -32.81 -22.90
C PHE C 802 43.74 -31.36 -22.99
N SER C 803 44.11 -30.90 -24.18
CA SER C 803 44.55 -29.50 -24.30
C SER C 803 43.36 -28.55 -24.24
N GLN C 804 42.19 -28.98 -24.69
CA GLN C 804 41.03 -28.09 -24.77
C GLN C 804 40.42 -27.80 -23.41
N ILE C 805 40.32 -28.82 -22.56
CA ILE C 805 39.62 -28.65 -21.28
C ILE C 805 40.54 -28.26 -20.13
N LEU C 806 41.82 -28.62 -20.19
CA LEU C 806 42.70 -28.22 -19.11
C LEU C 806 43.28 -26.82 -19.38
N PRO C 807 43.48 -26.00 -18.36
CA PRO C 807 44.09 -24.67 -18.57
C PRO C 807 45.56 -24.81 -18.92
N ASP C 808 45.94 -24.30 -20.09
CA ASP C 808 47.31 -24.38 -20.57
C ASP C 808 48.22 -23.45 -19.77
N PRO C 809 49.44 -23.90 -19.43
CA PRO C 809 50.38 -23.02 -18.71
C PRO C 809 51.01 -21.94 -19.57
N SER C 810 50.65 -21.83 -20.86
CA SER C 810 51.22 -20.79 -21.72
C SER C 810 50.79 -19.40 -21.26
N LYS C 811 49.53 -19.25 -20.86
CA LYS C 811 49.01 -18.01 -20.32
C LYS C 811 48.82 -18.15 -18.81
N PRO C 812 49.08 -17.09 -18.03
CA PRO C 812 48.98 -17.24 -16.57
C PRO C 812 47.58 -17.13 -15.98
N SER C 813 46.53 -16.97 -16.81
CA SER C 813 45.17 -17.19 -16.34
C SER C 813 44.84 -18.67 -16.41
N LYS C 814 43.98 -19.13 -15.50
CA LYS C 814 43.55 -20.52 -15.47
C LYS C 814 42.38 -20.79 -16.41
N ARG C 815 42.21 -19.97 -17.45
CA ARG C 815 41.07 -20.08 -18.35
C ARG C 815 41.35 -21.13 -19.41
N SER C 816 40.44 -22.08 -19.56
CA SER C 816 40.59 -23.08 -20.62
C SER C 816 40.09 -22.52 -21.95
N PHE C 817 40.35 -23.28 -23.01
CA PHE C 817 39.97 -22.85 -24.35
C PHE C 817 38.45 -22.87 -24.51
N ILE C 818 37.82 -23.96 -24.07
CA ILE C 818 36.36 -24.03 -24.03
C ILE C 818 35.80 -23.01 -23.06
N GLU C 819 36.49 -22.80 -21.93
CA GLU C 819 36.09 -21.75 -20.99
C GLU C 819 36.20 -20.38 -21.63
N ASP C 820 37.22 -20.16 -22.46
CA ASP C 820 37.35 -18.90 -23.19
C ASP C 820 36.20 -18.70 -24.16
N LEU C 821 35.81 -19.76 -24.87
CA LEU C 821 34.66 -19.65 -25.78
C LEU C 821 33.36 -19.37 -25.03
N LEU C 822 33.17 -20.02 -23.88
CA LEU C 822 31.99 -19.77 -23.06
C LEU C 822 31.95 -18.35 -22.54
N PHE C 823 33.09 -17.83 -22.08
CA PHE C 823 33.12 -16.46 -21.55
C PHE C 823 33.00 -15.43 -22.67
N ASN C 824 33.47 -15.73 -23.87
CA ASN C 824 33.32 -14.78 -24.97
C ASN C 824 31.91 -14.79 -25.54
N LYS C 825 31.25 -15.95 -25.57
CA LYS C 825 29.95 -16.05 -26.23
C LYS C 825 28.82 -15.47 -25.39
N VAL C 826 28.94 -15.51 -24.07
CA VAL C 826 27.89 -14.96 -23.21
C VAL C 826 28.01 -13.44 -23.20
N THR C 827 26.97 -12.76 -23.66
CA THR C 827 26.96 -11.30 -23.75
C THR C 827 26.38 -10.72 -22.47
N LEU C 828 27.22 -10.04 -21.69
CA LEU C 828 26.77 -9.40 -20.48
C LEU C 828 25.95 -8.16 -20.81
N ALA C 829 24.80 -8.02 -20.16
CA ALA C 829 23.84 -6.93 -20.36
C ALA C 829 23.42 -6.75 -21.81
N ASN C 856 20.04 5.03 -9.37
CA ASN C 856 19.35 5.74 -8.30
C ASN C 856 19.26 4.90 -7.03
N GLY C 857 20.43 4.66 -6.41
CA GLY C 857 20.50 3.89 -5.19
C GLY C 857 20.63 2.40 -5.37
N LEU C 858 20.49 1.90 -6.59
CA LEU C 858 20.63 0.46 -6.86
C LEU C 858 22.08 0.17 -7.19
N THR C 859 22.77 -0.54 -6.29
CA THR C 859 24.17 -0.89 -6.47
C THR C 859 24.29 -2.39 -6.67
N VAL C 860 25.07 -2.79 -7.67
CA VAL C 860 25.31 -4.19 -7.98
C VAL C 860 26.56 -4.61 -7.24
N LEU C 861 26.37 -5.42 -6.20
CA LEU C 861 27.50 -5.92 -5.44
C LEU C 861 28.25 -6.97 -6.25
N PRO C 862 29.59 -6.89 -6.33
CA PRO C 862 30.33 -7.93 -7.04
C PRO C 862 30.30 -9.23 -6.27
N PRO C 863 30.35 -10.37 -6.96
CA PRO C 863 30.38 -11.66 -6.25
C PRO C 863 31.68 -11.86 -5.49
N LEU C 864 31.59 -12.60 -4.38
CA LEU C 864 32.77 -12.91 -3.58
C LEU C 864 33.75 -13.78 -4.36
N LEU C 865 33.25 -14.74 -5.10
CA LEU C 865 34.10 -15.64 -5.88
C LEU C 865 34.41 -15.00 -7.23
N THR C 866 35.66 -14.59 -7.41
CA THR C 866 36.11 -13.98 -8.65
C THR C 866 36.24 -15.05 -9.74
N ASP C 867 36.37 -14.57 -10.99
CA ASP C 867 36.45 -15.49 -12.12
C ASP C 867 37.75 -16.30 -12.08
N GLU C 868 38.84 -15.70 -11.62
CA GLU C 868 40.12 -16.40 -11.57
C GLU C 868 40.09 -17.55 -10.57
N MET C 869 39.49 -17.33 -9.39
CA MET C 869 39.44 -18.40 -8.41
C MET C 869 38.43 -19.48 -8.79
N ILE C 870 37.34 -19.13 -9.49
CA ILE C 870 36.44 -20.16 -10.00
C ILE C 870 37.14 -21.00 -11.06
N ALA C 871 37.92 -20.35 -11.93
CA ALA C 871 38.70 -21.09 -12.93
C ALA C 871 39.75 -21.99 -12.25
N GLN C 872 40.36 -21.50 -11.17
CA GLN C 872 41.33 -22.31 -10.43
C GLN C 872 40.66 -23.49 -9.74
N TYR C 873 39.45 -23.29 -9.22
CA TYR C 873 38.71 -24.40 -8.61
C TYR C 873 38.35 -25.46 -9.64
N THR C 874 37.91 -25.03 -10.82
CA THR C 874 37.61 -25.98 -11.89
C THR C 874 38.87 -26.70 -12.37
N SER C 875 40.00 -25.98 -12.41
CA SER C 875 41.27 -26.61 -12.76
C SER C 875 41.68 -27.66 -11.74
N ALA C 876 41.51 -27.35 -10.45
CA ALA C 876 41.84 -28.31 -9.39
C ALA C 876 40.92 -29.53 -9.45
N LEU C 877 39.63 -29.31 -9.70
CA LEU C 877 38.70 -30.43 -9.83
C LEU C 877 39.05 -31.31 -11.03
N LEU C 878 39.39 -30.70 -12.16
CA LEU C 878 39.80 -31.48 -13.34
C LEU C 878 41.09 -32.25 -13.08
N ALA C 879 42.06 -31.60 -12.43
CA ALA C 879 43.33 -32.25 -12.14
C ALA C 879 43.17 -33.41 -11.17
N GLY C 880 42.30 -33.26 -10.17
CA GLY C 880 42.00 -34.38 -9.29
C GLY C 880 41.25 -35.48 -9.99
N THR C 881 40.35 -35.12 -10.91
CA THR C 881 39.51 -36.11 -11.57
C THR C 881 40.31 -36.97 -12.54
N ILE C 882 41.15 -36.36 -13.37
CA ILE C 882 41.85 -37.14 -14.40
C ILE C 882 43.11 -37.83 -13.89
N THR C 883 43.58 -37.49 -12.69
CA THR C 883 44.79 -38.10 -12.15
C THR C 883 44.49 -38.97 -10.93
N SER C 884 43.85 -38.39 -9.90
CA SER C 884 43.68 -39.14 -8.66
C SER C 884 42.45 -40.05 -8.69
N GLY C 885 41.64 -39.97 -9.74
CA GLY C 885 40.42 -40.74 -9.78
C GLY C 885 39.31 -40.02 -9.02
N TRP C 886 38.62 -40.74 -8.14
CA TRP C 886 37.68 -40.12 -7.23
C TRP C 886 38.17 -40.13 -5.78
N THR C 887 39.43 -40.48 -5.54
CA THR C 887 39.95 -40.57 -4.19
C THR C 887 40.25 -39.20 -3.59
N PHE C 888 40.07 -38.19 -4.42
CA PHE C 888 40.43 -36.84 -3.92
C PHE C 888 39.32 -36.43 -2.99
N GLY C 889 38.17 -37.08 -3.12
CA GLY C 889 37.08 -36.82 -2.16
C GLY C 889 37.43 -37.31 -0.77
N ALA C 890 38.12 -38.45 -0.67
CA ALA C 890 38.42 -39.09 0.63
C ALA C 890 39.75 -38.61 1.19
N GLY C 891 40.32 -37.56 0.62
CA GLY C 891 41.49 -36.91 1.23
C GLY C 891 42.86 -37.54 1.07
N ALA C 892 43.11 -38.32 0.03
CA ALA C 892 44.50 -38.81 -0.11
C ALA C 892 45.08 -38.62 -1.51
N ALA C 893 44.29 -38.18 -2.47
CA ALA C 893 44.80 -37.81 -3.81
C ALA C 893 45.66 -38.89 -4.45
N LEU C 894 45.50 -40.14 -4.07
CA LEU C 894 46.24 -41.26 -4.64
C LEU C 894 46.17 -41.20 -6.16
N GLN C 895 47.33 -41.09 -6.80
CA GLN C 895 47.38 -40.96 -8.26
C GLN C 895 47.02 -42.28 -8.93
N ILE C 896 46.29 -42.17 -10.04
CA ILE C 896 45.84 -43.32 -10.83
C ILE C 896 46.23 -43.05 -12.28
N PRO C 897 46.70 -44.03 -13.04
CA PRO C 897 46.78 -43.85 -14.49
C PRO C 897 45.39 -43.65 -15.08
N PHE C 898 45.30 -42.77 -16.09
CA PHE C 898 43.99 -42.41 -16.62
C PHE C 898 43.33 -43.57 -17.36
N ALA C 899 44.11 -44.48 -17.94
CA ALA C 899 43.53 -45.69 -18.52
C ALA C 899 42.90 -46.55 -17.44
N MET C 900 43.55 -46.64 -16.27
CA MET C 900 43.00 -47.42 -15.17
C MET C 900 41.73 -46.79 -14.62
N GLN C 901 41.70 -45.46 -14.51
CA GLN C 901 40.49 -44.79 -14.04
C GLN C 901 39.35 -44.91 -15.05
N MET C 902 39.69 -44.86 -16.35
CA MET C 902 38.69 -45.07 -17.39
C MET C 902 38.14 -46.49 -17.37
N ALA C 903 39.00 -47.48 -17.13
CA ALA C 903 38.53 -48.85 -17.02
C ALA C 903 37.67 -49.04 -15.78
N TYR C 904 38.03 -48.39 -14.68
CA TYR C 904 37.24 -48.52 -13.45
C TYR C 904 35.90 -47.80 -13.55
N ARG C 905 35.80 -46.79 -14.40
CA ARG C 905 34.50 -46.17 -14.64
C ARG C 905 33.70 -46.87 -15.74
N PHE C 906 34.36 -47.61 -16.64
CA PHE C 906 33.64 -48.56 -17.48
C PHE C 906 33.12 -49.74 -16.68
N ASN C 907 33.79 -50.08 -15.57
CA ASN C 907 33.34 -51.20 -14.74
C ASN C 907 32.03 -50.91 -14.01
N GLY C 908 31.62 -49.64 -13.94
CA GLY C 908 30.39 -49.29 -13.25
C GLY C 908 29.13 -49.38 -14.09
N ILE C 909 29.24 -49.60 -15.40
CA ILE C 909 28.07 -49.71 -16.26
C ILE C 909 27.81 -51.16 -16.68
N GLY C 910 28.47 -52.12 -16.05
CA GLY C 910 28.24 -53.52 -16.30
C GLY C 910 29.10 -54.14 -17.37
N VAL C 911 29.89 -53.34 -18.10
CA VAL C 911 30.76 -53.87 -19.12
C VAL C 911 32.13 -54.14 -18.51
N THR C 912 32.76 -55.21 -18.98
CA THR C 912 34.03 -55.67 -18.43
C THR C 912 35.16 -54.76 -18.91
N GLN C 913 36.27 -54.75 -18.16
CA GLN C 913 37.41 -53.89 -18.42
C GLN C 913 38.13 -54.19 -19.73
N ASN C 914 37.87 -55.34 -20.36
CA ASN C 914 38.59 -55.72 -21.56
C ASN C 914 38.21 -54.86 -22.76
N VAL C 915 36.99 -54.31 -22.75
CA VAL C 915 36.48 -53.57 -23.91
C VAL C 915 37.28 -52.30 -24.14
N LEU C 916 37.60 -51.57 -23.07
CA LEU C 916 38.40 -50.35 -23.21
C LEU C 916 39.82 -50.67 -23.66
N TYR C 917 40.48 -51.61 -22.98
CA TYR C 917 41.90 -51.85 -23.22
C TYR C 917 42.13 -52.50 -24.58
N GLU C 918 41.19 -53.31 -25.05
CA GLU C 918 41.31 -53.89 -26.38
C GLU C 918 41.12 -52.85 -27.48
N ASN C 919 40.44 -51.75 -27.17
CA ASN C 919 40.15 -50.73 -28.17
C ASN C 919 40.46 -49.32 -27.66
N GLN C 920 41.63 -49.14 -27.04
CA GLN C 920 41.97 -47.85 -26.44
C GLN C 920 42.14 -46.77 -27.51
N LYS C 921 42.74 -47.12 -28.64
CA LYS C 921 42.94 -46.14 -29.72
C LYS C 921 41.62 -45.68 -30.29
N LEU C 922 40.66 -46.59 -30.46
CA LEU C 922 39.34 -46.22 -30.96
C LEU C 922 38.61 -45.31 -29.98
N ILE C 923 38.73 -45.59 -28.67
CA ILE C 923 38.10 -44.76 -27.65
C ILE C 923 38.71 -43.37 -27.65
N ALA C 924 40.04 -43.29 -27.74
CA ALA C 924 40.72 -41.99 -27.79
C ALA C 924 40.31 -41.20 -29.03
N ASN C 925 40.22 -41.87 -30.18
CA ASN C 925 39.82 -41.19 -31.42
C ASN C 925 38.37 -40.72 -31.35
N GLN C 926 37.48 -41.54 -30.76
CA GLN C 926 36.09 -41.13 -30.60
C GLN C 926 35.96 -39.94 -29.67
N PHE C 927 36.72 -39.93 -28.57
CA PHE C 927 36.64 -38.80 -27.65
C PHE C 927 37.24 -37.54 -28.26
N ASN C 928 38.31 -37.69 -29.05
CA ASN C 928 38.89 -36.53 -29.73
C ASN C 928 37.94 -35.98 -30.80
N SER C 929 37.24 -36.86 -31.52
CA SER C 929 36.24 -36.41 -32.49
C SER C 929 35.08 -35.72 -31.80
N ALA C 930 34.64 -36.24 -30.65
CA ALA C 930 33.59 -35.59 -29.89
C ALA C 930 34.02 -34.21 -29.38
N ILE C 931 35.28 -34.10 -28.94
CA ILE C 931 35.82 -32.83 -28.49
C ILE C 931 35.88 -31.84 -29.65
N GLY C 932 36.31 -32.29 -30.82
CA GLY C 932 36.33 -31.42 -31.99
C GLY C 932 34.94 -30.97 -32.41
N LYS C 933 33.97 -31.88 -32.37
CA LYS C 933 32.59 -31.53 -32.72
C LYS C 933 31.99 -30.55 -31.71
N ILE C 934 32.30 -30.73 -30.43
CA ILE C 934 31.74 -29.84 -29.41
C ILE C 934 32.48 -28.50 -29.41
N GLN C 935 33.69 -28.46 -29.95
CA GLN C 935 34.37 -27.19 -30.17
C GLN C 935 33.78 -26.45 -31.37
N ASP C 936 33.50 -27.18 -32.46
CA ASP C 936 32.97 -26.53 -33.66
C ASP C 936 31.53 -26.08 -33.47
N SER C 937 30.74 -26.87 -32.73
CA SER C 937 29.34 -26.51 -32.52
C SER C 937 29.20 -25.32 -31.59
N LEU C 938 30.10 -25.21 -30.60
CA LEU C 938 30.10 -24.10 -29.66
C LEU C 938 30.93 -22.92 -30.13
N SER C 939 31.11 -22.77 -31.45
CA SER C 939 31.85 -21.65 -32.00
C SER C 939 31.16 -21.09 -33.24
N SER C 940 29.86 -21.34 -33.40
CA SER C 940 29.10 -20.88 -34.55
C SER C 940 28.32 -19.60 -34.27
N THR C 941 28.56 -18.95 -33.13
CA THR C 941 27.95 -17.72 -32.63
C THR C 941 26.45 -17.82 -32.39
N ALA C 942 25.85 -18.99 -32.55
CA ALA C 942 24.44 -19.21 -32.25
C ALA C 942 24.25 -20.57 -31.59
N SER C 943 25.18 -20.94 -30.70
CA SER C 943 25.14 -22.25 -30.06
C SER C 943 24.19 -22.21 -28.86
N ALA C 944 24.17 -23.30 -28.10
CA ALA C 944 23.29 -23.43 -26.95
C ALA C 944 23.92 -22.69 -25.76
N LEU C 945 23.61 -21.40 -25.67
CA LEU C 945 23.93 -20.60 -24.49
C LEU C 945 22.70 -19.84 -24.00
N GLY C 946 21.50 -20.27 -24.41
CA GLY C 946 20.30 -19.53 -24.07
C GLY C 946 19.96 -19.58 -22.59
N LYS C 947 20.15 -20.73 -21.95
CA LYS C 947 19.84 -20.87 -20.53
C LYS C 947 20.72 -20.00 -19.67
N LEU C 948 21.96 -19.75 -20.10
CA LEU C 948 22.83 -18.83 -19.38
C LEU C 948 22.46 -17.36 -19.65
N GLN C 949 22.02 -17.06 -20.87
CA GLN C 949 21.71 -15.68 -21.23
C GLN C 949 20.39 -15.22 -20.63
N ASP C 950 19.45 -16.15 -20.40
CA ASP C 950 18.14 -15.77 -19.89
C ASP C 950 18.21 -15.18 -18.48
N VAL C 951 19.16 -15.65 -17.65
CA VAL C 951 19.29 -15.12 -16.30
C VAL C 951 19.70 -13.65 -16.33
N VAL C 952 20.71 -13.32 -17.14
CA VAL C 952 21.18 -11.95 -17.27
C VAL C 952 20.09 -11.08 -17.91
N ASN C 953 19.40 -11.61 -18.92
CA ASN C 953 18.34 -10.85 -19.58
C ASN C 953 17.19 -10.55 -18.62
N GLN C 954 16.80 -11.54 -17.81
CA GLN C 954 15.71 -11.32 -16.86
C GLN C 954 16.11 -10.38 -15.73
N ASN C 955 17.37 -10.43 -15.29
CA ASN C 955 17.83 -9.47 -14.28
C ASN C 955 17.85 -8.05 -14.84
N ALA C 956 18.32 -7.89 -16.08
CA ALA C 956 18.32 -6.57 -16.71
C ALA C 956 16.90 -6.06 -16.91
N GLN C 957 15.97 -6.95 -17.29
CA GLN C 957 14.57 -6.57 -17.41
C GLN C 957 13.99 -6.17 -16.06
N ALA C 958 14.39 -6.87 -14.99
CA ALA C 958 13.90 -6.54 -13.65
C ALA C 958 14.36 -5.16 -13.20
N LEU C 959 15.65 -4.85 -13.37
CA LEU C 959 16.12 -3.51 -13.01
C LEU C 959 15.56 -2.42 -13.91
N ASN C 960 15.37 -2.71 -15.21
CA ASN C 960 14.76 -1.74 -16.11
C ASN C 960 13.31 -1.46 -15.70
N THR C 961 12.57 -2.50 -15.35
CA THR C 961 11.21 -2.30 -14.87
C THR C 961 11.18 -1.57 -13.54
N LEU C 962 12.18 -1.82 -12.67
CA LEU C 962 12.26 -1.11 -11.40
C LEU C 962 12.48 0.39 -11.60
N VAL C 963 13.40 0.76 -12.49
CA VAL C 963 13.65 2.19 -12.70
C VAL C 963 12.50 2.83 -13.47
N LYS C 964 11.77 2.04 -14.27
CA LYS C 964 10.57 2.57 -14.91
C LYS C 964 9.45 2.80 -13.90
N GLN C 965 9.37 1.96 -12.86
CA GLN C 965 8.40 2.22 -11.81
C GLN C 965 8.81 3.44 -10.99
N LEU C 966 10.10 3.58 -10.71
CA LEU C 966 10.52 4.81 -10.01
C LEU C 966 10.10 5.99 -10.88
N SER C 967 10.26 5.89 -12.20
CA SER C 967 9.92 7.04 -13.03
C SER C 967 8.48 7.50 -12.83
N SER C 968 7.61 6.63 -12.31
CA SER C 968 6.20 6.97 -12.20
C SER C 968 5.95 7.94 -11.04
N ASN C 969 4.72 8.48 -11.00
CA ASN C 969 4.34 9.45 -9.98
C ASN C 969 3.42 8.90 -8.90
N PHE C 970 2.77 7.76 -9.14
CA PHE C 970 1.91 7.05 -8.18
C PHE C 970 0.75 7.90 -7.68
N GLY C 971 0.19 8.77 -8.52
CA GLY C 971 -0.97 9.55 -8.16
C GLY C 971 -0.70 10.87 -7.48
N ALA C 972 0.56 11.21 -7.23
CA ALA C 972 0.89 12.51 -6.66
C ALA C 972 0.85 13.57 -7.76
N ILE C 973 0.96 14.84 -7.35
CA ILE C 973 0.90 15.92 -8.33
C ILE C 973 2.19 16.04 -9.14
N SER C 974 3.28 15.41 -8.69
CA SER C 974 4.51 15.39 -9.45
C SER C 974 5.25 14.10 -9.12
N SER C 975 6.14 13.70 -10.04
CA SER C 975 6.86 12.45 -9.92
C SER C 975 8.18 12.60 -9.16
N VAL C 976 8.59 13.82 -8.84
CA VAL C 976 9.86 14.07 -8.16
C VAL C 976 9.56 14.54 -6.74
N LEU C 977 10.47 14.20 -5.82
CA LEU C 977 10.32 14.66 -4.44
C LEU C 977 10.68 16.13 -4.29
N ASN C 978 11.53 16.65 -5.17
CA ASN C 978 12.05 18.00 -4.97
C ASN C 978 11.00 19.05 -5.29
N ASP C 979 10.15 18.81 -6.29
CA ASP C 979 9.14 19.80 -6.66
C ASP C 979 8.02 19.86 -5.61
N ILE C 980 7.57 18.70 -5.13
CA ILE C 980 6.49 18.68 -4.15
C ILE C 980 6.94 19.17 -2.78
N LEU C 981 8.25 19.23 -2.54
CA LEU C 981 8.78 19.85 -1.34
C LEU C 981 9.27 21.28 -1.58
N SER C 982 9.04 21.81 -2.79
CA SER C 982 9.37 23.19 -3.11
C SER C 982 8.17 24.09 -3.26
N ARG C 983 6.95 23.54 -3.34
CA ARG C 983 5.76 24.37 -3.46
C ARG C 983 4.62 23.84 -2.60
N LEU C 984 4.93 23.17 -1.49
CA LEU C 984 3.89 22.66 -0.60
C LEU C 984 4.37 22.74 0.84
N ASP C 985 3.57 23.37 1.69
CA ASP C 985 3.84 23.39 3.12
C ASP C 985 3.67 21.97 3.68
N PRO C 986 4.43 21.63 4.73
CA PRO C 986 4.44 20.24 5.24
C PRO C 986 3.08 19.69 5.64
N PRO C 987 2.15 20.47 6.23
CA PRO C 987 0.81 19.89 6.46
C PRO C 987 0.08 19.45 5.20
N GLU C 988 0.38 20.06 4.05
CA GLU C 988 -0.12 19.56 2.78
C GLU C 988 0.88 18.70 2.04
N ALA C 989 2.18 18.86 2.33
CA ALA C 989 3.21 18.11 1.61
C ALA C 989 3.31 16.67 2.05
N GLU C 990 3.05 16.37 3.34
CA GLU C 990 3.25 15.02 3.85
C GLU C 990 2.31 14.00 3.21
N VAL C 991 1.15 14.44 2.73
CA VAL C 991 0.24 13.52 2.02
C VAL C 991 0.88 13.03 0.73
N GLN C 992 1.42 13.95 -0.07
CA GLN C 992 2.09 13.58 -1.31
C GLN C 992 3.38 12.81 -1.06
N ILE C 993 4.12 13.18 0.00
CA ILE C 993 5.32 12.44 0.37
C ILE C 993 4.95 11.00 0.73
N ASP C 994 3.89 10.83 1.52
CA ASP C 994 3.43 9.50 1.90
C ASP C 994 3.01 8.69 0.68
N ARG C 995 2.27 9.32 -0.24
CA ARG C 995 1.81 8.62 -1.44
C ARG C 995 2.99 8.16 -2.30
N LEU C 996 3.94 9.07 -2.54
CA LEU C 996 5.07 8.74 -3.41
C LEU C 996 6.01 7.73 -2.77
N ILE C 997 6.23 7.85 -1.46
CA ILE C 997 7.10 6.90 -0.76
C ILE C 997 6.46 5.52 -0.69
N THR C 998 5.15 5.45 -0.44
CA THR C 998 4.48 4.16 -0.44
C THR C 998 4.46 3.53 -1.83
N GLY C 999 4.33 4.35 -2.87
CA GLY C 999 4.40 3.81 -4.22
C GLY C 999 5.77 3.24 -4.55
N ARG C 1000 6.83 3.99 -4.20
CA ARG C 1000 8.18 3.50 -4.42
C ARG C 1000 8.48 2.26 -3.60
N LEU C 1001 7.98 2.19 -2.37
CA LEU C 1001 8.24 1.04 -1.52
C LEU C 1001 7.43 -0.17 -1.97
N GLN C 1002 6.25 0.04 -2.55
CA GLN C 1002 5.51 -1.07 -3.15
C GLN C 1002 6.24 -1.61 -4.37
N SER C 1003 6.79 -0.71 -5.20
CA SER C 1003 7.61 -1.17 -6.33
C SER C 1003 8.84 -1.93 -5.84
N LEU C 1004 9.46 -1.44 -4.77
CA LEU C 1004 10.65 -2.11 -4.24
C LEU C 1004 10.31 -3.47 -3.65
N GLN C 1005 9.16 -3.60 -2.99
CA GLN C 1005 8.83 -4.89 -2.38
C GLN C 1005 8.43 -5.90 -3.46
N THR C 1006 7.75 -5.45 -4.53
CA THR C 1006 7.52 -6.35 -5.66
C THR C 1006 8.84 -6.80 -6.29
N TYR C 1007 9.78 -5.86 -6.46
CA TYR C 1007 11.08 -6.21 -7.02
C TYR C 1007 11.82 -7.21 -6.14
N VAL C 1008 11.80 -7.01 -4.83
CA VAL C 1008 12.58 -7.90 -3.97
C VAL C 1008 11.91 -9.26 -3.85
N THR C 1009 10.58 -9.35 -3.95
CA THR C 1009 9.94 -10.66 -4.01
C THR C 1009 10.31 -11.39 -5.30
N GLN C 1010 10.26 -10.70 -6.44
CA GLN C 1010 10.63 -11.36 -7.70
C GLN C 1010 12.08 -11.83 -7.66
N GLN C 1011 12.99 -10.97 -7.19
CA GLN C 1011 14.40 -11.37 -7.09
C GLN C 1011 14.61 -12.48 -6.08
N LEU C 1012 13.86 -12.46 -4.98
CA LEU C 1012 14.10 -13.38 -3.87
C LEU C 1012 13.66 -14.80 -4.22
N ILE C 1013 12.45 -14.97 -4.76
CA ILE C 1013 12.08 -16.33 -5.17
C ILE C 1013 12.69 -16.73 -6.52
N ARG C 1014 13.10 -15.77 -7.37
CA ARG C 1014 13.94 -16.15 -8.50
C ARG C 1014 15.28 -16.70 -8.04
N ALA C 1015 15.85 -16.12 -6.98
CA ALA C 1015 17.07 -16.65 -6.39
C ALA C 1015 16.82 -17.98 -5.69
N ALA C 1016 15.61 -18.20 -5.16
CA ALA C 1016 15.27 -19.50 -4.62
C ALA C 1016 15.24 -20.58 -5.71
N GLU C 1017 14.68 -20.24 -6.88
CA GLU C 1017 14.69 -21.18 -8.00
C GLU C 1017 16.11 -21.40 -8.51
N ILE C 1018 16.93 -20.35 -8.51
CA ILE C 1018 18.34 -20.46 -8.87
C ILE C 1018 19.06 -21.35 -7.86
N ARG C 1019 18.68 -21.28 -6.59
CA ARG C 1019 19.26 -22.17 -5.59
C ARG C 1019 18.82 -23.62 -5.80
N ALA C 1020 17.59 -23.83 -6.26
CA ALA C 1020 17.15 -25.18 -6.61
C ALA C 1020 17.99 -25.75 -7.75
N SER C 1021 18.23 -24.94 -8.78
CA SER C 1021 19.12 -25.36 -9.87
C SER C 1021 20.56 -25.53 -9.39
N ALA C 1022 20.98 -24.71 -8.43
CA ALA C 1022 22.32 -24.83 -7.88
C ALA C 1022 22.50 -26.11 -7.08
N ASN C 1023 21.47 -26.51 -6.33
CA ASN C 1023 21.51 -27.78 -5.63
C ASN C 1023 21.47 -28.95 -6.59
N LEU C 1024 20.73 -28.82 -7.70
CA LEU C 1024 20.78 -29.85 -8.74
C LEU C 1024 22.18 -29.97 -9.35
N ALA C 1025 22.84 -28.84 -9.60
CA ALA C 1025 24.20 -28.87 -10.14
C ALA C 1025 25.19 -29.42 -9.12
N ALA C 1026 25.03 -29.08 -7.84
CA ALA C 1026 25.91 -29.61 -6.81
C ALA C 1026 25.70 -31.10 -6.62
N THR C 1027 24.47 -31.58 -6.81
CA THR C 1027 24.23 -33.02 -6.88
C THR C 1027 24.95 -33.63 -8.08
N LYS C 1028 24.91 -32.94 -9.24
CA LYS C 1028 25.71 -33.37 -10.38
C LYS C 1028 27.20 -33.14 -10.16
N MET C 1029 27.58 -32.36 -9.15
CA MET C 1029 28.97 -32.17 -8.79
C MET C 1029 29.42 -33.21 -7.76
N SER C 1030 28.49 -34.03 -7.25
CA SER C 1030 28.76 -34.91 -6.12
C SER C 1030 28.96 -36.37 -6.48
N GLU C 1031 28.31 -36.87 -7.54
CA GLU C 1031 28.57 -38.23 -8.00
C GLU C 1031 28.80 -38.36 -9.50
N CYS C 1032 28.89 -37.26 -10.25
CA CYS C 1032 29.28 -37.37 -11.65
C CYS C 1032 30.77 -37.12 -11.82
N VAL C 1033 31.30 -36.11 -11.14
CA VAL C 1033 32.73 -35.84 -11.20
C VAL C 1033 33.47 -36.44 -9.99
N LEU C 1034 32.78 -36.66 -8.87
CA LEU C 1034 33.36 -37.29 -7.70
C LEU C 1034 33.10 -38.78 -7.66
N GLY C 1035 32.63 -39.36 -8.76
CA GLY C 1035 32.32 -40.77 -8.80
C GLY C 1035 31.54 -41.11 -10.05
N GLN C 1036 30.72 -42.15 -9.95
CA GLN C 1036 29.86 -42.59 -11.06
C GLN C 1036 28.43 -42.67 -10.58
N SER C 1037 27.51 -42.18 -11.41
CA SER C 1037 26.09 -42.21 -11.11
C SER C 1037 25.41 -43.32 -11.89
N LYS C 1038 24.72 -44.20 -11.17
CA LYS C 1038 23.93 -45.25 -11.81
C LYS C 1038 22.54 -44.77 -12.20
N ARG C 1039 22.21 -43.52 -11.92
CA ARG C 1039 20.89 -42.99 -12.25
C ARG C 1039 20.81 -42.71 -13.75
N VAL C 1040 19.86 -43.38 -14.41
CA VAL C 1040 19.70 -43.25 -15.85
C VAL C 1040 19.05 -41.91 -16.16
N ASP C 1041 19.63 -41.19 -17.14
CA ASP C 1041 19.14 -39.95 -17.75
C ASP C 1041 19.32 -38.74 -16.83
N PHE C 1042 19.71 -38.96 -15.56
CA PHE C 1042 19.94 -37.85 -14.64
C PHE C 1042 21.16 -37.05 -15.07
N CYS C 1043 22.26 -37.72 -15.40
CA CYS C 1043 23.52 -37.01 -15.58
C CYS C 1043 24.08 -37.38 -16.96
N GLY C 1044 23.24 -37.26 -17.98
CA GLY C 1044 23.64 -37.51 -19.35
C GLY C 1044 22.75 -38.50 -20.07
N LYS C 1045 22.52 -38.27 -21.37
CA LYS C 1045 21.68 -39.16 -22.16
C LYS C 1045 22.44 -40.43 -22.50
N GLY C 1046 22.31 -41.43 -21.66
CA GLY C 1046 23.01 -42.68 -21.80
C GLY C 1046 23.56 -43.11 -20.47
N TYR C 1047 24.61 -43.94 -20.51
CA TYR C 1047 25.28 -44.42 -19.30
C TYR C 1047 26.46 -43.51 -19.01
N HIS C 1048 26.39 -42.81 -17.89
CA HIS C 1048 27.38 -41.78 -17.57
C HIS C 1048 28.73 -42.39 -17.23
N LEU C 1049 29.79 -41.84 -17.83
CA LEU C 1049 31.15 -42.20 -17.46
C LEU C 1049 31.81 -41.16 -16.57
N MET C 1050 31.96 -39.93 -17.05
CA MET C 1050 32.62 -38.87 -16.29
C MET C 1050 31.88 -37.56 -16.56
N SER C 1051 32.32 -36.51 -15.90
CA SER C 1051 31.81 -35.17 -16.14
C SER C 1051 32.92 -34.19 -15.85
N PHE C 1052 33.15 -33.26 -16.78
CA PHE C 1052 34.22 -32.29 -16.65
C PHE C 1052 33.62 -30.93 -16.32
N PRO C 1053 33.82 -30.40 -15.12
CA PRO C 1053 33.22 -29.11 -14.76
C PRO C 1053 33.94 -27.98 -15.48
N GLN C 1054 33.16 -27.12 -16.15
CA GLN C 1054 33.69 -25.98 -16.87
C GLN C 1054 32.98 -24.73 -16.39
N SER C 1055 33.74 -23.69 -16.08
CA SER C 1055 33.17 -22.47 -15.55
C SER C 1055 32.40 -21.72 -16.62
N ALA C 1056 31.49 -20.85 -16.17
CA ALA C 1056 30.58 -20.14 -17.06
C ALA C 1056 30.12 -18.88 -16.34
N PRO C 1057 29.64 -17.86 -17.09
CA PRO C 1057 29.14 -16.65 -16.43
C PRO C 1057 27.86 -16.90 -15.67
N HIS C 1058 27.94 -16.90 -14.34
CA HIS C 1058 26.80 -17.13 -13.43
C HIS C 1058 26.10 -18.44 -13.76
N GLY C 1059 26.90 -19.49 -13.95
CA GLY C 1059 26.36 -20.79 -14.27
C GLY C 1059 27.47 -21.80 -14.41
N VAL C 1060 27.08 -23.04 -14.69
CA VAL C 1060 28.01 -24.13 -14.92
C VAL C 1060 27.56 -24.90 -16.15
N VAL C 1061 28.47 -25.13 -17.08
CA VAL C 1061 28.22 -25.97 -18.24
C VAL C 1061 29.03 -27.25 -18.07
N PHE C 1062 28.35 -28.39 -18.15
CA PHE C 1062 28.97 -29.69 -17.91
C PHE C 1062 29.40 -30.33 -19.22
N LEU C 1063 30.41 -31.19 -19.12
CA LEU C 1063 30.87 -32.01 -20.23
C LEU C 1063 30.50 -33.45 -19.87
N HIS C 1064 29.26 -33.84 -20.21
CA HIS C 1064 28.71 -35.12 -19.78
C HIS C 1064 29.01 -36.17 -20.84
N VAL C 1065 30.14 -36.86 -20.67
CA VAL C 1065 30.50 -37.96 -21.55
C VAL C 1065 29.67 -39.19 -21.15
N THR C 1066 29.11 -39.88 -22.14
CA THR C 1066 28.14 -40.94 -21.90
C THR C 1066 28.41 -42.14 -22.80
N TYR C 1067 27.98 -43.30 -22.32
CA TYR C 1067 27.97 -44.51 -23.14
C TYR C 1067 26.68 -44.60 -23.92
N VAL C 1068 26.79 -44.68 -25.26
CA VAL C 1068 25.61 -44.83 -26.10
C VAL C 1068 25.80 -46.04 -27.00
N PRO C 1069 25.05 -47.13 -26.80
CA PRO C 1069 25.19 -48.31 -27.65
C PRO C 1069 24.29 -48.23 -28.88
N ALA C 1070 24.62 -49.05 -29.87
CA ALA C 1070 23.86 -49.12 -31.12
C ALA C 1070 24.15 -50.48 -31.77
N GLN C 1071 23.63 -50.63 -32.99
CA GLN C 1071 23.89 -51.79 -33.87
C GLN C 1071 23.50 -53.11 -33.19
N GLU C 1072 22.22 -53.23 -32.87
CA GLU C 1072 21.75 -54.41 -32.13
C GLU C 1072 21.33 -55.51 -33.11
N LYS C 1073 21.47 -56.78 -32.74
CA LYS C 1073 21.02 -57.94 -33.50
C LYS C 1073 20.11 -58.80 -32.65
N ASN C 1074 19.18 -59.47 -33.33
CA ASN C 1074 18.27 -60.41 -32.68
C ASN C 1074 19.01 -61.67 -32.29
N PHE C 1075 18.68 -62.22 -31.12
CA PHE C 1075 19.24 -63.48 -30.67
C PHE C 1075 18.17 -64.26 -29.93
N THR C 1076 18.53 -65.48 -29.51
CA THR C 1076 17.60 -66.39 -28.84
C THR C 1076 18.11 -66.66 -27.42
N THR C 1077 17.21 -66.57 -26.46
CA THR C 1077 17.55 -66.62 -25.04
C THR C 1077 16.64 -67.58 -24.29
N ALA C 1078 17.04 -67.96 -23.09
CA ALA C 1078 16.22 -68.84 -22.25
C ALA C 1078 16.69 -68.62 -20.82
N PRO C 1079 15.81 -68.51 -19.82
CA PRO C 1079 16.20 -68.06 -18.50
C PRO C 1079 17.30 -68.88 -17.87
N ALA C 1080 17.36 -70.14 -18.20
CA ALA C 1080 18.37 -70.91 -17.49
C ALA C 1080 19.02 -71.90 -18.44
N ILE C 1081 19.74 -72.90 -17.96
CA ILE C 1081 20.27 -74.04 -18.68
C ILE C 1081 20.12 -75.27 -17.79
N CYS C 1082 19.75 -76.41 -18.38
CA CYS C 1082 19.58 -77.64 -17.63
C CYS C 1082 20.68 -78.61 -18.03
N HIS C 1083 21.40 -79.12 -17.03
CA HIS C 1083 22.39 -80.15 -17.26
C HIS C 1083 22.46 -81.05 -16.04
N ASP C 1084 22.47 -82.37 -16.30
CA ASP C 1084 22.50 -83.41 -15.27
C ASP C 1084 21.33 -83.28 -14.30
N GLY C 1085 20.17 -82.87 -14.81
CA GLY C 1085 19.00 -82.72 -13.99
C GLY C 1085 19.01 -81.53 -13.06
N LYS C 1086 19.89 -80.56 -13.30
CA LYS C 1086 20.01 -79.38 -12.44
C LYS C 1086 19.95 -78.12 -13.29
N ALA C 1087 19.20 -77.14 -12.81
CA ALA C 1087 19.13 -75.85 -13.50
C ALA C 1087 20.42 -75.07 -13.30
N HIS C 1088 20.84 -74.38 -14.36
CA HIS C 1088 22.05 -73.56 -14.33
C HIS C 1088 21.68 -72.13 -14.68
N PHE C 1089 21.99 -71.22 -13.78
CA PHE C 1089 21.64 -69.81 -13.86
C PHE C 1089 22.87 -69.00 -14.24
N PRO C 1090 22.69 -67.83 -14.87
CA PRO C 1090 23.85 -67.01 -15.23
C PRO C 1090 24.44 -66.34 -13.99
N ARG C 1091 25.72 -66.59 -13.75
CA ARG C 1091 26.43 -65.82 -12.72
C ARG C 1091 26.48 -64.34 -13.10
N GLU C 1092 26.72 -64.06 -14.38
CA GLU C 1092 26.63 -62.71 -14.92
C GLU C 1092 26.06 -62.79 -16.33
N GLY C 1093 25.41 -61.71 -16.75
CA GLY C 1093 24.95 -61.62 -18.12
C GLY C 1093 23.74 -62.48 -18.46
N VAL C 1094 23.56 -62.69 -19.77
CA VAL C 1094 22.39 -63.32 -20.33
C VAL C 1094 22.83 -64.58 -21.08
N PHE C 1095 22.07 -65.67 -20.93
CA PHE C 1095 22.28 -66.84 -21.77
C PHE C 1095 21.78 -66.55 -23.18
N VAL C 1096 22.69 -66.56 -24.15
CA VAL C 1096 22.42 -66.07 -25.50
C VAL C 1096 22.89 -67.11 -26.51
N SER C 1097 22.03 -67.42 -27.49
CA SER C 1097 22.39 -68.37 -28.54
C SER C 1097 22.16 -67.76 -29.91
N ASN C 1098 23.06 -68.11 -30.83
CA ASN C 1098 22.81 -67.94 -32.26
C ASN C 1098 23.05 -69.29 -32.93
N GLY C 1099 22.17 -69.65 -33.86
CA GLY C 1099 22.22 -70.97 -34.46
C GLY C 1099 21.94 -72.08 -33.47
N THR C 1100 22.97 -72.85 -33.13
CA THR C 1100 22.86 -73.94 -32.17
C THR C 1100 23.71 -73.75 -30.93
N HIS C 1101 24.84 -73.04 -31.04
CA HIS C 1101 25.73 -72.86 -29.90
C HIS C 1101 25.13 -71.91 -28.88
N TRP C 1102 25.21 -72.28 -27.60
CA TRP C 1102 24.70 -71.45 -26.52
C TRP C 1102 25.88 -70.77 -25.82
N PHE C 1103 25.73 -69.48 -25.54
CA PHE C 1103 26.80 -68.68 -24.95
C PHE C 1103 26.25 -67.82 -23.82
N VAL C 1104 27.13 -67.47 -22.90
CA VAL C 1104 26.82 -66.48 -21.87
C VAL C 1104 27.62 -65.22 -22.17
N THR C 1105 26.95 -64.07 -22.10
CA THR C 1105 27.57 -62.80 -22.42
C THR C 1105 26.90 -61.69 -21.63
N GLN C 1106 27.64 -60.60 -21.41
CA GLN C 1106 27.08 -59.46 -20.70
C GLN C 1106 26.05 -58.74 -21.57
N ARG C 1107 25.21 -57.95 -20.90
CA ARG C 1107 24.01 -57.43 -21.58
C ARG C 1107 24.36 -56.32 -22.57
N ASN C 1108 25.41 -55.53 -22.30
CA ASN C 1108 25.64 -54.31 -23.06
C ASN C 1108 26.78 -54.43 -24.07
N PHE C 1109 27.31 -55.64 -24.28
CA PHE C 1109 28.33 -55.84 -25.31
C PHE C 1109 28.29 -57.29 -25.75
N TYR C 1110 28.37 -57.51 -27.06
CA TYR C 1110 28.37 -58.87 -27.60
C TYR C 1110 29.78 -59.43 -27.50
N GLU C 1111 30.12 -59.95 -26.32
CA GLU C 1111 31.37 -60.66 -26.09
C GLU C 1111 31.01 -62.07 -25.63
N PRO C 1112 30.98 -63.06 -26.54
CA PRO C 1112 30.50 -64.39 -26.16
C PRO C 1112 31.58 -65.21 -25.46
N GLN C 1113 31.22 -65.83 -24.34
CA GLN C 1113 32.03 -66.84 -23.70
C GLN C 1113 31.34 -68.20 -23.83
N ILE C 1114 32.14 -69.26 -23.93
CA ILE C 1114 31.60 -70.61 -23.95
C ILE C 1114 31.05 -70.94 -22.57
N ILE C 1115 30.03 -71.79 -22.52
CA ILE C 1115 29.39 -72.15 -21.26
C ILE C 1115 30.34 -73.02 -20.46
N THR C 1116 30.71 -72.55 -19.27
CA THR C 1116 31.67 -73.23 -18.42
C THR C 1116 31.24 -73.02 -16.98
N THR C 1117 31.52 -73.99 -16.11
CA THR C 1117 31.03 -73.95 -14.74
C THR C 1117 31.61 -72.81 -13.90
N ASP C 1118 32.72 -72.20 -14.34
CA ASP C 1118 33.30 -71.10 -13.57
C ASP C 1118 32.43 -69.84 -13.62
N ASN C 1119 31.83 -69.55 -14.78
CA ASN C 1119 30.94 -68.42 -14.93
C ASN C 1119 29.47 -68.82 -14.94
N THR C 1120 29.16 -70.05 -14.54
CA THR C 1120 27.80 -70.55 -14.49
C THR C 1120 27.46 -70.95 -13.07
N PHE C 1121 26.28 -70.54 -12.61
CA PHE C 1121 25.81 -70.81 -11.26
C PHE C 1121 24.68 -71.82 -11.30
N VAL C 1122 24.74 -72.82 -10.41
CA VAL C 1122 23.79 -73.92 -10.39
C VAL C 1122 22.89 -73.80 -9.17
N SER C 1123 21.59 -74.03 -9.36
CA SER C 1123 20.62 -73.96 -8.27
C SER C 1123 19.37 -74.74 -8.68
N GLY C 1124 19.01 -75.73 -7.87
CA GLY C 1124 17.74 -76.42 -8.05
C GLY C 1124 17.76 -77.48 -9.14
N ASN C 1125 16.58 -78.05 -9.36
CA ASN C 1125 16.39 -79.10 -10.35
C ASN C 1125 15.88 -78.51 -11.65
N CYS C 1126 15.49 -79.38 -12.59
CA CYS C 1126 15.19 -78.98 -13.95
C CYS C 1126 13.73 -78.66 -14.22
N ASP C 1127 12.83 -78.97 -13.28
CA ASP C 1127 11.40 -78.94 -13.59
C ASP C 1127 10.64 -77.74 -13.01
N VAL C 1128 11.17 -77.09 -11.97
CA VAL C 1128 10.41 -76.04 -11.29
C VAL C 1128 10.31 -74.79 -12.16
N VAL C 1129 11.33 -74.51 -12.96
CA VAL C 1129 11.33 -73.31 -13.78
C VAL C 1129 10.71 -73.65 -15.14
N ILE C 1130 10.14 -72.65 -15.81
CA ILE C 1130 9.55 -72.83 -17.13
C ILE C 1130 10.50 -72.26 -18.19
N GLY C 1131 10.69 -73.00 -19.27
CA GLY C 1131 11.39 -72.52 -20.43
C GLY C 1131 12.89 -72.71 -20.46
N ILE C 1132 13.39 -73.92 -20.27
CA ILE C 1132 14.81 -74.17 -20.17
C ILE C 1132 15.26 -74.98 -21.38
N VAL C 1133 16.40 -74.61 -21.95
CA VAL C 1133 17.06 -75.41 -22.96
C VAL C 1133 18.19 -76.18 -22.28
N ASN C 1134 18.51 -77.35 -22.83
CA ASN C 1134 19.53 -78.23 -22.28
C ASN C 1134 20.65 -78.48 -23.29
N ASN C 1135 21.88 -78.44 -22.79
CA ASN C 1135 23.07 -78.59 -23.62
C ASN C 1135 24.24 -79.01 -22.73
N THR C 1136 25.44 -78.99 -23.32
CA THR C 1136 26.64 -79.42 -22.62
C THR C 1136 27.29 -78.24 -21.90
N VAL C 1137 27.33 -78.32 -20.58
CA VAL C 1137 28.06 -77.34 -19.76
C VAL C 1137 29.44 -77.90 -19.47
N TYR C 1138 30.46 -77.19 -19.92
CA TYR C 1138 31.83 -77.69 -19.87
C TYR C 1138 32.47 -77.41 -18.52
N ASP C 1139 33.44 -78.25 -18.16
CA ASP C 1139 34.25 -78.10 -16.95
C ASP C 1139 35.69 -77.77 -17.34
N PRO C 1140 36.36 -76.88 -16.61
CA PRO C 1140 37.79 -76.64 -16.88
C PRO C 1140 38.68 -77.76 -16.36
N LEU C 1141 38.15 -78.62 -15.48
CA LEU C 1141 38.99 -79.57 -14.76
C LEU C 1141 39.23 -80.85 -15.56
N GLN C 1142 38.19 -81.35 -16.25
CA GLN C 1142 38.26 -82.61 -16.97
C GLN C 1142 39.29 -82.60 -18.11
N PRO C 1143 39.40 -81.57 -18.97
CA PRO C 1143 40.54 -81.57 -19.91
C PRO C 1143 41.89 -81.46 -19.23
N GLU C 1144 41.98 -80.78 -18.08
CA GLU C 1144 43.26 -80.65 -17.40
C GLU C 1144 43.70 -81.97 -16.78
N LEU C 1145 42.77 -82.71 -16.22
CA LEU C 1145 43.09 -83.99 -15.58
C LEU C 1145 43.39 -85.06 -16.62
N GLN D 1 13.62 6.81 69.62
CA GLN D 1 13.11 8.09 69.10
C GLN D 1 14.07 9.22 69.43
N VAL D 2 13.94 10.33 68.71
CA VAL D 2 14.79 11.50 68.92
C VAL D 2 14.35 12.22 70.19
N GLN D 3 15.31 12.88 70.84
CA GLN D 3 15.06 13.64 72.06
C GLN D 3 15.66 15.02 71.91
N LEU D 4 14.84 16.05 72.15
CA LEU D 4 15.27 17.44 72.00
C LEU D 4 15.16 18.12 73.36
N VAL D 5 16.25 18.76 73.79
CA VAL D 5 16.34 19.41 75.10
C VAL D 5 16.62 20.89 74.88
N GLN D 6 15.81 21.74 75.51
CA GLN D 6 16.04 23.18 75.48
C GLN D 6 16.69 23.64 76.78
N SER D 7 16.99 24.93 76.85
CA SER D 7 17.62 25.50 78.03
C SER D 7 16.58 25.70 79.14
N GLY D 8 17.08 25.99 80.34
CA GLY D 8 16.22 26.20 81.48
C GLY D 8 15.56 27.57 81.48
N ALA D 9 14.67 27.76 82.45
CA ALA D 9 13.98 29.04 82.60
C ALA D 9 14.93 30.10 83.12
N GLU D 10 14.90 31.27 82.48
CA GLU D 10 15.77 32.39 82.84
C GLU D 10 14.92 33.64 83.06
N VAL D 11 15.27 34.40 84.10
CA VAL D 11 14.62 35.66 84.42
C VAL D 11 15.68 36.77 84.39
N LYS D 12 15.31 37.92 83.83
CA LYS D 12 16.25 39.03 83.67
C LYS D 12 15.46 40.32 83.52
N LYS D 13 16.17 41.42 83.67
CA LYS D 13 15.60 42.74 83.40
C LYS D 13 15.36 42.88 81.90
N PRO D 14 14.18 43.38 81.47
CA PRO D 14 13.88 43.48 80.03
C PRO D 14 14.56 44.67 79.36
N GLY D 15 15.88 44.69 79.40
CA GLY D 15 16.66 45.71 78.72
C GLY D 15 17.96 45.16 78.18
N ALA D 16 18.13 43.83 78.26
CA ALA D 16 19.35 43.16 77.85
C ALA D 16 19.01 41.94 77.01
N SER D 17 20.04 41.25 76.54
CA SER D 17 19.87 40.11 75.66
C SER D 17 19.51 38.86 76.47
N VAL D 18 19.05 37.84 75.74
CA VAL D 18 18.70 36.54 76.32
C VAL D 18 19.43 35.48 75.50
N LYS D 19 19.67 34.33 76.10
CA LYS D 19 20.39 33.23 75.45
C LYS D 19 19.55 31.97 75.56
N VAL D 20 18.99 31.51 74.43
CA VAL D 20 18.18 30.30 74.39
C VAL D 20 18.90 29.27 73.52
N SER D 21 19.00 28.04 74.01
CA SER D 21 19.72 26.98 73.31
C SER D 21 18.83 25.76 73.10
N CYS D 22 19.01 25.12 71.95
CA CYS D 22 18.31 23.88 71.63
C CYS D 22 19.32 22.83 71.20
N LYS D 23 18.99 21.59 71.44
CA LYS D 23 20.02 20.62 71.02
C LYS D 23 19.36 19.36 70.45
N ALA D 24 19.06 19.36 69.17
CA ALA D 24 18.32 18.23 68.62
C ALA D 24 19.14 17.00 68.78
N SER D 25 18.52 15.86 69.09
CA SER D 25 19.33 14.63 69.15
C SER D 25 18.70 13.57 68.27
N GLY D 26 19.53 12.72 67.67
CA GLY D 26 19.03 11.62 66.83
C GLY D 26 18.76 12.06 65.41
N TYR D 27 18.95 13.34 65.05
CA TYR D 27 18.80 13.72 63.60
C TYR D 27 19.95 14.59 63.10
N THR D 28 20.29 14.37 61.82
CA THR D 28 21.37 15.12 61.14
C THR D 28 21.14 16.60 61.39
N PHE D 29 22.11 17.23 62.02
CA PHE D 29 21.91 18.64 62.38
C PHE D 29 21.72 19.47 61.13
N THR D 30 22.48 19.22 60.07
CA THR D 30 22.46 20.11 58.89
C THR D 30 21.24 19.95 57.99
N SER D 31 20.62 18.77 57.91
CA SER D 31 19.53 18.63 56.91
C SER D 31 18.30 19.56 57.06
N TYR D 32 17.50 19.42 58.11
CA TYR D 32 16.18 20.09 58.15
C TYR D 32 16.36 21.50 58.65
N TYR D 33 15.45 22.37 58.32
CA TYR D 33 15.51 23.73 58.84
C TYR D 33 15.10 23.60 60.29
N MET D 34 15.49 24.58 61.12
CA MET D 34 15.16 24.54 62.57
C MET D 34 14.21 25.70 62.85
N HIS D 35 12.91 25.45 62.74
CA HIS D 35 11.94 26.53 62.90
C HIS D 35 11.85 26.95 64.36
N TRP D 36 11.41 28.18 64.59
CA TRP D 36 11.26 28.72 65.94
C TRP D 36 9.85 29.27 66.11
N VAL D 37 9.21 28.90 67.22
CA VAL D 37 7.83 29.27 67.51
C VAL D 37 7.78 29.92 68.90
N ARG D 38 7.12 31.08 68.99
CA ARG D 38 6.84 31.73 70.26
C ARG D 38 5.37 31.58 70.59
N GLN D 39 5.05 31.22 71.84
CA GLN D 39 3.66 31.11 72.27
C GLN D 39 3.48 31.95 73.52
N ALA D 40 2.60 32.95 73.44
CA ALA D 40 2.26 33.73 74.61
C ALA D 40 1.27 32.94 75.47
N PRO D 41 1.24 33.21 76.79
CA PRO D 41 0.23 32.56 77.64
C PRO D 41 -1.16 33.06 77.30
N GLY D 42 -2.06 32.12 77.04
CA GLY D 42 -3.41 32.46 76.64
C GLY D 42 -3.53 32.98 75.22
N GLN D 43 -2.56 32.66 74.36
CA GLN D 43 -2.57 33.10 72.97
C GLN D 43 -2.08 31.98 72.07
N GLY D 44 -2.33 32.14 70.77
CA GLY D 44 -1.93 31.13 69.81
C GLY D 44 -0.46 31.20 69.44
N LEU D 45 -0.07 30.25 68.59
CA LEU D 45 1.32 30.15 68.16
C LEU D 45 1.64 31.20 67.11
N GLU D 46 2.93 31.47 66.94
CA GLU D 46 3.40 32.36 65.86
C GLU D 46 4.80 31.92 65.45
N TRP D 47 5.12 32.16 64.18
CA TRP D 47 6.39 31.76 63.59
C TRP D 47 7.30 32.98 63.52
N MET D 48 8.52 32.85 64.06
CA MET D 48 9.42 33.98 64.16
C MET D 48 10.69 33.83 63.34
N GLY D 49 11.13 32.62 63.02
CA GLY D 49 12.36 32.46 62.28
C GLY D 49 12.60 31.03 61.87
N VAL D 50 13.47 30.88 60.86
CA VAL D 50 13.87 29.58 60.34
C VAL D 50 15.38 29.59 60.10
N ILE D 51 16.02 28.45 60.37
CA ILE D 51 17.46 28.28 60.37
C ILE D 51 17.81 27.19 59.36
N ASN D 52 18.62 27.56 58.38
CA ASN D 52 19.14 26.51 57.49
C ASN D 52 20.46 26.23 58.18
N PRO D 53 20.56 25.19 59.03
CA PRO D 53 21.74 25.01 59.85
C PRO D 53 23.03 24.85 59.02
N SER D 54 23.01 24.07 57.94
CA SER D 54 24.30 23.89 57.22
C SER D 54 24.77 25.24 56.68
N GLY D 55 23.88 25.98 56.05
CA GLY D 55 24.26 27.27 55.47
C GLY D 55 24.62 28.26 56.55
N GLY D 56 23.87 28.25 57.65
CA GLY D 56 24.04 29.29 58.67
C GLY D 56 23.16 30.45 58.26
N SER D 57 22.58 30.33 57.06
CA SER D 57 21.67 31.39 56.56
C SER D 57 20.39 31.28 57.37
N THR D 58 19.72 32.41 57.56
CA THR D 58 18.53 32.40 58.38
C THR D 58 17.50 33.37 57.80
N SER D 59 16.24 33.16 58.15
CA SER D 59 15.17 34.05 57.75
C SER D 59 14.28 34.37 58.94
N TYR D 60 14.11 35.66 59.20
CA TYR D 60 13.27 36.12 60.30
C TYR D 60 11.89 36.52 59.78
N ALA D 61 10.97 36.72 60.73
CA ALA D 61 9.68 37.30 60.39
C ALA D 61 9.85 38.79 60.10
N GLU D 62 8.91 39.34 59.33
CA GLU D 62 8.99 40.76 58.96
C GLU D 62 8.68 41.66 60.15
N LYS D 63 7.92 41.16 61.12
CA LYS D 63 7.64 41.94 62.33
C LYS D 63 8.87 42.03 63.24
N PHE D 64 9.60 40.93 63.36
CA PHE D 64 10.73 40.84 64.27
C PHE D 64 12.08 40.92 63.57
N ARG D 65 12.12 41.46 62.35
CA ARG D 65 13.38 41.54 61.61
C ARG D 65 14.28 42.65 62.17
N GLY D 66 15.55 42.33 62.33
CA GLY D 66 16.54 43.29 62.78
C GLY D 66 16.75 43.34 64.29
N ARG D 67 15.97 42.59 65.07
CA ARG D 67 16.09 42.61 66.51
C ARG D 67 16.46 41.26 67.11
N VAL D 68 16.51 40.20 66.31
CA VAL D 68 16.78 38.85 66.79
C VAL D 68 17.96 38.29 66.00
N THR D 69 18.90 37.65 66.70
CA THR D 69 20.04 36.99 66.09
C THR D 69 19.93 35.49 66.33
N MET D 70 19.90 34.74 65.25
CA MET D 70 19.62 33.31 65.29
C MET D 70 20.83 32.57 64.72
N THR D 71 21.63 31.97 65.60
CA THR D 71 22.93 31.43 65.22
C THR D 71 22.98 29.93 65.49
N ARG D 72 24.11 29.32 65.16
CA ARG D 72 24.32 27.89 65.23
C ARG D 72 25.65 27.62 65.90
N ASP D 73 25.81 26.40 66.41
CA ASP D 73 27.11 25.89 66.86
C ASP D 73 27.14 24.41 66.46
N THR D 74 27.69 24.13 65.28
CA THR D 74 27.74 22.75 64.79
C THR D 74 28.84 21.94 65.46
N SER D 75 29.82 22.60 66.09
CA SER D 75 30.85 21.88 66.84
C SER D 75 30.26 21.25 68.10
N THR D 76 29.44 22.00 68.83
CA THR D 76 28.74 21.48 70.00
C THR D 76 27.33 21.02 69.68
N SER D 77 26.90 21.14 68.42
CA SER D 77 25.63 20.63 67.90
C SER D 77 24.42 21.22 68.63
N THR D 78 24.27 22.55 68.49
CA THR D 78 23.16 23.25 69.13
C THR D 78 22.75 24.46 68.30
N VAL D 79 21.53 24.93 68.52
CA VAL D 79 20.97 26.09 67.86
C VAL D 79 20.75 27.17 68.92
N TYR D 80 21.30 28.36 68.68
CA TYR D 80 21.21 29.45 69.64
C TYR D 80 20.31 30.56 69.11
N MET D 81 19.58 31.17 70.02
CA MET D 81 18.70 32.30 69.72
C MET D 81 18.94 33.39 70.74
N GLU D 82 19.10 34.63 70.26
CA GLU D 82 19.30 35.79 71.11
C GLU D 82 18.33 36.89 70.69
N LEU D 83 17.66 37.50 71.65
CA LEU D 83 16.71 38.57 71.40
C LEU D 83 17.15 39.82 72.15
N SER D 84 17.18 40.95 71.46
CA SER D 84 17.52 42.23 72.07
C SER D 84 16.27 43.08 72.24
N SER D 85 16.33 43.99 73.22
CA SER D 85 15.26 44.95 73.55
C SER D 85 13.95 44.22 73.90
N LEU D 86 14.02 43.50 75.02
CA LEU D 86 12.87 42.75 75.52
C LEU D 86 11.77 43.70 75.98
N ARG D 87 10.53 43.30 75.76
CA ARG D 87 9.39 44.12 76.22
C ARG D 87 8.51 43.24 77.09
N SER D 88 7.47 43.82 77.65
CA SER D 88 6.59 43.09 78.57
C SER D 88 5.79 42.04 77.84
N GLU D 89 5.49 42.26 76.55
CA GLU D 89 4.71 41.30 75.77
C GLU D 89 5.54 40.11 75.30
N ASP D 90 6.86 40.15 75.47
CA ASP D 90 7.72 39.05 75.09
C ASP D 90 7.84 37.97 76.16
N THR D 91 7.18 38.15 77.31
CA THR D 91 7.07 37.11 78.32
C THR D 91 6.22 35.98 77.76
N ALA D 92 6.85 34.83 77.49
CA ALA D 92 6.22 33.80 76.69
C ALA D 92 6.94 32.47 76.92
N VAL D 93 6.59 31.48 76.10
CA VAL D 93 7.33 30.23 76.03
C VAL D 93 7.82 30.06 74.59
N TYR D 94 8.92 29.32 74.45
CA TYR D 94 9.63 29.18 73.18
C TYR D 94 9.77 27.70 72.86
N TYR D 95 9.47 27.37 71.60
CA TYR D 95 9.64 26.02 71.06
C TYR D 95 10.55 26.12 69.85
N CYS D 96 11.41 25.13 69.65
CA CYS D 96 12.24 25.11 68.42
C CYS D 96 11.91 23.81 67.68
N ALA D 97 11.26 23.89 66.52
CA ALA D 97 10.80 22.65 65.86
C ALA D 97 11.43 22.42 64.49
N ARG D 98 11.94 21.21 64.22
CA ARG D 98 12.53 20.89 62.90
C ARG D 98 11.42 20.93 61.85
N ASP D 99 11.76 21.18 60.59
CA ASP D 99 10.69 21.13 59.55
C ASP D 99 10.74 19.81 58.78
N ARG D 100 9.62 19.40 58.22
CA ARG D 100 9.54 18.06 57.64
C ARG D 100 10.44 17.93 56.43
N GLU D 101 10.46 18.95 55.58
CA GLU D 101 11.20 18.81 54.31
C GLU D 101 12.66 18.58 54.61
N PRO D 102 13.31 17.57 54.01
CA PRO D 102 14.75 17.36 54.15
C PRO D 102 15.53 17.90 52.94
N HIS D 103 16.82 18.19 53.14
CA HIS D 103 17.65 18.73 52.03
C HIS D 103 19.02 18.05 52.02
N SER D 104 19.83 18.35 51.00
CA SER D 104 21.22 17.80 50.93
C SER D 104 22.25 18.93 50.90
N ASP D 105 23.54 18.62 50.89
CA ASP D 105 24.52 19.73 50.93
C ASP D 105 24.65 20.31 49.52
N SER D 106 23.54 20.74 48.91
CA SER D 106 23.59 21.24 47.51
C SER D 106 22.44 22.20 47.18
N SER D 107 22.61 23.08 46.20
CA SER D 107 21.49 23.94 45.74
C SER D 107 20.68 23.20 44.72
N GLY D 108 19.87 22.25 45.19
CA GLY D 108 18.93 21.60 44.27
C GLY D 108 17.76 22.53 44.32
N TYR D 109 17.99 23.73 44.87
CA TYR D 109 16.91 24.73 44.95
C TYR D 109 16.56 25.06 43.50
N TRP D 110 17.40 24.57 42.59
CA TRP D 110 17.08 24.69 41.14
C TRP D 110 15.86 23.83 40.89
N ASP D 111 15.68 22.77 41.69
CA ASP D 111 14.58 21.82 41.47
C ASP D 111 13.33 22.33 42.19
N SER D 112 13.36 23.56 42.65
CA SER D 112 12.14 24.15 43.27
C SER D 112 11.03 24.14 42.22
N LEU D 113 11.40 24.18 40.93
CA LEU D 113 10.38 24.25 39.85
C LEU D 113 9.87 22.84 39.48
N LYS D 114 10.59 21.78 39.86
CA LYS D 114 10.13 20.38 39.60
C LYS D 114 9.22 19.93 40.74
N TYR D 115 9.74 19.83 41.97
CA TYR D 115 8.95 19.32 43.11
C TYR D 115 8.52 20.49 43.98
N TYR D 116 7.24 20.58 44.30
CA TYR D 116 6.75 21.65 45.21
C TYR D 116 7.26 21.40 46.63
N TYR D 117 7.51 22.47 47.38
CA TYR D 117 8.07 22.30 48.74
C TYR D 117 6.95 22.43 49.76
N TYR D 118 6.71 21.40 50.59
CA TYR D 118 5.70 21.47 51.69
C TYR D 118 6.44 21.32 53.03
N TYR D 119 6.47 22.37 53.85
CA TYR D 119 7.23 22.34 55.13
C TYR D 119 6.28 21.91 56.26
N ALA D 120 6.70 21.00 57.16
CA ALA D 120 5.83 20.58 58.29
C ALA D 120 6.62 20.43 59.59
N LEU D 121 6.18 21.07 60.68
CA LEU D 121 6.87 21.08 61.97
C LEU D 121 6.45 19.82 62.73
N ASP D 122 7.13 18.71 62.42
CA ASP D 122 6.70 17.41 62.92
C ASP D 122 7.18 17.16 64.35
N VAL D 123 8.43 17.49 64.66
CA VAL D 123 9.02 17.18 65.95
C VAL D 123 9.23 18.49 66.71
N TRP D 124 8.65 18.56 67.91
CA TRP D 124 8.73 19.75 68.76
C TRP D 124 9.44 19.40 70.05
N GLY D 125 10.13 20.40 70.61
CA GLY D 125 10.76 20.25 71.90
C GLY D 125 9.79 20.48 73.04
N GLN D 126 10.31 20.33 74.27
CA GLN D 126 9.46 20.54 75.44
C GLN D 126 9.24 22.02 75.72
N GLY D 127 10.03 22.89 75.12
CA GLY D 127 9.83 24.32 75.30
C GLY D 127 10.52 24.87 76.53
N THR D 128 10.79 26.16 76.50
CA THR D 128 11.33 26.87 77.65
C THR D 128 10.47 28.09 77.94
N THR D 129 10.52 28.55 79.19
CA THR D 129 9.71 29.68 79.62
C THR D 129 10.62 30.88 79.86
N VAL D 130 10.35 31.99 79.17
CA VAL D 130 11.12 33.21 79.33
C VAL D 130 10.16 34.27 79.88
N THR D 131 10.39 34.68 81.12
CA THR D 131 9.57 35.69 81.78
C THR D 131 10.45 36.85 82.21
N VAL D 132 10.10 38.05 81.78
CA VAL D 132 10.81 39.27 82.16
C VAL D 132 9.81 40.24 82.78
N SER D 133 10.29 41.03 83.73
CA SER D 133 9.45 42.00 84.42
C SER D 133 10.34 43.11 84.97
N SER D 134 9.71 44.26 85.23
CA SER D 134 10.42 45.41 85.78
C SER D 134 10.55 45.30 87.30
N ALA E 1 0.02 40.82 54.49
CA ALA E 1 0.18 39.46 55.03
C ALA E 1 -1.06 38.63 54.77
N ILE E 2 -1.01 37.36 55.17
CA ILE E 2 -2.11 36.41 54.99
C ILE E 2 -2.60 35.98 56.36
N GLN E 3 -3.90 36.11 56.59
CA GLN E 3 -4.52 35.76 57.85
C GLN E 3 -5.55 34.67 57.64
N LEU E 4 -5.64 33.74 58.60
CA LEU E 4 -6.56 32.63 58.56
C LEU E 4 -7.52 32.73 59.74
N THR E 5 -8.81 32.51 59.49
CA THR E 5 -9.82 32.62 60.53
C THR E 5 -10.57 31.30 60.68
N GLN E 6 -10.50 30.72 61.88
CA GLN E 6 -11.17 29.46 62.17
C GLN E 6 -12.55 29.74 62.76
N SER E 7 -13.56 29.01 62.29
CA SER E 7 -14.92 29.19 62.76
C SER E 7 -15.55 27.85 63.09
N PRO E 8 -16.31 27.75 64.20
CA PRO E 8 -16.52 28.78 65.22
C PRO E 8 -15.40 28.84 66.25
N SER E 9 -15.35 29.93 67.02
CA SER E 9 -14.32 30.07 68.05
C SER E 9 -14.57 29.11 69.21
N SER E 10 -15.83 28.95 69.62
CA SER E 10 -16.20 28.06 70.71
C SER E 10 -16.90 26.83 70.16
N LEU E 11 -16.47 25.66 70.59
CA LEU E 11 -17.02 24.39 70.11
C LEU E 11 -17.36 23.51 71.30
N SER E 12 -18.53 22.87 71.24
CA SER E 12 -18.96 21.91 72.24
C SER E 12 -19.36 20.63 71.54
N ALA E 13 -18.95 19.50 72.11
CA ALA E 13 -19.22 18.20 71.50
C ALA E 13 -19.29 17.14 72.59
N SER E 14 -19.45 15.89 72.16
CA SER E 14 -19.54 14.74 73.03
C SER E 14 -18.45 13.74 72.65
N VAL E 15 -18.53 12.54 73.24
CA VAL E 15 -17.57 11.47 72.96
C VAL E 15 -18.24 10.45 72.06
N GLY E 16 -17.61 10.17 70.91
CA GLY E 16 -18.09 9.17 69.99
C GLY E 16 -18.87 9.69 68.80
N ASP E 17 -18.91 11.00 68.58
CA ASP E 17 -19.64 11.58 67.46
C ASP E 17 -18.68 12.17 66.43
N ARG E 18 -19.24 12.54 65.29
CA ARG E 18 -18.48 13.12 64.18
C ARG E 18 -18.68 14.63 64.19
N VAL E 19 -17.57 15.37 64.18
CA VAL E 19 -17.63 16.83 64.24
C VAL E 19 -16.80 17.39 63.09
N THR E 20 -17.13 18.62 62.68
CA THR E 20 -16.49 19.27 61.54
C THR E 20 -16.09 20.68 61.94
N ILE E 21 -14.84 21.04 61.70
CA ILE E 21 -14.31 22.37 61.98
C ILE E 21 -13.74 22.91 60.67
N THR E 22 -13.73 24.24 60.52
CA THR E 22 -13.28 24.85 59.27
C THR E 22 -12.53 26.14 59.54
N CYS E 23 -11.66 26.51 58.60
CA CYS E 23 -11.00 27.80 58.62
C CYS E 23 -10.91 28.37 57.21
N ARG E 24 -11.08 29.69 57.12
CA ARG E 24 -11.13 30.42 55.88
C ARG E 24 -9.85 31.24 55.70
N ALA E 25 -9.31 31.21 54.49
CA ALA E 25 -8.11 31.94 54.12
C ALA E 25 -8.48 33.21 53.37
N SER E 26 -7.53 34.15 53.32
CA SER E 26 -7.76 35.42 52.63
C SER E 26 -7.51 35.28 51.13
N GLN E 27 -6.28 34.92 50.75
CA GLN E 27 -5.87 34.82 49.36
C GLN E 27 -5.68 33.36 48.97
N GLY E 28 -5.18 33.13 47.76
CA GLY E 28 -4.95 31.80 47.25
C GLY E 28 -3.78 31.10 47.91
N ILE E 29 -4.05 29.96 48.55
CA ILE E 29 -3.01 29.20 49.26
C ILE E 29 -2.71 27.87 48.56
N SER E 30 -3.65 27.36 47.75
CA SER E 30 -3.59 26.05 47.06
C SER E 30 -3.49 24.97 48.12
N SER E 31 -2.50 24.08 48.08
CA SER E 31 -2.46 22.91 48.94
C SER E 31 -1.44 23.05 50.08
N TYR E 32 -1.09 24.30 50.39
CA TYR E 32 -0.12 24.54 51.49
C TYR E 32 -0.88 24.73 52.80
N LEU E 33 -1.08 23.65 53.54
CA LEU E 33 -1.81 23.73 54.80
C LEU E 33 -1.23 22.74 55.80
N ALA E 34 -1.12 23.17 57.05
CA ALA E 34 -0.75 22.29 58.15
C ALA E 34 -1.80 22.40 59.25
N TRP E 35 -2.43 21.27 59.57
CA TRP E 35 -3.34 21.16 60.70
C TRP E 35 -2.56 20.62 61.90
N TYR E 36 -2.53 21.42 62.97
CA TYR E 36 -1.73 21.16 64.16
C TYR E 36 -2.67 20.94 65.34
N GLN E 37 -2.37 19.93 66.15
CA GLN E 37 -3.12 19.63 67.37
C GLN E 37 -2.22 19.83 68.58
N GLN E 38 -2.71 20.62 69.55
CA GLN E 38 -1.96 20.91 70.77
C GLN E 38 -2.82 20.58 71.98
N LYS E 39 -2.37 19.59 72.75
CA LYS E 39 -2.98 19.32 74.05
C LYS E 39 -2.61 20.43 75.03
N PRO E 40 -3.47 20.73 76.00
CA PRO E 40 -3.11 21.74 77.00
C PRO E 40 -2.04 21.22 77.95
N GLY E 41 -1.02 22.05 78.18
CA GLY E 41 0.12 21.63 78.98
C GLY E 41 1.11 20.76 78.24
N LYS E 42 0.99 20.67 76.92
CA LYS E 42 1.88 19.83 76.11
C LYS E 42 2.29 20.60 74.86
N ALA E 43 3.39 20.15 74.26
CA ALA E 43 3.86 20.73 73.02
C ALA E 43 2.91 20.38 71.87
N PRO E 44 2.77 21.27 70.89
CA PRO E 44 1.93 20.95 69.72
C PRO E 44 2.55 19.85 68.87
N GLU E 45 1.68 19.08 68.22
CA GLU E 45 2.09 17.97 67.37
C GLU E 45 1.48 18.13 65.99
N LEU E 46 2.25 17.74 64.97
CA LEU E 46 1.77 17.79 63.60
C LEU E 46 0.72 16.69 63.37
N LEU E 47 -0.43 17.08 62.83
CA LEU E 47 -1.50 16.13 62.57
C LEU E 47 -1.71 15.91 61.07
N ILE E 48 -2.00 16.95 60.31
CA ILE E 48 -2.27 16.84 58.87
C ILE E 48 -1.32 17.75 58.12
N TYR E 49 -0.66 17.21 57.10
CA TYR E 49 0.15 18.01 56.19
C TYR E 49 -0.43 17.92 54.78
N ALA E 50 -0.29 19.02 54.04
CA ALA E 50 -0.75 19.20 52.65
C ALA E 50 -2.27 19.04 52.48
N ALA E 51 -3.03 19.21 53.57
CA ALA E 51 -4.48 19.37 53.61
C ALA E 51 -5.29 18.15 53.19
N SER E 52 -4.64 17.08 52.73
CA SER E 52 -5.36 15.87 52.35
C SER E 52 -4.59 14.59 52.67
N THR E 53 -3.43 14.67 53.29
CA THR E 53 -2.57 13.51 53.51
C THR E 53 -2.37 13.30 55.01
N LEU E 54 -2.59 12.06 55.46
CA LEU E 54 -2.39 11.73 56.86
C LEU E 54 -0.91 11.62 57.17
N GLN E 55 -0.52 12.13 58.33
CA GLN E 55 0.86 12.01 58.79
C GLN E 55 1.09 10.65 59.43
N SER E 56 2.32 10.15 59.32
CA SER E 56 2.66 8.82 59.81
C SER E 56 2.65 8.78 61.33
N GLY E 57 2.20 7.65 61.87
CA GLY E 57 2.05 7.51 63.31
C GLY E 57 0.77 8.08 63.86
N VAL E 58 -0.18 8.44 63.00
CA VAL E 58 -1.44 9.05 63.41
C VAL E 58 -2.57 8.14 62.93
N PRO E 59 -3.58 7.87 63.77
CA PRO E 59 -4.71 7.04 63.32
C PRO E 59 -5.53 7.73 62.23
N SER E 60 -6.18 6.91 61.41
CA SER E 60 -6.88 7.40 60.22
C SER E 60 -8.29 7.90 60.51
N ARG E 61 -8.67 8.07 61.76
CA ARG E 61 -9.99 8.64 62.07
C ARG E 61 -10.03 10.13 61.75
N PHE E 62 -8.90 10.83 61.88
CA PHE E 62 -8.81 12.24 61.52
C PHE E 62 -8.83 12.36 60.00
N SER E 63 -9.49 13.39 59.47
CA SER E 63 -9.43 13.62 58.04
C SER E 63 -9.47 15.12 57.76
N GLY E 64 -8.90 15.51 56.62
CA GLY E 64 -8.88 16.90 56.23
C GLY E 64 -9.19 17.06 54.76
N SER E 65 -9.75 18.21 54.43
CA SER E 65 -10.17 18.49 53.05
C SER E 65 -10.21 20.01 52.86
N GLY E 66 -10.53 20.41 51.63
CA GLY E 66 -10.66 21.82 51.32
C GLY E 66 -9.78 22.28 50.18
N SER E 67 -10.07 23.47 49.65
CA SER E 67 -9.31 24.02 48.53
C SER E 67 -9.46 25.53 48.52
N GLY E 68 -8.55 26.18 47.80
CA GLY E 68 -8.59 27.62 47.59
C GLY E 68 -8.43 28.42 48.86
N THR E 69 -9.52 29.04 49.29
CA THR E 69 -9.54 29.81 50.53
C THR E 69 -10.26 29.10 51.67
N ASP E 70 -10.86 27.94 51.41
CA ASP E 70 -11.63 27.23 52.43
C ASP E 70 -10.94 25.93 52.79
N PHE E 71 -10.90 25.61 54.09
CA PHE E 71 -10.28 24.37 54.55
C PHE E 71 -11.08 23.82 55.70
N THR E 72 -11.08 22.49 55.84
CA THR E 72 -11.91 21.85 56.86
C THR E 72 -11.24 20.58 57.36
N LEU E 73 -11.62 20.22 58.59
CA LEU E 73 -11.12 19.04 59.28
C LEU E 73 -12.32 18.30 59.88
N THR E 74 -12.39 17.01 59.61
CA THR E 74 -13.48 16.15 60.07
C THR E 74 -12.94 15.13 61.06
N ILE E 75 -13.64 14.99 62.18
CA ILE E 75 -13.25 14.08 63.25
C ILE E 75 -14.34 13.03 63.40
N SER E 76 -13.98 11.76 63.20
CA SER E 76 -14.92 10.65 63.33
C SER E 76 -14.47 9.75 64.45
N SER E 77 -15.45 9.24 65.22
CA SER E 77 -15.24 8.40 66.41
C SER E 77 -14.32 9.11 67.42
N LEU E 78 -14.82 10.23 67.94
CA LEU E 78 -14.02 11.16 68.73
C LEU E 78 -13.67 10.54 70.07
N GLN E 79 -12.39 10.22 70.25
CA GLN E 79 -11.87 9.68 71.49
C GLN E 79 -11.83 10.75 72.58
N PRO E 80 -11.84 10.35 73.86
CA PRO E 80 -11.71 11.34 74.94
C PRO E 80 -10.36 12.06 74.97
N GLU E 81 -9.33 11.53 74.32
CA GLU E 81 -8.03 12.19 74.27
C GLU E 81 -7.91 13.19 73.13
N ASP E 82 -8.97 13.39 72.35
CA ASP E 82 -8.95 14.31 71.22
C ASP E 82 -9.38 15.73 71.59
N PHE E 83 -9.69 15.98 72.85
CA PHE E 83 -10.11 17.32 73.28
C PHE E 83 -8.88 18.19 73.41
N ALA E 84 -8.52 18.85 72.31
CA ALA E 84 -7.30 19.64 72.25
C ALA E 84 -7.50 20.79 71.26
N THR E 85 -6.59 21.76 71.33
CA THR E 85 -6.70 22.95 70.49
C THR E 85 -6.19 22.63 69.08
N TYR E 86 -6.90 23.14 68.08
CA TYR E 86 -6.56 22.89 66.68
C TYR E 86 -6.22 24.20 65.98
N TYR E 87 -5.16 24.16 65.17
CA TYR E 87 -4.69 25.32 64.41
C TYR E 87 -4.50 24.93 62.95
N CYS E 88 -4.82 25.84 62.04
CA CYS E 88 -4.48 25.66 60.64
C CYS E 88 -3.48 26.73 60.22
N GLN E 89 -2.44 26.30 59.51
CA GLN E 89 -1.32 27.15 59.14
C GLN E 89 -1.14 27.15 57.62
N GLN E 90 -0.94 28.34 57.06
CA GLN E 90 -0.71 28.52 55.64
C GLN E 90 0.78 28.68 55.37
N LEU E 91 1.24 28.16 54.24
CA LEU E 91 2.65 28.22 53.86
C LEU E 91 2.80 28.71 52.43
N ASN E 92 2.07 29.77 52.07
CA ASN E 92 2.17 30.31 50.72
C ASN E 92 3.43 31.16 50.57
N THR E 93 3.53 32.24 51.35
CA THR E 93 4.67 33.12 51.32
C THR E 93 5.05 33.51 52.75
N TYR E 94 6.24 34.07 52.90
CA TYR E 94 6.68 34.58 54.19
C TYR E 94 5.86 35.82 54.57
N PRO E 95 5.51 35.98 55.86
CA PRO E 95 5.76 35.07 56.98
C PRO E 95 4.70 33.98 57.11
N PHE E 96 5.03 32.91 57.81
CA PHE E 96 4.06 31.85 58.07
C PHE E 96 3.20 32.23 59.27
N THR E 97 1.88 32.20 59.08
CA THR E 97 0.93 32.63 60.09
C THR E 97 0.06 31.46 60.54
N PHE E 98 -0.21 31.41 61.84
CA PHE E 98 -1.02 30.37 62.43
C PHE E 98 -2.46 30.86 62.62
N GLY E 99 -3.34 29.92 62.90
CA GLY E 99 -4.73 30.23 63.19
C GLY E 99 -4.92 30.69 64.62
N PRO E 100 -6.12 31.21 64.90
CA PRO E 100 -6.45 31.61 66.28
C PRO E 100 -6.55 30.44 67.25
N GLY E 101 -7.32 29.42 66.88
CA GLY E 101 -7.48 28.26 67.73
C GLY E 101 -8.91 27.96 68.12
N THR E 102 -9.28 26.69 68.11
CA THR E 102 -10.62 26.25 68.48
C THR E 102 -10.53 25.33 69.70
N LYS E 103 -11.38 25.59 70.68
CA LYS E 103 -11.41 24.82 71.93
C LYS E 103 -12.68 23.99 71.97
N VAL E 104 -12.53 22.70 72.28
CA VAL E 104 -13.64 21.77 72.40
C VAL E 104 -13.67 21.22 73.82
N ASP E 105 -14.89 21.09 74.37
CA ASP E 105 -15.09 20.64 75.73
C ASP E 105 -16.04 19.44 75.74
N ILE E 106 -15.95 18.64 76.79
CA ILE E 106 -16.78 17.45 76.93
C ILE E 106 -18.24 17.83 77.21
N GLN F 1 -64.67 -21.88 -20.44
CA GLN F 1 -64.79 -20.54 -19.85
C GLN F 1 -65.81 -20.53 -18.72
N VAL F 2 -65.73 -19.52 -17.87
CA VAL F 2 -66.67 -19.38 -16.76
C VAL F 2 -68.02 -18.90 -17.27
N GLN F 3 -69.09 -19.29 -16.57
CA GLN F 3 -70.44 -18.89 -16.92
C GLN F 3 -71.13 -18.35 -15.68
N LEU F 4 -71.69 -17.15 -15.80
CA LEU F 4 -72.36 -16.48 -14.69
C LEU F 4 -73.82 -16.27 -15.04
N VAL F 5 -74.71 -16.71 -14.16
CA VAL F 5 -76.15 -16.66 -14.37
C VAL F 5 -76.77 -15.80 -13.27
N GLN F 6 -77.58 -14.82 -13.65
CA GLN F 6 -78.33 -14.00 -12.72
C GLN F 6 -79.77 -14.47 -12.65
N SER F 7 -80.54 -13.84 -11.77
CA SER F 7 -81.94 -14.17 -11.60
C SER F 7 -82.78 -13.57 -12.73
N GLY F 8 -84.03 -14.02 -12.81
CA GLY F 8 -84.93 -13.55 -13.84
C GLY F 8 -85.49 -12.18 -13.55
N ALA F 9 -86.24 -11.66 -14.52
CA ALA F 9 -86.87 -10.36 -14.38
C ALA F 9 -88.03 -10.43 -13.40
N GLU F 10 -88.08 -9.47 -12.48
CA GLU F 10 -89.11 -9.42 -11.45
C GLU F 10 -89.77 -8.04 -11.46
N VAL F 11 -91.08 -8.03 -11.31
CA VAL F 11 -91.86 -6.80 -11.22
C VAL F 11 -92.59 -6.79 -9.88
N LYS F 12 -92.64 -5.62 -9.24
CA LYS F 12 -93.25 -5.50 -7.93
C LYS F 12 -93.62 -4.05 -7.68
N LYS F 13 -94.44 -3.83 -6.66
CA LYS F 13 -94.77 -2.48 -6.21
C LYS F 13 -93.53 -1.85 -5.58
N PRO F 14 -93.20 -0.60 -5.91
CA PRO F 14 -91.98 0.03 -5.38
C PRO F 14 -92.14 0.53 -3.93
N GLY F 15 -92.44 -0.39 -3.03
CA GLY F 15 -92.52 -0.09 -1.62
C GLY F 15 -92.05 -1.25 -0.76
N ALA F 16 -91.48 -2.26 -1.41
CA ALA F 16 -91.03 -3.48 -0.74
C ALA F 16 -89.63 -3.85 -1.23
N SER F 17 -89.10 -4.92 -0.66
CA SER F 17 -87.75 -5.36 -0.98
C SER F 17 -87.73 -6.14 -2.29
N VAL F 18 -86.52 -6.32 -2.82
CA VAL F 18 -86.28 -7.09 -4.03
C VAL F 18 -85.19 -8.11 -3.71
N LYS F 19 -85.16 -9.21 -4.47
CA LYS F 19 -84.19 -10.29 -4.25
C LYS F 19 -83.49 -10.57 -5.57
N VAL F 20 -82.20 -10.22 -5.65
CA VAL F 20 -81.41 -10.46 -6.85
C VAL F 20 -80.29 -11.43 -6.49
N SER F 21 -80.09 -12.45 -7.33
CA SER F 21 -79.11 -13.50 -7.06
C SER F 21 -78.15 -13.65 -8.24
N CYS F 22 -76.89 -13.92 -7.93
CA CYS F 22 -75.86 -14.18 -8.91
C CYS F 22 -75.17 -15.50 -8.58
N LYS F 23 -74.69 -16.15 -9.61
CA LYS F 23 -74.02 -17.42 -9.21
C LYS F 23 -72.79 -17.67 -10.08
N ALA F 24 -71.65 -17.15 -9.67
CA ALA F 24 -70.48 -17.26 -10.52
C ALA F 24 -70.15 -18.69 -10.71
N SER F 25 -69.73 -19.11 -11.90
CA SER F 25 -69.31 -20.51 -12.04
C SER F 25 -67.91 -20.57 -12.61
N GLY F 26 -67.14 -21.58 -12.22
CA GLY F 26 -65.78 -21.75 -12.76
C GLY F 26 -64.75 -20.92 -12.03
N TYR F 27 -65.13 -20.12 -11.01
CA TYR F 27 -64.07 -19.40 -10.23
C TYR F 27 -64.31 -19.51 -8.72
N THR F 28 -63.18 -19.58 -7.98
CA THR F 28 -63.21 -19.67 -6.51
C THR F 28 -64.11 -18.58 -5.99
N PHE F 29 -65.15 -18.99 -5.28
CA PHE F 29 -66.13 -17.99 -4.83
C PHE F 29 -65.45 -16.98 -3.91
N THR F 30 -64.59 -17.43 -3.01
CA THR F 30 -64.04 -16.53 -1.97
C THR F 30 -62.96 -15.55 -2.46
N SER F 31 -62.18 -15.89 -3.49
CA SER F 31 -61.06 -14.98 -3.83
C SER F 31 -61.41 -13.55 -4.25
N TYR F 32 -62.08 -13.33 -5.38
CA TYR F 32 -62.19 -11.97 -5.95
C TYR F 32 -63.37 -11.27 -5.30
N TYR F 33 -63.34 -9.97 -5.30
CA TYR F 33 -64.48 -9.22 -4.77
C TYR F 33 -65.56 -9.37 -5.81
N MET F 34 -66.83 -9.19 -5.42
CA MET F 34 -67.97 -9.34 -6.36
C MET F 34 -68.61 -7.96 -6.51
N HIS F 35 -68.13 -7.19 -7.50
CA HIS F 35 -68.63 -5.83 -7.66
C HIS F 35 -70.06 -5.84 -8.19
N TRP F 36 -70.78 -4.75 -7.94
CA TRP F 36 -72.16 -4.62 -8.40
C TRP F 36 -72.32 -3.32 -9.16
N VAL F 37 -72.94 -3.37 -10.34
CA VAL F 37 -73.12 -2.23 -11.22
C VAL F 37 -74.59 -2.10 -11.57
N ARG F 38 -75.13 -0.88 -11.43
CA ARG F 38 -76.47 -0.55 -11.89
C ARG F 38 -76.39 0.30 -13.15
N GLN F 39 -77.20 -0.02 -14.15
CA GLN F 39 -77.24 0.76 -15.38
C GLN F 39 -78.69 1.15 -15.65
N ALA F 40 -78.95 2.46 -15.68
CA ALA F 40 -80.26 2.94 -16.06
C ALA F 40 -80.41 2.89 -17.58
N PRO F 41 -81.64 2.76 -18.08
CA PRO F 41 -81.85 2.83 -19.54
C PRO F 41 -81.55 4.22 -20.07
N GLY F 42 -80.67 4.29 -21.07
CA GLY F 42 -80.25 5.56 -21.62
C GLY F 42 -79.30 6.33 -20.74
N GLN F 43 -78.59 5.65 -19.84
CA GLN F 43 -77.65 6.30 -18.94
C GLN F 43 -76.41 5.41 -18.77
N GLY F 44 -75.35 6.00 -18.23
CA GLY F 44 -74.11 5.29 -18.03
C GLY F 44 -74.11 4.40 -16.81
N LEU F 45 -73.00 3.69 -16.64
CA LEU F 45 -72.85 2.76 -15.53
C LEU F 45 -72.55 3.50 -14.23
N GLU F 46 -72.79 2.82 -13.12
CA GLU F 46 -72.42 3.34 -11.80
C GLU F 46 -72.12 2.18 -10.88
N TRP F 47 -71.25 2.42 -9.91
CA TRP F 47 -70.79 1.40 -8.98
C TRP F 47 -71.51 1.59 -7.64
N MET F 48 -72.14 0.54 -7.15
CA MET F 48 -72.97 0.64 -5.95
C MET F 48 -72.44 -0.15 -4.77
N GLY F 49 -71.64 -1.19 -4.98
CA GLY F 49 -71.18 -1.98 -3.84
C GLY F 49 -70.16 -3.02 -4.26
N VAL F 50 -69.41 -3.48 -3.26
CA VAL F 50 -68.39 -4.50 -3.44
C VAL F 50 -68.47 -5.50 -2.29
N ILE F 51 -68.25 -6.77 -2.60
CA ILE F 51 -68.44 -7.90 -1.69
C ILE F 51 -67.11 -8.64 -1.55
N ASN F 52 -66.63 -8.70 -0.33
CA ASN F 52 -65.45 -9.57 -0.10
C ASN F 52 -66.14 -10.84 0.31
N PRO F 53 -66.35 -11.82 -0.59
CA PRO F 53 -67.17 -12.96 -0.26
C PRO F 53 -66.64 -13.78 0.92
N SER F 54 -65.34 -14.02 1.02
CA SER F 54 -64.88 -14.87 2.15
C SER F 54 -65.20 -14.17 3.47
N GLY F 55 -64.87 -12.89 3.56
CA GLY F 55 -65.11 -12.15 4.80
C GLY F 55 -66.58 -11.98 5.07
N GLY F 56 -67.36 -11.74 4.01
CA GLY F 56 -68.78 -11.41 4.21
C GLY F 56 -68.85 -9.92 4.43
N SER F 57 -67.68 -9.30 4.54
CA SER F 57 -67.60 -7.83 4.72
C SER F 57 -67.99 -7.21 3.40
N THR F 58 -68.59 -6.03 3.46
CA THR F 58 -69.06 -5.39 2.23
C THR F 58 -68.84 -3.89 2.34
N SER F 59 -68.80 -3.23 1.18
CA SER F 59 -68.70 -1.78 1.13
C SER F 59 -69.70 -1.24 0.11
N TYR F 60 -70.54 -0.32 0.57
CA TYR F 60 -71.54 0.32 -0.28
C TYR F 60 -71.04 1.68 -0.76
N ALA F 61 -71.75 2.22 -1.75
CA ALA F 61 -71.52 3.60 -2.15
C ALA F 61 -72.05 4.55 -1.09
N GLU F 62 -71.50 5.77 -1.06
CA GLU F 62 -71.93 6.75 -0.08
C GLU F 62 -73.31 7.28 -0.36
N LYS F 63 -73.75 7.24 -1.63
CA LYS F 63 -75.10 7.68 -1.98
C LYS F 63 -76.13 6.66 -1.53
N PHE F 64 -75.83 5.36 -1.67
CA PHE F 64 -76.78 4.30 -1.38
C PHE F 64 -76.48 3.58 -0.07
N ARG F 65 -75.74 4.21 0.84
CA ARG F 65 -75.39 3.57 2.11
C ARG F 65 -76.59 3.54 3.05
N GLY F 66 -76.81 2.39 3.68
CA GLY F 66 -77.87 2.23 4.65
C GLY F 66 -79.20 1.77 4.11
N ARG F 67 -79.33 1.62 2.79
CA ARG F 67 -80.58 1.19 2.18
C ARG F 67 -80.47 -0.12 1.41
N VAL F 68 -79.27 -0.67 1.26
CA VAL F 68 -79.04 -1.88 0.49
C VAL F 68 -78.33 -2.89 1.37
N THR F 69 -78.78 -4.15 1.34
CA THR F 69 -78.14 -5.24 2.07
C THR F 69 -77.57 -6.23 1.06
N MET F 70 -76.28 -6.46 1.14
CA MET F 70 -75.53 -7.23 0.15
C MET F 70 -74.92 -8.44 0.86
N THR F 71 -75.51 -9.61 0.66
CA THR F 71 -75.17 -10.79 1.44
C THR F 71 -74.64 -11.90 0.53
N ARG F 72 -74.27 -13.02 1.14
CA ARG F 72 -73.64 -14.15 0.47
C ARG F 72 -74.34 -15.43 0.93
N ASP F 73 -74.18 -16.47 0.13
CA ASP F 73 -74.54 -17.83 0.53
C ASP F 73 -73.48 -18.76 -0.06
N THR F 74 -72.44 -19.04 0.74
CA THR F 74 -71.35 -19.88 0.26
C THR F 74 -71.71 -21.36 0.25
N SER F 75 -72.77 -21.75 0.98
CA SER F 75 -73.23 -23.14 0.93
C SER F 75 -73.86 -23.46 -0.42
N THR F 76 -74.69 -22.55 -0.93
CA THR F 76 -75.29 -22.69 -2.25
C THR F 76 -74.51 -21.94 -3.32
N SER F 77 -73.42 -21.26 -2.95
CA SER F 77 -72.49 -20.59 -3.85
C SER F 77 -73.17 -19.52 -4.70
N THR F 78 -73.70 -18.49 -4.03
CA THR F 78 -74.37 -17.39 -4.72
C THR F 78 -74.20 -16.09 -3.93
N VAL F 79 -74.40 -14.98 -4.64
CA VAL F 79 -74.32 -13.65 -4.07
C VAL F 79 -75.70 -13.02 -4.15
N TYR F 80 -76.22 -12.55 -3.01
CA TYR F 80 -77.56 -11.99 -2.93
C TYR F 80 -77.50 -10.49 -2.69
N MET F 81 -78.44 -9.78 -3.31
CA MET F 81 -78.58 -8.34 -3.15
C MET F 81 -80.04 -8.02 -2.88
N GLU F 82 -80.29 -7.18 -1.88
CA GLU F 82 -81.63 -6.74 -1.53
C GLU F 82 -81.63 -5.23 -1.39
N LEU F 83 -82.64 -4.59 -1.98
CA LEU F 83 -82.78 -3.14 -1.93
C LEU F 83 -84.13 -2.79 -1.32
N SER F 84 -84.12 -1.89 -0.34
CA SER F 84 -85.33 -1.42 0.29
C SER F 84 -85.66 -0.01 -0.20
N SER F 85 -86.96 0.33 -0.14
CA SER F 85 -87.52 1.64 -0.51
C SER F 85 -87.20 1.97 -1.97
N LEU F 86 -87.79 1.17 -2.85
CA LEU F 86 -87.62 1.36 -4.29
C LEU F 86 -88.28 2.66 -4.75
N ARG F 87 -87.64 3.31 -5.72
CA ARG F 87 -88.23 4.54 -6.28
C ARG F 87 -88.35 4.35 -7.78
N SER F 88 -88.91 5.33 -8.46
CA SER F 88 -89.15 5.24 -9.89
C SER F 88 -87.84 5.27 -10.67
N GLU F 89 -86.82 5.95 -10.14
CA GLU F 89 -85.53 6.03 -10.81
C GLU F 89 -84.69 4.76 -10.66
N ASP F 90 -85.11 3.82 -9.81
CA ASP F 90 -84.40 2.57 -9.64
C ASP F 90 -84.78 1.51 -10.66
N THR F 91 -85.71 1.81 -11.57
CA THR F 91 -86.01 0.94 -12.69
C THR F 91 -84.81 0.91 -13.62
N ALA F 92 -84.13 -0.23 -13.68
CA ALA F 92 -82.80 -0.30 -14.29
C ALA F 92 -82.47 -1.75 -14.63
N VAL F 93 -81.21 -1.97 -15.00
CA VAL F 93 -80.66 -3.31 -15.14
C VAL F 93 -79.47 -3.42 -14.20
N TYR F 94 -79.18 -4.64 -13.79
CA TYR F 94 -78.19 -4.93 -12.77
C TYR F 94 -77.19 -5.95 -13.30
N TYR F 95 -75.90 -5.65 -13.09
CA TYR F 95 -74.81 -6.55 -13.45
C TYR F 95 -74.01 -6.82 -12.18
N CYS F 96 -73.51 -8.04 -12.03
CA CYS F 96 -72.61 -8.33 -10.88
C CYS F 96 -71.28 -8.79 -11.46
N ALA F 97 -70.22 -8.00 -11.29
CA ALA F 97 -68.94 -8.35 -11.97
C ALA F 97 -67.80 -8.61 -11.00
N ARG F 98 -67.06 -9.71 -11.18
CA ARG F 98 -65.89 -10.03 -10.31
C ARG F 98 -64.83 -8.96 -10.55
N ASP F 99 -63.96 -8.73 -9.57
CA ASP F 99 -62.85 -7.78 -9.83
C ASP F 99 -61.56 -8.50 -10.15
N ARG F 100 -60.66 -7.86 -10.87
CA ARG F 100 -59.47 -8.56 -11.37
C ARG F 100 -58.56 -8.98 -10.23
N GLU F 101 -58.35 -8.10 -9.26
CA GLU F 101 -57.36 -8.40 -8.22
C GLU F 101 -57.78 -9.66 -7.49
N PRO F 102 -56.88 -10.65 -7.30
CA PRO F 102 -57.18 -11.83 -6.49
C PRO F 102 -56.59 -11.71 -5.07
N HIS F 103 -57.14 -12.47 -4.13
CA HIS F 103 -56.64 -12.42 -2.73
C HIS F 103 -56.55 -13.83 -2.15
N SER F 104 -56.00 -13.96 -0.94
CA SER F 104 -55.93 -15.28 -0.25
C SER F 104 -56.67 -15.23 1.10
N ASP F 105 -56.76 -16.34 1.82
CA ASP F 105 -57.54 -16.28 3.08
C ASP F 105 -56.67 -15.64 4.15
N SER F 106 -56.16 -14.43 3.92
CA SER F 106 -55.24 -13.79 4.90
C SER F 106 -55.22 -12.27 4.78
N SER F 107 -54.88 -11.56 5.86
CA SER F 107 -54.71 -10.08 5.77
C SER F 107 -53.32 -9.76 5.30
N GLY F 108 -53.08 -9.95 4.01
CA GLY F 108 -51.80 -9.50 3.46
C GLY F 108 -52.09 -8.07 3.12
N TYR F 109 -53.19 -7.56 3.67
CA TYR F 109 -53.56 -6.15 3.43
C TYR F 109 -52.44 -5.34 4.07
N TRP F 110 -51.58 -6.03 4.81
CA TRP F 110 -50.38 -5.37 5.36
C TRP F 110 -49.49 -5.03 4.17
N ASP F 111 -49.60 -5.81 3.10
CA ASP F 111 -48.72 -5.63 1.91
C ASP F 111 -49.34 -4.60 0.99
N SER F 112 -50.36 -3.89 1.46
CA SER F 112 -50.93 -2.80 0.64
C SER F 112 -49.84 -1.76 0.38
N LEU F 113 -48.84 -1.68 1.27
CA LEU F 113 -47.77 -0.67 1.12
C LEU F 113 -46.66 -1.16 0.19
N LYS F 114 -46.58 -2.48 -0.08
CA LYS F 114 -45.57 -3.04 -1.02
C LYS F 114 -46.12 -2.98 -2.45
N TYR F 115 -47.21 -3.70 -2.72
CA TYR F 115 -47.75 -3.76 -4.10
C TYR F 115 -49.00 -2.90 -4.17
N TYR F 116 -49.07 -2.02 -5.17
CA TYR F 116 -50.28 -1.18 -5.36
C TYR F 116 -51.44 -2.05 -5.83
N TYR F 117 -52.66 -1.69 -5.44
CA TYR F 117 -53.83 -2.52 -5.79
C TYR F 117 -54.55 -1.89 -7.00
N TYR F 118 -54.67 -2.62 -8.12
CA TYR F 118 -55.45 -2.14 -9.30
C TYR F 118 -56.64 -3.08 -9.53
N TYR F 119 -57.86 -2.59 -9.32
CA TYR F 119 -59.08 -3.46 -9.44
C TYR F 119 -59.62 -3.35 -10.87
N ALA F 120 -60.01 -4.48 -11.51
CA ALA F 120 -60.58 -4.43 -12.87
C ALA F 120 -61.76 -5.40 -13.03
N LEU F 121 -62.90 -4.93 -13.51
CA LEU F 121 -64.13 -5.72 -13.66
C LEU F 121 -64.05 -6.45 -15.00
N ASP F 122 -63.36 -7.59 -14.98
CA ASP F 122 -63.05 -8.29 -16.22
C ASP F 122 -64.21 -9.14 -16.72
N VAL F 123 -64.89 -9.87 -15.84
CA VAL F 123 -65.93 -10.81 -16.20
C VAL F 123 -67.27 -10.26 -15.73
N TRP F 124 -68.20 -10.10 -16.65
CA TRP F 124 -69.52 -9.56 -16.37
C TRP F 124 -70.58 -10.60 -16.69
N GLY F 125 -71.68 -10.55 -15.94
CA GLY F 125 -72.82 -11.41 -16.21
C GLY F 125 -73.71 -10.85 -17.31
N GLN F 126 -74.76 -11.61 -17.62
CA GLN F 126 -75.69 -11.17 -18.65
C GLN F 126 -76.63 -10.09 -18.14
N GLY F 127 -76.73 -9.91 -16.83
CA GLY F 127 -77.55 -8.84 -16.27
C GLY F 127 -79.00 -9.26 -16.11
N THR F 128 -79.68 -8.57 -15.20
CA THR F 128 -81.11 -8.76 -14.99
C THR F 128 -81.80 -7.41 -15.07
N THR F 129 -83.10 -7.43 -15.38
CA THR F 129 -83.88 -6.21 -15.53
C THR F 129 -84.86 -6.10 -14.38
N VAL F 130 -84.78 -5.00 -13.63
CA VAL F 130 -85.68 -4.75 -12.52
C VAL F 130 -86.49 -3.51 -12.86
N THR F 131 -87.79 -3.69 -13.08
CA THR F 131 -88.69 -2.61 -13.41
C THR F 131 -89.81 -2.55 -12.39
N VAL F 132 -89.98 -1.39 -11.77
CA VAL F 132 -91.06 -1.16 -10.79
C VAL F 132 -91.87 0.04 -11.26
N SER F 133 -93.17 0.01 -10.96
CA SER F 133 -94.08 1.08 -11.34
C SER F 133 -95.27 1.07 -10.39
N SER F 134 -95.95 2.21 -10.33
CA SER F 134 -97.13 2.36 -9.48
C SER F 134 -98.37 1.83 -10.18
N ALA G 1 -66.47 14.15 -4.06
CA ALA G 1 -66.28 13.00 -4.94
C ALA G 1 -65.40 13.37 -6.13
N ILE G 2 -65.11 12.39 -6.97
CA ILE G 2 -64.25 12.57 -8.15
C ILE G 2 -65.10 12.29 -9.38
N GLN G 3 -65.11 13.23 -10.32
CA GLN G 3 -65.88 13.12 -11.55
C GLN G 3 -64.95 13.16 -12.75
N LEU G 4 -65.28 12.36 -13.76
CA LEU G 4 -64.50 12.27 -14.99
C LEU G 4 -65.37 12.72 -16.16
N THR G 5 -64.80 13.54 -17.05
CA THR G 5 -65.53 14.06 -18.19
C THR G 5 -64.86 13.67 -19.49
N GLN G 6 -65.57 12.93 -20.33
CA GLN G 6 -65.06 12.50 -21.63
C GLN G 6 -65.45 13.51 -22.70
N SER G 7 -64.48 13.83 -23.57
CA SER G 7 -64.70 14.80 -24.63
C SER G 7 -64.18 14.25 -25.95
N PRO G 8 -64.93 14.44 -27.06
CA PRO G 8 -66.26 15.04 -27.14
C PRO G 8 -67.38 14.05 -26.83
N SER G 9 -68.59 14.56 -26.58
CA SER G 9 -69.72 13.68 -26.29
C SER G 9 -70.16 12.92 -27.54
N SER G 10 -70.18 13.59 -28.69
CA SER G 10 -70.59 12.99 -29.95
C SER G 10 -69.37 12.80 -30.84
N LEU G 11 -69.21 11.59 -31.39
CA LEU G 11 -68.08 11.25 -32.22
C LEU G 11 -68.56 10.60 -33.51
N SER G 12 -67.97 11.01 -34.63
CA SER G 12 -68.25 10.43 -35.92
C SER G 12 -66.93 10.02 -36.57
N ALA G 13 -66.92 8.82 -37.17
CA ALA G 13 -65.70 8.29 -37.76
C ALA G 13 -66.07 7.36 -38.92
N SER G 14 -65.04 6.75 -39.49
CA SER G 14 -65.19 5.82 -40.60
C SER G 14 -64.57 4.48 -40.22
N VAL G 15 -64.44 3.59 -41.19
CA VAL G 15 -63.86 2.26 -40.99
C VAL G 15 -62.45 2.26 -41.56
N GLY G 16 -61.47 1.91 -40.73
CA GLY G 16 -60.09 1.81 -41.16
C GLY G 16 -59.20 2.98 -40.85
N ASP G 17 -59.67 3.94 -40.05
CA ASP G 17 -58.88 5.12 -39.70
C ASP G 17 -58.49 5.09 -38.23
N ARG G 18 -57.62 6.02 -37.86
CA ARG G 18 -57.11 6.14 -36.49
C ARG G 18 -57.84 7.29 -35.81
N VAL G 19 -58.42 7.03 -34.63
CA VAL G 19 -59.20 8.03 -33.92
C VAL G 19 -58.67 8.11 -32.49
N THR G 20 -58.88 9.25 -31.85
CA THR G 20 -58.39 9.52 -30.52
C THR G 20 -59.49 10.10 -29.66
N ILE G 21 -59.73 9.51 -28.49
CA ILE G 21 -60.72 9.98 -27.53
C ILE G 21 -60.01 10.25 -26.21
N THR G 22 -60.55 11.17 -25.42
CA THR G 22 -59.89 11.56 -24.18
C THR G 22 -60.92 11.85 -23.09
N CYS G 23 -60.47 11.72 -21.84
CA CYS G 23 -61.28 12.12 -20.69
C CYS G 23 -60.39 12.78 -19.65
N ARG G 24 -60.95 13.81 -19.01
CA ARG G 24 -60.26 14.64 -18.04
C ARG G 24 -60.77 14.33 -16.64
N ALA G 25 -59.84 14.24 -15.69
CA ALA G 25 -60.11 13.97 -14.29
C ALA G 25 -60.06 15.27 -13.49
N SER G 26 -60.68 15.24 -12.31
CA SER G 26 -60.68 16.42 -11.45
C SER G 26 -59.40 16.53 -10.62
N GLN G 27 -59.13 15.52 -9.79
CA GLN G 27 -57.99 15.50 -8.90
C GLN G 27 -56.97 14.47 -9.37
N GLY G 28 -55.93 14.27 -8.56
CA GLY G 28 -54.88 13.33 -8.88
C GLY G 28 -55.31 11.88 -8.77
N ILE G 29 -55.22 11.15 -9.88
CA ILE G 29 -55.62 9.75 -9.93
C ILE G 29 -54.43 8.81 -10.10
N SER G 30 -53.31 9.32 -10.63
CA SER G 30 -52.07 8.57 -10.97
C SER G 30 -52.45 7.51 -12.01
N SER G 31 -52.15 6.23 -11.78
CA SER G 31 -52.30 5.20 -12.81
C SER G 31 -53.52 4.31 -12.58
N TYR G 32 -54.47 4.82 -11.82
CA TYR G 32 -55.71 4.05 -11.54
C TYR G 32 -56.75 4.39 -12.60
N LEU G 33 -56.80 3.63 -13.68
CA LEU G 33 -57.75 3.88 -14.74
C LEU G 33 -58.22 2.57 -15.35
N ALA G 34 -59.51 2.47 -15.65
CA ALA G 34 -60.06 1.36 -16.41
C ALA G 34 -60.84 1.89 -17.60
N TRP G 35 -60.42 1.50 -18.79
CA TRP G 35 -61.15 1.80 -20.03
C TRP G 35 -62.03 0.59 -20.36
N TYR G 36 -63.34 0.84 -20.43
CA TYR G 36 -64.36 -0.17 -20.58
C TYR G 36 -65.07 0.05 -21.92
N GLN G 37 -65.30 -1.05 -22.64
CA GLN G 37 -66.02 -1.02 -23.91
C GLN G 37 -67.33 -1.80 -23.77
N GLN G 38 -68.44 -1.17 -24.15
CA GLN G 38 -69.76 -1.78 -24.06
C GLN G 38 -70.45 -1.70 -25.42
N LYS G 39 -70.68 -2.87 -26.02
CA LYS G 39 -71.52 -2.95 -27.20
C LYS G 39 -72.98 -2.70 -26.82
N PRO G 40 -73.79 -2.12 -27.72
CA PRO G 40 -75.21 -1.94 -27.41
C PRO G 40 -75.95 -3.27 -27.41
N GLY G 41 -76.76 -3.48 -26.37
CA GLY G 41 -77.43 -4.75 -26.20
C GLY G 41 -76.56 -5.85 -25.63
N LYS G 42 -75.38 -5.51 -25.12
CA LYS G 42 -74.45 -6.49 -24.58
C LYS G 42 -73.86 -5.96 -23.28
N ALA G 43 -73.34 -6.89 -22.48
CA ALA G 43 -72.68 -6.53 -21.24
C ALA G 43 -71.35 -5.82 -21.53
N PRO G 44 -70.94 -4.88 -20.68
CA PRO G 44 -69.64 -4.24 -20.85
C PRO G 44 -68.48 -5.20 -20.62
N GLU G 45 -67.39 -4.94 -21.33
CA GLU G 45 -66.20 -5.77 -21.24
C GLU G 45 -65.00 -4.90 -20.90
N LEU G 46 -64.08 -5.46 -20.10
CA LEU G 46 -62.86 -4.74 -19.74
C LEU G 46 -61.92 -4.71 -20.93
N LEU G 47 -61.43 -3.51 -21.27
CA LEU G 47 -60.53 -3.33 -22.39
C LEU G 47 -59.12 -2.97 -21.95
N ILE G 48 -58.95 -1.87 -21.20
CA ILE G 48 -57.63 -1.42 -20.77
C ILE G 48 -57.63 -1.28 -19.25
N TYR G 49 -56.63 -1.86 -18.59
CA TYR G 49 -56.42 -1.66 -17.17
C TYR G 49 -55.08 -0.98 -16.94
N ALA G 50 -55.04 -0.15 -15.88
CA ALA G 50 -53.88 0.62 -15.43
C ALA G 50 -53.35 1.60 -16.48
N ALA G 51 -54.21 2.00 -17.44
CA ALA G 51 -54.05 3.11 -18.37
C ALA G 51 -52.92 2.96 -19.39
N SER G 52 -52.13 1.90 -19.30
CA SER G 52 -51.06 1.68 -20.26
C SER G 52 -50.82 0.21 -20.58
N THR G 53 -51.61 -0.70 -20.04
CA THR G 53 -51.37 -2.14 -20.19
C THR G 53 -52.56 -2.78 -20.89
N LEU G 54 -52.28 -3.57 -21.93
CA LEU G 54 -53.33 -4.26 -22.65
C LEU G 54 -53.82 -5.46 -21.83
N GLN G 55 -55.14 -5.68 -21.85
CA GLN G 55 -55.72 -6.82 -21.18
C GLN G 55 -55.63 -8.06 -22.07
N SER G 56 -55.51 -9.23 -21.44
CA SER G 56 -55.32 -10.47 -22.16
C SER G 56 -56.58 -10.86 -22.93
N GLY G 57 -56.37 -11.44 -24.11
CA GLY G 57 -57.48 -11.79 -24.99
C GLY G 57 -58.00 -10.64 -25.82
N VAL G 58 -57.27 -9.53 -25.88
CA VAL G 58 -57.69 -8.33 -26.59
C VAL G 58 -56.61 -8.03 -27.64
N PRO G 59 -56.98 -7.72 -28.89
CA PRO G 59 -55.96 -7.36 -29.89
C PRO G 59 -55.24 -6.07 -29.55
N SER G 60 -54.01 -5.96 -30.06
CA SER G 60 -53.12 -4.86 -29.71
C SER G 60 -53.35 -3.61 -30.53
N ARG G 61 -54.41 -3.53 -31.31
CA ARG G 61 -54.71 -2.30 -32.05
C ARG G 61 -55.19 -1.20 -31.12
N PHE G 62 -55.86 -1.55 -30.03
CA PHE G 62 -56.28 -0.57 -29.04
C PHE G 62 -55.07 -0.11 -28.24
N SER G 63 -55.02 1.17 -27.88
CA SER G 63 -53.94 1.63 -27.02
C SER G 63 -54.45 2.73 -26.10
N GLY G 64 -53.79 2.88 -24.95
CA GLY G 64 -54.17 3.89 -23.99
C GLY G 64 -52.94 4.58 -23.42
N SER G 65 -53.14 5.82 -23.02
CA SER G 65 -52.05 6.63 -22.48
C SER G 65 -52.64 7.74 -21.60
N GLY G 66 -51.75 8.52 -21.02
CA GLY G 66 -52.18 9.64 -20.19
C GLY G 66 -51.61 9.60 -18.79
N SER G 67 -51.71 10.74 -18.09
CA SER G 67 -51.19 10.85 -16.74
C SER G 67 -51.91 11.98 -16.01
N GLY G 68 -51.80 11.95 -14.68
CA GLY G 68 -52.35 12.98 -13.82
C GLY G 68 -53.86 13.10 -13.89
N THR G 69 -54.32 14.18 -14.51
CA THR G 69 -55.75 14.41 -14.70
C THR G 69 -56.21 14.17 -16.13
N ASP G 70 -55.30 13.87 -17.05
CA ASP G 70 -55.65 13.68 -18.46
C ASP G 70 -55.43 12.23 -18.86
N PHE G 71 -56.38 11.67 -19.62
CA PHE G 71 -56.26 10.30 -20.10
C PHE G 71 -56.78 10.21 -21.51
N THR G 72 -56.24 9.28 -22.29
CA THR G 72 -56.61 9.19 -23.70
C THR G 72 -56.52 7.74 -24.18
N LEU G 73 -57.30 7.46 -25.22
CA LEU G 73 -57.38 6.16 -25.85
C LEU G 73 -57.29 6.35 -27.36
N THR G 74 -56.40 5.60 -27.99
CA THR G 74 -56.15 5.69 -29.42
C THR G 74 -56.56 4.37 -30.09
N ILE G 75 -57.30 4.49 -31.19
CA ILE G 75 -57.82 3.35 -31.92
C ILE G 75 -57.20 3.38 -33.30
N SER G 76 -56.47 2.32 -33.65
CA SER G 76 -55.84 2.21 -34.97
C SER G 76 -56.41 1.00 -35.69
N SER G 77 -56.61 1.15 -37.01
CA SER G 77 -57.24 0.17 -37.89
C SER G 77 -58.61 -0.26 -37.36
N LEU G 78 -59.53 0.72 -37.35
CA LEU G 78 -60.81 0.60 -36.67
C LEU G 78 -61.70 -0.39 -37.41
N GLN G 79 -61.93 -1.54 -36.79
CA GLN G 79 -62.80 -2.57 -37.33
C GLN G 79 -64.26 -2.15 -37.24
N PRO G 80 -65.14 -2.72 -38.08
CA PRO G 80 -66.58 -2.41 -37.97
C PRO G 80 -67.23 -2.87 -36.67
N GLU G 81 -66.61 -3.79 -35.93
CA GLU G 81 -67.14 -4.25 -34.66
C GLU G 81 -66.71 -3.39 -33.49
N ASP G 82 -65.95 -2.32 -33.73
CA ASP G 82 -65.47 -1.44 -32.66
C ASP G 82 -66.41 -0.28 -32.38
N PHE G 83 -67.54 -0.19 -33.07
CA PHE G 83 -68.50 0.90 -32.83
C PHE G 83 -69.28 0.58 -31.57
N ALA G 84 -68.77 1.04 -30.44
CA ALA G 84 -69.34 0.74 -29.14
C ALA G 84 -69.06 1.89 -28.18
N THR G 85 -69.78 1.89 -27.06
CA THR G 85 -69.64 2.96 -26.08
C THR G 85 -68.40 2.74 -25.23
N TYR G 86 -67.67 3.82 -24.96
CA TYR G 86 -66.43 3.76 -24.19
C TYR G 86 -66.57 4.56 -22.89
N TYR G 87 -66.07 3.99 -21.80
CA TYR G 87 -66.10 4.63 -20.49
C TYR G 87 -64.71 4.58 -19.86
N CYS G 88 -64.34 5.64 -19.16
CA CYS G 88 -63.13 5.63 -18.34
C CYS G 88 -63.52 5.75 -16.87
N GLN G 89 -62.91 4.90 -16.04
CA GLN G 89 -63.24 4.77 -14.62
C GLN G 89 -62.00 5.02 -13.78
N GLN G 90 -62.15 5.82 -12.73
CA GLN G 90 -61.09 6.12 -11.79
C GLN G 90 -61.24 5.25 -10.55
N LEU G 91 -60.12 4.85 -9.96
CA LEU G 91 -60.09 4.00 -8.77
C LEU G 91 -59.16 4.59 -7.72
N ASN G 92 -59.25 5.89 -7.48
CA ASN G 92 -58.41 6.51 -6.47
C ASN G 92 -58.95 6.23 -5.07
N THR G 93 -60.17 6.70 -4.79
CA THR G 93 -60.82 6.50 -3.49
C THR G 93 -62.28 6.15 -3.73
N TYR G 94 -62.92 5.65 -2.66
CA TYR G 94 -64.34 5.38 -2.72
C TYR G 94 -65.14 6.69 -2.79
N PRO G 95 -66.24 6.73 -3.56
CA PRO G 95 -66.77 5.68 -4.43
C PRO G 95 -66.12 5.66 -5.81
N PHE G 96 -66.23 4.53 -6.51
CA PHE G 96 -65.73 4.43 -7.88
C PHE G 96 -66.76 5.01 -8.83
N THR G 97 -66.34 5.95 -9.66
CA THR G 97 -67.23 6.66 -10.57
C THR G 97 -66.85 6.36 -12.02
N PHE G 98 -67.88 6.22 -12.86
CA PHE G 98 -67.68 5.94 -14.27
C PHE G 98 -67.81 7.22 -15.08
N GLY G 99 -67.41 7.14 -16.34
CA GLY G 99 -67.54 8.25 -17.26
C GLY G 99 -68.93 8.34 -17.83
N PRO G 100 -69.21 9.46 -18.51
CA PRO G 100 -70.52 9.64 -19.17
C PRO G 100 -70.72 8.68 -20.35
N GLY G 101 -69.75 8.64 -21.26
CA GLY G 101 -69.84 7.75 -22.41
C GLY G 101 -69.75 8.47 -23.74
N THR G 102 -69.03 7.86 -24.69
CA THR G 102 -68.86 8.41 -26.02
C THR G 102 -69.44 7.44 -27.04
N LYS G 103 -70.25 7.97 -27.97
CA LYS G 103 -70.89 7.17 -29.00
C LYS G 103 -70.27 7.49 -30.35
N VAL G 104 -69.91 6.44 -31.10
CA VAL G 104 -69.32 6.57 -32.42
C VAL G 104 -70.24 5.87 -33.43
N ASP G 105 -70.40 6.50 -34.59
CA ASP G 105 -71.28 6.01 -35.64
C ASP G 105 -70.51 5.87 -36.93
N ILE G 106 -71.00 5.01 -37.82
CA ILE G 106 -70.36 4.76 -39.12
C ILE G 106 -70.51 5.96 -40.04
N GLN H 1 40.57 35.48 -46.59
CA GLN H 1 39.43 36.31 -46.23
C GLN H 1 38.66 36.77 -47.48
N VAL H 2 37.43 37.19 -47.28
CA VAL H 2 36.60 37.65 -48.39
C VAL H 2 37.05 39.05 -48.81
N GLN H 3 36.86 39.36 -50.08
CA GLN H 3 37.21 40.67 -50.64
C GLN H 3 36.03 41.21 -51.42
N LEU H 4 35.63 42.44 -51.10
CA LEU H 4 34.48 43.08 -51.73
C LEU H 4 34.95 44.33 -52.45
N VAL H 5 34.60 44.44 -53.73
CA VAL H 5 35.03 45.54 -54.58
C VAL H 5 33.78 46.27 -55.08
N GLN H 6 33.78 47.60 -54.92
CA GLN H 6 32.71 48.44 -55.43
C GLN H 6 33.17 49.12 -56.73
N SER H 7 32.25 49.87 -57.33
CA SER H 7 32.55 50.58 -58.56
C SER H 7 33.36 51.85 -58.27
N GLY H 8 33.90 52.44 -59.34
CA GLY H 8 34.70 53.63 -59.21
C GLY H 8 33.87 54.88 -58.99
N ALA H 9 34.57 55.98 -58.76
CA ALA H 9 33.91 57.27 -58.55
C ALA H 9 33.34 57.80 -59.86
N GLU H 10 32.09 58.25 -59.82
CA GLU H 10 31.40 58.76 -60.99
C GLU H 10 30.84 60.14 -60.69
N VAL H 11 30.96 61.04 -61.67
CA VAL H 11 30.41 62.39 -61.59
C VAL H 11 29.42 62.58 -62.74
N LYS H 12 28.30 63.23 -62.43
CA LYS H 12 27.24 63.42 -63.42
C LYS H 12 26.38 64.60 -62.99
N LYS H 13 25.57 65.08 -63.94
CA LYS H 13 24.57 66.10 -63.65
C LYS H 13 23.49 65.51 -62.75
N PRO H 14 23.07 66.20 -61.69
CA PRO H 14 22.07 65.63 -60.77
C PRO H 14 20.64 65.74 -61.30
N GLY H 15 20.40 65.10 -62.44
CA GLY H 15 19.07 65.02 -63.01
C GLY H 15 18.84 63.70 -63.73
N ALA H 16 19.79 62.77 -63.57
CA ALA H 16 19.75 61.48 -64.25
C ALA H 16 20.08 60.38 -63.25
N SER H 17 20.04 59.14 -63.73
CA SER H 17 20.27 57.98 -62.89
C SER H 17 21.76 57.75 -62.67
N VAL H 18 22.07 56.92 -61.68
CA VAL H 18 23.44 56.54 -61.35
C VAL H 18 23.47 55.01 -61.30
N LYS H 19 24.65 54.43 -61.51
CA LYS H 19 24.83 52.99 -61.54
C LYS H 19 25.95 52.61 -60.57
N VAL H 20 25.60 51.97 -59.46
CA VAL H 20 26.58 51.54 -58.46
C VAL H 20 26.55 50.03 -58.39
N SER H 21 27.74 49.41 -58.41
CA SER H 21 27.85 47.96 -58.43
C SER H 21 28.72 47.47 -57.28
N CYS H 22 28.35 46.33 -56.72
CA CYS H 22 29.13 45.67 -55.66
C CYS H 22 29.39 44.22 -56.06
N LYS H 23 30.48 43.69 -55.60
CA LYS H 23 30.67 42.28 -56.02
C LYS H 23 31.29 41.47 -54.89
N ALA H 24 30.45 40.92 -54.02
CA ALA H 24 31.01 40.24 -52.86
C ALA H 24 31.83 39.08 -53.32
N SER H 25 32.95 38.81 -52.68
CA SER H 25 33.70 37.59 -53.09
C SER H 25 33.95 36.72 -51.87
N GLY H 26 33.98 35.41 -52.08
CA GLY H 26 34.26 34.48 -50.98
C GLY H 26 33.02 34.13 -50.17
N TYR H 27 31.83 34.69 -50.49
CA TYR H 27 30.62 34.25 -49.75
C TYR H 27 29.44 33.96 -50.69
N THR H 28 28.64 32.95 -50.30
CA THR H 28 27.45 32.56 -51.09
C THR H 28 26.63 33.79 -51.37
N PHE H 29 26.43 34.06 -52.64
CA PHE H 29 25.74 35.31 -52.99
C PHE H 29 24.34 35.30 -52.42
N THR H 30 23.64 34.17 -52.50
CA THR H 30 22.19 34.14 -52.13
C THR H 30 21.92 34.16 -50.63
N SER H 31 22.81 33.64 -49.79
CA SER H 31 22.42 33.55 -48.35
C SER H 31 22.11 34.86 -47.61
N TYR H 32 23.09 35.75 -47.41
CA TYR H 32 22.90 36.89 -46.48
C TYR H 32 22.22 38.02 -47.22
N TYR H 33 21.56 38.88 -46.49
CA TYR H 33 20.96 40.04 -47.13
C TYR H 33 22.12 40.95 -47.45
N MET H 34 21.94 41.86 -48.42
CA MET H 34 23.03 42.79 -48.84
C MET H 34 22.58 44.20 -48.45
N HIS H 35 22.94 44.63 -47.24
CA HIS H 35 22.48 45.92 -46.76
C HIS H 35 23.21 47.05 -47.49
N TRP H 36 22.59 48.21 -47.52
CA TRP H 36 23.17 49.39 -48.18
C TRP H 36 23.18 50.56 -47.21
N VAL H 37 24.32 51.24 -47.11
CA VAL H 37 24.52 52.35 -46.18
C VAL H 37 25.03 53.56 -46.97
N ARG H 38 24.42 54.71 -46.73
CA ARG H 38 24.89 55.98 -47.27
C ARG H 38 25.50 56.81 -46.14
N GLN H 39 26.66 57.40 -46.40
CA GLN H 39 27.32 58.26 -45.41
C GLN H 39 27.61 59.60 -46.06
N ALA H 40 27.03 60.66 -45.52
CA ALA H 40 27.36 62.00 -45.98
C ALA H 40 28.69 62.44 -45.38
N PRO H 41 29.42 63.34 -46.05
CA PRO H 41 30.64 63.88 -45.45
C PRO H 41 30.34 64.74 -44.23
N GLY H 42 30.98 64.41 -43.12
CA GLY H 42 30.72 65.10 -41.88
C GLY H 42 29.41 64.74 -41.23
N GLN H 43 28.86 63.57 -41.54
CA GLN H 43 27.59 63.13 -40.97
C GLN H 43 27.66 61.63 -40.69
N GLY H 44 26.71 61.16 -39.89
CA GLY H 44 26.66 59.76 -39.51
C GLY H 44 26.09 58.86 -40.59
N LEU H 45 26.08 57.57 -40.29
CA LEU H 45 25.60 56.56 -41.22
C LEU H 45 24.07 56.54 -41.24
N GLU H 46 23.51 55.98 -42.32
CA GLU H 46 22.08 55.75 -42.41
C GLU H 46 21.82 54.53 -43.28
N TRP H 47 20.72 53.85 -43.00
CA TRP H 47 20.35 52.61 -43.69
C TRP H 47 19.27 52.92 -44.72
N MET H 48 19.51 52.53 -45.97
CA MET H 48 18.61 52.89 -47.06
C MET H 48 17.91 51.70 -47.70
N GLY H 49 18.46 50.50 -47.62
CA GLY H 49 17.81 49.36 -48.26
C GLY H 49 18.50 48.05 -47.93
N VAL H 50 17.74 46.98 -48.14
CA VAL H 50 18.21 45.62 -47.90
C VAL H 50 17.75 44.73 -49.05
N ILE H 51 18.62 43.80 -49.45
CA ILE H 51 18.47 42.95 -50.62
C ILE H 51 18.46 41.50 -50.17
N ASN H 52 17.36 40.80 -50.47
CA ASN H 52 17.39 39.35 -50.23
C ASN H 52 17.82 38.87 -51.60
N PRO H 53 19.11 38.59 -51.83
CA PRO H 53 19.57 38.31 -53.18
C PRO H 53 18.88 37.10 -53.83
N SER H 54 18.67 36.00 -53.10
CA SER H 54 18.06 34.84 -53.80
C SER H 54 16.65 35.21 -54.27
N GLY H 55 15.87 35.81 -53.39
CA GLY H 55 14.49 36.18 -53.76
C GLY H 55 14.47 37.26 -54.81
N GLY H 56 15.39 38.22 -54.70
CA GLY H 56 15.33 39.39 -55.60
C GLY H 56 14.40 40.38 -54.94
N SER H 57 13.77 39.95 -53.85
CA SER H 57 12.86 40.84 -53.10
C SER H 57 13.74 41.86 -52.38
N THR H 58 13.21 43.06 -52.18
CA THR H 58 14.00 44.11 -51.57
C THR H 58 13.12 44.95 -50.66
N SER H 59 13.75 45.64 -49.72
CA SER H 59 13.05 46.56 -48.84
C SER H 59 13.82 47.87 -48.74
N TYR H 60 13.14 48.97 -49.04
CA TYR H 60 13.72 50.29 -48.97
C TYR H 60 13.35 50.98 -47.66
N ALA H 61 14.04 52.08 -47.39
CA ALA H 61 13.64 52.94 -46.28
C ALA H 61 12.37 53.69 -46.65
N GLU H 62 11.63 54.12 -45.62
CA GLU H 62 10.38 54.84 -45.85
C GLU H 62 10.63 56.25 -46.38
N LYS H 63 11.80 56.82 -46.10
CA LYS H 63 12.13 58.15 -46.62
C LYS H 63 12.46 58.08 -48.11
N PHE H 64 13.18 57.03 -48.53
CA PHE H 64 13.65 56.90 -49.90
C PHE H 64 12.85 55.89 -50.71
N ARG H 65 11.62 55.57 -50.29
CA ARG H 65 10.82 54.59 -51.01
C ARG H 65 10.26 55.19 -52.31
N GLY H 66 10.35 54.41 -53.39
CA GLY H 66 9.82 54.81 -54.67
C GLY H 66 10.76 55.56 -55.58
N ARG H 67 11.97 55.87 -55.11
CA ARG H 67 12.93 56.60 -55.92
C ARG H 67 14.22 55.84 -56.18
N VAL H 68 14.40 54.67 -55.58
CA VAL H 68 15.62 53.88 -55.71
C VAL H 68 15.24 52.47 -56.19
N THR H 69 16.00 51.96 -57.16
CA THR H 69 15.81 50.61 -57.67
C THR H 69 17.05 49.79 -57.34
N MET H 70 16.84 48.71 -56.60
CA MET H 70 17.93 47.90 -56.03
C MET H 70 17.82 46.49 -56.60
N THR H 71 18.69 46.17 -57.55
CA THR H 71 18.56 44.94 -58.33
C THR H 71 19.79 44.06 -58.13
N ARG H 72 19.77 42.90 -58.78
CA ARG H 72 20.78 41.86 -58.63
C ARG H 72 21.17 41.38 -60.02
N ASP H 73 22.35 40.76 -60.10
CA ASP H 73 22.77 39.99 -61.28
C ASP H 73 23.51 38.77 -60.76
N THR H 74 22.80 37.67 -60.59
CA THR H 74 23.42 36.45 -60.06
C THR H 74 24.23 35.71 -61.11
N SER H 75 24.01 36.01 -62.39
CA SER H 75 24.84 35.42 -63.45
C SER H 75 26.26 35.97 -63.40
N THR H 76 26.39 37.28 -63.24
CA THR H 76 27.70 37.92 -63.09
C THR H 76 28.07 38.15 -61.63
N SER H 77 27.20 37.76 -60.70
CA SER H 77 27.44 37.78 -59.25
C SER H 77 27.76 39.18 -58.73
N THR H 78 26.77 40.06 -58.86
CA THR H 78 26.93 41.44 -58.40
C THR H 78 25.59 42.01 -57.96
N VAL H 79 25.66 43.06 -57.16
CA VAL H 79 24.48 43.77 -56.64
C VAL H 79 24.50 45.18 -57.23
N TYR H 80 23.41 45.58 -57.86
CA TYR H 80 23.32 46.88 -58.52
C TYR H 80 22.35 47.78 -57.78
N MET H 81 22.69 49.07 -57.74
CA MET H 81 21.86 50.09 -57.14
C MET H 81 21.75 51.27 -58.10
N GLU H 82 20.52 51.76 -58.30
CA GLU H 82 20.26 52.91 -59.16
C GLU H 82 19.38 53.90 -58.41
N LEU H 83 19.75 55.17 -58.47
CA LEU H 83 19.01 56.23 -57.80
C LEU H 83 18.58 57.26 -58.83
N SER H 84 17.30 57.62 -58.81
CA SER H 84 16.76 58.64 -59.70
C SER H 84 16.53 59.93 -58.93
N SER H 85 16.54 61.05 -59.67
CA SER H 85 16.31 62.40 -59.17
C SER H 85 17.30 62.76 -58.06
N LEU H 86 18.57 62.85 -58.48
CA LEU H 86 19.65 63.21 -57.56
C LEU H 86 19.52 64.66 -57.10
N ARG H 87 19.88 64.89 -55.84
CA ARG H 87 19.84 66.26 -55.30
C ARG H 87 21.23 66.58 -54.76
N SER H 88 21.41 67.80 -54.30
CA SER H 88 22.71 68.25 -53.82
C SER H 88 23.10 67.55 -52.53
N GLU H 89 22.12 67.16 -51.71
CA GLU H 89 22.39 66.48 -50.45
C GLU H 89 22.74 65.00 -50.64
N ASP H 90 22.58 64.47 -51.84
CA ASP H 90 22.93 63.07 -52.12
C ASP H 90 24.40 62.89 -52.46
N THR H 91 25.18 63.96 -52.50
CA THR H 91 26.64 63.86 -52.65
C THR H 91 27.20 63.21 -51.39
N ALA H 92 27.69 61.99 -51.51
CA ALA H 92 27.99 61.17 -50.34
C ALA H 92 28.93 60.05 -50.73
N VAL H 93 29.13 59.10 -49.80
CA VAL H 93 29.82 57.85 -50.09
C VAL H 93 28.85 56.72 -49.77
N TYR H 94 29.07 55.59 -50.44
CA TYR H 94 28.15 54.46 -50.40
C TYR H 94 28.93 53.21 -50.00
N TYR H 95 28.37 52.45 -49.06
CA TYR H 95 28.89 51.17 -48.62
C TYR H 95 27.82 50.13 -48.83
N CYS H 96 28.22 48.91 -49.22
CA CYS H 96 27.22 47.82 -49.31
C CYS H 96 27.68 46.72 -48.37
N ALA H 97 26.94 46.46 -47.28
CA ALA H 97 27.44 45.50 -46.27
C ALA H 97 26.54 44.29 -46.09
N ARG H 98 27.10 43.07 -46.10
CA ARG H 98 26.31 41.84 -45.88
C ARG H 98 25.77 41.86 -44.45
N ASP H 99 24.67 41.17 -44.19
CA ASP H 99 24.19 41.11 -42.79
C ASP H 99 24.57 39.79 -42.13
N ARG H 100 24.68 39.77 -40.82
CA ARG H 100 25.23 38.60 -40.15
C ARG H 100 24.32 37.40 -40.29
N GLU H 101 23.01 37.60 -40.14
CA GLU H 101 22.09 36.45 -40.13
C GLU H 101 22.18 35.72 -41.44
N PRO H 102 22.36 34.38 -41.46
CA PRO H 102 22.32 33.60 -42.69
C PRO H 102 20.96 32.92 -42.90
N HIS H 103 20.66 32.57 -44.14
CA HIS H 103 19.35 31.91 -44.45
C HIS H 103 19.56 30.75 -45.42
N SER H 104 18.50 29.99 -45.69
CA SER H 104 18.57 28.89 -46.70
C SER H 104 17.55 29.11 -47.83
N ASP H 105 17.52 28.25 -48.85
CA ASP H 105 16.59 28.53 -49.96
C ASP H 105 15.19 28.08 -49.53
N SER H 106 14.68 28.60 -48.40
CA SER H 106 13.35 28.15 -47.89
C SER H 106 12.68 29.20 -47.00
N SER H 107 11.35 29.17 -46.89
CA SER H 107 10.65 30.07 -45.94
C SER H 107 10.62 29.42 -44.57
N GLY H 108 11.75 29.44 -43.90
CA GLY H 108 11.75 28.98 -42.51
C GLY H 108 11.37 30.23 -41.76
N TYR H 109 10.86 31.21 -42.52
CA TYR H 109 10.42 32.47 -41.88
C TYR H 109 9.26 32.08 -40.98
N TRP H 110 8.81 30.84 -41.13
CA TRP H 110 7.79 30.31 -40.19
C TRP H 110 8.46 30.20 -38.82
N ASP H 111 9.77 30.01 -38.81
CA ASP H 111 10.51 29.80 -37.54
C ASP H 111 10.88 31.17 -36.96
N SER H 112 10.32 32.23 -37.51
CA SER H 112 10.58 33.57 -36.92
C SER H 112 10.07 33.56 -35.48
N LEU H 113 9.09 32.70 -35.18
CA LEU H 113 8.49 32.67 -33.82
C LEU H 113 9.32 31.79 -32.87
N LYS H 114 10.18 30.92 -33.39
CA LYS H 114 11.06 30.06 -32.55
C LYS H 114 12.34 30.84 -32.21
N TYR H 115 13.15 31.18 -33.21
CA TYR H 115 14.46 31.85 -32.96
C TYR H 115 14.32 33.32 -33.32
N TYR H 116 14.72 34.20 -32.41
CA TYR H 116 14.69 35.67 -32.70
C TYR H 116 15.74 36.00 -33.75
N TYR H 117 15.47 37.00 -34.59
CA TYR H 117 16.41 37.35 -35.67
C TYR H 117 17.24 38.56 -35.24
N TYR H 118 18.59 38.43 -35.18
CA TYR H 118 19.49 39.59 -34.88
C TYR H 118 20.37 39.85 -36.10
N TYR H 119 20.19 40.98 -36.79
CA TYR H 119 20.95 41.26 -38.04
C TYR H 119 22.21 42.08 -37.67
N ALA H 120 23.39 41.74 -38.24
CA ALA H 120 24.63 42.51 -37.95
C ALA H 120 25.47 42.71 -39.20
N LEU H 121 25.87 43.95 -39.51
CA LEU H 121 26.61 44.31 -40.71
C LEU H 121 28.10 44.10 -40.41
N ASP H 122 28.53 42.84 -40.57
CA ASP H 122 29.87 42.46 -40.13
C ASP H 122 30.94 42.82 -41.15
N VAL H 123 30.68 42.58 -42.44
CA VAL H 123 31.67 42.77 -43.50
C VAL H 123 31.25 43.95 -44.34
N TRP H 124 32.12 44.95 -44.45
CA TRP H 124 31.87 46.16 -45.21
C TRP H 124 32.86 46.28 -46.35
N GLY H 125 32.43 46.90 -47.44
CA GLY H 125 33.30 47.18 -48.56
C GLY H 125 34.11 48.44 -48.33
N GLN H 126 34.96 48.75 -49.33
CA GLN H 126 35.78 49.95 -49.23
C GLN H 126 34.98 51.22 -49.55
N GLY H 127 33.81 51.08 -50.14
CA GLY H 127 32.96 52.24 -50.40
C GLY H 127 33.30 52.93 -51.70
N THR H 128 32.32 53.64 -52.24
CA THR H 128 32.52 54.47 -53.43
C THR H 128 32.04 55.88 -53.13
N THR H 129 32.56 56.84 -53.88
CA THR H 129 32.22 58.25 -53.69
C THR H 129 31.38 58.72 -54.85
N VAL H 130 30.18 59.22 -54.57
CA VAL H 130 29.28 59.75 -55.59
C VAL H 130 29.11 61.23 -55.31
N THR H 131 29.64 62.08 -56.19
CA THR H 131 29.54 63.52 -56.06
C THR H 131 28.86 64.09 -57.30
N VAL H 132 27.78 64.84 -57.09
CA VAL H 132 27.05 65.51 -58.16
C VAL H 132 26.99 67.00 -57.86
N SER H 133 27.01 67.81 -58.91
CA SER H 133 26.97 69.25 -58.78
C SER H 133 26.40 69.85 -60.06
N SER H 134 25.90 71.08 -59.94
CA SER H 134 25.34 71.79 -61.08
C SER H 134 26.43 72.49 -61.88
N ALA I 1 8.97 56.97 -36.18
CA ALA I 1 10.25 56.27 -36.23
C ALA I 1 10.90 56.19 -34.85
N ILE I 2 12.05 55.54 -34.79
CA ILE I 2 12.79 55.36 -33.54
C ILE I 2 14.13 56.06 -33.68
N GLN I 3 14.44 56.93 -32.72
CA GLN I 3 15.69 57.69 -32.72
C GLN I 3 16.50 57.35 -31.48
N LEU I 4 17.82 57.30 -31.65
CA LEU I 4 18.75 57.00 -30.58
C LEU I 4 19.67 58.19 -30.37
N THR I 5 19.90 58.55 -29.10
CA THR I 5 20.73 59.70 -28.78
C THR I 5 21.89 59.27 -27.90
N GLN I 6 23.12 59.49 -28.38
CA GLN I 6 24.32 59.15 -27.64
C GLN I 6 24.80 60.36 -26.85
N SER I 7 25.18 60.11 -25.59
CA SER I 7 25.63 61.18 -24.71
C SER I 7 26.92 60.77 -24.01
N PRO I 8 27.90 61.68 -23.88
CA PRO I 8 27.92 63.05 -24.45
C PRO I 8 28.38 63.08 -25.90
N SER I 9 28.13 64.21 -26.58
CA SER I 9 28.55 64.34 -27.97
C SER I 9 30.08 64.45 -28.09
N SER I 10 30.71 65.19 -27.18
CA SER I 10 32.14 65.37 -27.18
C SER I 10 32.75 64.60 -26.01
N LEU I 11 33.79 63.82 -26.30
CA LEU I 11 34.45 62.99 -25.31
C LEU I 11 35.96 63.22 -25.37
N SER I 12 36.58 63.36 -24.21
CA SER I 12 38.02 63.47 -24.09
C SER I 12 38.52 62.42 -23.09
N ALA I 13 39.63 61.77 -23.44
CA ALA I 13 40.16 60.69 -22.61
C ALA I 13 41.67 60.61 -22.81
N SER I 14 42.27 59.63 -22.17
CA SER I 14 43.70 59.36 -22.22
C SER I 14 43.93 57.94 -22.72
N VAL I 15 45.18 57.48 -22.64
CA VAL I 15 45.56 56.15 -23.06
C VAL I 15 45.78 55.29 -21.81
N GLY I 16 45.07 54.17 -21.72
CA GLY I 16 45.22 53.25 -20.63
C GLY I 16 44.19 53.34 -19.53
N ASP I 17 43.13 54.12 -19.71
CA ASP I 17 42.09 54.27 -18.70
C ASP I 17 40.79 53.62 -19.16
N ARG I 18 39.84 53.54 -18.23
CA ARG I 18 38.53 52.94 -18.48
C ARG I 18 37.52 54.06 -18.68
N VAL I 19 36.78 54.00 -19.78
CA VAL I 19 35.81 55.04 -20.12
C VAL I 19 34.47 54.38 -20.41
N THR I 20 33.40 55.14 -20.23
CA THR I 20 32.04 54.64 -20.39
C THR I 20 31.25 55.61 -21.25
N ILE I 21 30.59 55.08 -22.29
CA ILE I 21 29.75 55.86 -23.18
C ILE I 21 28.37 55.23 -23.18
N THR I 22 27.33 56.03 -23.44
CA THR I 22 25.96 55.53 -23.36
C THR I 22 25.10 56.18 -24.44
N CYS I 23 24.03 55.47 -24.80
CA CYS I 23 23.01 56.02 -25.69
C CYS I 23 21.63 55.59 -25.23
N ARG I 24 20.68 56.51 -25.36
CA ARG I 24 19.31 56.36 -24.90
C ARG I 24 18.38 56.17 -26.09
N ALA I 25 17.45 55.22 -25.95
CA ALA I 25 16.46 54.90 -26.97
C ALA I 25 15.12 55.54 -26.61
N SER I 26 14.26 55.66 -27.61
CA SER I 26 12.94 56.25 -27.39
C SER I 26 11.95 55.22 -26.86
N GLN I 27 11.71 54.16 -27.61
CA GLN I 27 10.74 53.13 -27.26
C GLN I 27 11.47 51.84 -26.89
N GLY I 28 10.69 50.78 -26.67
CA GLY I 28 11.23 49.48 -26.31
C GLY I 28 11.95 48.78 -27.43
N ILE I 29 13.24 48.51 -27.24
CA ILE I 29 14.06 47.86 -28.26
C ILE I 29 14.45 46.43 -27.86
N SER I 30 14.43 46.12 -26.56
CA SER I 30 14.85 44.84 -25.94
C SER I 30 16.33 44.64 -26.28
N SER I 31 16.73 43.51 -26.88
CA SER I 31 18.13 43.18 -27.05
C SER I 31 18.63 43.38 -28.48
N TYR I 32 17.91 44.20 -29.24
CA TYR I 32 18.30 44.48 -30.64
C TYR I 32 19.22 45.70 -30.66
N LEU I 33 20.52 45.48 -30.59
CA LEU I 33 21.47 46.58 -30.59
C LEU I 33 22.74 46.16 -31.33
N ALA I 34 23.28 47.08 -32.13
CA ALA I 34 24.58 46.90 -32.75
C ALA I 34 25.48 48.09 -32.43
N TRP I 35 26.60 47.82 -31.77
CA TRP I 35 27.63 48.83 -31.52
C TRP I 35 28.68 48.73 -32.62
N TYR I 36 28.86 49.82 -33.36
CA TYR I 36 29.71 49.90 -34.54
C TYR I 36 30.85 50.86 -34.26
N GLN I 37 32.06 50.46 -34.66
CA GLN I 37 33.25 51.30 -34.54
C GLN I 37 33.76 51.65 -35.93
N GLN I 38 33.99 52.94 -36.17
CA GLN I 38 34.48 53.42 -37.46
C GLN I 38 35.71 54.28 -37.24
N LYS I 39 36.84 53.82 -37.74
CA LYS I 39 38.04 54.65 -37.79
C LYS I 39 37.87 55.74 -38.85
N PRO I 40 38.49 56.90 -38.66
CA PRO I 40 38.42 57.95 -39.69
C PRO I 40 39.22 57.57 -40.92
N GLY I 41 38.61 57.74 -42.09
CA GLY I 41 39.24 57.32 -43.33
C GLY I 41 39.15 55.83 -43.60
N LYS I 42 38.32 55.11 -42.84
CA LYS I 42 38.19 53.67 -42.99
C LYS I 42 36.71 53.30 -42.94
N ALA I 43 36.40 52.11 -43.45
CA ALA I 43 35.05 51.59 -43.39
C ALA I 43 34.68 51.21 -41.96
N PRO I 44 33.41 51.35 -41.58
CA PRO I 44 32.98 50.92 -40.25
C PRO I 44 33.06 49.41 -40.09
N GLU I 45 33.31 48.98 -38.85
CA GLU I 45 33.43 47.57 -38.53
C GLU I 45 32.47 47.22 -37.39
N LEU I 46 31.91 46.02 -37.44
CA LEU I 46 31.01 45.56 -36.39
C LEU I 46 31.82 45.22 -35.14
N LEU I 47 31.39 45.77 -34.00
CA LEU I 47 32.08 45.53 -32.73
C LEU I 47 31.25 44.67 -31.78
N ILE I 48 30.04 45.11 -31.44
CA ILE I 48 29.20 44.39 -30.49
C ILE I 48 27.85 44.12 -31.15
N TYR I 49 27.40 42.87 -31.08
CA TYR I 49 26.05 42.51 -31.52
C TYR I 49 25.26 41.97 -30.33
N ALA I 50 23.94 42.24 -30.36
CA ALA I 50 22.95 41.84 -29.36
C ALA I 50 23.24 42.39 -27.96
N ALA I 51 24.02 43.49 -27.89
CA ALA I 51 24.21 44.36 -26.72
C ALA I 51 24.93 43.71 -25.53
N SER I 52 25.23 42.42 -25.59
CA SER I 52 25.95 41.76 -24.52
C SER I 52 26.92 40.69 -25.00
N THR I 53 27.07 40.49 -26.30
CA THR I 53 27.87 39.40 -26.85
C THR I 53 29.01 39.97 -27.68
N LEU I 54 30.23 39.49 -27.41
CA LEU I 54 31.39 39.92 -28.16
C LEU I 54 31.40 39.27 -29.55
N GLN I 55 31.78 40.05 -30.56
CA GLN I 55 31.90 39.52 -31.92
C GLN I 55 33.26 38.85 -32.08
N SER I 56 33.30 37.82 -32.94
CA SER I 56 34.50 37.03 -33.14
C SER I 56 35.58 37.83 -33.84
N GLY I 57 36.83 37.59 -33.45
CA GLY I 57 37.95 38.34 -33.98
C GLY I 57 38.17 39.68 -33.31
N VAL I 58 37.51 39.93 -32.19
CA VAL I 58 37.60 41.21 -31.47
C VAL I 58 38.12 40.91 -30.07
N PRO I 59 39.08 41.67 -29.55
CA PRO I 59 39.56 41.45 -28.18
C PRO I 59 38.49 41.74 -27.14
N SER I 60 38.62 41.07 -25.99
CA SER I 60 37.60 41.10 -24.95
C SER I 60 37.70 42.31 -24.03
N ARG I 61 38.53 43.30 -24.35
CA ARG I 61 38.59 44.50 -23.54
C ARG I 61 37.34 45.35 -23.71
N PHE I 62 36.73 45.33 -24.88
CA PHE I 62 35.47 46.02 -25.13
C PHE I 62 34.34 45.29 -24.41
N SER I 63 33.39 46.04 -23.86
CA SER I 63 32.22 45.38 -23.28
C SER I 63 31.00 46.25 -23.48
N GLY I 64 29.83 45.61 -23.50
CA GLY I 64 28.58 46.33 -23.68
C GLY I 64 27.51 45.79 -22.73
N SER I 65 26.58 46.68 -22.39
CA SER I 65 25.52 46.32 -21.45
C SER I 65 24.34 47.25 -21.68
N GLY I 66 23.27 47.03 -20.92
CA GLY I 66 22.10 47.87 -21.00
C GLY I 66 20.82 47.12 -21.31
N SER I 67 19.68 47.78 -21.11
CA SER I 67 18.38 47.15 -21.34
C SER I 67 17.34 48.24 -21.58
N GLY I 68 16.22 47.81 -22.15
CA GLY I 68 15.08 48.69 -22.37
C GLY I 68 15.36 49.84 -23.32
N THR I 69 15.43 51.05 -22.76
CA THR I 69 15.75 52.24 -23.52
C THR I 69 17.17 52.75 -23.29
N ASP I 70 17.92 52.14 -22.38
CA ASP I 70 19.26 52.60 -22.04
C ASP I 70 20.29 51.57 -22.48
N PHE I 71 21.39 52.04 -23.07
CA PHE I 71 22.46 51.15 -23.51
C PHE I 71 23.80 51.80 -23.25
N THR I 72 24.82 50.98 -22.99
CA THR I 72 26.12 51.53 -22.63
C THR I 72 27.23 50.61 -23.12
N LEU I 73 28.41 51.21 -23.31
CA LEU I 73 29.62 50.55 -23.77
C LEU I 73 30.77 50.99 -22.88
N THR I 74 31.50 50.00 -22.36
CA THR I 74 32.63 50.24 -21.46
C THR I 74 33.92 49.80 -22.13
N ILE I 75 34.93 50.67 -22.05
CA ILE I 75 36.22 50.45 -22.68
C ILE I 75 37.26 50.37 -21.56
N SER I 76 37.95 49.23 -21.47
CA SER I 76 38.99 49.03 -20.46
C SER I 76 40.31 48.80 -21.16
N SER I 77 41.39 49.36 -20.58
CA SER I 77 42.75 49.35 -21.12
C SER I 77 42.77 49.90 -22.55
N LEU I 78 42.44 51.19 -22.65
CA LEU I 78 42.19 51.84 -23.93
C LEU I 78 43.48 51.99 -24.73
N GLN I 79 43.58 51.22 -25.82
CA GLN I 79 44.71 51.26 -26.72
C GLN I 79 44.71 52.56 -27.53
N PRO I 80 45.87 52.98 -28.04
CA PRO I 80 45.89 54.17 -28.91
C PRO I 80 45.17 54.00 -30.24
N GLU I 81 44.89 52.77 -30.66
CA GLU I 81 44.14 52.52 -31.89
C GLU I 81 42.64 52.51 -31.69
N ASP I 82 42.15 52.76 -30.47
CA ASP I 82 40.73 52.75 -30.19
C ASP I 82 40.08 54.13 -30.34
N PHE I 83 40.84 55.14 -30.74
CA PHE I 83 40.28 56.48 -30.91
C PHE I 83 39.52 56.51 -32.23
N ALA I 84 38.23 56.18 -32.17
CA ALA I 84 37.40 56.06 -33.36
C ALA I 84 35.96 56.40 -33.00
N THR I 85 35.15 56.64 -34.03
CA THR I 85 33.76 57.03 -33.83
C THR I 85 32.92 55.79 -33.50
N TYR I 86 32.00 55.95 -32.55
CA TYR I 86 31.15 54.86 -32.10
C TYR I 86 29.68 55.17 -32.38
N TYR I 87 28.96 54.18 -32.87
CA TYR I 87 27.54 54.31 -33.18
C TYR I 87 26.77 53.16 -32.55
N CYS I 88 25.56 53.44 -32.06
CA CYS I 88 24.65 52.39 -31.62
C CYS I 88 23.43 52.38 -32.53
N GLN I 89 23.04 51.18 -32.97
CA GLN I 89 21.98 50.98 -33.94
C GLN I 89 20.90 50.07 -33.36
N GLN I 90 19.65 50.47 -33.54
CA GLN I 90 18.49 49.70 -33.10
C GLN I 90 17.91 48.92 -34.27
N LEU I 91 17.42 47.71 -33.99
CA LEU I 91 16.84 46.84 -35.01
C LEU I 91 15.47 46.32 -34.56
N ASN I 92 14.63 47.20 -34.02
CA ASN I 92 13.30 46.78 -33.60
C ASN I 92 12.37 46.63 -34.80
N THR I 93 12.14 47.73 -35.52
CA THR I 93 11.27 47.74 -36.69
C THR I 93 11.92 48.58 -37.78
N TYR I 94 11.40 48.44 -38.99
CA TYR I 94 11.85 49.27 -40.10
C TYR I 94 11.41 50.71 -39.90
N PRO I 95 12.24 51.70 -40.27
CA PRO I 95 13.61 51.57 -40.79
C PRO I 95 14.66 51.45 -39.69
N PHE I 96 15.83 50.93 -40.04
CA PHE I 96 16.94 50.85 -39.10
C PHE I 96 17.66 52.19 -39.03
N THR I 97 17.79 52.74 -37.83
CA THR I 97 18.37 54.05 -37.62
C THR I 97 19.66 53.94 -36.83
N PHE I 98 20.65 54.76 -37.21
CA PHE I 98 21.94 54.79 -36.55
C PHE I 98 22.01 55.94 -35.55
N GLY I 99 23.03 55.90 -34.71
CA GLY I 99 23.27 56.97 -33.76
C GLY I 99 23.97 58.15 -34.40
N PRO I 100 24.03 59.26 -33.65
CA PRO I 100 24.76 60.44 -34.14
C PRO I 100 26.26 60.24 -34.22
N GLY I 101 26.87 59.74 -33.15
CA GLY I 101 28.29 59.49 -33.14
C GLY I 101 29.04 60.23 -32.05
N THR I 102 30.01 59.56 -31.43
CA THR I 102 30.82 60.13 -30.37
C THR I 102 32.28 60.13 -30.80
N LYS I 103 32.94 61.27 -30.62
CA LYS I 103 34.34 61.44 -31.01
C LYS I 103 35.20 61.55 -29.76
N VAL I 104 36.28 60.77 -29.72
CA VAL I 104 37.22 60.77 -28.60
C VAL I 104 38.59 61.18 -29.12
N ASP I 105 39.30 62.01 -28.34
CA ASP I 105 40.59 62.55 -28.72
C ASP I 105 41.61 62.22 -27.63
N ILE I 106 42.88 62.21 -28.01
CA ILE I 106 43.96 61.92 -27.08
C ILE I 106 44.17 63.05 -26.09
C1 NAG J . 16.41 37.29 15.07
C2 NAG J . 15.76 37.51 13.71
C3 NAG J . 16.79 37.63 12.61
C4 NAG J . 17.95 38.54 12.93
C5 NAG J . 18.51 38.29 14.32
C6 NAG J . 19.38 39.45 14.78
C7 NAG J . 13.65 36.26 13.56
C8 NAG J . 12.99 35.08 12.92
N2 NAG J . 14.96 36.35 13.37
O3 NAG J . 16.13 38.18 11.46
O4 NAG J . 18.94 38.12 11.99
O5 NAG J . 17.50 38.16 15.32
O6 NAG J . 20.20 39.00 15.86
O7 NAG J . 13.02 37.08 14.20
C1 NAG J . 19.67 39.22 11.41
C2 NAG J . 20.72 38.71 10.42
C3 NAG J . 21.54 39.88 9.94
C4 NAG J . 20.60 40.91 9.33
C5 NAG J . 19.56 41.34 10.36
C6 NAG J . 18.59 42.33 9.74
C7 NAG J . 21.90 37.45 12.24
C8 NAG J . 23.09 38.20 12.77
N2 NAG J . 21.58 37.65 10.96
O3 NAG J . 22.47 39.44 8.94
O4 NAG J . 21.35 42.04 8.92
O5 NAG J . 18.84 40.20 10.80
O6 NAG J . 17.86 41.68 8.71
O7 NAG J . 21.27 36.69 12.94
C1 NAG K . 14.94 38.00 46.13
C2 NAG K . 14.76 39.45 46.60
C3 NAG K . 13.43 39.62 47.34
C4 NAG K . 12.28 39.12 46.49
C5 NAG K . 12.54 37.70 46.00
C6 NAG K . 11.50 37.19 45.03
C7 NAG K . 16.34 39.48 48.56
C8 NAG K . 17.53 40.20 49.13
N2 NAG K . 15.89 39.94 47.38
O3 NAG K . 13.26 41.00 47.67
O4 NAG K . 11.08 39.14 47.25
O5 NAG K . 13.81 37.62 45.33
O6 NAG K . 11.60 37.86 43.77
O7 NAG K . 15.82 38.53 49.15
C1 NAG K . 10.17 40.16 46.78
C2 NAG K . 8.75 39.79 47.21
C3 NAG K . 7.77 40.87 46.78
C4 NAG K . 8.21 42.24 47.28
C5 NAG K . 9.66 42.52 46.86
C6 NAG K . 10.20 43.80 47.44
C7 NAG K . 7.97 37.47 47.44
C8 NAG K . 7.60 36.21 46.72
N2 NAG K . 8.36 38.49 46.67
O3 NAG K . 6.47 40.57 47.28
O4 NAG K . 7.36 43.26 46.76
O5 NAG K . 10.51 41.46 47.31
O6 NAG K . 10.75 43.59 48.73
O7 NAG K . 7.91 37.56 48.66
C1 NAG L . -34.74 9.85 24.35
C2 NAG L . -33.56 10.76 24.67
C3 NAG L . -32.88 10.37 25.96
C4 NAG L . -33.83 10.11 27.10
C5 NAG L . -35.00 9.23 26.69
C6 NAG L . -36.12 9.31 27.72
C7 NAG L . -32.45 11.46 22.59
C8 NAG L . -31.12 11.44 21.91
N2 NAG L . -32.57 10.64 23.62
O3 NAG L . -32.03 11.46 26.34
O4 NAG L . -33.02 9.36 28.01
O5 NAG L . -35.60 9.63 25.47
O6 NAG L . -36.99 8.19 27.55
O7 NAG L . -33.36 12.18 22.21
C1 NAG L . -33.19 9.75 29.39
C2 NAG L . -32.25 8.94 30.28
C3 NAG L . -32.52 9.31 31.73
C4 NAG L . -32.33 10.81 31.88
C5 NAG L . -33.25 11.55 30.93
C6 NAG L . -33.01 13.05 31.04
C7 NAG L . -33.44 6.83 29.65
C8 NAG L . -34.45 6.41 30.68
N2 NAG L . -32.37 7.49 30.09
O3 NAG L . -31.60 8.63 32.57
O4 NAG L . -32.64 11.18 33.23
O5 NAG L . -32.98 11.16 29.59
O6 NAG L . -31.70 13.34 30.57
O7 NAG L . -33.58 6.55 28.48
C1 NAG M . -60.86 3.86 8.70
C2 NAG M . -61.96 4.84 9.15
C3 NAG M . -62.42 5.71 7.97
C4 NAG M . -61.22 6.38 7.31
C5 NAG M . -60.14 5.37 6.95
C6 NAG M . -58.87 5.99 6.43
C7 NAG M . -63.93 3.28 9.30
C8 NAG M . -65.00 2.79 10.24
N2 NAG M . -63.09 4.19 9.82
O3 NAG M . -63.35 6.67 8.44
O4 NAG M . -61.65 7.04 6.12
O5 NAG M . -59.78 4.59 8.10
O6 NAG M . -58.18 6.67 7.47
O7 NAG M . -63.85 2.86 8.14
C1 NAG M . -61.60 8.48 6.28
C2 NAG M . -61.50 9.12 4.90
C3 NAG M . -61.49 10.64 5.02
C4 NAG M . -62.69 11.13 5.83
C5 NAG M . -62.74 10.42 7.17
C6 NAG M . -63.98 10.75 7.97
C7 NAG M . -60.37 8.06 3.00
C8 NAG M . -59.05 7.65 2.40
N2 NAG M . -60.32 8.66 4.19
O3 NAG M . -61.50 11.22 3.72
O4 NAG M . -62.60 12.54 6.04
O5 NAG M . -62.76 8.99 6.97
O6 NAG M . -65.08 9.91 7.62
O7 NAG M . -61.43 7.86 2.41
C1 NAG N . -18.86 24.92 -30.01
C2 NAG N . -19.85 24.75 -28.86
C3 NAG N . -20.94 23.77 -29.21
C4 NAG N . -21.57 23.99 -30.56
C5 NAG N . -20.52 24.19 -31.64
C6 NAG N . -21.14 24.76 -32.91
C7 NAG N . -18.59 24.89 -26.74
C8 NAG N . -17.96 24.08 -25.66
N2 NAG N . -19.16 24.18 -27.71
O3 NAG N . -21.98 23.90 -28.23
O4 NAG N . -22.27 22.78 -30.85
O5 NAG N . -19.51 25.11 -31.26
O6 NAG N . -20.21 24.62 -33.98
O7 NAG N . -18.56 26.10 -26.73
C1 NAG N . -23.63 23.04 -31.21
C2 NAG N . -24.13 21.94 -32.15
C3 NAG N . -25.52 22.28 -32.59
C4 NAG N . -26.40 22.43 -31.35
C5 NAG N . -25.82 23.51 -30.45
C6 NAG N . -26.66 23.68 -29.18
C7 NAG N . -22.23 20.97 -33.35
C8 NAG N . -21.57 20.85 -34.69
N2 NAG N . -23.26 21.82 -33.31
O3 NAG N . -26.04 21.23 -33.41
O4 NAG N . -27.73 22.78 -31.76
O5 NAG N . -24.49 23.15 -30.08
O6 NAG N . -27.89 24.35 -29.49
O7 NAG N . -21.85 20.34 -32.38
C1 NAG O . 2.33 43.02 -44.02
C2 NAG O . 1.67 44.34 -44.46
C3 NAG O . 2.32 45.53 -43.74
C4 NAG O . 2.31 45.31 -42.24
C5 NAG O . 2.91 43.96 -41.87
C6 NAG O . 2.79 43.62 -40.40
C7 NAG O . 2.70 44.63 -46.74
C8 NAG O . 2.37 44.83 -48.18
N2 NAG O . 1.65 44.53 -45.91
O3 NAG O . 1.61 46.72 -44.08
O4 NAG O . 3.05 46.35 -41.59
O5 NAG O . 2.26 42.90 -42.60
O6 NAG O . 1.44 43.33 -40.05
O7 NAG O . 3.87 44.57 -46.35
C1 NAG O . 2.19 47.24 -40.85
C2 NAG O . 3.01 47.93 -39.77
C3 NAG O . 2.14 48.92 -39.00
C4 NAG O . 1.44 49.89 -39.95
C5 NAG O . 0.68 49.12 -41.03
C6 NAG O . 0.07 50.02 -42.09
C7 NAG O . 4.93 46.89 -38.66
C8 NAG O . 5.38 45.84 -37.69
N2 NAG O . 3.62 46.97 -38.87
O3 NAG O . 2.94 49.64 -38.07
O4 NAG O . 0.54 50.72 -39.24
O5 NAG O . 1.57 48.22 -41.71
O6 NAG O . 1.01 50.30 -43.11
O7 NAG O . 5.72 47.64 -39.22
C1 NAG P . -3.20 51.10 -5.85
C2 NAG P . -1.76 51.21 -5.32
C3 NAG P . -1.74 51.90 -3.94
C4 NAG P . -2.44 53.25 -4.01
C5 NAG P . -3.87 53.04 -4.47
C6 NAG P . -4.61 54.34 -4.66
C7 NAG P . 0.13 49.65 -5.52
C8 NAG P . 0.58 48.24 -5.34
N2 NAG P . -1.14 49.89 -5.21
O3 NAG P . -0.39 52.07 -3.51
O4 NAG P . -2.45 53.86 -2.73
O5 NAG P . -3.86 52.39 -5.75
O6 NAG P . -4.28 54.96 -5.89
O7 NAG P . 0.88 50.54 -5.94
C1 NAG Q . 32.55 49.27 31.20
C2 NAG Q . 31.81 50.62 31.14
C3 NAG Q . 31.02 50.73 29.83
C4 NAG Q . 31.93 50.49 28.63
C5 NAG Q . 32.67 49.16 28.77
C6 NAG Q . 33.67 48.93 27.68
C7 NAG Q . 30.74 51.98 32.86
C8 NAG Q . 29.81 51.99 34.04
N2 NAG Q . 30.93 50.79 32.29
O3 NAG Q . 30.43 52.02 29.74
O4 NAG Q . 31.17 50.48 27.44
O5 NAG Q . 33.39 49.12 30.01
O6 NAG Q . 34.57 50.03 27.55
O7 NAG Q . 31.29 53.00 32.47
C1 NAG R . 38.15 20.62 18.85
C2 NAG R . 39.39 21.50 19.07
C3 NAG R . 40.59 20.91 18.32
C4 NAG R . 40.80 19.45 18.70
C5 NAG R . 39.52 18.65 18.50
C6 NAG R . 39.62 17.22 18.98
C7 NAG R . 39.71 23.93 19.20
C8 NAG R . 39.32 25.27 18.62
N2 NAG R . 39.13 22.86 18.63
O3 NAG R . 41.75 21.66 18.62
O4 NAG R . 41.83 18.89 17.90
O5 NAG R . 38.44 19.26 19.23
O6 NAG R . 39.35 17.13 20.37
O7 NAG R . 40.48 23.83 20.13
C1 NAG S . 6.04 48.58 25.94
C2 NAG S . 6.02 49.52 24.71
C3 NAG S . 4.61 50.11 24.51
C4 NAG S . 3.57 49.00 24.48
C5 NAG S . 3.69 48.10 25.70
C6 NAG S . 2.76 46.92 25.66
C7 NAG S . 7.18 51.53 25.68
C8 NAG S . 8.34 52.46 25.46
N2 NAG S . 7.05 50.56 24.76
O3 NAG S . 4.60 50.86 23.30
O4 NAG S . 2.27 49.57 24.44
O5 NAG S . 5.03 47.57 25.79
O6 NAG S . 1.40 47.33 25.65
O7 NAG S . 6.42 51.66 26.64
C1 NAG T . 14.50 -0.56 40.14
C2 NAG T . 15.83 -0.28 40.88
C3 NAG T . 16.15 -1.41 41.85
C4 NAG T . 14.97 -1.67 42.79
C5 NAG T . 13.69 -1.91 41.98
C6 NAG T . 12.47 -2.05 42.86
C7 NAG T . 17.86 0.85 40.08
C8 NAG T . 18.91 0.89 39.02
N2 NAG T . 16.93 -0.10 39.94
O3 NAG T . 17.31 -1.10 42.59
O4 NAG T . 15.24 -2.80 43.61
O5 NAG T . 13.46 -0.81 41.11
O6 NAG T . 12.26 -0.89 43.65
O7 NAG T . 17.86 1.63 41.04
C1 NAG U . 42.80 5.83 -8.87
C2 NAG U . 42.73 5.09 -10.22
C3 NAG U . 44.07 5.15 -10.94
C4 NAG U . 44.55 6.59 -11.07
C5 NAG U . 44.60 7.25 -9.71
C6 NAG U . 44.95 8.71 -9.76
C7 NAG U . 41.44 3.10 -10.84
C8 NAG U . 41.11 1.67 -10.52
N2 NAG U . 42.31 3.70 -10.05
O3 NAG U . 43.95 4.55 -12.22
O4 NAG U . 45.84 6.64 -11.67
O5 NAG U . 43.30 7.17 -9.07
O6 NAG U . 43.79 9.53 -9.81
O7 NAG U . 40.91 3.67 -11.80
C1 NAG V . 31.70 -46.88 28.18
C2 NAG V . 31.72 -45.48 28.82
C3 NAG V . 31.74 -45.61 30.34
C4 NAG V . 30.62 -46.52 30.82
C5 NAG V . 30.63 -47.84 30.06
C6 NAG V . 29.46 -48.74 30.41
C7 NAG V . 32.83 -43.37 28.23
C8 NAG V . 34.09 -42.73 27.73
N2 NAG V . 32.86 -44.71 28.34
O3 NAG V . 31.62 -44.32 30.93
O4 NAG V . 30.77 -46.77 32.21
O5 NAG V . 30.56 -47.60 28.65
O6 NAG V . 29.62 -50.03 29.85
O7 NAG V . 31.84 -42.71 28.52
C1 NAG W . 56.73 -40.98 -4.44
C2 NAG W . 56.44 -40.20 -5.73
C3 NAG W . 56.62 -38.70 -5.48
C4 NAG W . 55.78 -38.26 -4.29
C5 NAG W . 56.10 -39.11 -3.06
C6 NAG W . 55.23 -38.79 -1.87
C7 NAG W . 56.82 -41.10 -7.98
C8 NAG W . 57.84 -41.52 -8.98
N2 NAG W . 57.29 -40.64 -6.82
O3 NAG W . 56.23 -37.98 -6.64
O4 NAG W . 56.07 -36.89 -3.98
O5 NAG W . 55.90 -40.50 -3.38
O6 NAG W . 55.55 -37.53 -1.30
O7 NAG W . 55.62 -41.18 -8.20
C1 NAG X . 28.04 40.92 61.10
C2 NAG X . 26.54 41.20 61.14
C3 NAG X . 26.19 42.33 60.18
C4 NAG X . 27.03 43.57 60.47
C5 NAG X . 28.52 43.21 60.46
C6 NAG X . 29.41 44.35 60.86
C7 NAG X . 25.09 39.32 61.75
C8 NAG X . 24.35 38.12 61.25
N2 NAG X . 25.77 40.01 60.82
O3 NAG X . 24.80 42.66 60.31
O4 NAG X . 26.78 44.58 59.51
O5 NAG X . 28.78 42.13 61.37
O6 NAG X . 28.89 45.04 62.00
O7 NAG X . 25.09 39.64 62.92
C1 NAG Y . 54.25 -8.40 1.20
C2 NAG Y . 55.75 -8.30 1.55
C3 NAG Y . 56.36 -7.01 0.97
C4 NAG Y . 56.05 -6.90 -0.52
C5 NAG Y . 54.55 -7.01 -0.75
C6 NAG Y . 54.16 -6.97 -2.21
C7 NAG Y . 56.71 -9.26 3.59
C8 NAG Y . 56.82 -9.16 5.08
N2 NAG Y . 55.96 -8.34 3.00
O3 NAG Y . 57.76 -7.01 1.17
O4 NAG Y . 56.52 -5.65 -1.03
O5 NAG Y . 54.07 -8.25 -0.22
O6 NAG Y . 55.26 -6.64 -3.04
O7 NAG Y . 57.28 -10.14 2.95
C1 NAG Z . 57.68 -55.83 -1.47
C2 NAG Z . 59.17 -56.19 -1.26
C3 NAG Z . 59.36 -57.12 -0.06
C4 NAG Z . 58.68 -56.55 1.18
C5 NAG Z . 57.21 -56.31 0.87
C6 NAG Z . 56.44 -55.72 2.03
C7 NAG Z . 59.47 -57.94 -3.04
C8 NAG Z . 60.26 -58.29 -4.26
N2 NAG Z . 59.78 -56.76 -2.46
O3 NAG Z . 60.75 -57.28 0.18
O4 NAG Z . 58.79 -57.47 2.25
O5 NAG Z . 57.10 -55.39 -0.22
O6 NAG Z . 56.39 -54.30 1.96
O7 NAG Z . 58.56 -58.66 -2.63
C1 NAG AA . 54.46 -43.90 -20.53
C2 NAG AA . 54.06 -44.85 -21.67
C3 NAG AA . 55.31 -45.33 -22.43
C4 NAG AA . 56.14 -44.15 -22.92
C5 NAG AA . 56.52 -43.28 -21.72
C6 NAG AA . 57.25 -42.01 -22.13
C7 NAG AA . 52.03 -46.23 -21.34
C8 NAG AA . 51.30 -45.21 -22.17
N2 NAG AA . 53.34 -46.00 -21.14
O3 NAG AA . 54.92 -46.13 -23.54
O4 NAG AA . 57.32 -44.61 -23.56
O5 NAG AA . 55.33 -42.87 -21.04
O6 NAG AA . 58.61 -42.03 -21.73
O7 NAG AA . 51.48 -47.21 -20.88
C1 NAG BA . 48.81 -48.26 11.04
C2 NAG BA . 50.18 -48.82 11.46
C3 NAG BA . 50.09 -49.43 12.87
C4 NAG BA . 49.48 -48.46 13.87
C5 NAG BA . 48.14 -47.96 13.35
C6 NAG BA . 47.50 -46.92 14.24
C7 NAG BA . 51.81 -49.81 9.91
C8 NAG BA . 52.09 -50.93 8.96
N2 NAG BA . 50.61 -49.83 10.51
O3 NAG BA . 51.40 -49.81 13.30
O4 NAG BA . 49.29 -49.10 15.12
O5 NAG BA . 48.33 -47.36 12.06
O6 NAG BA . 48.41 -45.86 14.52
O7 NAG BA . 52.63 -48.92 10.13
C1 NAG CA . 57.98 -60.87 -21.88
C2 NAG CA . 58.66 -62.08 -22.55
C3 NAG CA . 59.93 -61.64 -23.27
C4 NAG CA . 59.65 -60.50 -24.24
C5 NAG CA . 58.96 -59.35 -23.50
C6 NAG CA . 58.53 -58.23 -24.42
C7 NAG CA . 58.27 -64.25 -21.49
C8 NAG CA . 58.71 -65.21 -20.42
N2 NAG CA . 58.95 -63.10 -21.57
O3 NAG CA . 60.49 -62.73 -23.97
O4 NAG CA . 60.86 -60.01 -24.81
O5 NAG CA . 57.77 -59.84 -22.87
O6 NAG CA . 57.22 -58.44 -24.93
O7 NAG CA . 57.33 -64.50 -22.24
C1 NAG DA . 30.57 -11.70 25.49
C2 NAG DA . 29.70 -12.90 25.88
C3 NAG DA . 29.55 -13.00 27.40
C4 NAG DA . 30.92 -13.01 28.07
C5 NAG DA . 31.71 -11.78 27.64
C6 NAG DA . 33.13 -11.76 28.18
C7 NAG DA . 27.71 -13.91 24.85
C8 NAG DA . 26.38 -13.65 24.22
N2 NAG DA . 28.40 -12.82 25.24
O3 NAG DA . 28.85 -14.18 27.74
O4 NAG DA . 30.78 -13.00 29.48
O5 NAG DA . 31.83 -11.76 26.21
O6 NAG DA . 34.09 -11.77 27.13
O7 NAG DA . 28.15 -15.05 25.01
C1 NAG EA . 24.63 39.17 -12.29
C2 NAG EA . 25.68 39.42 -13.37
C3 NAG EA . 26.96 39.97 -12.73
C4 NAG EA . 26.64 41.19 -11.87
C5 NAG EA . 25.52 40.88 -10.88
C6 NAG EA . 25.07 42.09 -10.09
C7 NAG EA . 25.81 38.11 -15.44
C8 NAG EA . 26.15 36.78 -16.05
N2 NAG EA . 25.97 38.21 -14.12
O3 NAG EA . 27.90 40.31 -13.74
O4 NAG EA . 27.80 41.58 -11.15
O5 NAG EA . 24.37 40.39 -11.58
O6 NAG EA . 25.84 42.23 -8.91
O7 NAG EA . 25.42 39.05 -16.12
C1 NAG FA . -20.05 37.91 27.97
C2 NAG FA . -20.67 36.65 28.61
C3 NAG FA . -22.13 36.49 28.21
C4 NAG FA . -22.93 37.76 28.50
C5 NAG FA . -22.27 38.95 27.80
C6 NAG FA . -22.94 40.26 28.14
C7 NAG FA . -19.65 34.46 29.12
C8 NAG FA . -18.83 33.33 28.59
N2 NAG FA . -19.91 35.45 28.26
O3 NAG FA . -22.69 35.44 28.99
O4 NAG FA . -24.24 37.62 27.99
O5 NAG FA . -20.90 39.07 28.22
O6 NAG FA . -22.53 40.75 29.40
O7 NAG FA . -20.06 34.47 30.27
C1 NAG GA . -57.35 2.73 34.13
C2 NAG GA . -57.84 4.17 34.38
C3 NAG GA . -56.65 5.11 34.53
C4 NAG GA . -55.69 4.61 35.61
C5 NAG GA . -55.28 3.17 35.33
C6 NAG GA . -54.43 2.57 36.42
C7 NAG GA . -59.78 5.41 33.55
C8 NAG GA . -60.59 5.79 32.35
N2 NAG GA . -58.72 4.63 33.33
O3 NAG GA . -57.11 6.42 34.86
O4 NAG GA . -54.53 5.43 35.65
O5 NAG GA . -56.45 2.34 35.20
O6 NAG GA . -55.05 2.71 37.69
O7 NAG GA . -60.06 5.81 34.67
C1 NAG HA . -33.58 -17.43 28.39
C2 NAG HA . -34.45 -17.76 29.61
C3 NAG HA . -33.75 -18.81 30.48
C4 NAG HA . -33.38 -20.03 29.65
C5 NAG HA . -32.55 -19.62 28.42
C6 NAG HA . -32.26 -20.78 27.50
C7 NAG HA . -35.84 -16.38 31.09
C8 NAG HA . -35.95 -15.08 31.83
N2 NAG HA . -34.71 -16.56 30.39
O3 NAG HA . -34.60 -19.21 31.55
O4 NAG HA . -32.62 -20.95 30.44
O5 NAG HA . -33.28 -18.65 27.66
O6 NAG HA . -33.32 -20.99 26.58
O7 NAG HA . -36.73 -17.22 31.12
C1 NAG IA . -47.49 22.09 18.05
C2 NAG IA . -46.93 23.04 19.13
C3 NAG IA . -46.79 24.46 18.59
C4 NAG IA . -46.00 24.47 17.28
C5 NAG IA . -46.60 23.47 16.29
C6 NAG IA . -45.79 23.34 15.02
C7 NAG IA . -48.99 23.34 20.56
C8 NAG IA . -49.50 23.21 21.96
N2 NAG IA . -47.69 23.00 20.38
O3 NAG IA . -46.15 25.28 19.56
O4 NAG IA . -46.02 25.77 16.71
O5 NAG IA . -46.66 22.16 16.87
O6 NAG IA . -45.73 24.58 14.31
O7 NAG IA . -49.71 23.74 19.64
C1 NAG JA . -36.30 -20.29 -9.63
C2 NAG JA . -37.31 -21.21 -8.92
C3 NAG JA . -37.61 -22.43 -9.79
C4 NAG JA . -38.06 -22.00 -11.19
C5 NAG JA . -37.02 -21.08 -11.81
C6 NAG JA . -37.45 -20.52 -13.15
C7 NAG JA . -37.61 -21.68 -6.53
C8 NAG JA . -36.94 -22.13 -5.27
N2 NAG JA . -36.83 -21.62 -7.62
O3 NAG JA . -38.64 -23.21 -9.17
O4 NAG JA . -38.23 -23.15 -12.01
O5 NAG JA . -36.79 -19.95 -10.95
O6 NAG JA . -38.66 -19.79 -13.04
O7 NAG JA . -38.80 -21.39 -6.57
C1 NAG KA . -3.24 -23.69 36.84
C2 NAG KA . -1.75 -24.00 36.99
C3 NAG KA . -1.52 -24.87 38.22
C4 NAG KA . -2.12 -24.20 39.46
C5 NAG KA . -3.59 -23.89 39.22
C6 NAG KA . -4.21 -23.12 40.36
C7 NAG KA . -0.11 -24.30 35.19
C8 NAG KA . 0.27 -25.09 33.98
N2 NAG KA . -1.24 -24.66 35.80
O3 NAG KA . -0.13 -25.06 38.41
O4 NAG KA . -2.00 -25.06 40.59
O5 NAG KA . -3.73 -23.07 38.05
O6 NAG KA . -4.85 -21.93 39.90
O7 NAG KA . 0.57 -23.37 35.60
C1 NAG LA . -5.95 -61.39 -16.94
C2 NAG LA . -7.15 -60.45 -16.75
C3 NAG LA . -8.30 -60.87 -17.66
C4 NAG LA . -7.83 -60.99 -19.10
C5 NAG LA . -6.62 -61.91 -19.21
C6 NAG LA . -6.04 -61.97 -20.59
C7 NAG LA . -8.05 -59.32 -14.78
C8 NAG LA . -8.44 -59.48 -13.33
N2 NAG LA . -7.56 -60.42 -15.36
O3 NAG LA . -9.35 -59.91 -17.56
O4 NAG LA . -8.88 -61.50 -19.91
O5 NAG LA . -5.57 -61.44 -18.33
O6 NAG LA . -4.61 -62.00 -20.56
O7 NAG LA . -8.18 -58.26 -15.37
C1 NAG MA . 13.56 -66.13 18.95
C2 NAG MA . 14.32 -65.10 19.78
C3 NAG MA . 13.33 -64.27 20.61
C4 NAG MA . 12.27 -63.66 19.71
C5 NAG MA . 11.59 -64.75 18.89
C6 NAG MA . 10.59 -64.19 17.88
C7 NAG MA . 16.59 -65.45 20.64
C8 NAG MA . 17.45 -66.21 21.60
N2 NAG MA . 15.29 -65.74 20.65
O3 NAG MA . 14.04 -63.24 21.29
O4 NAG MA . 11.28 -63.00 20.51
O5 NAG MA . 12.57 -65.47 18.13
O6 NAG MA . 9.41 -63.74 18.54
O7 NAG MA . 17.06 -64.59 19.89
C1 NAG NA . -77.44 -7.00 12.10
C2 NAG NA . -77.34 -5.76 11.20
C3 NAG NA . -77.05 -4.52 12.03
C4 NAG NA . -78.07 -4.35 13.14
C5 NAG NA . -78.15 -5.63 13.98
C6 NAG NA . -79.25 -5.58 15.02
C7 NAG NA . -76.62 -6.16 8.89
C8 NAG NA . -75.45 -6.33 7.96
N2 NAG NA . -76.33 -5.94 10.18
O3 NAG NA . -77.05 -3.36 11.20
O4 NAG NA . -77.72 -3.26 13.99
O5 NAG NA . -78.43 -6.75 13.13
O6 NAG NA . -80.45 -5.04 14.49
O7 NAG NA . -77.78 -6.22 8.49
C1 NAG OA . -7.34 -43.81 32.04
C2 NAG OA . -7.77 -44.95 33.00
C3 NAG OA . -8.14 -44.39 34.38
C4 NAG OA . -7.05 -43.49 34.92
C5 NAG OA . -6.74 -42.39 33.92
C6 NAG OA . -5.62 -41.47 34.35
C7 NAG OA . -9.19 -46.95 32.76
C8 NAG OA . -10.37 -47.54 32.07
N2 NAG OA . -8.89 -45.69 32.44
O3 NAG OA . -8.35 -45.46 35.29
O4 NAG OA . -7.45 -42.91 36.16
O5 NAG OA . -6.33 -42.99 32.69
O6 NAG OA . -4.73 -42.12 35.24
O7 NAG OA . -8.51 -47.59 33.57
C1 NAG PA . 18.59 -77.70 10.47
C2 NAG PA . 18.18 -79.13 10.91
C3 NAG PA . 17.65 -79.94 9.73
C4 NAG PA . 16.54 -79.18 9.01
C5 NAG PA . 17.04 -77.81 8.59
C6 NAG PA . 15.97 -76.95 7.95
C7 NAG PA . 20.44 -80.19 11.07
C8 NAG PA . 21.36 -80.94 12.00
N2 NAG PA . 19.26 -79.84 11.60
O3 NAG PA . 17.15 -81.18 10.22
O4 NAG PA . 16.11 -79.90 7.87
O5 NAG PA . 17.51 -77.09 9.74
O6 NAG PA . 15.17 -76.33 8.94
O7 NAG PA . 20.77 -79.93 9.92
C1 NAG QA . 28.57 -61.72 23.59
C2 NAG QA . 30.06 -61.71 23.39
C3 NAG QA . 30.66 -62.98 24.01
C4 NAG QA . 30.11 -63.25 25.42
C5 NAG QA . 28.61 -62.97 25.51
C6 NAG QA . 28.04 -62.97 26.91
C7 NAG QA . 31.36 -60.95 21.40
C8 NAG QA . 32.25 -60.19 22.34
N2 NAG QA . 30.36 -61.64 21.96
O3 NAG QA . 32.07 -62.90 24.03
O4 NAG QA . 30.27 -64.63 25.74
O5 NAG QA . 28.30 -61.70 24.91
O6 NAG QA . 29.04 -62.60 27.85
O7 NAG QA . 31.53 -60.93 20.18
C1 NAG RA . 5.30 -68.43 1.28
C2 NAG RA . 4.94 -69.88 1.62
C3 NAG RA . 4.09 -70.48 0.51
C4 NAG RA . 2.87 -69.61 0.24
C5 NAG RA . 3.30 -68.18 -0.05
C6 NAG RA . 2.13 -67.23 -0.20
C7 NAG RA . 6.35 -71.34 3.00
C8 NAG RA . 7.62 -72.13 3.06
N2 NAG RA . 6.12 -70.69 1.86
O3 NAG RA . 3.68 -71.79 0.86
O4 NAG RA . 2.13 -70.12 -0.86
O5 NAG RA . 4.10 -67.68 1.03
O6 NAG RA . 1.37 -67.15 1.00
O7 NAG RA . 5.57 -71.30 3.94
C1 NAG SA . 38.16 -75.97 17.33
C2 NAG SA . 39.18 -77.12 17.46
C3 NAG SA . 39.31 -77.54 18.93
C4 NAG SA . 39.63 -76.34 19.81
C5 NAG SA . 38.58 -75.24 19.60
C6 NAG SA . 38.89 -73.98 20.36
C7 NAG SA . 39.40 -78.59 15.51
C8 NAG SA . 38.87 -79.79 14.79
N2 NAG SA . 38.78 -78.26 16.64
O3 NAG SA . 40.34 -78.51 19.05
O4 NAG SA . 39.62 -76.73 21.19
O5 NAG SA . 38.53 -74.90 18.22
O6 NAG SA . 39.72 -73.11 19.59
O7 NAG SA . 40.34 -77.94 15.07
C1 NAG TA . -22.11 -36.33 3.36
C2 NAG TA . -23.52 -36.52 3.97
C3 NAG TA . -24.26 -37.63 3.24
C4 NAG TA . -24.25 -37.41 1.74
C5 NAG TA . -22.81 -37.21 1.24
C6 NAG TA . -22.74 -36.87 -0.23
C7 NAG TA . -24.43 -36.45 6.24
C8 NAG TA . -24.21 -36.81 7.69
N2 NAG TA . -23.46 -36.78 5.40
O3 NAG TA . -25.61 -37.70 3.71
O4 NAG TA . -24.82 -38.53 1.08
O5 NAG TA . -22.21 -36.12 1.95
O6 NAG TA . -22.93 -35.48 -0.45
O7 NAG TA . -25.44 -35.87 5.88
C1 NAG UA . -12.76 12.09 44.02
C2 NAG UA . -12.48 11.59 45.44
C3 NAG UA . -13.46 10.48 45.81
C4 NAG UA . -14.90 10.95 45.59
C5 NAG UA . -15.08 11.50 44.18
C6 NAG UA . -16.45 12.09 43.95
C7 NAG UA . -10.17 11.81 46.22
C8 NAG UA . -8.80 11.18 46.26
N2 NAG UA . -11.11 11.12 45.56
O3 NAG UA . -13.27 10.11 47.17
O4 NAG UA . -15.80 9.86 45.80
O5 NAG UA . -14.13 12.55 43.94
O6 NAG UA . -17.13 12.33 45.17
O7 NAG UA . -10.40 12.88 46.75
C1 NAG VA . -39.07 32.96 -6.60
C2 NAG VA . -38.73 32.43 -8.01
C3 NAG VA . -38.11 33.52 -8.87
C4 NAG VA . -38.97 34.78 -8.89
C5 NAG VA . -39.24 35.24 -7.46
C6 NAG VA . -40.20 36.40 -7.40
C7 NAG VA . -37.95 30.20 -8.69
C8 NAG VA . -36.94 29.12 -8.45
N2 NAG VA . -37.83 31.28 -7.92
O3 NAG VA . -37.97 33.03 -10.21
O4 NAG VA . -38.31 35.82 -9.59
O5 NAG VA . -39.84 34.18 -6.72
O6 NAG VA . -41.55 35.95 -7.44
O7 NAG VA . -38.83 30.09 -9.54
C1 NAG WA . -19.19 33.62 -54.44
C2 NAG WA . -20.03 34.87 -54.11
C3 NAG WA . -20.86 34.63 -52.86
C4 NAG WA . -21.70 33.37 -52.99
C5 NAG WA . -20.81 32.17 -53.35
C6 NAG WA . -21.60 30.91 -53.63
C7 NAG WA . -19.59 37.27 -54.38
C8 NAG WA . -18.61 38.37 -54.15
N2 NAG WA . -19.20 36.06 -53.97
O3 NAG WA . -21.72 35.75 -52.63
O4 NAG WA . -22.37 33.09 -51.76
O5 NAG WA . -20.06 32.46 -54.54
O6 NAG WA . -22.62 31.13 -54.58
O7 NAG WA . -20.68 37.45 -54.90
C1 NAG XA . -8.74 4.85 -46.24
C2 NAG XA . -9.44 4.94 -47.60
C3 NAG XA . -9.77 3.53 -48.11
C4 NAG XA . -8.53 2.64 -48.12
C5 NAG XA . -7.87 2.64 -46.74
C6 NAG XA . -6.56 1.89 -46.71
C7 NAG XA . -11.11 6.48 -48.52
C8 NAG XA . -12.37 7.25 -48.25
N2 NAG XA . -10.64 5.74 -47.51
O3 NAG XA . -10.31 3.60 -49.42
O4 NAG XA . -8.88 1.32 -48.47
O5 NAG XA . -7.57 3.99 -46.33
O6 NAG XA . -5.48 2.71 -47.12
O7 NAG XA . -10.54 6.52 -49.60
C1 NAG YA . -17.29 43.66 -29.42
C2 NAG YA . -18.78 43.64 -29.04
C3 NAG YA . -19.07 44.63 -27.91
C4 NAG YA . -18.12 44.40 -26.74
C5 NAG YA . -16.66 44.39 -27.21
C6 NAG YA . -15.69 44.05 -26.10
C7 NAG YA . -19.74 44.94 -30.97
C8 NAG YA . -20.76 44.86 -32.07
N2 NAG YA . -19.67 43.85 -30.18
O3 NAG YA . -20.42 44.50 -27.49
O4 NAG YA . -18.29 45.43 -25.76
O5 NAG YA . -16.49 43.41 -28.25
O6 NAG YA . -15.72 45.01 -25.06
O7 NAG YA . -19.03 45.93 -30.82
C1 NAG ZA . 25.24 14.08 -31.39
C2 NAG ZA . 25.31 14.00 -32.91
C3 NAG ZA . 26.71 13.60 -33.37
C4 NAG ZA . 27.76 14.54 -32.78
C5 NAG ZA . 27.62 14.59 -31.25
C6 NAG ZA . 28.55 15.58 -30.61
C7 NAG ZA . 23.59 13.31 -34.52
C8 NAG ZA . 22.62 12.23 -34.92
N2 NAG ZA . 24.32 13.06 -33.43
O3 NAG ZA . 26.78 13.64 -34.79
O4 NAG ZA . 29.07 14.09 -33.11
O5 NAG ZA . 26.28 14.96 -30.90
O6 NAG ZA . 28.32 16.90 -31.10
O7 NAG ZA . 23.69 14.35 -35.17
C1 NAG AB . -18.48 -22.55 -32.81
C2 NAG AB . -18.72 -23.85 -32.03
C3 NAG AB . -19.40 -24.88 -32.94
C4 NAG AB . -20.66 -24.32 -33.57
C5 NAG AB . -20.34 -23.01 -34.29
C6 NAG AB . -21.58 -22.32 -34.83
C7 NAG AB . -17.37 -24.81 -30.23
C8 NAG AB . -16.02 -25.31 -29.83
N2 NAG AB . -17.48 -24.37 -31.49
O3 NAG AB . -19.70 -26.04 -32.18
O4 NAG AB . -21.21 -25.24 -34.50
O5 NAG AB . -19.72 -22.09 -33.38
O6 NAG AB . -21.64 -20.96 -34.42
O7 NAG AB . -18.31 -24.81 -29.45
C1 NAG BB . 46.06 -32.22 -28.77
C2 NAG BB . 45.63 -30.93 -29.49
C3 NAG BB . 46.84 -30.28 -30.16
C4 NAG BB . 47.98 -30.11 -29.18
C5 NAG BB . 48.29 -31.43 -28.46
C6 NAG BB . 49.34 -31.29 -27.38
C7 NAG BB . 43.61 -30.31 -30.73
C8 NAG BB . 42.59 -30.74 -31.74
N2 NAG BB . 44.57 -31.19 -30.44
O3 NAG BB . 46.46 -29.03 -30.71
O4 NAG BB . 49.16 -29.69 -29.88
O5 NAG BB . 47.10 -31.92 -27.83
O6 NAG BB . 49.84 -32.56 -27.00
O7 NAG BB . 43.56 -29.21 -30.17
C1 NAG CB . 14.77 -58.58 -35.68
C2 NAG CB . 13.37 -58.61 -35.05
C3 NAG CB . 12.48 -57.53 -35.68
C4 NAG CB . 13.16 -56.17 -35.61
C5 NAG CB . 14.56 -56.24 -36.23
C6 NAG CB . 15.33 -54.95 -36.08
C7 NAG CB . 12.40 -60.68 -34.14
C8 NAG CB . 11.79 -62.00 -34.47
N2 NAG CB . 12.76 -59.92 -35.18
O3 NAG CB . 11.23 -57.50 -35.01
O4 NAG CB . 12.38 -55.21 -36.31
O5 NAG CB . 15.33 -57.25 -35.56
O6 NAG CB . 14.80 -53.93 -36.92
O7 NAG CB . 12.57 -60.31 -32.98
C1 NAG DB . 8.11 46.50 -62.96
C2 NAG DB . 8.23 47.48 -61.79
C3 NAG DB . 6.84 47.89 -61.32
C4 NAG DB . 6.02 48.46 -62.47
C5 NAG DB . 5.97 47.45 -63.62
C6 NAG DB . 5.28 47.99 -64.85
C7 NAG DB . 10.24 47.26 -60.40
C8 NAG DB . 10.87 46.55 -59.25
N2 NAG DB . 8.98 46.89 -60.71
O3 NAG DB . 6.97 48.88 -60.29
O4 NAG DB . 4.69 48.74 -62.04
O5 NAG DB . 7.30 47.09 -64.02
O6 NAG DB . 5.68 49.33 -65.13
O7 NAG DB . 10.83 48.13 -61.04
C1 NAG EB . -3.36 -32.01 -44.04
C2 NAG EB . -3.45 -32.60 -45.46
C3 NAG EB . -4.76 -32.15 -46.14
C4 NAG EB . -5.96 -32.49 -45.26
C5 NAG EB . -5.80 -31.82 -43.91
C6 NAG EB . -6.92 -32.16 -42.95
C7 NAG EB . -1.85 -32.92 -47.30
C8 NAG EB . -0.65 -32.35 -48.00
N2 NAG EB . -2.31 -32.20 -46.26
O3 NAG EB . -4.90 -32.81 -47.39
O4 NAG EB . -7.16 -32.04 -45.88
O5 NAG EB . -4.58 -32.28 -43.30
O6 NAG EB . -7.53 -33.39 -43.28
O7 NAG EB . -2.37 -33.97 -47.64
C1 NAG FB . 26.93 -67.61 -34.69
C2 NAG FB . 26.98 -68.68 -35.80
C3 NAG FB . 28.42 -68.86 -36.31
C4 NAG FB . 29.02 -67.53 -36.72
C5 NAG FB . 28.94 -66.54 -35.55
C6 NAG FB . 29.43 -65.17 -35.91
C7 NAG FB . 26.86 -70.74 -34.37
C8 NAG FB . 26.10 -72.01 -34.15
N2 NAG FB . 26.41 -69.96 -35.37
O3 NAG FB . 28.41 -69.75 -37.42
O4 NAG FB . 30.39 -67.71 -37.08
O5 NAG FB . 27.56 -66.39 -35.16
O6 NAG FB . 28.73 -64.16 -35.19
O7 NAG FB . 27.84 -70.44 -33.67
C1 NAG GB . 19.81 -9.56 -34.06
C2 NAG GB . 20.56 -9.10 -35.31
C3 NAG GB . 21.85 -8.42 -34.91
C4 NAG GB . 21.58 -7.28 -33.94
C5 NAG GB . 20.74 -7.77 -32.75
C6 NAG GB . 20.27 -6.63 -31.86
C7 NAG GB . 20.43 -10.21 -37.49
C8 NAG GB . 20.78 -11.42 -38.30
N2 NAG GB . 20.83 -10.21 -36.22
O3 NAG GB . 22.49 -7.93 -36.09
O4 NAG GB . 22.82 -6.79 -33.44
O5 NAG GB . 19.55 -8.43 -33.23
O6 NAG GB . 21.33 -6.13 -31.05
O7 NAG GB . 19.78 -9.27 -37.97
C1 NAG HB . 32.54 -50.32 -34.21
C2 NAG HB . 33.16 -50.84 -35.51
C3 NAG HB . 34.42 -50.04 -35.86
C4 NAG HB . 34.13 -48.54 -35.85
C5 NAG HB . 33.51 -48.15 -34.52
C6 NAG HB . 33.11 -46.70 -34.46
C7 NAG HB . 32.70 -53.21 -35.98
C8 NAG HB . 33.14 -54.61 -35.76
N2 NAG HB . 33.46 -52.26 -35.41
O3 NAG HB . 34.87 -50.44 -37.15
O4 NAG HB . 35.33 -47.80 -36.04
O5 NAG HB . 32.32 -48.91 -34.31
O6 NAG HB . 32.83 -46.20 -35.77
O7 NAG HB . 31.71 -52.93 -36.65
C1 NAG IB . 16.47 -82.03 -23.26
C2 NAG IB . 16.75 -83.52 -23.26
C3 NAG IB . 15.72 -84.26 -24.13
C4 NAG IB . 14.30 -83.91 -23.70
C5 NAG IB . 14.12 -82.40 -23.70
C6 NAG IB . 12.77 -81.97 -23.18
C7 NAG IB . 19.09 -84.16 -22.91
C8 NAG IB . 20.42 -84.42 -23.57
N2 NAG IB . 18.10 -83.80 -23.73
O3 NAG IB . 15.93 -85.67 -24.02
O4 NAG IB . 13.37 -84.50 -24.59
O5 NAG IB . 15.10 -81.79 -22.86
O6 NAG IB . 12.84 -81.61 -21.81
O7 NAG IB . 18.94 -84.30 -21.71
C1 NAG JB . -40.70 6.36 -23.36
C2 NAG JB . -41.43 5.26 -24.12
C3 NAG JB . -40.83 5.11 -25.52
C4 NAG JB . -40.83 6.45 -26.24
C5 NAG JB . -40.17 7.53 -25.39
C6 NAG JB . -40.27 8.91 -26.00
C7 NAG JB . -42.45 3.49 -22.78
C8 NAG JB . -42.24 2.18 -22.08
N2 NAG JB . -41.38 3.99 -23.40
O3 NAG JB . -41.58 4.15 -26.25
O4 NAG JB . -40.13 6.33 -27.48
O5 NAG JB . -40.79 7.60 -24.10
O6 NAG JB . -41.31 8.98 -26.98
O7 NAG JB . -43.53 4.05 -22.78
C1 NAG KB . 6.79 -67.41 -24.75
C2 NAG KB . 6.69 -67.84 -26.21
C3 NAG KB . 5.50 -68.78 -26.38
C4 NAG KB . 5.66 -69.96 -25.44
C5 NAG KB . 5.80 -69.46 -24.01
C6 NAG KB . 6.04 -70.61 -23.04
C7 NAG KB . 7.17 -66.52 -28.20
C8 NAG KB . 7.25 -65.11 -28.71
N2 NAG KB . 6.48 -66.69 -27.08
O3 NAG KB . 5.44 -69.26 -27.72
O4 NAG KB . 4.50 -70.81 -25.53
O5 NAG KB . 6.90 -68.56 -23.92
O6 NAG KB . 6.05 -70.10 -21.70
O7 NAG KB . 7.70 -67.45 -28.78
#